data_9B27
#
_entry.id   9B27
#
loop_
_entity.id
_entity.type
_entity.pdbx_description
1 polymer 'Actin, alpha skeletal muscle'
2 polymer 'Protein diaphanous homolog 1'
3 non-polymer "ADENOSINE-5'-DIPHOSPHATE"
4 non-polymer 'MAGNESIUM ION'
#
loop_
_entity_poly.entity_id
_entity_poly.type
_entity_poly.pdbx_seq_one_letter_code
_entity_poly.pdbx_strand_id
1 'polypeptide(L)'
;TTALVCDNGSGLVKAGFAGDDAPRAVFPSIVGRPRHQGVMVGMGQKDSYVGDEAQSKRGILTLKYPIE(HIC)GIITNWD
DMEKIWHHTFYNELRVAPEEHPTLLTEAPLNPKANREKMTQIMFETFNVPAMYVAIQAVLSLYASGRTTGIVLDSGDGVT
HNVPIYEGYALPHAIMRLDLAGRDLTDYLMKILTERGYSFVTTAEREIVRDIKEKLCYVALDFENEMATAASSSSLEKSY
ELPDGQVITIGNERFRCPETLFQPSFIGMESAGIHETTYNSIMKCDIDIRKDLYANNVMSGGTTMYPGIADRMQKEITAL
APSTMKIKIIAPPERKYSVWIGGSILASLSTFQQMWITKQEYDEAGPSIVHRKCF
;
A,B,C,D,E,F
2 'polypeptide(L)'
;VLPFGLTPKKVYKPEVQLRRPNWSKFVAEDLSQDCFWTKVKEDRFENNELFAKLTLAFSAQTKTSKAKKDQEGGEEKKSV
QKKKVKELKVLDSKTAQNLSIFLGSFRMPYQEIKNVILEVNEAVLTESMIQNLIKQMPEPEQLKMLSELKEEYDDLAESE
QFGVVMGTVPRLRPRLNAILFKLQFSEQVENIKPEIVSVTAACEELRKSENFSSLLELTLLVGNYMNAGSRNAGAFGFNI
SFLCKLRDTKSADQKMTLLHFLAELCENDHPEVLKFPDELAHVEKASRVSAENLQKSLDQMKKQIADVERDVQNFPAATD
EKDKFVEKMTSFVKDAQEQYNKLRMMHSNMETLYKELGDYFVFDPKKLSVEEFFMDLHNFRNMFLQAVKENQKRRETEEK
MRRAKLAKEKAEKERLEKQQKR
;
G,H
#
loop_
_chem_comp.id
_chem_comp.type
_chem_comp.name
_chem_comp.formula
ADP non-polymer ADENOSINE-5'-DIPHOSPHATE 'C10 H15 N5 O10 P2'
MG non-polymer 'MAGNESIUM ION' 'Mg 2'
#
# COMPACT_ATOMS: atom_id res chain seq x y z
N THR A 1 -3.03 -74.50 56.07
CA THR A 1 -2.76 -75.70 55.31
C THR A 1 -1.50 -75.53 54.46
N THR A 2 -0.51 -76.39 54.71
CA THR A 2 0.76 -76.30 54.02
C THR A 2 0.64 -76.87 52.62
N ALA A 3 1.10 -76.10 51.63
CA ALA A 3 1.11 -76.56 50.25
C ALA A 3 2.26 -77.51 50.02
N LEU A 4 2.19 -78.23 48.90
CA LEU A 4 3.21 -79.20 48.51
C LEU A 4 3.92 -78.72 47.25
N VAL A 5 5.25 -78.79 47.26
CA VAL A 5 6.05 -78.50 46.07
C VAL A 5 6.70 -79.79 45.63
N CYS A 6 6.43 -80.18 44.39
CA CYS A 6 6.91 -81.45 43.84
C CYS A 6 7.58 -81.16 42.49
N ASP A 7 8.90 -80.95 42.53
CA ASP A 7 9.69 -80.84 41.31
C ASP A 7 9.80 -82.22 40.67
N ASN A 8 9.06 -82.42 39.58
CA ASN A 8 9.03 -83.69 38.86
C ASN A 8 9.95 -83.57 37.65
N GLY A 9 11.24 -83.79 37.90
CA GLY A 9 12.23 -83.76 36.84
C GLY A 9 12.25 -85.06 36.05
N SER A 10 13.07 -85.06 35.00
CA SER A 10 13.15 -86.21 34.11
C SER A 10 13.89 -87.37 34.74
N GLY A 11 14.94 -87.08 35.50
CA GLY A 11 15.68 -88.09 36.22
C GLY A 11 15.28 -88.25 37.66
N LEU A 12 15.24 -87.15 38.42
CA LEU A 12 14.95 -87.23 39.84
C LEU A 12 13.69 -86.47 40.20
N VAL A 13 13.07 -86.85 41.32
CA VAL A 13 11.85 -86.23 41.81
C VAL A 13 12.13 -85.73 43.21
N LYS A 14 11.90 -84.43 43.44
CA LYS A 14 12.15 -83.78 44.72
C LYS A 14 10.86 -83.17 45.23
N ALA A 15 10.30 -83.70 46.31
CA ALA A 15 9.01 -83.25 46.81
C ALA A 15 9.09 -82.92 48.28
N GLY A 16 8.23 -82.01 48.72
CA GLY A 16 8.19 -81.63 50.12
C GLY A 16 7.20 -80.52 50.38
N PHE A 17 7.31 -79.94 51.57
CA PHE A 17 6.39 -78.92 52.06
C PHE A 17 6.92 -77.52 51.76
N ALA A 18 6.00 -76.58 51.62
CA ALA A 18 6.37 -75.19 51.42
C ALA A 18 6.90 -74.57 52.72
N GLY A 19 7.88 -73.68 52.58
CA GLY A 19 8.48 -73.02 53.72
C GLY A 19 9.69 -73.72 54.29
N ASP A 20 10.03 -74.91 53.82
CA ASP A 20 11.21 -75.61 54.28
C ASP A 20 12.40 -75.33 53.38
N ASP A 21 13.60 -75.53 53.93
CA ASP A 21 14.82 -75.28 53.17
C ASP A 21 15.15 -76.45 52.25
N ALA A 22 15.40 -77.61 52.83
CA ALA A 22 15.69 -78.80 52.05
C ALA A 22 14.39 -79.52 51.67
N PRO A 23 14.36 -80.17 50.50
CA PRO A 23 13.20 -81.00 50.15
C PRO A 23 13.12 -82.24 51.03
N ARG A 24 11.88 -82.68 51.28
CA ARG A 24 11.64 -83.78 52.21
C ARG A 24 12.02 -85.13 51.62
N ALA A 25 11.66 -85.38 50.36
CA ALA A 25 11.91 -86.67 49.73
C ALA A 25 12.51 -86.45 48.35
N VAL A 26 13.74 -86.93 48.16
CA VAL A 26 14.43 -86.89 46.88
C VAL A 26 14.67 -88.33 46.46
N PHE A 27 14.11 -88.73 45.32
CA PHE A 27 14.29 -90.11 44.89
C PHE A 27 14.39 -90.15 43.37
N PRO A 28 15.14 -91.11 42.81
CA PRO A 28 15.18 -91.24 41.35
C PRO A 28 13.89 -91.79 40.79
N SER A 29 13.44 -91.17 39.68
CA SER A 29 12.20 -91.54 39.03
C SER A 29 12.44 -92.78 38.18
N ILE A 30 12.33 -93.94 38.81
CA ILE A 30 12.54 -95.22 38.14
C ILE A 30 11.39 -96.15 38.48
N VAL A 31 11.07 -97.04 37.53
CA VAL A 31 10.06 -98.07 37.72
C VAL A 31 10.72 -99.41 37.42
N GLY A 32 10.73 -100.32 38.40
CA GLY A 32 11.40 -101.58 38.28
C GLY A 32 10.41 -102.73 38.13
N ARG A 33 10.68 -103.62 37.18
CA ARG A 33 9.86 -104.79 36.96
C ARG A 33 10.74 -106.03 36.83
N PRO A 34 10.33 -107.18 37.36
CA PRO A 34 11.17 -108.38 37.28
C PRO A 34 11.20 -108.98 35.89
N ARG A 35 12.38 -109.47 35.50
CA ARG A 35 12.58 -110.08 34.20
C ARG A 35 12.88 -111.56 34.24
N HIS A 36 13.25 -112.11 35.39
CA HIS A 36 13.53 -113.53 35.53
C HIS A 36 12.40 -114.23 36.24
N GLN A 37 12.34 -115.55 36.07
CA GLN A 37 11.28 -116.36 36.64
C GLN A 37 11.52 -116.57 38.13
N GLY A 38 10.51 -116.23 38.94
CA GLY A 38 10.60 -116.40 40.38
C GLY A 38 10.11 -117.77 40.80
N VAL A 39 10.95 -118.47 41.55
CA VAL A 39 10.61 -119.82 42.01
C VAL A 39 10.24 -119.86 43.47
N MET A 40 10.60 -118.86 44.27
CA MET A 40 10.15 -118.80 45.66
C MET A 40 8.71 -118.28 45.70
N VAL A 41 7.94 -118.82 46.64
CA VAL A 41 6.54 -118.46 46.79
C VAL A 41 6.41 -117.53 47.99
N GLY A 42 5.43 -116.62 47.93
CA GLY A 42 5.16 -115.71 49.02
C GLY A 42 6.15 -114.56 49.10
N MET A 43 6.53 -114.22 50.34
CA MET A 43 7.58 -113.25 50.75
C MET A 43 7.42 -111.84 50.14
N GLY A 44 6.19 -111.46 49.82
CA GLY A 44 5.91 -110.14 49.27
C GLY A 44 6.45 -109.87 47.88
N GLN A 45 6.31 -110.82 46.97
CA GLN A 45 6.82 -110.67 45.60
C GLN A 45 5.89 -109.75 44.83
N LYS A 46 6.22 -108.47 44.81
CA LYS A 46 5.42 -107.48 44.12
C LYS A 46 5.65 -107.56 42.62
N ASP A 47 4.63 -107.18 41.85
CA ASP A 47 4.73 -107.20 40.39
C ASP A 47 5.56 -106.04 39.84
N SER A 48 5.68 -104.95 40.59
CA SER A 48 6.44 -103.80 40.14
C SER A 48 7.06 -103.09 41.34
N TYR A 49 8.18 -102.43 41.10
CA TYR A 49 8.87 -101.66 42.12
C TYR A 49 9.07 -100.23 41.64
N VAL A 50 8.82 -99.28 42.55
CA VAL A 50 8.89 -97.86 42.25
C VAL A 50 9.77 -97.22 43.33
N GLY A 51 10.84 -96.55 42.91
CA GLY A 51 11.62 -95.74 43.82
C GLY A 51 12.92 -96.36 44.30
N ASP A 52 13.23 -96.18 45.58
CA ASP A 52 14.49 -96.68 46.14
C ASP A 52 14.49 -98.19 46.33
N GLU A 53 13.32 -98.82 46.39
CA GLU A 53 13.28 -100.27 46.44
C GLU A 53 13.66 -100.89 45.11
N ALA A 54 13.36 -100.20 43.99
CA ALA A 54 13.86 -100.64 42.70
C ALA A 54 15.34 -100.32 42.55
N GLN A 55 15.84 -99.31 43.27
CA GLN A 55 17.26 -98.99 43.23
C GLN A 55 18.09 -100.01 43.99
N SER A 56 17.62 -100.43 45.17
CA SER A 56 18.35 -101.38 45.99
C SER A 56 18.26 -102.80 45.48
N LYS A 57 17.26 -103.12 44.65
CA LYS A 57 17.10 -104.45 44.09
C LYS A 57 17.26 -104.44 42.58
N ARG A 58 18.19 -103.64 42.07
CA ARG A 58 18.28 -103.34 40.64
C ARG A 58 18.84 -104.48 39.79
N GLY A 59 19.38 -105.53 40.41
CA GLY A 59 19.98 -106.61 39.63
C GLY A 59 18.95 -107.49 38.94
N ILE A 60 17.83 -107.78 39.61
CA ILE A 60 16.81 -108.64 39.05
C ILE A 60 15.69 -107.86 38.38
N LEU A 61 15.74 -106.54 38.39
CA LEU A 61 14.69 -105.70 37.85
C LEU A 61 15.18 -104.93 36.64
N THR A 62 14.42 -105.03 35.55
CA THR A 62 14.55 -104.06 34.46
C THR A 62 14.01 -102.72 34.94
N LEU A 63 14.79 -101.67 34.73
CA LEU A 63 14.41 -100.32 35.15
C LEU A 63 13.97 -99.50 33.95
N LYS A 64 12.88 -98.78 34.11
CA LYS A 64 12.34 -97.92 33.06
C LYS A 64 12.15 -96.52 33.62
N TYR A 65 12.49 -95.53 32.79
CA TYR A 65 12.31 -94.13 33.12
C TYR A 65 11.01 -93.62 32.52
N PRO A 66 10.15 -92.97 33.31
CA PRO A 66 8.87 -92.50 32.74
C PRO A 66 9.02 -91.27 31.88
N ILE A 67 9.95 -90.37 32.20
CA ILE A 67 10.07 -89.08 31.53
C ILE A 67 11.33 -89.10 30.68
N GLU A 68 11.19 -88.82 29.39
CA GLU A 68 12.33 -88.74 28.49
C GLU A 68 12.37 -87.38 27.82
N HIC A 69 13.40 -86.60 28.18
CA HIC A 69 13.66 -85.23 27.74
C HIC A 69 12.49 -84.29 28.04
O HIC A 69 12.02 -83.49 27.24
CB HIC A 69 13.96 -85.04 26.24
CG HIC A 69 14.84 -86.07 25.66
ND1 HIC A 69 14.59 -86.74 24.45
CD2 HIC A 69 16.04 -86.53 26.22
CE1 HIC A 69 15.62 -87.59 24.28
NE2 HIC A 69 16.54 -87.50 25.35
CZ HIC A 69 17.74 -88.24 25.51
N GLY A 70 11.99 -84.43 29.27
CA GLY A 70 10.94 -83.55 29.76
C GLY A 70 9.52 -83.91 29.34
N ILE A 71 9.38 -85.00 28.58
CA ILE A 71 8.09 -85.48 28.10
C ILE A 71 7.80 -86.80 28.80
N ILE A 72 6.62 -86.89 29.42
CA ILE A 72 6.22 -88.12 30.11
C ILE A 72 5.76 -89.12 29.07
N THR A 73 6.39 -90.29 29.06
CA THR A 73 6.10 -91.33 28.07
C THR A 73 5.15 -92.40 28.59
N ASN A 74 5.26 -92.79 29.85
CA ASN A 74 4.38 -93.78 30.46
C ASN A 74 3.55 -93.08 31.54
N TRP A 75 2.26 -92.91 31.27
CA TRP A 75 1.41 -92.18 32.20
C TRP A 75 1.03 -93.02 33.41
N ASP A 76 0.95 -94.34 33.23
CA ASP A 76 0.66 -95.24 34.36
C ASP A 76 1.84 -95.29 35.32
N ASP A 77 3.06 -95.27 34.77
CA ASP A 77 4.26 -95.23 35.61
C ASP A 77 4.40 -93.89 36.32
N MET A 78 4.01 -92.78 35.68
CA MET A 78 4.03 -91.48 36.33
C MET A 78 2.96 -91.36 37.40
N GLU A 79 1.82 -92.06 37.20
CA GLU A 79 0.82 -92.20 38.24
C GLU A 79 1.36 -92.98 39.43
N LYS A 80 2.20 -93.99 39.15
CA LYS A 80 2.84 -94.74 40.24
C LYS A 80 3.89 -93.92 40.98
N ILE A 81 4.61 -93.04 40.26
CA ILE A 81 5.54 -92.08 40.89
C ILE A 81 4.79 -91.10 41.81
N TRP A 82 3.67 -90.57 41.34
CA TRP A 82 2.88 -89.62 42.12
C TRP A 82 2.20 -90.29 43.31
N HIS A 83 1.77 -91.55 43.14
CA HIS A 83 1.20 -92.33 44.23
C HIS A 83 2.24 -92.67 45.28
N HIS A 84 3.48 -92.96 44.84
CA HIS A 84 4.54 -93.28 45.80
C HIS A 84 5.02 -92.04 46.54
N THR A 85 5.06 -90.88 45.88
CA THR A 85 5.49 -89.68 46.59
C THR A 85 4.37 -88.99 47.36
N PHE A 86 3.11 -89.37 47.14
CA PHE A 86 2.05 -88.85 48.03
C PHE A 86 1.77 -89.78 49.20
N TYR A 87 1.80 -91.10 48.99
CA TYR A 87 1.33 -92.00 50.03
C TYR A 87 2.45 -92.66 50.82
N ASN A 88 3.61 -92.90 50.21
CA ASN A 88 4.68 -93.61 50.89
C ASN A 88 5.78 -92.68 51.42
N GLU A 89 6.18 -91.68 50.64
CA GLU A 89 7.30 -90.84 51.06
C GLU A 89 6.86 -89.76 52.04
N LEU A 90 6.00 -88.84 51.59
CA LEU A 90 5.57 -87.76 52.46
C LEU A 90 4.44 -88.17 53.40
N ARG A 91 3.64 -89.17 52.97
CA ARG A 91 2.49 -89.74 53.71
C ARG A 91 1.45 -88.68 54.06
N VAL A 92 0.99 -87.95 53.05
CA VAL A 92 0.01 -86.89 53.24
C VAL A 92 -1.16 -87.11 52.29
N ALA A 93 -2.31 -86.57 52.66
CA ALA A 93 -3.50 -86.67 51.84
C ALA A 93 -3.44 -85.65 50.72
N PRO A 94 -3.60 -86.06 49.45
CA PRO A 94 -3.59 -85.09 48.35
C PRO A 94 -4.89 -84.32 48.19
N GLU A 95 -5.95 -84.68 48.91
CA GLU A 95 -7.24 -84.04 48.74
C GLU A 95 -7.35 -82.69 49.43
N GLU A 96 -6.40 -82.33 50.29
CA GLU A 96 -6.47 -81.08 51.02
C GLU A 96 -5.30 -80.14 50.78
N HIS A 97 -4.22 -80.59 50.14
CA HIS A 97 -3.05 -79.76 49.96
C HIS A 97 -2.95 -79.28 48.52
N PRO A 98 -2.76 -77.99 48.29
CA PRO A 98 -2.43 -77.52 46.94
C PRO A 98 -1.03 -77.94 46.52
N THR A 99 -0.90 -78.38 45.28
CA THR A 99 0.31 -79.04 44.80
C THR A 99 0.85 -78.32 43.57
N LEU A 100 1.98 -77.63 43.74
CA LEU A 100 2.62 -76.96 42.62
C LEU A 100 3.48 -77.93 41.84
N LEU A 101 3.53 -77.73 40.52
CA LEU A 101 4.32 -78.55 39.63
C LEU A 101 5.24 -77.68 38.79
N THR A 102 6.32 -78.29 38.31
CA THR A 102 7.30 -77.63 37.47
C THR A 102 7.26 -78.21 36.06
N GLU A 103 7.70 -77.42 35.09
CA GLU A 103 7.69 -77.88 33.71
C GLU A 103 8.82 -77.21 32.94
N ALA A 104 9.49 -77.97 32.08
CA ALA A 104 10.49 -77.44 31.17
C ALA A 104 9.83 -76.55 30.10
N PRO A 105 10.53 -75.51 29.63
CA PRO A 105 9.98 -74.69 28.54
C PRO A 105 9.99 -75.44 27.21
N LEU A 106 9.05 -75.00 26.35
CA LEU A 106 8.81 -75.52 24.99
C LEU A 106 8.49 -77.02 24.97
N ASN A 107 7.84 -77.49 26.03
CA ASN A 107 7.25 -78.80 26.18
C ASN A 107 5.97 -78.81 25.35
N PRO A 108 5.66 -79.91 24.65
CA PRO A 108 4.34 -80.05 24.02
C PRO A 108 3.18 -80.01 25.01
N LYS A 109 2.05 -79.47 24.52
CA LYS A 109 0.95 -79.03 25.37
C LYS A 109 0.19 -80.19 26.01
N ALA A 110 0.16 -81.35 25.34
CA ALA A 110 -0.59 -82.51 25.81
C ALA A 110 -0.03 -83.11 27.09
N ASN A 111 1.26 -82.89 27.37
CA ASN A 111 1.84 -83.23 28.66
C ASN A 111 1.20 -82.44 29.78
N ARG A 112 1.02 -81.12 29.58
CA ARG A 112 0.36 -80.28 30.57
C ARG A 112 -1.12 -80.59 30.66
N GLU A 113 -1.75 -80.97 29.54
CA GLU A 113 -3.16 -81.37 29.50
C GLU A 113 -3.41 -82.62 30.33
N LYS A 114 -2.62 -83.67 30.10
CA LYS A 114 -2.81 -84.92 30.82
C LYS A 114 -2.32 -84.83 32.26
N MET A 115 -1.33 -83.97 32.53
CA MET A 115 -0.90 -83.70 33.91
C MET A 115 -1.99 -82.99 34.70
N THR A 116 -2.68 -82.02 34.06
CA THR A 116 -3.80 -81.32 34.67
C THR A 116 -4.99 -82.26 34.90
N GLN A 117 -5.26 -83.15 33.94
CA GLN A 117 -6.38 -84.10 34.07
C GLN A 117 -6.11 -85.15 35.14
N ILE A 118 -4.87 -85.65 35.24
CA ILE A 118 -4.52 -86.62 36.27
C ILE A 118 -4.50 -85.97 37.65
N MET A 119 -3.97 -84.73 37.74
CA MET A 119 -3.90 -84.05 39.03
C MET A 119 -5.26 -83.54 39.51
N PHE A 120 -6.22 -83.34 38.61
CA PHE A 120 -7.57 -82.99 39.04
C PHE A 120 -8.53 -84.17 39.11
N GLU A 121 -8.18 -85.35 38.58
CA GLU A 121 -9.10 -86.46 38.62
C GLU A 121 -8.67 -87.58 39.56
N THR A 122 -7.46 -88.13 39.38
CA THR A 122 -7.08 -89.33 40.12
C THR A 122 -6.56 -88.99 41.51
N PHE A 123 -5.76 -87.93 41.63
CA PHE A 123 -5.18 -87.50 42.90
C PHE A 123 -5.67 -86.10 43.22
N ASN A 124 -7.00 -85.90 43.14
CA ASN A 124 -7.63 -84.58 43.05
C ASN A 124 -7.33 -83.61 44.18
N VAL A 125 -7.14 -82.34 43.81
CA VAL A 125 -6.55 -81.31 44.65
C VAL A 125 -7.52 -80.14 44.80
N PRO A 126 -7.42 -79.35 45.88
CA PRO A 126 -8.13 -78.06 45.88
C PRO A 126 -7.59 -77.08 44.86
N ALA A 127 -6.28 -77.08 44.64
CA ALA A 127 -5.65 -76.20 43.67
C ALA A 127 -4.34 -76.83 43.21
N MET A 128 -3.85 -76.37 42.07
CA MET A 128 -2.54 -76.77 41.57
C MET A 128 -2.00 -75.65 40.69
N TYR A 129 -0.68 -75.66 40.50
CA TYR A 129 -0.04 -74.67 39.66
C TYR A 129 1.06 -75.33 38.85
N VAL A 130 1.22 -74.89 37.61
CA VAL A 130 2.29 -75.34 36.73
C VAL A 130 3.20 -74.16 36.47
N ALA A 131 4.47 -74.29 36.82
CA ALA A 131 5.44 -73.20 36.71
C ALA A 131 6.58 -73.59 35.78
N ILE A 132 7.44 -72.62 35.52
CA ILE A 132 8.64 -72.80 34.72
C ILE A 132 9.82 -72.91 35.69
N GLN A 133 10.75 -73.83 35.38
CA GLN A 133 11.82 -74.16 36.32
C GLN A 133 12.86 -73.04 36.42
N ALA A 134 13.10 -72.31 35.33
CA ALA A 134 14.12 -71.27 35.33
C ALA A 134 13.66 -70.03 36.09
N VAL A 135 12.35 -69.75 36.07
CA VAL A 135 11.79 -68.67 36.88
C VAL A 135 11.88 -69.01 38.35
N LEU A 136 11.71 -70.29 38.70
CA LEU A 136 11.91 -70.72 40.08
C LEU A 136 13.37 -70.68 40.51
N SER A 137 14.30 -70.94 39.57
CA SER A 137 15.73 -70.81 39.87
C SER A 137 16.11 -69.36 40.10
N LEU A 138 15.54 -68.44 39.32
CA LEU A 138 15.78 -67.02 39.53
C LEU A 138 15.04 -66.49 40.76
N TYR A 139 13.95 -67.16 41.18
CA TYR A 139 13.33 -66.88 42.48
C TYR A 139 14.25 -67.27 43.62
N ALA A 140 14.85 -68.46 43.54
CA ALA A 140 15.70 -68.94 44.62
C ALA A 140 17.07 -68.28 44.65
N SER A 141 17.48 -67.64 43.55
CA SER A 141 18.73 -66.89 43.56
C SER A 141 18.65 -65.65 44.43
N GLY A 142 17.46 -65.06 44.57
CA GLY A 142 17.26 -63.89 45.39
C GLY A 142 17.27 -62.58 44.62
N ARG A 143 17.79 -62.58 43.40
CA ARG A 143 17.82 -61.41 42.55
C ARG A 143 16.67 -61.43 41.55
N THR A 144 16.42 -60.28 40.95
CA THR A 144 15.27 -60.11 40.06
C THR A 144 15.61 -60.47 38.61
N THR A 145 16.64 -59.84 38.05
CA THR A 145 16.99 -60.06 36.67
C THR A 145 18.05 -61.16 36.54
N GLY A 146 18.29 -61.58 35.31
CA GLY A 146 19.33 -62.54 35.00
C GLY A 146 18.90 -63.50 33.90
N ILE A 147 19.89 -64.20 33.35
CA ILE A 147 19.65 -65.30 32.42
C ILE A 147 19.95 -66.60 33.15
N VAL A 148 19.04 -67.55 33.04
CA VAL A 148 19.11 -68.81 33.78
C VAL A 148 19.43 -69.93 32.80
N LEU A 149 20.53 -70.63 33.06
CA LEU A 149 20.86 -71.87 32.39
C LEU A 149 20.54 -73.01 33.34
N ASP A 150 19.44 -73.71 33.08
CA ASP A 150 19.04 -74.85 33.89
C ASP A 150 19.28 -76.12 33.09
N SER A 151 20.10 -77.01 33.64
CA SER A 151 20.41 -78.28 33.00
C SER A 151 20.13 -79.39 34.01
N GLY A 152 19.05 -80.12 33.79
CA GLY A 152 18.69 -81.27 34.60
C GLY A 152 19.20 -82.56 33.99
N ASP A 153 18.39 -83.61 34.11
CA ASP A 153 18.76 -84.89 33.54
C ASP A 153 18.28 -85.06 32.10
N GLY A 154 17.30 -84.27 31.66
CA GLY A 154 16.82 -84.43 30.30
C GLY A 154 16.94 -83.25 29.36
N VAL A 155 16.78 -82.02 29.86
CA VAL A 155 16.66 -80.83 29.03
C VAL A 155 17.58 -79.74 29.58
N THR A 156 18.44 -79.19 28.72
CA THR A 156 19.25 -78.03 29.08
C THR A 156 18.68 -76.80 28.39
N HIS A 157 18.22 -75.82 29.17
CA HIS A 157 17.53 -74.69 28.59
C HIS A 157 18.02 -73.37 29.20
N ASN A 158 17.87 -72.31 28.40
CA ASN A 158 18.28 -70.96 28.74
C ASN A 158 17.07 -70.03 28.65
N VAL A 159 16.78 -69.32 29.75
CA VAL A 159 15.69 -68.36 29.80
C VAL A 159 16.25 -67.01 30.27
N PRO A 160 16.18 -65.96 29.45
CA PRO A 160 16.55 -64.63 29.94
C PRO A 160 15.37 -63.83 30.49
N ILE A 161 15.48 -63.30 31.72
CA ILE A 161 14.43 -62.52 32.35
C ILE A 161 15.04 -61.21 32.82
N TYR A 162 14.50 -60.09 32.35
CA TYR A 162 14.94 -58.77 32.78
C TYR A 162 13.84 -58.10 33.58
N GLU A 163 14.15 -57.81 34.86
CA GLU A 163 13.30 -57.07 35.82
C GLU A 163 11.94 -57.73 36.04
N GLY A 164 11.92 -59.06 36.01
CA GLY A 164 10.67 -59.79 36.14
C GLY A 164 9.87 -59.91 34.86
N TYR A 165 10.37 -59.41 33.74
CA TYR A 165 9.70 -59.49 32.45
C TYR A 165 10.47 -60.47 31.59
N ALA A 166 9.87 -61.62 31.32
CA ALA A 166 10.52 -62.64 30.52
C ALA A 166 10.48 -62.27 29.04
N LEU A 167 11.46 -62.79 28.31
CA LEU A 167 11.50 -62.61 26.86
C LEU A 167 11.30 -63.99 26.23
N PRO A 168 10.09 -64.31 25.76
CA PRO A 168 9.81 -65.70 25.34
C PRO A 168 10.37 -66.07 23.99
N HIS A 169 10.75 -65.09 23.17
CA HIS A 169 11.34 -65.40 21.87
C HIS A 169 12.81 -65.80 21.98
N ALA A 170 13.47 -65.49 23.10
CA ALA A 170 14.87 -65.78 23.29
C ALA A 170 15.12 -67.01 24.17
N ILE A 171 14.07 -67.75 24.52
CA ILE A 171 14.22 -68.96 25.32
C ILE A 171 14.73 -70.08 24.41
N MET A 172 15.86 -70.67 24.78
CA MET A 172 16.48 -71.70 23.96
C MET A 172 16.47 -73.03 24.71
N ARG A 173 16.29 -74.12 23.97
CA ARG A 173 16.16 -75.45 24.54
C ARG A 173 17.03 -76.41 23.75
N LEU A 174 17.83 -77.22 24.46
CA LEU A 174 18.69 -78.22 23.85
C LEU A 174 18.48 -79.55 24.56
N ASP A 175 18.30 -80.61 23.77
CA ASP A 175 18.12 -81.97 24.29
C ASP A 175 19.47 -82.66 24.43
N LEU A 176 20.23 -82.20 25.42
CA LEU A 176 21.54 -82.77 25.72
C LEU A 176 21.79 -82.55 27.21
N ALA A 177 21.75 -83.62 27.98
CA ALA A 177 21.90 -83.52 29.42
C ALA A 177 22.55 -84.81 29.92
N GLY A 178 22.41 -85.08 31.23
CA GLY A 178 23.21 -86.07 31.92
C GLY A 178 22.96 -87.51 31.54
N ARG A 179 21.77 -87.82 31.01
CA ARG A 179 21.52 -89.18 30.52
C ARG A 179 22.28 -89.44 29.22
N ASP A 180 22.39 -88.42 28.36
CA ASP A 180 23.18 -88.57 27.14
C ASP A 180 24.67 -88.59 27.46
N LEU A 181 25.10 -87.91 28.51
CA LEU A 181 26.49 -88.00 28.96
C LEU A 181 26.78 -89.38 29.55
N THR A 182 25.79 -89.97 30.24
CA THR A 182 25.93 -91.32 30.78
C THR A 182 26.00 -92.36 29.66
N ASP A 183 25.18 -92.19 28.62
CA ASP A 183 25.23 -93.09 27.46
C ASP A 183 26.51 -92.90 26.65
N TYR A 184 27.05 -91.67 26.58
CA TYR A 184 28.33 -91.46 25.92
C TYR A 184 29.48 -92.04 26.73
N LEU A 185 29.37 -92.04 28.07
CA LEU A 185 30.37 -92.70 28.90
C LEU A 185 30.33 -94.21 28.74
N MET A 186 29.11 -94.77 28.61
CA MET A 186 28.95 -96.20 28.26
C MET A 186 29.49 -96.52 26.87
N LYS A 187 29.43 -95.55 25.95
CA LYS A 187 30.02 -95.78 24.62
C LYS A 187 31.55 -95.74 24.68
N ILE A 188 32.12 -94.76 25.37
CA ILE A 188 33.58 -94.58 25.37
C ILE A 188 34.29 -95.45 26.39
N LEU A 189 33.56 -96.18 27.24
CA LEU A 189 34.25 -97.11 28.14
C LEU A 189 34.62 -98.43 27.47
N THR A 190 34.22 -98.66 26.22
CA THR A 190 34.58 -99.87 25.50
C THR A 190 36.01 -99.84 24.98
N GLU A 191 36.68 -98.69 24.98
CA GLU A 191 38.06 -98.62 24.55
C GLU A 191 39.00 -99.28 25.54
N ARG A 192 38.69 -99.19 26.84
CA ARG A 192 39.47 -99.84 27.88
C ARG A 192 39.00 -101.27 28.17
N GLY A 193 38.03 -101.77 27.41
CA GLY A 193 37.59 -103.14 27.53
C GLY A 193 36.46 -103.37 28.51
N TYR A 194 36.07 -102.36 29.29
CA TYR A 194 34.98 -102.52 30.24
C TYR A 194 33.65 -102.42 29.51
N SER A 195 32.81 -103.44 29.64
CA SER A 195 31.55 -103.52 28.92
C SER A 195 30.39 -103.32 29.87
N PHE A 196 29.49 -102.42 29.51
CA PHE A 196 28.25 -102.17 30.25
C PHE A 196 27.13 -102.06 29.23
N VAL A 197 26.17 -102.99 29.27
CA VAL A 197 25.05 -102.95 28.34
C VAL A 197 23.70 -102.96 29.04
N THR A 198 23.58 -103.47 30.26
CA THR A 198 22.28 -103.59 30.90
C THR A 198 21.88 -102.27 31.55
N THR A 199 20.61 -102.20 31.96
CA THR A 199 20.09 -101.01 32.62
C THR A 199 20.57 -100.88 34.06
N ALA A 200 20.93 -101.98 34.71
CA ALA A 200 21.47 -101.91 36.06
C ALA A 200 22.88 -101.37 36.07
N GLU A 201 23.62 -101.56 34.98
CA GLU A 201 24.96 -101.00 34.85
C GLU A 201 24.95 -99.50 34.58
N ARG A 202 23.83 -98.98 34.08
CA ARG A 202 23.71 -97.55 33.81
C ARG A 202 23.69 -96.73 35.10
N GLU A 203 23.17 -97.29 36.19
CA GLU A 203 23.28 -96.64 37.50
C GLU A 203 24.71 -96.63 38.01
N ILE A 204 25.49 -97.67 37.71
CA ILE A 204 26.90 -97.72 38.10
C ILE A 204 27.71 -96.70 37.31
N VAL A 205 27.43 -96.58 36.01
CA VAL A 205 28.08 -95.58 35.16
C VAL A 205 27.67 -94.16 35.58
N ARG A 206 26.42 -93.97 36.00
CA ARG A 206 25.96 -92.68 36.52
C ARG A 206 26.62 -92.32 37.84
N ASP A 207 26.86 -93.32 38.70
CA ASP A 207 27.59 -93.06 39.94
C ASP A 207 29.06 -92.77 39.69
N ILE A 208 29.64 -93.39 38.66
CA ILE A 208 31.01 -93.07 38.24
C ILE A 208 31.09 -91.64 37.72
N LYS A 209 30.12 -91.23 36.90
CA LYS A 209 30.07 -89.89 36.34
C LYS A 209 29.78 -88.84 37.40
N GLU A 210 29.04 -89.20 38.45
CA GLU A 210 28.84 -88.29 39.56
C GLU A 210 30.10 -88.16 40.42
N LYS A 211 30.81 -89.26 40.64
CA LYS A 211 31.89 -89.26 41.61
C LYS A 211 33.22 -88.77 41.04
N LEU A 212 33.47 -89.00 39.75
CA LEU A 212 34.84 -88.89 39.24
C LEU A 212 35.04 -87.86 38.14
N CYS A 213 34.01 -87.53 37.36
CA CYS A 213 34.20 -86.67 36.19
C CYS A 213 34.30 -85.21 36.59
N TYR A 214 35.00 -84.44 35.76
CA TYR A 214 35.16 -83.00 35.94
C TYR A 214 35.39 -82.35 34.58
N VAL A 215 35.11 -81.06 34.51
CA VAL A 215 35.15 -80.31 33.26
C VAL A 215 36.55 -79.75 33.05
N ALA A 216 37.15 -80.07 31.90
CA ALA A 216 38.51 -79.61 31.59
C ALA A 216 38.52 -78.12 31.27
N LEU A 217 39.56 -77.44 31.76
CA LEU A 217 39.70 -76.01 31.49
C LEU A 217 40.15 -75.76 30.05
N ASP A 218 41.01 -76.63 29.53
CA ASP A 218 41.37 -76.63 28.12
C ASP A 218 41.41 -78.07 27.66
N PHE A 219 40.73 -78.36 26.54
CA PHE A 219 40.57 -79.74 26.10
C PHE A 219 41.84 -80.31 25.50
N GLU A 220 42.55 -79.53 24.67
CA GLU A 220 43.72 -80.05 23.97
C GLU A 220 44.92 -80.20 24.90
N ASN A 221 45.07 -79.27 25.86
CA ASN A 221 46.16 -79.34 26.82
C ASN A 221 45.97 -80.49 27.81
N GLU A 222 44.72 -80.72 28.25
CA GLU A 222 44.45 -81.86 29.12
C GLU A 222 44.52 -83.18 28.36
N MET A 223 44.20 -83.17 27.06
CA MET A 223 44.36 -84.36 26.22
C MET A 223 45.83 -84.71 26.03
N ALA A 224 46.68 -83.70 25.80
CA ALA A 224 48.12 -83.94 25.70
C ALA A 224 48.74 -84.31 27.04
N THR A 225 48.20 -83.79 28.14
CA THR A 225 48.67 -84.16 29.47
C THR A 225 48.30 -85.60 29.81
N ALA A 226 47.10 -86.04 29.42
CA ALA A 226 46.70 -87.42 29.62
C ALA A 226 47.44 -88.37 28.68
N ALA A 227 47.77 -87.92 27.47
CA ALA A 227 48.53 -88.76 26.55
C ALA A 227 50.00 -88.85 26.95
N SER A 228 50.53 -87.83 27.63
CA SER A 228 51.93 -87.85 28.02
C SER A 228 52.14 -88.67 29.29
N SER A 229 51.52 -88.25 30.40
CA SER A 229 51.75 -88.85 31.70
C SER A 229 50.44 -89.37 32.28
N SER A 230 50.53 -90.43 33.06
CA SER A 230 49.37 -91.04 33.69
C SER A 230 49.18 -90.51 35.11
N SER A 231 49.03 -89.20 35.22
CA SER A 231 48.74 -88.55 36.48
C SER A 231 47.25 -88.23 36.66
N LEU A 232 46.44 -88.42 35.63
CA LEU A 232 45.02 -88.13 35.67
C LEU A 232 44.16 -89.38 35.85
N GLU A 233 44.77 -90.55 35.95
CA GLU A 233 44.03 -91.79 36.07
C GLU A 233 43.50 -91.96 37.48
N LYS A 234 42.25 -92.44 37.58
CA LYS A 234 41.62 -92.70 38.87
C LYS A 234 40.97 -94.09 38.83
N SER A 235 40.89 -94.70 40.00
CA SER A 235 40.37 -96.05 40.14
C SER A 235 39.06 -96.04 40.91
N TYR A 236 38.10 -96.82 40.42
CA TYR A 236 36.78 -96.97 41.01
C TYR A 236 36.57 -98.43 41.38
N GLU A 237 35.85 -98.65 42.48
CA GLU A 237 35.55 -99.98 42.97
C GLU A 237 34.11 -100.35 42.64
N LEU A 238 33.94 -101.40 41.83
CA LEU A 238 32.63 -101.94 41.54
C LEU A 238 32.09 -102.69 42.76
N PRO A 239 30.76 -102.84 42.87
CA PRO A 239 30.20 -103.61 44.01
C PRO A 239 30.50 -105.10 43.99
N ASP A 240 30.90 -105.69 42.87
CA ASP A 240 31.28 -107.10 42.86
C ASP A 240 32.75 -107.33 43.18
N GLY A 241 33.50 -106.28 43.50
CA GLY A 241 34.88 -106.40 43.89
C GLY A 241 35.90 -105.97 42.85
N GLN A 242 35.48 -105.78 41.60
CA GLN A 242 36.38 -105.38 40.54
C GLN A 242 36.74 -103.90 40.66
N VAL A 243 37.95 -103.56 40.22
CA VAL A 243 38.46 -102.19 40.25
C VAL A 243 38.77 -101.79 38.81
N ILE A 244 38.16 -100.69 38.36
CA ILE A 244 38.45 -100.14 37.05
C ILE A 244 39.31 -98.89 37.22
N THR A 245 40.02 -98.53 36.16
CA THR A 245 40.86 -97.34 36.17
C THR A 245 40.67 -96.59 34.86
N ILE A 246 40.39 -95.29 34.94
CA ILE A 246 40.13 -94.48 33.77
C ILE A 246 41.07 -93.29 33.75
N GLY A 247 41.34 -92.79 32.54
CA GLY A 247 42.25 -91.69 32.33
C GLY A 247 41.58 -90.41 31.85
N ASN A 248 41.65 -90.17 30.53
CA ASN A 248 41.13 -88.95 29.94
C ASN A 248 39.60 -88.91 29.89
N GLU A 249 38.94 -90.05 30.10
CA GLU A 249 37.47 -90.16 30.10
C GLU A 249 36.81 -89.46 31.28
N ARG A 250 37.57 -89.03 32.29
CA ARG A 250 37.06 -88.12 33.31
C ARG A 250 36.68 -86.76 32.72
N PHE A 251 37.37 -86.30 31.67
CA PHE A 251 36.98 -85.04 31.05
C PHE A 251 36.59 -85.19 29.58
N ARG A 252 36.63 -86.39 29.01
CA ARG A 252 36.05 -86.59 27.68
C ARG A 252 34.53 -86.67 27.72
N CYS A 253 33.96 -87.09 28.84
CA CYS A 253 32.51 -87.20 29.01
C CYS A 253 31.78 -85.87 29.26
N PRO A 254 32.18 -84.94 30.16
CA PRO A 254 31.45 -83.67 30.22
C PRO A 254 31.93 -82.61 29.22
N GLU A 255 32.80 -82.96 28.28
CA GLU A 255 33.14 -82.06 27.19
C GLU A 255 32.14 -82.14 26.04
N THR A 256 31.19 -83.07 26.10
CA THR A 256 30.11 -83.16 25.14
C THR A 256 29.13 -81.98 25.29
N LEU A 257 29.01 -81.43 26.51
CA LEU A 257 28.18 -80.26 26.78
C LEU A 257 28.68 -79.02 26.06
N PHE A 258 29.99 -78.88 25.92
CA PHE A 258 30.56 -77.79 25.14
C PHE A 258 30.83 -78.15 23.69
N GLN A 259 30.98 -79.44 23.39
CA GLN A 259 31.27 -79.90 22.04
C GLN A 259 30.29 -81.02 21.70
N PRO A 260 29.12 -80.69 21.14
CA PRO A 260 28.12 -81.73 20.85
C PRO A 260 28.38 -82.54 19.58
N SER A 261 29.50 -82.32 18.90
CA SER A 261 29.81 -83.09 17.69
C SER A 261 30.35 -84.49 17.98
N PHE A 262 30.58 -84.83 19.25
CA PHE A 262 30.96 -86.20 19.60
C PHE A 262 29.81 -87.18 19.35
N ILE A 263 28.59 -86.78 19.67
CA ILE A 263 27.44 -87.66 19.52
C ILE A 263 26.65 -87.34 18.25
N GLY A 264 27.25 -86.59 17.32
CA GLY A 264 26.61 -86.33 16.04
C GLY A 264 25.50 -85.31 16.07
N MET A 265 25.50 -84.39 17.03
CA MET A 265 24.47 -83.35 17.11
C MET A 265 24.98 -82.10 16.43
N GLU A 266 24.16 -81.54 15.54
CA GLU A 266 24.55 -80.41 14.70
C GLU A 266 24.58 -79.09 15.44
N SER A 267 23.91 -79.01 16.60
CA SER A 267 23.84 -77.75 17.34
C SER A 267 25.15 -77.46 18.05
N ALA A 268 25.30 -76.20 18.46
CA ALA A 268 26.52 -75.75 19.11
C ALA A 268 26.47 -76.06 20.61
N GLY A 269 27.51 -75.64 21.31
CA GLY A 269 27.62 -75.90 22.74
C GLY A 269 26.74 -74.97 23.56
N ILE A 270 26.78 -75.17 24.87
CA ILE A 270 25.94 -74.39 25.77
C ILE A 270 26.45 -72.98 25.98
N HIS A 271 27.74 -72.74 25.78
CA HIS A 271 28.26 -71.37 25.84
C HIS A 271 27.80 -70.55 24.64
N GLU A 272 27.72 -71.18 23.46
CA GLU A 272 27.17 -70.50 22.29
C GLU A 272 25.67 -70.34 22.39
N THR A 273 25.00 -71.26 23.08
CA THR A 273 23.57 -71.12 23.35
C THR A 273 23.30 -69.96 24.30
N THR A 274 24.15 -69.78 25.31
CA THR A 274 24.01 -68.65 26.23
C THR A 274 24.34 -67.33 25.53
N TYR A 275 25.34 -67.33 24.65
CA TYR A 275 25.70 -66.12 23.91
C TYR A 275 24.65 -65.76 22.87
N ASN A 276 24.03 -66.75 22.24
CA ASN A 276 22.94 -66.47 21.29
C ASN A 276 21.66 -66.08 22.01
N SER A 277 21.45 -66.56 23.24
CA SER A 277 20.29 -66.13 23.99
C SER A 277 20.45 -64.72 24.53
N ILE A 278 21.67 -64.32 24.87
CA ILE A 278 21.92 -62.93 25.22
C ILE A 278 21.83 -62.03 23.99
N MET A 279 22.39 -62.49 22.86
CA MET A 279 22.41 -61.68 21.64
C MET A 279 21.06 -61.60 20.95
N LYS A 280 20.11 -62.47 21.27
CA LYS A 280 18.77 -62.33 20.74
C LYS A 280 17.92 -61.36 21.54
N CYS A 281 18.40 -60.91 22.70
CA CYS A 281 17.65 -59.97 23.53
C CYS A 281 17.83 -58.55 23.02
N ASP A 282 17.25 -57.61 23.75
CA ASP A 282 17.39 -56.20 23.41
C ASP A 282 18.76 -55.68 23.79
N ILE A 283 19.19 -54.62 23.10
CA ILE A 283 20.58 -54.16 23.20
C ILE A 283 20.84 -53.36 24.47
N ASP A 284 19.80 -52.96 25.20
CA ASP A 284 19.99 -52.16 26.40
C ASP A 284 20.05 -53.00 27.67
N ILE A 285 19.79 -54.30 27.59
CA ILE A 285 19.73 -55.15 28.77
C ILE A 285 20.84 -56.19 28.82
N ARG A 286 21.75 -56.21 27.83
CA ARG A 286 22.79 -57.24 27.79
C ARG A 286 23.87 -57.00 28.84
N LYS A 287 24.02 -55.75 29.30
CA LYS A 287 24.97 -55.43 30.35
C LYS A 287 24.58 -56.06 31.69
N ASP A 288 23.28 -56.06 31.98
CA ASP A 288 22.80 -56.77 33.17
C ASP A 288 22.76 -58.28 32.99
N LEU A 289 22.61 -58.75 31.76
CA LEU A 289 22.58 -60.19 31.50
C LEU A 289 23.96 -60.83 31.56
N TYR A 290 25.01 -60.09 31.19
CA TYR A 290 26.35 -60.62 31.28
C TYR A 290 26.87 -60.75 32.71
N ALA A 291 26.30 -59.99 33.65
CA ALA A 291 26.75 -60.03 35.04
C ALA A 291 25.87 -60.89 35.93
N ASN A 292 24.83 -61.53 35.38
CA ASN A 292 23.90 -62.29 36.20
C ASN A 292 23.57 -63.63 35.54
N ASN A 293 24.61 -64.35 35.12
CA ASN A 293 24.44 -65.71 34.63
C ASN A 293 24.19 -66.65 35.80
N VAL A 294 22.99 -67.22 35.87
CA VAL A 294 22.59 -68.08 36.97
C VAL A 294 22.54 -69.52 36.46
N MET A 295 23.21 -70.42 37.16
CA MET A 295 23.27 -71.83 36.80
C MET A 295 22.54 -72.64 37.87
N SER A 296 21.86 -73.69 37.42
CA SER A 296 21.07 -74.52 38.33
C SER A 296 20.96 -75.93 37.76
N GLY A 297 20.54 -76.86 38.62
CA GLY A 297 20.40 -78.24 38.24
C GLY A 297 21.55 -79.09 38.75
N GLY A 298 21.51 -80.37 38.39
CA GLY A 298 22.53 -81.29 38.82
C GLY A 298 23.64 -81.49 37.80
N THR A 299 23.37 -81.14 36.54
CA THR A 299 24.37 -81.32 35.49
C THR A 299 25.48 -80.28 35.60
N THR A 300 25.18 -79.12 36.17
CA THR A 300 26.18 -78.07 36.40
C THR A 300 26.84 -78.17 37.77
N MET A 301 26.95 -79.37 38.33
CA MET A 301 27.59 -79.59 39.62
C MET A 301 29.01 -80.14 39.49
N TYR A 302 29.56 -80.19 38.27
CA TYR A 302 30.96 -80.53 38.11
C TYR A 302 31.82 -79.36 38.60
N PRO A 303 32.95 -79.64 39.29
CA PRO A 303 33.75 -78.54 39.82
C PRO A 303 34.79 -77.97 38.86
N GLY A 304 34.43 -77.82 37.59
CA GLY A 304 35.30 -77.21 36.61
C GLY A 304 34.56 -76.43 35.56
N ILE A 305 33.25 -76.26 35.75
CA ILE A 305 32.40 -75.71 34.69
C ILE A 305 32.14 -74.21 34.86
N ALA A 306 32.36 -73.64 36.05
CA ALA A 306 32.13 -72.21 36.25
C ALA A 306 33.25 -71.39 35.61
N ASP A 307 34.51 -71.80 35.81
CA ASP A 307 35.63 -71.10 35.20
C ASP A 307 35.68 -71.33 33.70
N ARG A 308 35.27 -72.51 33.24
CA ARG A 308 35.21 -72.80 31.81
C ARG A 308 34.11 -71.99 31.13
N MET A 309 32.96 -71.84 31.78
CA MET A 309 31.87 -71.02 31.25
C MET A 309 32.24 -69.54 31.24
N GLN A 310 32.95 -69.07 32.29
CA GLN A 310 33.43 -67.70 32.33
C GLN A 310 34.46 -67.42 31.24
N LYS A 311 35.38 -68.37 31.01
CA LYS A 311 36.38 -68.25 29.95
C LYS A 311 35.74 -68.25 28.56
N GLU A 312 34.73 -69.08 28.33
CA GLU A 312 34.10 -69.15 27.02
C GLU A 312 33.23 -67.93 26.73
N ILE A 313 32.51 -67.41 27.73
CA ILE A 313 31.70 -66.21 27.51
C ILE A 313 32.60 -64.98 27.36
N THR A 314 33.69 -64.89 28.15
CA THR A 314 34.64 -63.78 28.03
C THR A 314 35.43 -63.82 26.72
N ALA A 315 35.64 -65.02 26.18
CA ALA A 315 36.19 -65.12 24.83
C ALA A 315 35.13 -64.76 23.78
N LEU A 316 33.86 -64.97 24.08
CA LEU A 316 32.81 -64.66 23.11
C LEU A 316 32.35 -63.21 23.16
N ALA A 317 32.10 -62.67 24.36
CA ALA A 317 31.60 -61.32 24.52
C ALA A 317 32.70 -60.29 24.27
N PRO A 318 32.33 -59.04 23.97
CA PRO A 318 33.32 -57.95 23.98
C PRO A 318 33.88 -57.72 25.38
N SER A 319 35.13 -57.24 25.41
CA SER A 319 35.96 -57.27 26.61
C SER A 319 35.59 -56.23 27.66
N THR A 320 34.72 -55.27 27.33
CA THR A 320 34.36 -54.24 28.29
C THR A 320 33.24 -54.66 29.23
N MET A 321 32.67 -55.85 29.06
CA MET A 321 31.58 -56.32 29.88
C MET A 321 32.11 -57.24 30.98
N LYS A 322 31.67 -57.02 32.20
CA LYS A 322 32.08 -57.84 33.34
C LYS A 322 31.28 -59.14 33.31
N ILE A 323 31.94 -60.23 32.92
CA ILE A 323 31.29 -61.54 32.89
C ILE A 323 31.29 -62.11 34.29
N LYS A 324 30.11 -62.50 34.78
CA LYS A 324 29.97 -63.05 36.11
C LYS A 324 29.11 -64.31 36.03
N ILE A 325 29.57 -65.37 36.70
CA ILE A 325 28.86 -66.63 36.77
C ILE A 325 28.44 -66.85 38.22
N ILE A 326 27.15 -67.11 38.43
CA ILE A 326 26.61 -67.38 39.76
C ILE A 326 26.32 -68.87 39.84
N ALA A 327 26.95 -69.54 40.80
CA ALA A 327 26.77 -70.98 40.99
C ALA A 327 26.84 -71.27 42.49
N PRO A 328 25.70 -71.29 43.17
CA PRO A 328 25.69 -71.65 44.60
C PRO A 328 25.91 -73.14 44.78
N PRO A 329 26.34 -73.57 45.98
CA PRO A 329 26.44 -75.03 46.24
C PRO A 329 25.11 -75.74 46.30
N GLU A 330 24.01 -75.05 46.55
CA GLU A 330 22.68 -75.63 46.60
C GLU A 330 21.94 -75.49 45.28
N ARG A 331 22.66 -75.49 44.15
CA ARG A 331 22.05 -75.31 42.84
C ARG A 331 21.46 -76.59 42.27
N LYS A 332 21.65 -77.74 42.94
CA LYS A 332 20.99 -78.96 42.51
C LYS A 332 19.51 -78.96 42.88
N TYR A 333 19.17 -78.40 44.03
CA TYR A 333 17.80 -78.41 44.53
C TYR A 333 17.16 -77.04 44.48
N SER A 334 17.65 -76.13 43.63
CA SER A 334 17.24 -74.73 43.69
C SER A 334 15.85 -74.50 43.11
N VAL A 335 15.39 -75.39 42.22
CA VAL A 335 14.05 -75.28 41.67
C VAL A 335 12.99 -75.55 42.73
N TRP A 336 13.26 -76.50 43.63
CA TRP A 336 12.36 -76.77 44.75
C TRP A 336 12.38 -75.62 45.77
N ILE A 337 13.54 -75.00 45.97
CA ILE A 337 13.65 -73.88 46.91
C ILE A 337 12.90 -72.66 46.38
N GLY A 338 12.99 -72.42 45.07
CA GLY A 338 12.18 -71.38 44.45
C GLY A 338 10.70 -71.68 44.43
N GLY A 339 10.32 -72.96 44.31
CA GLY A 339 8.93 -73.34 44.50
C GLY A 339 8.44 -73.14 45.92
N SER A 340 9.30 -73.36 46.91
CA SER A 340 8.94 -73.07 48.30
C SER A 340 8.85 -71.58 48.59
N ILE A 341 9.64 -70.75 47.90
CA ILE A 341 9.51 -69.30 48.03
C ILE A 341 8.23 -68.82 47.37
N LEU A 342 7.91 -69.35 46.17
CA LEU A 342 6.72 -68.92 45.43
C LEU A 342 5.43 -69.40 46.09
N ALA A 343 5.44 -70.59 46.71
CA ALA A 343 4.26 -71.10 47.37
C ALA A 343 3.95 -70.39 48.69
N SER A 344 4.94 -69.74 49.30
CA SER A 344 4.73 -69.00 50.53
C SER A 344 4.38 -67.53 50.31
N LEU A 345 4.26 -67.10 49.05
CA LEU A 345 3.98 -65.71 48.76
C LEU A 345 2.50 -65.39 48.99
N SER A 346 2.23 -64.18 49.49
CA SER A 346 0.86 -63.77 49.75
C SER A 346 0.13 -63.42 48.46
N THR A 347 0.83 -62.90 47.45
CA THR A 347 0.22 -62.53 46.20
C THR A 347 -0.02 -63.72 45.27
N PHE A 348 0.53 -64.89 45.60
CA PHE A 348 0.34 -66.08 44.79
C PHE A 348 -0.98 -66.79 45.07
N GLN A 349 -1.70 -66.38 46.12
CA GLN A 349 -2.93 -67.08 46.53
C GLN A 349 -4.09 -66.81 45.57
N GLN A 350 -4.06 -65.70 44.84
CA GLN A 350 -5.04 -65.45 43.80
C GLN A 350 -4.66 -66.08 42.46
N MET A 351 -3.45 -66.62 42.35
CA MET A 351 -2.95 -67.15 41.09
C MET A 351 -3.19 -68.64 40.94
N TRP A 352 -3.87 -69.28 41.90
CA TRP A 352 -4.10 -70.72 41.82
C TRP A 352 -5.19 -71.03 40.80
N ILE A 353 -5.15 -72.25 40.28
CA ILE A 353 -6.20 -72.81 39.45
C ILE A 353 -7.04 -73.71 40.34
N THR A 354 -8.24 -73.26 40.70
CA THR A 354 -9.10 -74.02 41.57
C THR A 354 -9.81 -75.12 40.78
N LYS A 355 -10.44 -76.04 41.53
CA LYS A 355 -11.18 -77.13 40.91
C LYS A 355 -12.49 -76.66 40.30
N GLN A 356 -13.04 -75.55 40.80
CA GLN A 356 -14.27 -74.98 40.24
C GLN A 356 -14.02 -74.40 38.86
N GLU A 357 -12.89 -73.72 38.66
CA GLU A 357 -12.53 -73.21 37.34
C GLU A 357 -12.16 -74.34 36.38
N TYR A 358 -11.59 -75.43 36.92
CA TYR A 358 -11.33 -76.62 36.13
C TYR A 358 -12.64 -77.26 35.66
N ASP A 359 -13.63 -77.34 36.55
CA ASP A 359 -14.91 -77.91 36.17
C ASP A 359 -15.70 -76.99 35.27
N GLU A 360 -15.48 -75.68 35.35
CA GLU A 360 -16.13 -74.75 34.44
C GLU A 360 -15.53 -74.82 33.04
N ALA A 361 -14.20 -74.84 32.95
CA ALA A 361 -13.54 -74.62 31.67
C ALA A 361 -12.88 -75.87 31.08
N GLY A 362 -13.02 -77.03 31.73
CA GLY A 362 -12.33 -78.22 31.27
C GLY A 362 -10.89 -78.22 31.74
N PRO A 363 -10.10 -79.22 31.30
CA PRO A 363 -8.68 -79.21 31.63
C PRO A 363 -7.83 -78.47 30.61
N SER A 364 -8.26 -77.29 30.16
CA SER A 364 -7.52 -76.53 29.16
C SER A 364 -7.31 -75.08 29.60
N ILE A 365 -7.60 -74.75 30.86
CA ILE A 365 -7.36 -73.41 31.38
C ILE A 365 -5.92 -73.21 31.83
N VAL A 366 -5.14 -74.29 31.88
CA VAL A 366 -3.75 -74.20 32.36
C VAL A 366 -2.83 -73.57 31.31
N HIS A 367 -3.23 -73.53 30.04
CA HIS A 367 -2.46 -72.81 29.04
C HIS A 367 -2.65 -71.30 29.15
N ARG A 368 -3.82 -70.87 29.64
CA ARG A 368 -4.12 -69.45 29.73
C ARG A 368 -3.73 -68.85 31.08
N LYS A 369 -3.93 -69.59 32.17
CA LYS A 369 -3.59 -69.07 33.49
C LYS A 369 -2.09 -69.09 33.75
N CYS A 370 -1.37 -70.06 33.19
CA CYS A 370 0.06 -70.17 33.37
C CYS A 370 0.79 -69.82 32.07
N PHE A 371 2.02 -69.34 32.21
CA PHE A 371 2.85 -68.97 31.07
C PHE A 371 3.34 -70.23 30.35
N THR B 1 25.33 -59.99 -28.90
CA THR B 1 25.80 -60.51 -27.62
C THR B 1 24.76 -60.32 -26.53
N THR B 2 24.25 -61.43 -26.01
CA THR B 2 23.22 -61.38 -24.98
C THR B 2 23.83 -61.06 -23.62
N ALA B 3 23.02 -60.42 -22.78
CA ALA B 3 23.41 -60.12 -21.41
C ALA B 3 22.92 -61.21 -20.47
N LEU B 4 23.23 -61.08 -19.19
CA LEU B 4 22.83 -62.06 -18.18
C LEU B 4 22.12 -61.35 -17.04
N VAL B 5 20.97 -61.89 -16.65
CA VAL B 5 20.22 -61.40 -15.49
C VAL B 5 20.35 -62.44 -14.40
N CYS B 6 20.93 -62.03 -13.26
CA CYS B 6 21.24 -62.95 -12.17
C CYS B 6 20.76 -62.33 -10.86
N ASP B 7 19.53 -62.64 -10.48
CA ASP B 7 19.01 -62.25 -9.18
C ASP B 7 19.63 -63.12 -8.10
N ASN B 8 20.50 -62.52 -7.29
CA ASN B 8 21.12 -63.18 -6.15
C ASN B 8 20.33 -62.81 -4.91
N GLY B 9 19.19 -63.49 -4.73
CA GLY B 9 18.35 -63.24 -3.60
C GLY B 9 18.88 -63.88 -2.33
N SER B 10 18.19 -63.59 -1.22
CA SER B 10 18.60 -64.12 0.08
C SER B 10 18.31 -65.61 0.19
N GLY B 11 17.21 -66.07 -0.40
CA GLY B 11 16.89 -67.48 -0.38
C GLY B 11 17.25 -68.23 -1.66
N LEU B 12 16.86 -67.72 -2.82
CA LEU B 12 17.04 -68.46 -4.06
C LEU B 12 17.77 -67.62 -5.10
N VAL B 13 18.67 -68.26 -5.85
CA VAL B 13 19.40 -67.61 -6.93
C VAL B 13 18.70 -67.95 -8.24
N LYS B 14 18.33 -66.91 -9.00
CA LYS B 14 17.60 -67.06 -10.26
C LYS B 14 18.39 -66.37 -11.37
N ALA B 15 18.95 -67.15 -12.28
CA ALA B 15 19.80 -66.60 -13.32
C ALA B 15 19.34 -67.08 -14.69
N GLY B 16 19.60 -66.25 -15.70
CA GLY B 16 19.23 -66.60 -17.05
C GLY B 16 19.67 -65.53 -18.03
N PHE B 17 19.32 -65.75 -19.30
CA PHE B 17 19.66 -64.82 -20.36
C PHE B 17 18.63 -63.71 -20.46
N ALA B 18 19.08 -62.56 -20.97
CA ALA B 18 18.17 -61.46 -21.22
C ALA B 18 17.32 -61.75 -22.46
N GLY B 19 16.08 -61.27 -22.42
CA GLY B 19 15.18 -61.49 -23.53
C GLY B 19 14.43 -62.80 -23.51
N ASP B 20 14.31 -63.44 -22.35
CA ASP B 20 13.57 -64.68 -22.20
C ASP B 20 12.44 -64.49 -21.19
N ASP B 21 11.44 -65.38 -21.28
CA ASP B 21 10.27 -65.27 -20.43
C ASP B 21 10.53 -65.86 -19.04
N ALA B 22 10.84 -67.14 -18.98
CA ALA B 22 11.13 -67.85 -17.75
C ALA B 22 12.62 -67.84 -17.46
N PRO B 23 13.01 -67.76 -16.19
CA PRO B 23 14.44 -67.87 -15.85
C PRO B 23 14.97 -69.27 -16.09
N ARG B 24 16.22 -69.32 -16.57
CA ARG B 24 16.81 -70.59 -17.00
C ARG B 24 17.19 -71.48 -15.83
N ALA B 25 17.79 -70.92 -14.78
CA ALA B 25 18.29 -71.70 -13.65
C ALA B 25 17.81 -71.06 -12.36
N VAL B 26 16.98 -71.78 -11.62
CA VAL B 26 16.50 -71.36 -10.30
C VAL B 26 16.94 -72.42 -9.31
N PHE B 27 17.75 -72.03 -8.33
CA PHE B 27 18.25 -73.00 -7.36
C PHE B 27 18.44 -72.33 -6.02
N PRO B 28 18.26 -73.06 -4.91
CA PRO B 28 18.46 -72.45 -3.59
C PRO B 28 19.93 -72.17 -3.29
N SER B 29 20.15 -71.12 -2.49
CA SER B 29 21.49 -70.64 -2.17
C SER B 29 21.90 -71.21 -0.81
N ILE B 30 22.40 -72.44 -0.83
CA ILE B 30 22.97 -73.08 0.35
C ILE B 30 24.33 -73.65 0.00
N VAL B 31 25.17 -73.79 1.03
CA VAL B 31 26.48 -74.41 0.90
C VAL B 31 26.54 -75.57 1.89
N GLY B 32 26.76 -76.78 1.39
CA GLY B 32 26.76 -77.97 2.22
C GLY B 32 28.16 -78.47 2.47
N ARG B 33 28.50 -78.64 3.75
CA ARG B 33 29.79 -79.19 4.12
C ARG B 33 29.60 -80.39 5.02
N PRO B 34 30.41 -81.46 4.86
CA PRO B 34 30.15 -82.69 5.62
C PRO B 34 30.53 -82.58 7.09
N ARG B 35 29.70 -83.18 7.93
CA ARG B 35 29.89 -83.17 9.38
C ARG B 35 30.13 -84.57 9.93
N HIS B 36 30.37 -85.55 9.08
CA HIS B 36 30.55 -86.93 9.51
C HIS B 36 31.84 -87.47 8.93
N GLN B 37 32.36 -88.53 9.57
CA GLN B 37 33.61 -89.14 9.15
C GLN B 37 33.40 -89.97 7.90
N GLY B 38 34.22 -89.70 6.87
CA GLY B 38 34.15 -90.49 5.65
C GLY B 38 34.99 -91.75 5.78
N VAL B 39 34.37 -92.90 5.50
CA VAL B 39 35.05 -94.17 5.62
C VAL B 39 35.20 -94.91 4.29
N MET B 40 34.43 -94.55 3.26
CA MET B 40 34.56 -95.18 1.95
C MET B 40 35.57 -94.39 1.11
N VAL B 41 36.48 -95.10 0.48
CA VAL B 41 37.51 -94.49 -0.35
C VAL B 41 36.94 -94.29 -1.76
N GLY B 42 37.35 -93.20 -2.40
CA GLY B 42 36.93 -92.92 -3.75
C GLY B 42 35.53 -92.38 -3.87
N MET B 43 34.80 -92.87 -4.88
CA MET B 43 33.35 -92.65 -5.19
C MET B 43 32.96 -91.17 -5.29
N GLY B 44 33.91 -90.30 -5.65
CA GLY B 44 33.65 -88.89 -5.86
C GLY B 44 33.29 -88.09 -4.63
N GLN B 45 34.01 -88.31 -3.53
CA GLN B 45 33.76 -87.58 -2.29
C GLN B 45 34.29 -86.16 -2.40
N LYS B 46 33.40 -85.19 -2.19
CA LYS B 46 33.74 -83.78 -2.29
C LYS B 46 33.77 -83.14 -0.91
N ASP B 47 34.59 -82.11 -0.76
CA ASP B 47 34.69 -81.40 0.50
C ASP B 47 33.59 -80.36 0.69
N SER B 48 32.85 -80.02 -0.37
CA SER B 48 31.77 -79.04 -0.26
C SER B 48 30.72 -79.35 -1.31
N TYR B 49 29.49 -78.89 -1.05
CA TYR B 49 28.39 -79.07 -1.97
C TYR B 49 27.59 -77.78 -2.07
N VAL B 50 27.28 -77.39 -3.31
CA VAL B 50 26.58 -76.15 -3.61
C VAL B 50 25.41 -76.47 -4.54
N GLY B 51 24.20 -76.10 -4.12
CA GLY B 51 23.05 -76.17 -5.00
C GLY B 51 22.11 -77.33 -4.73
N ASP B 52 21.63 -77.96 -5.81
CA ASP B 52 20.68 -79.06 -5.69
C ASP B 52 21.35 -80.34 -5.22
N GLU B 53 22.66 -80.46 -5.44
CA GLU B 53 23.42 -81.58 -4.90
C GLU B 53 23.54 -81.50 -3.38
N ALA B 54 23.57 -80.29 -2.83
CA ALA B 54 23.51 -80.13 -1.38
C ALA B 54 22.10 -80.37 -0.87
N GLN B 55 21.08 -80.14 -1.71
CA GLN B 55 19.70 -80.38 -1.30
C GLN B 55 19.38 -81.88 -1.27
N SER B 56 19.92 -82.63 -2.22
CA SER B 56 19.65 -84.07 -2.26
C SER B 56 20.39 -84.83 -1.18
N LYS B 57 21.63 -84.43 -0.89
CA LYS B 57 22.46 -85.12 0.10
C LYS B 57 22.48 -84.40 1.44
N ARG B 58 21.38 -83.76 1.83
CA ARG B 58 21.35 -82.87 2.99
C ARG B 58 21.35 -83.61 4.32
N GLY B 59 21.18 -84.93 4.34
CA GLY B 59 21.20 -85.67 5.59
C GLY B 59 22.58 -85.83 6.19
N ILE B 60 23.63 -85.75 5.39
CA ILE B 60 24.99 -85.90 5.87
C ILE B 60 25.77 -84.59 5.74
N LEU B 61 25.08 -83.46 5.64
CA LEU B 61 25.73 -82.18 5.45
C LEU B 61 25.17 -81.16 6.43
N THR B 62 26.00 -80.18 6.76
CA THR B 62 25.58 -78.94 7.38
C THR B 62 25.39 -77.92 6.27
N LEU B 63 24.20 -77.35 6.19
CA LEU B 63 23.87 -76.36 5.17
C LEU B 63 23.98 -74.96 5.77
N LYS B 64 24.75 -74.11 5.11
CA LYS B 64 24.94 -72.73 5.54
C LYS B 64 24.43 -71.79 4.47
N TYR B 65 23.71 -70.77 4.91
CA TYR B 65 23.22 -69.73 4.01
C TYR B 65 24.24 -68.60 3.91
N PRO B 66 24.68 -68.22 2.71
CA PRO B 66 25.69 -67.17 2.60
C PRO B 66 25.13 -65.77 2.85
N ILE B 67 23.87 -65.52 2.54
CA ILE B 67 23.27 -64.19 2.65
C ILE B 67 22.28 -64.19 3.80
N GLU B 68 22.45 -63.23 4.71
CA GLU B 68 21.53 -63.06 5.83
C GLU B 68 20.95 -61.65 5.82
N HIC B 69 19.63 -61.57 5.62
CA HIC B 69 18.83 -60.35 5.53
C HIC B 69 19.32 -59.42 4.43
O HIC B 69 19.41 -58.19 4.55
CB HIC B 69 18.76 -59.49 6.81
CG HIC B 69 18.42 -60.28 8.02
ND1 HIC B 69 18.99 -60.07 9.28
CD2 HIC B 69 17.49 -61.34 8.08
CE1 HIC B 69 18.42 -60.97 10.10
NE2 HIC B 69 17.50 -61.77 9.41
CZ HIC B 69 16.72 -62.84 9.94
N GLY B 70 19.65 -60.03 3.30
CA GLY B 70 20.09 -59.28 2.13
C GLY B 70 21.54 -58.81 2.17
N ILE B 71 22.29 -59.30 3.15
CA ILE B 71 23.69 -58.93 3.35
C ILE B 71 24.52 -60.19 3.18
N ILE B 72 25.48 -60.15 2.26
CA ILE B 72 26.37 -61.28 2.04
C ILE B 72 27.40 -61.30 3.15
N THR B 73 27.51 -62.44 3.84
CA THR B 73 28.47 -62.60 4.94
C THR B 73 29.66 -63.46 4.55
N ASN B 74 29.41 -64.66 4.04
CA ASN B 74 30.49 -65.57 3.64
C ASN B 74 30.79 -65.30 2.18
N TRP B 75 31.90 -64.61 1.92
CA TRP B 75 32.23 -64.20 0.55
C TRP B 75 32.78 -65.36 -0.27
N ASP B 76 33.43 -66.34 0.38
CA ASP B 76 33.92 -67.52 -0.34
C ASP B 76 32.76 -68.40 -0.78
N ASP B 77 31.72 -68.49 0.05
CA ASP B 77 30.51 -69.22 -0.32
C ASP B 77 29.75 -68.53 -1.44
N MET B 78 29.76 -67.19 -1.46
CA MET B 78 29.17 -66.45 -2.56
C MET B 78 29.99 -66.57 -3.83
N GLU B 79 31.30 -66.71 -3.70
CA GLU B 79 32.17 -67.01 -4.84
C GLU B 79 31.87 -68.39 -5.40
N LYS B 80 31.59 -69.36 -4.53
CA LYS B 80 31.20 -70.69 -4.98
C LYS B 80 29.83 -70.70 -5.63
N ILE B 81 28.90 -69.88 -5.11
CA ILE B 81 27.56 -69.72 -5.69
C ILE B 81 27.65 -69.11 -7.09
N TRP B 82 28.48 -68.08 -7.25
CA TRP B 82 28.65 -67.43 -8.54
C TRP B 82 29.41 -68.32 -9.53
N HIS B 83 30.36 -69.12 -9.04
CA HIS B 83 31.07 -70.08 -9.89
C HIS B 83 30.14 -71.21 -10.34
N HIS B 84 29.22 -71.61 -9.47
CA HIS B 84 28.26 -72.66 -9.82
C HIS B 84 27.22 -72.15 -10.81
N THR B 85 26.77 -70.90 -10.66
CA THR B 85 25.79 -70.38 -11.60
C THR B 85 26.43 -69.82 -12.87
N PHE B 86 27.76 -69.68 -12.91
CA PHE B 86 28.41 -69.31 -14.15
C PHE B 86 28.88 -70.52 -14.95
N TYR B 87 29.36 -71.56 -14.28
CA TYR B 87 30.03 -72.65 -14.96
C TYR B 87 29.19 -73.91 -15.05
N ASN B 88 28.34 -74.19 -14.06
CA ASN B 88 27.58 -75.44 -14.04
C ASN B 88 26.14 -75.26 -14.48
N GLU B 89 25.46 -74.19 -14.06
CA GLU B 89 24.04 -74.06 -14.34
C GLU B 89 23.79 -73.55 -15.76
N LEU B 90 24.40 -72.42 -16.13
CA LEU B 90 24.23 -71.87 -17.46
C LEU B 90 25.31 -72.27 -18.44
N ARG B 91 26.51 -72.62 -17.91
CA ARG B 91 27.69 -73.09 -18.66
C ARG B 91 28.14 -72.08 -19.71
N VAL B 92 28.30 -70.83 -19.29
CA VAL B 92 28.70 -69.75 -20.18
C VAL B 92 29.98 -69.11 -19.65
N ALA B 93 30.69 -68.46 -20.56
CA ALA B 93 31.90 -67.75 -20.19
C ALA B 93 31.54 -66.37 -19.63
N PRO B 94 32.00 -66.01 -18.43
CA PRO B 94 31.68 -64.70 -17.88
C PRO B 94 32.49 -63.55 -18.46
N GLU B 95 33.51 -63.83 -19.27
CA GLU B 95 34.37 -62.79 -19.81
C GLU B 95 33.80 -62.10 -21.04
N GLU B 96 32.67 -62.57 -21.57
CA GLU B 96 32.11 -62.00 -22.79
C GLU B 96 30.64 -61.61 -22.63
N HIS B 97 30.15 -61.48 -21.40
CA HIS B 97 28.74 -61.18 -21.19
C HIS B 97 28.56 -60.16 -20.09
N PRO B 98 27.82 -59.08 -20.33
CA PRO B 98 27.47 -58.18 -19.22
C PRO B 98 26.44 -58.82 -18.30
N THR B 99 26.67 -58.67 -17.00
CA THR B 99 25.87 -59.35 -15.98
C THR B 99 25.27 -58.34 -15.03
N LEU B 100 23.94 -58.36 -14.91
CA LEU B 100 23.23 -57.44 -14.04
C LEU B 100 22.96 -58.12 -12.70
N LEU B 101 23.10 -57.36 -11.62
CA LEU B 101 22.84 -57.86 -10.29
C LEU B 101 21.75 -57.02 -9.63
N THR B 102 21.08 -57.63 -8.65
CA THR B 102 20.03 -56.99 -7.89
C THR B 102 20.48 -56.78 -6.44
N GLU B 103 19.83 -55.85 -5.77
CA GLU B 103 20.19 -55.50 -4.40
C GLU B 103 18.97 -54.94 -3.68
N ALA B 104 18.80 -55.32 -2.42
CA ALA B 104 17.77 -54.75 -1.58
C ALA B 104 18.08 -53.29 -1.26
N PRO B 105 17.06 -52.45 -1.09
CA PRO B 105 17.30 -51.06 -0.65
C PRO B 105 17.77 -51.00 0.80
N LEU B 106 18.45 -49.89 1.11
CA LEU B 106 19.09 -49.59 2.40
C LEU B 106 20.11 -50.65 2.82
N ASN B 107 20.80 -51.24 1.86
CA ASN B 107 21.88 -52.16 2.10
C ASN B 107 23.12 -51.36 2.54
N PRO B 108 23.98 -51.92 3.38
CA PRO B 108 25.32 -51.35 3.57
C PRO B 108 26.15 -51.29 2.29
N LYS B 109 26.99 -50.27 2.20
CA LYS B 109 27.69 -49.92 0.96
C LYS B 109 28.77 -50.92 0.60
N ALA B 110 29.38 -51.56 1.61
CA ALA B 110 30.51 -52.46 1.41
C ALA B 110 30.11 -53.76 0.72
N ASN B 111 28.83 -54.14 0.81
CA ASN B 111 28.29 -55.23 0.02
C ASN B 111 28.38 -54.94 -1.47
N ARG B 112 28.02 -53.71 -1.87
CA ARG B 112 28.12 -53.32 -3.27
C ARG B 112 29.56 -53.10 -3.70
N GLU B 113 30.41 -52.65 -2.76
CA GLU B 113 31.85 -52.51 -2.99
C GLU B 113 32.50 -53.86 -3.32
N LYS B 114 32.27 -54.87 -2.47
CA LYS B 114 32.91 -56.16 -2.67
C LYS B 114 32.24 -56.96 -3.78
N MET B 115 30.95 -56.71 -4.05
CA MET B 115 30.28 -57.31 -5.20
C MET B 115 30.84 -56.78 -6.51
N THR B 116 31.10 -55.46 -6.57
CA THR B 116 31.71 -54.85 -7.75
C THR B 116 33.15 -55.32 -7.95
N GLN B 117 33.91 -55.45 -6.85
CA GLN B 117 35.30 -55.90 -6.93
C GLN B 117 35.41 -57.37 -7.34
N ILE B 118 34.53 -58.22 -6.81
CA ILE B 118 34.53 -59.64 -7.15
C ILE B 118 34.05 -59.84 -8.59
N MET B 119 33.06 -59.07 -9.01
CA MET B 119 32.57 -59.17 -10.39
C MET B 119 33.54 -58.59 -11.42
N PHE B 120 34.39 -57.64 -11.03
CA PHE B 120 35.40 -57.15 -11.95
C PHE B 120 36.75 -57.85 -11.86
N GLU B 121 37.00 -58.67 -10.84
CA GLU B 121 38.32 -59.28 -10.71
C GLU B 121 38.29 -60.80 -10.84
N THR B 122 37.51 -61.49 -10.01
CA THR B 122 37.51 -62.95 -10.02
C THR B 122 36.71 -63.50 -11.21
N PHE B 123 35.55 -62.91 -11.47
CA PHE B 123 34.64 -63.35 -12.53
C PHE B 123 34.47 -62.21 -13.52
N ASN B 124 35.62 -61.67 -14.01
CA ASN B 124 35.70 -60.40 -14.71
C ASN B 124 34.85 -60.29 -15.98
N VAL B 125 34.22 -59.12 -16.14
CA VAL B 125 33.13 -58.91 -17.11
C VAL B 125 33.47 -57.73 -18.01
N PRO B 126 32.93 -57.66 -19.23
CA PRO B 126 33.01 -56.39 -19.97
C PRO B 126 32.22 -55.27 -19.34
N ALA B 127 31.08 -55.57 -18.73
CA ALA B 127 30.24 -54.58 -18.09
C ALA B 127 29.42 -55.25 -17.01
N MET B 128 28.88 -54.43 -16.11
CA MET B 128 27.95 -54.92 -15.08
C MET B 128 27.05 -53.78 -14.65
N TYR B 129 25.98 -54.13 -13.93
CA TYR B 129 25.08 -53.14 -13.35
C TYR B 129 24.49 -53.71 -12.09
N VAL B 130 24.26 -52.85 -11.11
CA VAL B 130 23.58 -53.21 -9.87
C VAL B 130 22.30 -52.38 -9.80
N ALA B 131 21.16 -53.04 -9.76
CA ALA B 131 19.86 -52.38 -9.78
C ALA B 131 19.12 -52.65 -8.47
N ILE B 132 17.89 -52.16 -8.41
CA ILE B 132 17.00 -52.34 -7.28
C ILE B 132 15.87 -53.27 -7.70
N GLN B 133 15.50 -54.20 -6.81
CA GLN B 133 14.54 -55.24 -7.14
C GLN B 133 13.12 -54.70 -7.34
N ALA B 134 12.77 -53.61 -6.63
CA ALA B 134 11.42 -53.08 -6.72
C ALA B 134 11.20 -52.33 -8.04
N VAL B 135 12.27 -51.77 -8.62
CA VAL B 135 12.17 -51.12 -9.92
C VAL B 135 11.93 -52.16 -11.02
N LEU B 136 12.58 -53.32 -10.92
CA LEU B 136 12.30 -54.41 -11.85
C LEU B 136 10.93 -55.04 -11.59
N SER B 137 10.46 -55.00 -10.33
CA SER B 137 9.11 -55.49 -10.05
C SER B 137 8.05 -54.58 -10.63
N LEU B 138 8.30 -53.26 -10.63
CA LEU B 138 7.39 -52.34 -11.30
C LEU B 138 7.56 -52.41 -12.82
N TYR B 139 8.73 -52.82 -13.30
CA TYR B 139 8.93 -53.09 -14.73
C TYR B 139 8.17 -54.34 -15.17
N ALA B 140 7.99 -55.30 -14.26
CA ALA B 140 7.27 -56.53 -14.61
C ALA B 140 5.78 -56.29 -14.77
N SER B 141 5.24 -55.29 -14.07
CA SER B 141 3.80 -55.00 -14.15
C SER B 141 3.42 -54.31 -15.45
N GLY B 142 4.37 -53.71 -16.15
CA GLY B 142 4.07 -52.97 -17.36
C GLY B 142 3.58 -51.55 -17.15
N ARG B 143 3.54 -51.09 -15.91
CA ARG B 143 3.09 -49.74 -15.58
C ARG B 143 4.29 -48.88 -15.18
N THR B 144 4.01 -47.67 -14.74
CA THR B 144 5.05 -46.71 -14.36
C THR B 144 4.99 -46.33 -12.89
N THR B 145 3.80 -46.04 -12.37
CA THR B 145 3.65 -45.58 -11.00
C THR B 145 3.24 -46.73 -10.09
N GLY B 146 3.13 -46.44 -8.81
CA GLY B 146 2.69 -47.40 -7.82
C GLY B 146 3.71 -47.57 -6.71
N ILE B 147 3.28 -48.30 -5.68
CA ILE B 147 4.12 -48.66 -4.55
C ILE B 147 4.33 -50.17 -4.57
N VAL B 148 5.58 -50.60 -4.43
CA VAL B 148 5.97 -52.00 -4.54
C VAL B 148 6.32 -52.51 -3.15
N LEU B 149 5.62 -53.57 -2.73
CA LEU B 149 5.98 -54.34 -1.54
C LEU B 149 6.67 -55.61 -2.02
N ASP B 150 7.97 -55.70 -1.79
CA ASP B 150 8.73 -56.89 -2.17
C ASP B 150 9.22 -57.58 -0.91
N SER B 151 8.95 -58.88 -0.81
CA SER B 151 9.36 -59.67 0.36
C SER B 151 9.91 -60.99 -0.15
N GLY B 152 11.23 -61.14 -0.09
CA GLY B 152 11.87 -62.38 -0.46
C GLY B 152 12.02 -63.31 0.72
N ASP B 153 13.25 -63.72 1.02
CA ASP B 153 13.50 -64.56 2.18
C ASP B 153 14.15 -63.81 3.33
N GLY B 154 14.75 -62.65 3.09
CA GLY B 154 15.29 -61.87 4.18
C GLY B 154 14.73 -60.47 4.36
N VAL B 155 14.37 -59.81 3.25
CA VAL B 155 14.11 -58.38 3.23
C VAL B 155 12.68 -58.14 2.78
N THR B 156 11.92 -57.37 3.57
CA THR B 156 10.60 -56.90 3.15
C THR B 156 10.65 -55.38 3.03
N HIS B 157 10.57 -54.87 1.81
CA HIS B 157 10.73 -53.44 1.60
C HIS B 157 9.61 -52.87 0.75
N ASN B 158 9.23 -51.63 1.07
CA ASN B 158 8.23 -50.86 0.35
C ASN B 158 8.90 -49.69 -0.34
N VAL B 159 8.74 -49.61 -1.65
CA VAL B 159 9.33 -48.55 -2.48
C VAL B 159 8.20 -47.86 -3.25
N PRO B 160 7.94 -46.57 -3.02
CA PRO B 160 6.98 -45.86 -3.88
C PRO B 160 7.64 -45.16 -5.06
N ILE B 161 7.07 -45.32 -6.26
CA ILE B 161 7.58 -44.68 -7.47
C ILE B 161 6.40 -44.05 -8.19
N TYR B 162 6.48 -42.73 -8.43
CA TYR B 162 5.45 -42.02 -9.18
C TYR B 162 6.07 -41.50 -10.48
N GLU B 163 5.51 -41.96 -11.62
CA GLU B 163 5.83 -41.51 -12.99
C GLU B 163 7.32 -41.67 -13.34
N GLY B 164 7.92 -42.74 -12.84
CA GLY B 164 9.35 -42.95 -13.06
C GLY B 164 10.25 -42.17 -12.14
N TYR B 165 9.71 -41.51 -11.11
CA TYR B 165 10.48 -40.74 -10.16
C TYR B 165 10.27 -41.34 -8.78
N ALA B 166 11.30 -42.00 -8.25
CA ALA B 166 11.20 -42.59 -6.93
C ALA B 166 11.33 -41.52 -5.85
N LEU B 167 10.80 -41.85 -4.68
CA LEU B 167 10.89 -40.96 -3.51
C LEU B 167 11.73 -41.67 -2.46
N PRO B 168 13.01 -41.32 -2.31
CA PRO B 168 13.91 -42.08 -1.44
C PRO B 168 13.70 -41.85 0.05
N HIS B 169 12.93 -40.84 0.45
CA HIS B 169 12.66 -40.61 1.85
C HIS B 169 11.47 -41.40 2.37
N ALA B 170 10.80 -42.17 1.51
CA ALA B 170 9.65 -42.98 1.91
C ALA B 170 9.87 -44.47 1.69
N ILE B 171 11.08 -44.88 1.33
CA ILE B 171 11.39 -46.30 1.16
C ILE B 171 11.58 -46.92 2.54
N MET B 172 10.79 -47.95 2.85
CA MET B 172 10.82 -48.56 4.16
C MET B 172 11.33 -50.00 4.07
N ARG B 173 12.11 -50.40 5.08
CA ARG B 173 12.76 -51.71 5.11
C ARG B 173 12.47 -52.38 6.44
N LEU B 174 12.00 -53.62 6.40
CA LEU B 174 11.76 -54.42 7.59
C LEU B 174 12.41 -55.78 7.40
N ASP B 175 13.16 -56.22 8.41
CA ASP B 175 13.88 -57.50 8.36
C ASP B 175 12.99 -58.60 8.97
N LEU B 176 11.97 -58.97 8.20
CA LEU B 176 11.03 -60.01 8.61
C LEU B 176 10.46 -60.61 7.35
N ALA B 177 10.88 -61.83 7.03
CA ALA B 177 10.45 -62.49 5.81
C ALA B 177 10.42 -63.99 6.08
N GLY B 178 10.48 -64.79 5.00
CA GLY B 178 10.16 -66.22 5.03
C GLY B 178 11.11 -67.09 5.84
N ARG B 179 12.35 -66.65 6.04
CA ARG B 179 13.26 -67.39 6.89
C ARG B 179 12.86 -67.26 8.36
N ASP B 180 12.41 -66.06 8.77
CA ASP B 180 11.90 -65.87 10.12
C ASP B 180 10.57 -66.58 10.31
N LEU B 181 9.76 -66.69 9.24
CA LEU B 181 8.53 -67.47 9.32
C LEU B 181 8.82 -68.96 9.43
N THR B 182 9.88 -69.45 8.77
CA THR B 182 10.27 -70.85 8.91
C THR B 182 10.83 -71.13 10.30
N ASP B 183 11.56 -70.18 10.87
CA ASP B 183 12.02 -70.31 12.26
C ASP B 183 10.88 -70.23 13.26
N TYR B 184 9.85 -69.43 12.97
CA TYR B 184 8.68 -69.39 13.83
C TYR B 184 7.84 -70.65 13.72
N LEU B 185 7.78 -71.25 12.53
CA LEU B 185 7.11 -72.54 12.37
C LEU B 185 7.86 -73.66 13.07
N MET B 186 9.20 -73.61 13.06
CA MET B 186 10.01 -74.54 13.84
C MET B 186 9.83 -74.32 15.34
N LYS B 187 9.56 -73.08 15.76
CA LYS B 187 9.29 -72.81 17.17
C LYS B 187 7.91 -73.33 17.58
N ILE B 188 6.88 -73.11 16.77
CA ILE B 188 5.53 -73.47 17.17
C ILE B 188 5.14 -74.89 16.78
N LEU B 189 6.02 -75.62 16.08
CA LEU B 189 5.74 -77.04 15.84
C LEU B 189 6.07 -77.91 17.05
N THR B 190 6.71 -77.37 18.08
CA THR B 190 6.98 -78.10 19.32
C THR B 190 5.79 -78.12 20.26
N GLU B 191 4.67 -77.50 19.91
CA GLU B 191 3.47 -77.63 20.73
C GLU B 191 2.79 -78.97 20.50
N ARG B 192 2.83 -79.49 19.27
CA ARG B 192 2.13 -80.70 18.91
C ARG B 192 2.98 -81.96 19.03
N GLY B 193 4.21 -81.86 19.53
CA GLY B 193 5.03 -83.03 19.73
C GLY B 193 6.10 -83.27 18.69
N TYR B 194 6.33 -82.33 17.79
CA TYR B 194 7.27 -82.51 16.70
C TYR B 194 8.49 -81.63 16.91
N SER B 195 9.68 -82.22 16.81
CA SER B 195 10.93 -81.52 17.09
C SER B 195 11.76 -81.44 15.82
N PHE B 196 12.15 -80.22 15.45
CA PHE B 196 13.04 -79.98 14.31
C PHE B 196 14.06 -78.94 14.77
N VAL B 197 15.32 -79.36 14.92
CA VAL B 197 16.37 -78.46 15.38
C VAL B 197 17.54 -78.36 14.42
N THR B 198 17.75 -79.34 13.54
CA THR B 198 18.91 -79.32 12.67
C THR B 198 18.66 -78.42 11.46
N THR B 199 19.71 -78.20 10.67
CA THR B 199 19.55 -77.44 9.44
C THR B 199 19.02 -78.28 8.29
N ALA B 200 19.08 -79.61 8.41
CA ALA B 200 18.49 -80.48 7.39
C ALA B 200 16.97 -80.51 7.49
N GLU B 201 16.43 -80.35 8.70
CA GLU B 201 14.99 -80.35 8.91
C GLU B 201 14.35 -79.02 8.57
N ARG B 202 15.16 -77.96 8.42
CA ARG B 202 14.63 -76.65 8.07
C ARG B 202 14.10 -76.61 6.64
N GLU B 203 14.65 -77.45 5.75
CA GLU B 203 14.08 -77.61 4.42
C GLU B 203 12.73 -78.31 4.44
N ILE B 204 12.54 -79.25 5.39
CA ILE B 204 11.26 -79.92 5.56
C ILE B 204 10.21 -78.95 6.10
N VAL B 205 10.59 -78.11 7.07
CA VAL B 205 9.69 -77.09 7.62
C VAL B 205 9.41 -76.00 6.58
N ARG B 206 10.39 -75.71 5.72
CA ARG B 206 10.18 -74.80 4.59
C ARG B 206 9.21 -75.37 3.56
N ASP B 207 9.26 -76.68 3.32
CA ASP B 207 8.32 -77.30 2.39
C ASP B 207 6.92 -77.38 3.01
N ILE B 208 6.84 -77.54 4.33
CA ILE B 208 5.56 -77.48 5.06
C ILE B 208 4.96 -76.07 4.94
N LYS B 209 5.80 -75.04 5.12
CA LYS B 209 5.36 -73.65 4.98
C LYS B 209 4.97 -73.30 3.54
N GLU B 210 5.63 -73.92 2.56
CA GLU B 210 5.27 -73.69 1.16
C GLU B 210 3.96 -74.37 0.79
N LYS B 211 3.77 -75.61 1.23
CA LYS B 211 2.66 -76.41 0.72
C LYS B 211 1.35 -76.21 1.48
N LEU B 212 1.39 -75.90 2.77
CA LEU B 212 0.21 -76.04 3.61
C LEU B 212 -0.27 -74.76 4.28
N CYS B 213 0.56 -73.73 4.40
CA CYS B 213 0.16 -72.54 5.14
C CYS B 213 -0.69 -71.62 4.29
N TYR B 214 -1.51 -70.81 4.98
CA TYR B 214 -2.40 -69.85 4.34
C TYR B 214 -2.67 -68.71 5.30
N VAL B 215 -3.00 -67.55 4.77
CA VAL B 215 -3.23 -66.36 5.56
C VAL B 215 -4.73 -66.23 5.81
N ALA B 216 -5.10 -66.07 7.08
CA ALA B 216 -6.50 -65.93 7.45
C ALA B 216 -7.05 -64.56 7.03
N LEU B 217 -8.31 -64.55 6.56
CA LEU B 217 -8.98 -63.29 6.25
C LEU B 217 -9.31 -62.53 7.52
N ASP B 218 -9.78 -63.24 8.55
CA ASP B 218 -9.92 -62.69 9.89
C ASP B 218 -9.25 -63.66 10.85
N PHE B 219 -8.57 -63.11 11.86
CA PHE B 219 -7.72 -63.96 12.68
C PHE B 219 -8.51 -64.68 13.78
N GLU B 220 -9.31 -63.92 14.55
CA GLU B 220 -9.97 -64.49 15.73
C GLU B 220 -11.12 -65.43 15.36
N ASN B 221 -11.79 -65.16 14.22
CA ASN B 221 -12.81 -66.07 13.73
C ASN B 221 -12.21 -67.39 13.27
N GLU B 222 -11.02 -67.35 12.67
CA GLU B 222 -10.33 -68.57 12.29
C GLU B 222 -9.76 -69.30 13.50
N MET B 223 -9.38 -68.57 14.55
CA MET B 223 -8.96 -69.18 15.81
C MET B 223 -10.11 -69.93 16.48
N ALA B 224 -11.29 -69.31 16.51
CA ALA B 224 -12.47 -69.98 17.08
C ALA B 224 -12.96 -71.13 16.20
N THR B 225 -12.79 -71.01 14.87
CA THR B 225 -13.16 -72.08 13.96
C THR B 225 -12.25 -73.29 14.10
N ALA B 226 -10.93 -73.04 14.22
CA ALA B 226 -9.99 -74.14 14.43
C ALA B 226 -10.07 -74.71 15.84
N ALA B 227 -10.52 -73.92 16.82
CA ALA B 227 -10.72 -74.47 18.16
C ALA B 227 -11.99 -75.32 18.22
N SER B 228 -13.04 -74.92 17.49
CA SER B 228 -14.31 -75.64 17.58
C SER B 228 -14.30 -76.91 16.75
N SER B 229 -14.17 -76.78 15.43
CA SER B 229 -14.31 -77.89 14.50
C SER B 229 -12.99 -78.14 13.80
N SER B 230 -12.57 -79.40 13.75
CA SER B 230 -11.29 -79.77 13.16
C SER B 230 -11.42 -80.03 11.67
N SER B 231 -11.74 -78.97 10.93
CA SER B 231 -11.75 -79.00 9.47
C SER B 231 -10.51 -78.37 8.87
N LEU B 232 -9.74 -77.61 9.67
CA LEU B 232 -8.50 -77.00 9.22
C LEU B 232 -7.28 -77.84 9.57
N GLU B 233 -7.47 -79.01 10.16
CA GLU B 233 -6.35 -79.90 10.42
C GLU B 233 -5.89 -80.56 9.13
N LYS B 234 -4.59 -80.51 8.86
CA LYS B 234 -4.02 -81.09 7.66
C LYS B 234 -2.84 -81.97 8.03
N SER B 235 -2.67 -83.03 7.26
CA SER B 235 -1.65 -84.04 7.52
C SER B 235 -0.59 -84.04 6.41
N TYR B 236 0.67 -84.12 6.82
CA TYR B 236 1.79 -84.07 5.90
C TYR B 236 2.70 -85.28 6.10
N GLU B 237 3.24 -85.80 5.00
CA GLU B 237 4.10 -86.97 4.99
C GLU B 237 5.56 -86.54 4.92
N LEU B 238 6.34 -86.90 5.93
CA LEU B 238 7.78 -86.74 6.00
C LEU B 238 8.45 -87.82 5.14
N PRO B 239 9.69 -87.59 4.66
CA PRO B 239 10.36 -88.62 3.84
C PRO B 239 10.74 -89.91 4.57
N ASP B 240 10.76 -89.95 5.91
CA ASP B 240 11.02 -91.23 6.56
C ASP B 240 9.77 -92.10 6.63
N GLY B 241 8.58 -91.50 6.57
CA GLY B 241 7.34 -92.25 6.63
C GLY B 241 6.35 -91.74 7.65
N GLN B 242 6.78 -90.84 8.52
CA GLN B 242 5.92 -90.31 9.57
C GLN B 242 4.95 -89.28 9.00
N VAL B 243 3.81 -89.14 9.68
CA VAL B 243 2.74 -88.23 9.28
C VAL B 243 2.50 -87.26 10.43
N ILE B 244 2.60 -85.97 10.15
CA ILE B 244 2.25 -84.93 11.11
C ILE B 244 0.85 -84.42 10.81
N THR B 245 0.20 -83.88 11.83
CA THR B 245 -1.10 -83.22 11.68
C THR B 245 -1.03 -81.87 12.38
N ILE B 246 -1.43 -80.82 11.67
CA ILE B 246 -1.37 -79.46 12.20
C ILE B 246 -2.74 -78.81 12.08
N GLY B 247 -3.02 -77.92 13.03
CA GLY B 247 -4.30 -77.25 13.10
C GLY B 247 -4.22 -75.77 12.81
N ASN B 248 -4.20 -74.95 13.88
CA ASN B 248 -4.19 -73.50 13.75
C ASN B 248 -2.84 -72.96 13.29
N GLU B 249 -1.77 -73.77 13.35
CA GLU B 249 -0.43 -73.39 12.92
C GLU B 249 -0.29 -73.23 11.41
N ARG B 250 -1.29 -73.62 10.63
CA ARG B 250 -1.36 -73.24 9.23
C ARG B 250 -1.51 -71.73 9.07
N PHE B 251 -2.24 -71.06 9.97
CA PHE B 251 -2.37 -69.62 9.87
C PHE B 251 -1.71 -68.84 10.98
N ARG B 252 -1.19 -69.52 12.01
CA ARG B 252 -0.39 -68.82 13.02
C ARG B 252 1.00 -68.47 12.52
N CYS B 253 1.49 -69.18 11.50
CA CYS B 253 2.79 -68.82 10.93
C CYS B 253 2.76 -67.55 10.06
N PRO B 254 1.89 -67.38 9.04
CA PRO B 254 1.98 -66.13 8.26
C PRO B 254 1.21 -64.97 8.84
N GLU B 255 0.71 -65.07 10.07
CA GLU B 255 0.19 -63.92 10.80
C GLU B 255 1.31 -63.07 11.41
N THR B 256 2.54 -63.58 11.43
CA THR B 256 3.69 -62.85 11.91
C THR B 256 4.05 -61.70 10.97
N LEU B 257 3.72 -61.83 9.68
CA LEU B 257 3.84 -60.73 8.73
C LEU B 257 2.89 -59.58 9.09
N PHE B 258 1.67 -59.89 9.48
CA PHE B 258 0.70 -58.88 9.85
C PHE B 258 0.71 -58.57 11.33
N GLN B 259 1.51 -59.28 12.13
CA GLN B 259 1.60 -59.01 13.56
C GLN B 259 3.00 -59.41 14.02
N PRO B 260 3.95 -58.47 14.02
CA PRO B 260 5.32 -58.81 14.41
C PRO B 260 5.59 -58.90 15.90
N SER B 261 4.57 -58.85 16.76
CA SER B 261 4.78 -59.08 18.18
C SER B 261 4.80 -60.55 18.56
N PHE B 262 4.63 -61.45 17.59
CA PHE B 262 4.72 -62.89 17.84
C PHE B 262 6.16 -63.30 18.11
N ILE B 263 7.10 -62.77 17.32
CA ILE B 263 8.51 -63.13 17.44
C ILE B 263 9.24 -62.09 18.26
N GLY B 264 8.50 -61.18 18.87
CA GLY B 264 9.09 -60.17 19.73
C GLY B 264 9.77 -59.05 18.96
N MET B 265 9.01 -58.36 18.11
CA MET B 265 9.53 -57.20 17.39
C MET B 265 8.60 -56.02 17.64
N GLU B 266 9.20 -54.88 17.96
CA GLU B 266 8.46 -53.69 18.33
C GLU B 266 7.86 -52.96 17.12
N SER B 267 8.37 -53.26 15.92
CA SER B 267 7.87 -52.64 14.70
C SER B 267 6.50 -53.16 14.31
N ALA B 268 5.75 -52.33 13.57
CA ALA B 268 4.38 -52.63 13.21
C ALA B 268 4.31 -53.56 12.02
N GLY B 269 3.09 -53.94 11.64
CA GLY B 269 2.86 -54.87 10.55
C GLY B 269 3.07 -54.23 9.18
N ILE B 270 2.97 -55.08 8.16
CA ILE B 270 3.27 -54.63 6.80
C ILE B 270 2.16 -53.78 6.20
N HIS B 271 0.92 -53.93 6.66
CA HIS B 271 -0.16 -53.05 6.20
C HIS B 271 0.01 -51.64 6.74
N GLU B 272 0.43 -51.50 8.01
CA GLU B 272 0.70 -50.18 8.55
C GLU B 272 1.99 -49.61 8.01
N THR B 273 2.94 -50.46 7.62
CA THR B 273 4.15 -50.01 6.95
C THR B 273 3.83 -49.47 5.55
N THR B 274 2.92 -50.14 4.83
CA THR B 274 2.49 -49.66 3.52
C THR B 274 1.67 -48.37 3.62
N TYR B 275 0.82 -48.27 4.65
CA TYR B 275 0.05 -47.05 4.87
C TYR B 275 0.93 -45.88 5.31
N ASN B 276 1.97 -46.15 6.10
CA ASN B 276 2.90 -45.09 6.49
C ASN B 276 3.82 -44.70 5.35
N SER B 277 4.13 -45.63 4.44
CA SER B 277 4.92 -45.29 3.27
C SER B 277 4.12 -44.49 2.26
N ILE B 278 2.81 -44.77 2.14
CA ILE B 278 1.95 -43.95 1.29
C ILE B 278 1.74 -42.57 1.91
N MET B 279 1.54 -42.52 3.23
CA MET B 279 1.31 -41.26 3.93
C MET B 279 2.57 -40.41 4.06
N LYS B 280 3.75 -40.99 3.88
CA LYS B 280 4.98 -40.19 3.84
C LYS B 280 5.20 -39.52 2.50
N CYS B 281 4.47 -39.91 1.46
CA CYS B 281 4.63 -39.33 0.15
C CYS B 281 3.88 -37.99 0.07
N ASP B 282 3.95 -37.35 -1.09
CA ASP B 282 3.22 -36.11 -1.31
C ASP B 282 1.73 -36.39 -1.49
N ILE B 283 0.94 -35.35 -1.23
CA ILE B 283 -0.51 -35.51 -1.07
C ILE B 283 -1.24 -35.64 -2.40
N ASP B 284 -0.61 -35.25 -3.50
CA ASP B 284 -1.27 -35.29 -4.79
C ASP B 284 -1.05 -36.60 -5.54
N ILE B 285 -0.20 -37.48 -5.02
CA ILE B 285 0.10 -38.74 -5.70
C ILE B 285 -0.43 -39.96 -4.96
N ARG B 286 -1.14 -39.75 -3.84
CA ARG B 286 -1.60 -40.89 -3.04
C ARG B 286 -2.78 -41.61 -3.69
N LYS B 287 -3.50 -40.94 -4.58
CA LYS B 287 -4.58 -41.57 -5.34
C LYS B 287 -4.07 -42.63 -6.29
N ASP B 288 -2.93 -42.39 -6.93
CA ASP B 288 -2.31 -43.42 -7.75
C ASP B 288 -1.61 -44.48 -6.91
N LEU B 289 -1.19 -44.15 -5.69
CA LEU B 289 -0.54 -45.13 -4.82
C LEU B 289 -1.51 -46.10 -4.19
N TYR B 290 -2.73 -45.66 -3.88
CA TYR B 290 -3.72 -46.57 -3.32
C TYR B 290 -4.27 -47.54 -4.35
N ALA B 291 -4.23 -47.18 -5.63
CA ALA B 291 -4.81 -48.00 -6.68
C ALA B 291 -3.79 -48.87 -7.39
N ASN B 292 -2.52 -48.81 -7.02
CA ASN B 292 -1.48 -49.55 -7.73
C ASN B 292 -0.52 -50.22 -6.76
N ASN B 293 -1.06 -50.93 -5.78
CA ASN B 293 -0.25 -51.82 -4.94
C ASN B 293 0.23 -53.01 -5.77
N VAL B 294 1.54 -53.13 -5.92
CA VAL B 294 2.15 -54.22 -6.65
C VAL B 294 2.92 -55.08 -5.66
N MET B 295 2.63 -56.37 -5.63
CA MET B 295 3.29 -57.30 -4.73
C MET B 295 4.16 -58.26 -5.52
N SER B 296 5.25 -58.72 -4.90
CA SER B 296 6.19 -59.61 -5.53
C SER B 296 6.88 -60.45 -4.45
N GLY B 297 7.83 -61.26 -4.88
CA GLY B 297 8.59 -62.11 -3.97
C GLY B 297 7.88 -63.41 -3.67
N GLY B 298 8.62 -64.30 -2.99
CA GLY B 298 8.08 -65.60 -2.64
C GLY B 298 7.25 -65.63 -1.38
N THR B 299 7.40 -64.62 -0.52
CA THR B 299 6.63 -64.58 0.71
C THR B 299 5.17 -64.21 0.44
N THR B 300 4.91 -63.45 -0.62
CA THR B 300 3.56 -63.03 -1.00
C THR B 300 2.89 -64.00 -1.96
N MET B 301 3.25 -65.29 -1.91
CA MET B 301 2.63 -66.31 -2.73
C MET B 301 1.62 -67.16 -1.96
N TYR B 302 1.28 -66.77 -0.72
CA TYR B 302 0.25 -67.46 0.02
C TYR B 302 -1.12 -67.15 -0.58
N PRO B 303 -2.03 -68.13 -0.67
CA PRO B 303 -3.35 -67.84 -1.26
C PRO B 303 -4.39 -67.33 -0.28
N GLY B 304 -3.99 -66.44 0.64
CA GLY B 304 -4.94 -65.78 1.52
C GLY B 304 -4.53 -64.36 1.87
N ILE B 305 -3.49 -63.85 1.20
CA ILE B 305 -2.83 -62.62 1.66
C ILE B 305 -3.34 -61.37 0.94
N ALA B 306 -3.90 -61.51 -0.27
CA ALA B 306 -4.31 -60.36 -1.05
C ALA B 306 -5.59 -59.72 -0.51
N ASP B 307 -6.57 -60.55 -0.13
CA ASP B 307 -7.81 -60.03 0.42
C ASP B 307 -7.61 -59.51 1.84
N ARG B 308 -6.69 -60.11 2.61
CA ARG B 308 -6.34 -59.62 3.93
C ARG B 308 -5.64 -58.26 3.86
N MET B 309 -4.74 -58.10 2.88
CA MET B 309 -4.06 -56.83 2.68
C MET B 309 -5.02 -55.76 2.17
N GLN B 310 -5.97 -56.15 1.31
CA GLN B 310 -6.99 -55.22 0.81
C GLN B 310 -7.93 -54.75 1.92
N LYS B 311 -8.32 -55.68 2.80
CA LYS B 311 -9.17 -55.34 3.96
C LYS B 311 -8.43 -54.45 4.94
N GLU B 312 -7.15 -54.70 5.17
CA GLU B 312 -6.39 -53.89 6.13
C GLU B 312 -6.08 -52.50 5.59
N ILE B 313 -5.79 -52.39 4.29
CA ILE B 313 -5.54 -51.07 3.69
C ILE B 313 -6.84 -50.27 3.60
N THR B 314 -7.95 -50.91 3.21
CA THR B 314 -9.24 -50.23 3.10
C THR B 314 -9.81 -49.85 4.46
N ALA B 315 -9.47 -50.62 5.51
CA ALA B 315 -9.74 -50.15 6.86
C ALA B 315 -8.84 -49.00 7.26
N LEU B 316 -7.58 -49.00 6.79
CA LEU B 316 -6.66 -47.93 7.16
C LEU B 316 -6.92 -46.64 6.37
N ALA B 317 -7.21 -46.76 5.07
CA ALA B 317 -7.41 -45.59 4.23
C ALA B 317 -8.77 -44.97 4.48
N PRO B 318 -8.95 -43.69 4.09
CA PRO B 318 -10.31 -43.14 4.00
C PRO B 318 -11.13 -43.85 2.93
N SER B 319 -12.45 -43.88 3.15
CA SER B 319 -13.35 -44.74 2.39
C SER B 319 -13.61 -44.26 0.97
N THR B 320 -13.28 -43.01 0.66
CA THR B 320 -13.50 -42.49 -0.69
C THR B 320 -12.43 -42.94 -1.68
N MET B 321 -11.33 -43.51 -1.21
CA MET B 321 -10.24 -43.94 -2.09
C MET B 321 -10.39 -45.41 -2.45
N LYS B 322 -10.27 -45.71 -3.74
CA LYS B 322 -10.32 -47.09 -4.21
C LYS B 322 -9.01 -47.78 -3.90
N ILE B 323 -9.09 -49.05 -3.51
CA ILE B 323 -7.93 -49.86 -3.17
C ILE B 323 -7.83 -51.00 -4.17
N LYS B 324 -6.70 -51.10 -4.85
CA LYS B 324 -6.43 -52.20 -5.77
C LYS B 324 -5.05 -52.77 -5.49
N ILE B 325 -4.96 -54.10 -5.49
CA ILE B 325 -3.69 -54.80 -5.31
C ILE B 325 -3.47 -55.66 -6.54
N ILE B 326 -2.37 -55.41 -7.25
CA ILE B 326 -2.00 -56.21 -8.41
C ILE B 326 -1.12 -57.34 -7.90
N ALA B 327 -1.64 -58.57 -7.97
CA ALA B 327 -0.90 -59.77 -7.58
C ALA B 327 -0.94 -60.74 -8.74
N PRO B 328 0.01 -60.66 -9.67
CA PRO B 328 0.04 -61.59 -10.80
C PRO B 328 0.48 -62.98 -10.36
N PRO B 329 0.12 -64.03 -11.11
CA PRO B 329 0.57 -65.38 -10.74
C PRO B 329 2.06 -65.63 -10.96
N GLU B 330 2.74 -64.80 -11.75
CA GLU B 330 4.17 -64.94 -11.97
C GLU B 330 4.98 -63.99 -11.09
N ARG B 331 4.48 -63.70 -9.88
CA ARG B 331 5.13 -62.74 -8.99
C ARG B 331 6.30 -63.33 -8.22
N LYS B 332 6.54 -64.65 -8.34
CA LYS B 332 7.74 -65.23 -7.73
C LYS B 332 8.99 -64.83 -8.50
N TYR B 333 8.90 -64.75 -9.82
CA TYR B 333 10.04 -64.44 -10.68
C TYR B 333 9.84 -63.12 -11.42
N SER B 334 9.19 -62.15 -10.79
CA SER B 334 8.91 -60.88 -11.45
C SER B 334 10.15 -60.00 -11.54
N VAL B 335 11.08 -60.14 -10.58
CA VAL B 335 12.29 -59.34 -10.57
C VAL B 335 13.20 -59.73 -11.73
N TRP B 336 13.29 -61.03 -12.02
CA TRP B 336 14.04 -61.50 -13.18
C TRP B 336 13.37 -61.10 -14.49
N ILE B 337 12.04 -61.06 -14.52
CA ILE B 337 11.32 -60.65 -15.73
C ILE B 337 11.53 -59.17 -16.01
N GLY B 338 11.53 -58.34 -14.96
CA GLY B 338 11.88 -56.93 -15.10
C GLY B 338 13.33 -56.69 -15.47
N GLY B 339 14.24 -57.54 -14.96
CA GLY B 339 15.64 -57.46 -15.38
C GLY B 339 15.85 -57.85 -16.82
N SER B 340 15.12 -58.86 -17.31
CA SER B 340 15.19 -59.25 -18.71
C SER B 340 14.55 -58.21 -19.62
N ILE B 341 13.54 -57.50 -19.11
CA ILE B 341 12.94 -56.40 -19.87
C ILE B 341 13.90 -55.21 -19.95
N LEU B 342 14.55 -54.88 -18.82
CA LEU B 342 15.45 -53.73 -18.77
C LEU B 342 16.74 -53.97 -19.54
N ALA B 343 17.26 -55.19 -19.52
CA ALA B 343 18.50 -55.49 -20.21
C ALA B 343 18.32 -55.58 -21.73
N SER B 344 17.11 -55.84 -22.20
CA SER B 344 16.83 -55.87 -23.64
C SER B 344 16.47 -54.50 -24.19
N LEU B 345 16.40 -53.48 -23.34
CA LEU B 345 16.09 -52.12 -23.80
C LEU B 345 17.30 -51.50 -24.48
N SER B 346 17.03 -50.73 -25.54
CA SER B 346 18.11 -50.06 -26.27
C SER B 346 18.67 -48.87 -25.52
N THR B 347 17.88 -48.26 -24.62
CA THR B 347 18.34 -47.08 -23.89
C THR B 347 19.17 -47.42 -22.66
N PHE B 348 19.31 -48.69 -22.31
CA PHE B 348 20.11 -49.09 -21.15
C PHE B 348 21.55 -49.41 -21.53
N GLN B 349 21.91 -49.31 -22.81
CA GLN B 349 23.26 -49.67 -23.24
C GLN B 349 24.29 -48.62 -22.87
N GLN B 350 23.87 -47.39 -22.58
CA GLN B 350 24.76 -46.35 -22.12
C GLN B 350 24.83 -46.26 -20.60
N MET B 351 24.09 -47.10 -19.89
CA MET B 351 24.01 -47.03 -18.43
C MET B 351 24.87 -48.07 -17.73
N TRP B 352 25.70 -48.81 -18.47
CA TRP B 352 26.54 -49.83 -17.86
C TRP B 352 27.74 -49.20 -17.16
N ILE B 353 28.46 -50.04 -16.41
CA ILE B 353 29.77 -49.69 -15.88
C ILE B 353 30.77 -50.61 -16.54
N THR B 354 31.60 -50.06 -17.41
CA THR B 354 32.51 -50.87 -18.21
C THR B 354 33.80 -51.15 -17.44
N LYS B 355 34.71 -51.87 -18.09
CA LYS B 355 35.98 -52.25 -17.47
C LYS B 355 36.92 -51.05 -17.35
N GLN B 356 36.91 -50.17 -18.36
CA GLN B 356 37.81 -49.02 -18.38
C GLN B 356 37.42 -47.97 -17.36
N GLU B 357 36.11 -47.80 -17.11
CA GLU B 357 35.65 -46.88 -16.08
C GLU B 357 35.99 -47.41 -14.68
N TYR B 358 35.93 -48.74 -14.51
CA TYR B 358 36.36 -49.39 -13.28
C TYR B 358 37.85 -49.20 -13.04
N ASP B 359 38.66 -49.39 -14.07
CA ASP B 359 40.10 -49.21 -13.95
C ASP B 359 40.49 -47.74 -13.79
N GLU B 360 39.66 -46.82 -14.29
CA GLU B 360 39.90 -45.40 -14.08
C GLU B 360 39.59 -44.99 -12.64
N ALA B 361 38.45 -45.44 -12.11
CA ALA B 361 37.90 -44.85 -10.89
C ALA B 361 37.86 -45.80 -9.70
N GLY B 362 38.50 -46.97 -9.77
CA GLY B 362 38.45 -47.89 -8.66
C GLY B 362 37.13 -48.64 -8.63
N PRO B 363 36.88 -49.42 -7.57
CA PRO B 363 35.58 -50.09 -7.42
C PRO B 363 34.57 -49.27 -6.61
N SER B 364 34.53 -47.96 -6.85
CA SER B 364 33.73 -47.05 -6.05
C SER B 364 32.86 -46.16 -6.92
N ILE B 365 32.81 -46.41 -8.23
CA ILE B 365 31.94 -45.67 -9.14
C ILE B 365 30.52 -46.19 -9.12
N VAL B 366 30.27 -47.32 -8.45
CA VAL B 366 28.96 -47.97 -8.48
C VAL B 366 27.93 -47.23 -7.60
N HIS B 367 28.40 -46.41 -6.64
CA HIS B 367 27.48 -45.60 -5.85
C HIS B 367 26.93 -44.42 -6.67
N ARG B 368 27.77 -43.79 -7.48
CA ARG B 368 27.37 -42.60 -8.20
C ARG B 368 26.84 -42.89 -9.60
N LYS B 369 27.06 -44.09 -10.13
CA LYS B 369 26.52 -44.44 -11.43
C LYS B 369 25.14 -45.09 -11.33
N CYS B 370 24.98 -46.02 -10.40
CA CYS B 370 23.70 -46.69 -10.18
C CYS B 370 22.91 -45.93 -9.13
N PHE B 371 21.79 -46.52 -8.69
CA PHE B 371 20.97 -45.90 -7.66
C PHE B 371 21.58 -46.12 -6.28
N THR C 1 3.74 -15.72 47.13
CA THR C 1 3.49 -16.97 46.43
C THR C 1 4.37 -17.08 45.19
N THR C 2 5.25 -18.08 45.19
CA THR C 2 6.15 -18.30 44.07
C THR C 2 5.40 -18.95 42.91
N ALA C 3 5.58 -18.41 41.71
CA ALA C 3 4.92 -18.95 40.53
C ALA C 3 5.67 -20.17 40.01
N LEU C 4 5.11 -20.81 38.99
CA LEU C 4 5.70 -21.99 38.38
C LEU C 4 5.88 -21.75 36.90
N VAL C 5 7.08 -22.03 36.39
CA VAL C 5 7.39 -21.94 34.97
C VAL C 5 7.68 -23.34 34.47
N CYS C 6 6.93 -23.80 33.48
CA CYS C 6 7.02 -25.19 33.03
C CYS C 6 7.00 -25.20 31.49
N ASP C 7 8.20 -25.18 30.90
CA ASP C 7 8.33 -25.38 29.46
C ASP C 7 8.07 -26.84 29.14
N ASN C 8 6.93 -27.09 28.50
CA ASN C 8 6.55 -28.44 28.09
C ASN C 8 6.93 -28.60 26.62
N GLY C 9 8.21 -28.84 26.39
CA GLY C 9 8.73 -28.97 25.05
C GLY C 9 8.41 -30.31 24.43
N SER C 10 8.80 -30.45 23.17
CA SER C 10 8.49 -31.65 22.40
C SER C 10 9.35 -32.84 22.82
N GLY C 11 10.54 -32.59 23.37
CA GLY C 11 11.40 -33.68 23.79
C GLY C 11 11.74 -33.69 25.25
N LEU C 12 11.90 -32.53 25.87
CA LEU C 12 12.30 -32.42 27.27
C LEU C 12 11.42 -31.40 27.98
N VAL C 13 10.90 -31.79 29.14
CA VAL C 13 10.13 -30.91 30.00
C VAL C 13 11.07 -30.26 30.99
N LYS C 14 11.04 -28.92 31.05
CA LYS C 14 11.87 -28.14 31.96
C LYS C 14 10.94 -27.34 32.86
N ALA C 15 10.84 -27.73 34.13
CA ALA C 15 9.92 -27.10 35.05
C ALA C 15 10.65 -26.63 36.30
N GLY C 16 10.13 -25.56 36.90
CA GLY C 16 10.73 -25.02 38.10
C GLY C 16 9.99 -23.79 38.56
N PHE C 17 10.62 -23.06 39.48
CA PHE C 17 9.99 -21.95 40.17
C PHE C 17 10.35 -20.62 39.51
N ALA C 18 10.01 -19.53 40.19
CA ALA C 18 10.42 -18.20 39.79
C ALA C 18 11.49 -17.69 40.74
N GLY C 19 12.39 -16.87 40.22
CA GLY C 19 13.49 -16.36 41.00
C GLY C 19 14.65 -17.31 41.16
N ASP C 20 14.70 -18.37 40.36
CA ASP C 20 15.78 -19.35 40.40
C ASP C 20 16.56 -19.29 39.09
N ASP C 21 17.86 -19.55 39.18
CA ASP C 21 18.72 -19.46 38.01
C ASP C 21 18.59 -20.71 37.13
N ALA C 22 18.92 -21.86 37.69
CA ALA C 22 18.83 -23.12 36.96
C ALA C 22 17.42 -23.68 37.06
N PRO C 23 16.93 -24.36 36.01
CA PRO C 23 15.66 -25.07 36.12
C PRO C 23 15.76 -26.25 37.07
N ARG C 24 14.70 -26.44 37.87
CA ARG C 24 14.74 -27.42 38.94
C ARG C 24 14.63 -28.84 38.43
N ALA C 25 13.76 -29.08 37.46
CA ALA C 25 13.51 -30.43 36.97
C ALA C 25 13.56 -30.42 35.44
N VAL C 26 14.57 -31.07 34.87
CA VAL C 26 14.70 -31.24 33.44
C VAL C 26 14.67 -32.74 33.17
N PHE C 27 13.64 -33.21 32.46
CA PHE C 27 13.52 -34.64 32.23
C PHE C 27 12.86 -34.87 30.88
N PRO C 28 13.20 -35.95 30.17
CA PRO C 28 12.59 -36.19 28.86
C PRO C 28 11.12 -36.59 28.95
N SER C 29 10.37 -36.20 27.91
CA SER C 29 8.93 -36.39 27.88
C SER C 29 8.61 -37.65 27.08
N ILE C 30 8.73 -38.79 27.76
CA ILE C 30 8.35 -40.08 27.19
C ILE C 30 7.47 -40.82 28.19
N VAL C 31 6.63 -41.69 27.65
CA VAL C 31 5.79 -42.59 28.46
C VAL C 31 6.10 -44.01 28.01
N GLY C 32 6.54 -44.84 28.94
CA GLY C 32 6.91 -46.21 28.64
C GLY C 32 5.78 -47.17 28.96
N ARG C 33 5.60 -48.17 28.09
CA ARG C 33 4.62 -49.22 28.34
C ARG C 33 5.27 -50.57 28.07
N PRO C 34 5.02 -51.59 28.92
CA PRO C 34 5.72 -52.87 28.77
C PRO C 34 5.18 -53.68 27.61
N ARG C 35 6.09 -54.17 26.76
CA ARG C 35 5.72 -54.98 25.62
C ARG C 35 6.05 -56.45 25.79
N HIS C 36 6.58 -56.84 26.95
CA HIS C 36 6.96 -58.23 27.20
C HIS C 36 6.13 -58.81 28.33
N GLN C 37 6.00 -60.13 28.33
CA GLN C 37 5.15 -60.84 29.27
C GLN C 37 5.83 -60.91 30.63
N GLY C 38 5.30 -60.18 31.59
CA GLY C 38 5.82 -60.21 32.95
C GLY C 38 5.42 -61.47 33.69
N VAL C 39 6.40 -62.26 34.10
CA VAL C 39 6.13 -63.56 34.70
C VAL C 39 6.36 -63.58 36.21
N MET C 40 6.98 -62.55 36.78
CA MET C 40 7.26 -62.54 38.20
C MET C 40 6.18 -61.78 38.93
N VAL C 41 5.62 -62.40 39.97
CA VAL C 41 4.51 -61.82 40.71
C VAL C 41 5.06 -60.80 41.72
N GLY C 42 4.26 -59.80 42.04
CA GLY C 42 4.65 -58.79 42.99
C GLY C 42 5.55 -57.71 42.40
N MET C 43 6.58 -57.33 43.16
CA MET C 43 7.75 -56.50 42.83
C MET C 43 7.42 -55.09 42.31
N GLY C 44 6.17 -54.62 42.44
CA GLY C 44 5.79 -53.29 41.98
C GLY C 44 5.81 -53.10 40.48
N GLN C 45 5.29 -54.07 39.73
CA GLN C 45 5.29 -54.01 38.27
C GLN C 45 4.20 -53.05 37.81
N LYS C 46 4.60 -51.79 37.59
CA LYS C 46 3.68 -50.80 37.05
C LYS C 46 3.44 -51.04 35.57
N ASP C 47 2.30 -50.55 35.09
CA ASP C 47 1.97 -50.62 33.67
C ASP C 47 2.42 -49.39 32.90
N SER C 48 3.01 -48.40 33.57
CA SER C 48 3.49 -47.20 32.90
C SER C 48 4.63 -46.60 33.69
N TYR C 49 5.64 -46.10 32.97
CA TYR C 49 6.77 -45.41 33.55
C TYR C 49 7.01 -44.10 32.80
N VAL C 50 7.31 -43.04 33.54
CA VAL C 50 7.37 -41.69 33.00
C VAL C 50 8.75 -41.10 33.28
N GLY C 51 9.47 -40.71 32.23
CA GLY C 51 10.63 -39.86 32.37
C GLY C 51 11.91 -40.66 32.53
N ASP C 52 12.66 -40.36 33.61
CA ASP C 52 13.95 -40.98 33.83
C ASP C 52 13.82 -42.44 34.25
N GLU C 53 12.72 -42.79 34.91
CA GLU C 53 12.43 -44.18 35.20
C GLU C 53 12.09 -44.96 33.94
N ALA C 54 11.49 -44.30 32.95
CA ALA C 54 11.30 -44.92 31.65
C ALA C 54 12.60 -44.98 30.87
N GLN C 55 13.52 -44.05 31.13
CA GLN C 55 14.81 -44.05 30.43
C GLN C 55 15.75 -45.13 30.93
N SER C 56 15.75 -45.37 32.25
CA SER C 56 16.64 -46.38 32.82
C SER C 56 16.15 -47.79 32.55
N LYS C 57 14.83 -47.99 32.41
CA LYS C 57 14.25 -49.28 32.11
C LYS C 57 13.79 -49.38 30.66
N ARG C 58 14.50 -48.72 29.74
CA ARG C 58 14.00 -48.53 28.38
C ARG C 58 14.15 -49.78 27.50
N GLY C 59 14.82 -50.83 27.97
CA GLY C 59 14.99 -52.01 27.16
C GLY C 59 13.73 -52.83 27.01
N ILE C 60 12.85 -52.80 28.01
CA ILE C 60 11.66 -53.64 28.01
C ILE C 60 10.40 -52.78 27.88
N LEU C 61 10.54 -51.61 27.27
CA LEU C 61 9.42 -50.70 27.12
C LEU C 61 9.31 -50.22 25.68
N THR C 62 8.07 -49.98 25.27
CA THR C 62 7.79 -49.15 24.11
C THR C 62 7.62 -47.72 24.62
N LEU C 63 8.44 -46.81 24.11
CA LEU C 63 8.41 -45.42 24.53
C LEU C 63 7.57 -44.61 23.56
N LYS C 64 6.74 -43.73 24.10
CA LYS C 64 5.87 -42.89 23.30
C LYS C 64 6.11 -41.43 23.66
N TYR C 65 6.29 -40.60 22.64
CA TYR C 65 6.34 -39.17 22.83
C TYR C 65 4.93 -38.60 22.73
N PRO C 66 4.43 -37.90 23.75
CA PRO C 66 3.08 -37.33 23.66
C PRO C 66 2.99 -36.13 22.73
N ILE C 67 4.09 -35.43 22.47
CA ILE C 67 4.10 -34.22 21.67
C ILE C 67 4.87 -34.50 20.39
N GLU C 68 4.24 -34.25 19.24
CA GLU C 68 4.90 -34.36 17.95
C GLU C 68 4.69 -33.07 17.16
N HIC C 69 5.81 -32.43 16.83
CA HIC C 69 5.90 -31.13 16.14
C HIC C 69 5.16 -30.02 16.88
O HIC C 69 4.46 -29.17 16.32
CB HIC C 69 5.39 -31.09 14.69
CG HIC C 69 5.75 -32.28 13.91
ND1 HIC C 69 5.01 -33.47 13.86
CD2 HIC C 69 6.90 -32.41 13.09
CE1 HIC C 69 5.68 -34.30 13.04
NE2 HIC C 69 6.85 -33.69 12.55
CZ HIC C 69 7.80 -34.26 11.65
N GLY C 70 5.30 -30.04 18.20
CA GLY C 70 4.73 -29.01 19.06
C GLY C 70 3.26 -29.17 19.40
N ILE C 71 2.65 -30.23 18.89
CA ILE C 71 1.23 -30.49 19.07
C ILE C 71 1.07 -31.73 19.93
N ILE C 72 0.31 -31.63 21.00
CA ILE C 72 0.08 -32.75 21.90
C ILE C 72 -0.95 -33.67 21.25
N THR C 73 -0.52 -34.88 20.90
CA THR C 73 -1.44 -35.84 20.30
C THR C 73 -2.22 -36.59 21.37
N ASN C 74 -1.52 -37.34 22.22
CA ASN C 74 -2.16 -38.09 23.28
C ASN C 74 -2.27 -37.24 24.54
N TRP C 75 -3.47 -37.14 25.07
CA TRP C 75 -3.71 -36.25 26.20
C TRP C 75 -3.65 -36.95 27.56
N ASP C 76 -3.87 -38.27 27.60
CA ASP C 76 -3.70 -39.02 28.84
C ASP C 76 -2.21 -39.12 29.21
N ASP C 77 -1.36 -39.30 28.18
CA ASP C 77 0.08 -39.31 28.39
C ASP C 77 0.59 -37.95 28.84
N MET C 78 0.00 -36.88 28.30
CA MET C 78 0.36 -35.52 28.72
C MET C 78 -0.14 -35.22 30.13
N GLU C 79 -1.29 -35.81 30.51
CA GLU C 79 -1.77 -35.70 31.88
C GLU C 79 -0.85 -36.42 32.85
N LYS C 80 -0.31 -37.58 32.45
CA LYS C 80 0.66 -38.28 33.26
C LYS C 80 1.99 -37.54 33.36
N ILE C 81 2.37 -36.85 32.26
CA ILE C 81 3.56 -35.99 32.24
C ILE C 81 3.40 -34.83 33.22
N TRP C 82 2.23 -34.19 33.21
CA TRP C 82 1.97 -33.05 34.09
C TRP C 82 1.84 -33.48 35.55
N HIS C 83 1.25 -34.66 35.79
CA HIS C 83 1.16 -35.20 37.15
C HIS C 83 2.53 -35.60 37.68
N HIS C 84 3.41 -36.11 36.81
CA HIS C 84 4.76 -36.44 37.22
C HIS C 84 5.60 -35.20 37.50
N THR C 85 5.47 -34.16 36.67
CA THR C 85 6.27 -32.96 36.93
C THR C 85 5.67 -32.08 38.02
N PHE C 86 4.42 -32.32 38.44
CA PHE C 86 3.91 -31.58 39.58
C PHE C 86 4.16 -32.31 40.90
N TYR C 87 3.93 -33.62 40.94
CA TYR C 87 3.98 -34.35 42.21
C TYR C 87 5.28 -35.10 42.43
N ASN C 88 5.88 -35.68 41.39
CA ASN C 88 7.10 -36.47 41.61
C ASN C 88 8.36 -35.61 41.52
N GLU C 89 8.44 -34.71 40.54
CA GLU C 89 9.67 -33.95 40.32
C GLU C 89 9.81 -32.81 41.31
N LEU C 90 8.85 -31.88 41.32
CA LEU C 90 8.94 -30.71 42.18
C LEU C 90 8.38 -30.92 43.57
N ARG C 91 7.45 -31.88 43.73
CA ARG C 91 6.82 -32.29 45.00
C ARG C 91 6.11 -31.12 45.70
N VAL C 92 5.31 -30.38 44.92
CA VAL C 92 4.56 -29.25 45.42
C VAL C 92 3.08 -29.47 45.10
N ALA C 93 2.23 -28.66 45.73
CA ALA C 93 0.81 -28.70 45.48
C ALA C 93 0.47 -27.74 44.34
N PRO C 94 -0.16 -28.22 43.25
CA PRO C 94 -0.49 -27.32 42.15
C PRO C 94 -1.72 -26.45 42.40
N GLU C 95 -2.42 -26.62 43.51
CA GLU C 95 -3.63 -25.84 43.81
C GLU C 95 -3.33 -24.55 44.54
N GLU C 96 -2.06 -24.18 44.71
CA GLU C 96 -1.72 -22.93 45.39
C GLU C 96 -0.59 -22.18 44.70
N HIS C 97 -0.34 -22.45 43.42
CA HIS C 97 0.74 -21.80 42.70
C HIS C 97 0.29 -21.54 41.26
N PRO C 98 0.48 -20.33 40.74
CA PRO C 98 0.20 -20.09 39.32
C PRO C 98 1.23 -20.76 38.43
N THR C 99 0.78 -21.16 37.23
CA THR C 99 1.60 -21.97 36.33
C THR C 99 1.63 -21.35 34.95
N LEU C 100 2.77 -20.76 34.59
CA LEU C 100 2.98 -20.28 33.23
C LEU C 100 3.34 -21.45 32.33
N LEU C 101 2.85 -21.41 31.10
CA LEU C 101 3.15 -22.43 30.10
C LEU C 101 3.67 -21.76 28.84
N THR C 102 4.51 -22.49 28.12
CA THR C 102 5.11 -22.01 26.88
C THR C 102 4.43 -22.67 25.68
N GLU C 103 4.63 -22.08 24.51
CA GLU C 103 3.93 -22.54 23.31
C GLU C 103 4.71 -22.14 22.06
N ALA C 104 4.66 -23.01 21.05
CA ALA C 104 5.20 -22.67 19.76
C ALA C 104 4.24 -21.72 19.02
N PRO C 105 4.77 -20.80 18.21
CA PRO C 105 3.90 -19.98 17.36
C PRO C 105 3.30 -20.80 16.23
N LEU C 106 2.15 -20.31 15.75
CA LEU C 106 1.28 -20.93 14.71
C LEU C 106 0.84 -22.34 15.10
N ASN C 107 0.62 -22.55 16.40
CA ASN C 107 0.06 -23.77 16.95
C ASN C 107 -1.43 -23.77 16.64
N PRO C 108 -2.00 -24.94 16.30
CA PRO C 108 -3.47 -25.09 16.32
C PRO C 108 -4.09 -24.75 17.68
N LYS C 109 -5.28 -24.14 17.61
CA LYS C 109 -5.92 -23.52 18.76
C LYS C 109 -6.41 -24.54 19.78
N ALA C 110 -6.78 -25.74 19.32
CA ALA C 110 -7.35 -26.77 20.17
C ALA C 110 -6.36 -27.32 21.19
N ASN C 111 -5.06 -27.25 20.88
CA ASN C 111 -4.03 -27.58 21.85
C ASN C 111 -4.03 -26.59 23.02
N ARG C 112 -4.15 -25.30 22.73
CA ARG C 112 -4.24 -24.28 23.76
C ARG C 112 -5.55 -24.38 24.55
N GLU C 113 -6.64 -24.76 23.85
CA GLU C 113 -7.95 -24.96 24.47
C GLU C 113 -7.94 -26.11 25.47
N LYS C 114 -7.40 -27.27 25.05
CA LYS C 114 -7.36 -28.43 25.92
C LYS C 114 -6.32 -28.29 27.01
N MET C 115 -5.25 -27.53 26.75
CA MET C 115 -4.28 -27.20 27.79
C MET C 115 -4.89 -26.32 28.86
N THR C 116 -5.72 -25.34 28.46
CA THR C 116 -6.44 -24.48 29.39
C THR C 116 -7.47 -25.28 30.20
N GLN C 117 -8.17 -26.20 29.53
CA GLN C 117 -9.19 -27.03 30.17
C GLN C 117 -8.59 -28.00 31.18
N ILE C 118 -7.47 -28.63 30.84
CA ILE C 118 -6.81 -29.56 31.75
C ILE C 118 -6.15 -28.79 32.90
N MET C 119 -5.51 -27.66 32.60
CA MET C 119 -4.84 -26.87 33.62
C MET C 119 -5.81 -26.08 34.50
N PHE C 120 -7.09 -26.00 34.16
CA PHE C 120 -8.06 -25.40 35.06
C PHE C 120 -8.93 -26.43 35.78
N GLU C 121 -9.27 -27.54 35.13
CA GLU C 121 -10.21 -28.49 35.71
C GLU C 121 -9.51 -29.62 36.46
N THR C 122 -8.46 -30.18 35.88
CA THR C 122 -7.81 -31.34 36.50
C THR C 122 -6.86 -30.92 37.61
N PHE C 123 -5.85 -30.12 37.29
CA PHE C 123 -4.95 -29.55 38.28
C PHE C 123 -5.40 -28.10 38.49
N ASN C 124 -6.29 -27.90 39.45
CA ASN C 124 -6.93 -26.60 39.66
C ASN C 124 -6.03 -25.49 40.24
N VAL C 125 -5.25 -24.87 39.35
CA VAL C 125 -4.33 -23.79 39.69
C VAL C 125 -5.13 -22.51 39.95
N PRO C 126 -4.58 -21.53 40.68
CA PRO C 126 -5.28 -20.23 40.77
C PRO C 126 -5.25 -19.44 39.46
N ALA C 127 -4.14 -19.45 38.74
CA ALA C 127 -4.03 -18.66 37.51
C ALA C 127 -3.04 -19.34 36.58
N MET C 128 -3.13 -19.01 35.29
CA MET C 128 -2.22 -19.57 34.29
C MET C 128 -2.06 -18.59 33.16
N TYR C 129 -1.02 -18.80 32.36
CA TYR C 129 -0.74 -17.97 31.20
C TYR C 129 -0.06 -18.82 30.14
N VAL C 130 -0.33 -18.51 28.88
CA VAL C 130 0.31 -19.18 27.76
C VAL C 130 1.21 -18.16 27.07
N ALA C 131 2.52 -18.41 27.12
CA ALA C 131 3.50 -17.49 26.58
C ALA C 131 4.17 -18.10 25.36
N ILE C 132 4.96 -17.27 24.68
CA ILE C 132 5.67 -17.66 23.46
C ILE C 132 7.14 -17.83 23.81
N GLN C 133 7.75 -18.90 23.29
CA GLN C 133 9.12 -19.27 23.64
C GLN C 133 10.15 -18.29 23.08
N ALA C 134 9.85 -17.64 21.96
CA ALA C 134 10.77 -16.67 21.38
C ALA C 134 10.85 -15.39 22.21
N VAL C 135 9.73 -14.98 22.80
CA VAL C 135 9.72 -13.81 23.68
C VAL C 135 10.49 -14.10 24.98
N LEU C 136 10.42 -15.33 25.47
CA LEU C 136 11.21 -15.70 26.64
C LEU C 136 12.70 -15.84 26.32
N SER C 137 13.02 -16.28 25.08
CA SER C 137 14.43 -16.31 24.67
C SER C 137 15.00 -14.90 24.51
N LEU C 138 14.20 -13.98 24.00
CA LEU C 138 14.63 -12.58 23.92
C LEU C 138 14.62 -11.89 25.28
N TYR C 139 13.83 -12.39 26.23
CA TYR C 139 13.93 -11.94 27.61
C TYR C 139 15.24 -12.39 28.26
N ALA C 140 15.62 -13.65 28.02
CA ALA C 140 16.85 -14.17 28.59
C ALA C 140 18.09 -13.59 27.92
N SER C 141 17.97 -13.16 26.65
CA SER C 141 19.07 -12.43 26.02
C SER C 141 19.23 -11.04 26.63
N GLY C 142 18.16 -10.45 27.12
CA GLY C 142 18.20 -9.16 27.77
C GLY C 142 17.98 -7.98 26.84
N ARG C 143 18.18 -8.15 25.55
CA ARG C 143 17.94 -7.09 24.59
C ARG C 143 16.46 -7.01 24.25
N THR C 144 16.05 -5.82 23.80
CA THR C 144 14.65 -5.59 23.48
C THR C 144 14.29 -6.01 22.06
N THR C 145 15.12 -5.62 21.09
CA THR C 145 14.90 -5.97 19.70
C THR C 145 15.79 -7.14 19.29
N GLY C 146 15.46 -7.72 18.15
CA GLY C 146 16.17 -8.86 17.61
C GLY C 146 15.22 -9.88 17.02
N ILE C 147 15.76 -10.77 16.20
CA ILE C 147 15.02 -11.92 15.68
C ILE C 147 15.47 -13.15 16.47
N VAL C 148 14.50 -13.98 16.85
CA VAL C 148 14.76 -15.18 17.62
C VAL C 148 14.55 -16.38 16.70
N LEU C 149 15.61 -17.19 16.56
CA LEU C 149 15.51 -18.51 15.95
C LEU C 149 15.52 -19.52 17.08
N ASP C 150 14.35 -20.08 17.39
CA ASP C 150 14.24 -21.10 18.41
C ASP C 150 13.99 -22.43 17.73
N SER C 151 14.87 -23.39 17.96
CA SER C 151 14.78 -24.72 17.37
C SER C 151 14.83 -25.74 18.50
N GLY C 152 13.66 -26.23 18.92
CA GLY C 152 13.60 -27.20 19.98
C GLY C 152 13.71 -28.63 19.47
N ASP C 153 12.83 -29.50 19.94
CA ASP C 153 12.82 -30.88 19.48
C ASP C 153 11.94 -31.08 18.26
N GLY C 154 10.89 -30.27 18.09
CA GLY C 154 10.04 -30.42 16.93
C GLY C 154 9.84 -29.17 16.08
N VAL C 155 9.99 -27.98 16.68
CA VAL C 155 9.57 -26.73 16.07
C VAL C 155 10.80 -25.85 15.88
N THR C 156 11.03 -25.41 14.64
CA THR C 156 12.10 -24.45 14.34
C THR C 156 11.43 -23.18 13.83
N HIS C 157 11.34 -22.15 14.66
CA HIS C 157 10.61 -20.96 14.28
C HIS C 157 11.44 -19.70 14.47
N ASN C 158 11.21 -18.74 13.56
CA ASN C 158 11.84 -17.44 13.57
C ASN C 158 10.78 -16.38 13.85
N VAL C 159 10.98 -15.61 14.91
CA VAL C 159 10.08 -14.53 15.30
C VAL C 159 10.89 -13.24 15.44
N PRO C 160 10.64 -12.21 14.64
CA PRO C 160 11.32 -10.93 14.86
C PRO C 160 10.52 -9.97 15.73
N ILE C 161 11.22 -9.29 16.64
CA ILE C 161 10.62 -8.33 17.57
C ILE C 161 11.48 -7.08 17.55
N TYR C 162 10.87 -5.93 17.26
CA TYR C 162 11.55 -4.64 17.38
C TYR C 162 10.86 -3.80 18.45
N GLU C 163 11.65 -3.39 19.46
CA GLU C 163 11.25 -2.48 20.56
C GLU C 163 10.05 -3.00 21.36
N GLY C 164 9.98 -4.32 21.52
CA GLY C 164 8.85 -4.92 22.20
C GLY C 164 7.62 -5.10 21.35
N TYR C 165 7.69 -4.83 20.05
CA TYR C 165 6.56 -4.94 19.14
C TYR C 165 6.84 -6.07 18.17
N ALA C 166 6.19 -7.21 18.37
CA ALA C 166 6.36 -8.35 17.49
C ALA C 166 5.63 -8.12 16.17
N LEU C 167 6.22 -8.63 15.10
CA LEU C 167 5.60 -8.54 13.79
C LEU C 167 5.01 -9.89 13.45
N PRO C 168 3.68 -10.05 13.48
CA PRO C 168 3.10 -11.39 13.31
C PRO C 168 3.10 -11.90 11.88
N HIS C 169 3.26 -11.03 10.90
CA HIS C 169 3.28 -11.45 9.50
C HIS C 169 4.62 -12.00 9.06
N ALA C 170 5.68 -11.81 9.86
CA ALA C 170 7.01 -12.28 9.53
C ALA C 170 7.43 -13.50 10.35
N ILE C 171 6.52 -14.10 11.10
CA ILE C 171 6.82 -15.28 11.90
C ILE C 171 6.84 -16.49 10.96
N MET C 172 7.96 -17.20 10.94
CA MET C 172 8.12 -18.34 10.03
C MET C 172 8.39 -19.61 10.81
N ARG C 173 7.60 -20.64 10.57
CA ARG C 173 7.68 -21.90 11.29
C ARG C 173 8.05 -23.03 10.33
N LEU C 174 9.06 -23.80 10.68
CA LEU C 174 9.48 -24.97 9.93
C LEU C 174 9.45 -26.18 10.85
N ASP C 175 8.86 -27.28 10.37
CA ASP C 175 8.74 -28.51 11.16
C ASP C 175 9.92 -29.43 10.85
N LEU C 176 11.09 -28.98 11.33
CA LEU C 176 12.33 -29.71 11.09
C LEU C 176 13.26 -29.39 12.26
N ALA C 177 13.48 -30.36 13.14
CA ALA C 177 14.31 -30.16 14.31
C ALA C 177 14.97 -31.50 14.65
N GLY C 178 15.41 -31.63 15.90
CA GLY C 178 16.35 -32.68 16.32
C GLY C 178 15.81 -34.09 16.28
N ARG C 179 14.49 -34.27 16.36
CA ARG C 179 13.93 -35.61 16.21
C ARG C 179 13.98 -36.07 14.76
N ASP C 180 13.78 -35.15 13.82
CA ASP C 180 13.96 -35.46 12.40
C ASP C 180 15.43 -35.69 12.05
N LEU C 181 16.34 -34.99 12.75
CA LEU C 181 17.76 -35.27 12.57
C LEU C 181 18.15 -36.62 13.14
N THR C 182 17.53 -37.04 14.25
CA THR C 182 17.77 -38.37 14.80
C THR C 182 17.22 -39.46 13.88
N ASP C 183 16.07 -39.21 13.26
CA ASP C 183 15.52 -40.15 12.29
C ASP C 183 16.35 -40.22 11.01
N TYR C 184 16.92 -39.08 10.59
CA TYR C 184 17.82 -39.10 9.44
C TYR C 184 19.15 -39.78 9.76
N LEU C 185 19.62 -39.65 11.00
CA LEU C 185 20.83 -40.36 11.41
C LEU C 185 20.59 -41.86 11.51
N MET C 186 19.40 -42.25 11.95
CA MET C 186 18.98 -43.65 11.90
C MET C 186 18.84 -44.17 10.48
N LYS C 187 18.48 -43.30 9.53
CA LYS C 187 18.45 -43.70 8.13
C LYS C 187 19.86 -43.87 7.56
N ILE C 188 20.78 -42.95 7.87
CA ILE C 188 22.09 -42.98 7.22
C ILE C 188 23.12 -43.82 7.98
N LEU C 189 22.79 -44.34 9.15
CA LEU C 189 23.72 -45.26 9.81
C LEU C 189 23.75 -46.64 9.19
N THR C 190 22.78 -46.99 8.35
CA THR C 190 22.73 -48.31 7.72
C THR C 190 23.67 -48.45 6.54
N GLU C 191 24.28 -47.36 6.07
CA GLU C 191 25.23 -47.45 4.97
C GLU C 191 26.55 -48.06 5.41
N ARG C 192 26.98 -47.81 6.65
CA ARG C 192 28.20 -48.43 7.15
C ARG C 192 27.97 -49.88 7.55
N GLY C 193 26.80 -50.19 8.10
CA GLY C 193 26.50 -51.55 8.50
C GLY C 193 25.68 -51.66 9.76
N TYR C 194 25.55 -50.58 10.51
CA TYR C 194 24.90 -50.61 11.81
C TYR C 194 23.41 -50.30 11.65
N SER C 195 22.58 -51.06 12.37
CA SER C 195 21.14 -50.95 12.24
C SER C 195 20.53 -50.57 13.59
N PHE C 196 19.65 -49.57 13.56
CA PHE C 196 18.92 -49.13 14.75
C PHE C 196 17.47 -48.92 14.33
N VAL C 197 16.60 -49.86 14.70
CA VAL C 197 15.20 -49.81 14.23
C VAL C 197 14.22 -49.55 15.37
N THR C 198 14.56 -49.95 16.60
CA THR C 198 13.59 -49.82 17.68
C THR C 198 13.60 -48.40 18.24
N THR C 199 12.57 -48.11 19.03
CA THR C 199 12.46 -46.82 19.71
C THR C 199 13.42 -46.72 20.90
N ALA C 200 13.85 -47.85 21.46
CA ALA C 200 14.87 -47.82 22.50
C ALA C 200 16.24 -47.53 21.92
N GLU C 201 16.45 -47.85 20.64
CA GLU C 201 17.68 -47.50 19.94
C GLU C 201 17.70 -46.04 19.51
N ARG C 202 16.54 -45.37 19.50
CA ARG C 202 16.47 -43.95 19.16
C ARG C 202 17.13 -43.09 20.22
N GLU C 203 17.13 -43.53 21.48
CA GLU C 203 17.87 -42.83 22.54
C GLU C 203 19.37 -42.95 22.33
N ILE C 204 19.83 -44.10 21.82
CA ILE C 204 21.26 -44.29 21.55
C ILE C 204 21.70 -43.44 20.36
N VAL C 205 20.87 -43.38 19.31
CA VAL C 205 21.17 -42.54 18.15
C VAL C 205 21.07 -41.05 18.51
N ARG C 206 20.18 -40.69 19.44
CA ARG C 206 20.10 -39.32 19.95
C ARG C 206 21.32 -38.97 20.79
N ASP C 207 21.86 -39.93 21.56
CA ASP C 207 23.09 -39.68 22.30
C ASP C 207 24.30 -39.59 21.38
N ILE C 208 24.29 -40.35 20.27
CA ILE C 208 25.34 -40.23 19.24
C ILE C 208 25.29 -38.86 18.57
N LYS C 209 24.09 -38.38 18.27
CA LYS C 209 23.88 -37.05 17.68
C LYS C 209 24.25 -35.93 18.66
N GLU C 210 24.03 -36.16 19.96
CA GLU C 210 24.39 -35.15 20.95
C GLU C 210 25.90 -35.09 21.19
N LYS C 211 26.57 -36.24 21.21
CA LYS C 211 27.96 -36.24 21.65
C LYS C 211 28.94 -36.00 20.50
N LEU C 212 28.66 -36.50 19.31
CA LEU C 212 29.68 -36.54 18.25
C LEU C 212 29.41 -35.63 17.06
N CYS C 213 28.15 -35.28 16.78
CA CYS C 213 27.82 -34.56 15.55
C CYS C 213 28.19 -33.09 15.65
N TYR C 214 28.51 -32.51 14.49
CA TYR C 214 28.98 -31.12 14.41
C TYR C 214 28.61 -30.56 13.05
N VAL C 215 28.48 -29.24 13.00
CA VAL C 215 28.12 -28.54 11.78
C VAL C 215 29.39 -28.10 11.06
N ALA C 216 29.55 -28.53 9.82
CA ALA C 216 30.70 -28.14 9.03
C ALA C 216 30.58 -26.68 8.58
N LEU C 217 31.71 -25.98 8.56
CA LEU C 217 31.74 -24.62 8.04
C LEU C 217 31.62 -24.61 6.52
N ASP C 218 32.26 -25.58 5.87
CA ASP C 218 32.09 -25.79 4.44
C ASP C 218 31.69 -27.24 4.22
N PHE C 219 30.74 -27.46 3.32
CA PHE C 219 30.24 -28.82 3.14
C PHE C 219 31.08 -29.62 2.15
N GLU C 220 31.43 -29.03 1.00
CA GLU C 220 32.17 -29.76 -0.01
C GLU C 220 33.63 -29.98 0.39
N ASN C 221 34.21 -29.03 1.14
CA ASN C 221 35.57 -29.18 1.64
C ASN C 221 35.67 -30.28 2.69
N GLU C 222 34.70 -30.34 3.60
CA GLU C 222 34.69 -31.41 4.60
C GLU C 222 34.31 -32.75 3.98
N MET C 223 33.52 -32.74 2.90
CA MET C 223 33.22 -33.97 2.18
C MET C 223 34.45 -34.51 1.45
N ALA C 224 35.26 -33.62 0.85
CA ALA C 224 36.51 -34.05 0.22
C ALA C 224 37.55 -34.46 1.25
N THR C 225 37.53 -33.84 2.44
CA THR C 225 38.42 -34.25 3.52
C THR C 225 38.05 -35.63 4.06
N ALA C 226 36.74 -35.90 4.20
CA ALA C 226 36.29 -37.21 4.66
C ALA C 226 36.50 -38.29 3.60
N ALA C 227 36.41 -37.93 2.31
CA ALA C 227 36.71 -38.88 1.25
C ALA C 227 38.21 -39.11 1.11
N SER C 228 39.04 -38.14 1.50
CA SER C 228 40.48 -38.28 1.32
C SER C 228 41.10 -39.15 2.41
N SER C 229 41.02 -38.72 3.67
CA SER C 229 41.72 -39.37 4.75
C SER C 229 40.75 -39.69 5.89
N SER C 230 41.18 -40.59 6.76
CA SER C 230 40.40 -40.99 7.93
C SER C 230 40.75 -40.17 9.16
N SER C 231 40.69 -38.85 9.03
CA SER C 231 40.96 -37.95 10.13
C SER C 231 39.71 -37.44 10.83
N LEU C 232 38.55 -37.62 10.21
CA LEU C 232 37.28 -37.16 10.77
C LEU C 232 36.48 -38.27 11.43
N GLU C 233 37.02 -39.49 11.47
CA GLU C 233 36.31 -40.62 12.05
C GLU C 233 36.36 -40.57 13.57
N LYS C 234 35.24 -40.94 14.20
CA LYS C 234 35.18 -41.01 15.65
C LYS C 234 34.45 -42.28 16.04
N SER C 235 34.87 -42.85 17.17
CA SER C 235 34.34 -44.12 17.66
C SER C 235 33.49 -43.92 18.90
N TYR C 236 32.36 -44.62 18.94
CA TYR C 236 31.40 -44.58 20.04
C TYR C 236 31.20 -45.99 20.59
N GLU C 237 30.98 -46.07 21.90
CA GLU C 237 30.80 -47.34 22.59
C GLU C 237 29.31 -47.57 22.82
N LEU C 238 28.79 -48.64 22.22
CA LEU C 238 27.41 -49.06 22.45
C LEU C 238 27.30 -49.68 23.85
N PRO C 239 26.09 -49.65 24.46
CA PRO C 239 25.95 -50.18 25.83
C PRO C 239 26.13 -51.69 25.98
N ASP C 240 26.09 -52.48 24.91
CA ASP C 240 26.42 -53.90 25.05
C ASP C 240 27.91 -54.17 24.92
N GLY C 241 28.72 -53.16 24.61
CA GLY C 241 30.15 -53.31 24.47
C GLY C 241 30.68 -53.19 23.06
N GLN C 242 29.81 -53.10 22.06
CA GLN C 242 30.26 -52.92 20.69
C GLN C 242 30.76 -51.50 20.47
N VAL C 243 31.75 -51.36 19.60
CA VAL C 243 32.32 -50.07 19.24
C VAL C 243 32.03 -49.81 17.77
N ILE C 244 31.39 -48.68 17.49
CA ILE C 244 31.16 -48.26 16.12
C ILE C 244 32.04 -47.06 15.82
N THR C 245 32.24 -46.81 14.53
CA THR C 245 33.04 -45.67 14.09
C THR C 245 32.34 -45.01 12.92
N ILE C 246 32.13 -43.70 13.01
CA ILE C 246 31.43 -42.95 11.98
C ILE C 246 32.35 -41.89 11.41
N GLY C 247 32.11 -41.56 10.14
CA GLY C 247 32.93 -40.63 9.39
C GLY C 247 32.21 -39.35 9.02
N ASN C 248 31.71 -39.28 7.78
CA ASN C 248 31.06 -38.07 7.26
C ASN C 248 29.69 -37.82 7.87
N GLU C 249 29.09 -38.83 8.52
CA GLU C 249 27.78 -38.72 9.16
C GLU C 249 27.78 -37.82 10.40
N ARG C 250 28.95 -37.43 10.91
CA ARG C 250 29.02 -36.35 11.89
C ARG C 250 28.55 -35.03 11.32
N PHE C 251 28.78 -34.75 10.04
CA PHE C 251 28.30 -33.50 9.47
C PHE C 251 27.20 -33.67 8.43
N ARG C 252 26.92 -34.89 7.98
CA ARG C 252 25.79 -35.08 7.07
C ARG C 252 24.47 -35.03 7.83
N CYS C 253 24.47 -35.36 9.12
CA CYS C 253 23.25 -35.28 9.92
C CYS C 253 22.75 -33.86 10.17
N PRO C 254 23.60 -32.82 10.58
CA PRO C 254 23.01 -31.49 10.70
C PRO C 254 23.09 -30.66 9.41
N GLU C 255 23.37 -31.30 8.28
CA GLU C 255 23.26 -30.66 6.98
C GLU C 255 21.82 -30.59 6.49
N THR C 256 20.91 -31.31 7.14
CA THR C 256 19.49 -31.27 6.81
C THR C 256 18.88 -29.91 7.17
N LEU C 257 19.43 -29.24 8.20
CA LEU C 257 18.94 -27.92 8.60
C LEU C 257 19.25 -26.85 7.57
N PHE C 258 20.36 -27.00 6.84
CA PHE C 258 20.69 -26.06 5.78
C PHE C 258 20.25 -26.53 4.39
N GLN C 259 20.02 -27.83 4.22
CA GLN C 259 19.49 -28.38 2.97
C GLN C 259 18.40 -29.38 3.34
N PRO C 260 17.14 -28.95 3.37
CA PRO C 260 16.04 -29.87 3.71
C PRO C 260 15.60 -30.78 2.58
N SER C 261 16.24 -30.74 1.41
CA SER C 261 15.96 -31.66 0.32
C SER C 261 16.61 -33.02 0.52
N PHE C 262 17.43 -33.19 1.57
CA PHE C 262 17.96 -34.51 1.92
C PHE C 262 16.85 -35.45 2.38
N ILE C 263 15.90 -34.95 3.17
CA ILE C 263 14.79 -35.76 3.65
C ILE C 263 13.54 -35.54 2.81
N GLY C 264 13.69 -34.99 1.60
CA GLY C 264 12.57 -34.77 0.71
C GLY C 264 11.58 -33.70 1.13
N MET C 265 12.07 -32.59 1.66
CA MET C 265 11.22 -31.45 2.00
C MET C 265 11.54 -30.30 1.05
N GLU C 266 10.50 -29.67 0.52
CA GLU C 266 10.65 -28.66 -0.50
C GLU C 266 11.10 -27.31 0.04
N SER C 267 11.00 -27.10 1.35
CA SER C 267 11.34 -25.81 1.94
C SER C 267 12.83 -25.58 1.98
N ALA C 268 13.22 -24.31 2.09
CA ALA C 268 14.62 -23.93 2.13
C ALA C 268 15.18 -24.09 3.55
N GLY C 269 16.46 -23.77 3.71
CA GLY C 269 17.14 -23.96 4.97
C GLY C 269 16.81 -22.88 5.98
N ILE C 270 17.50 -22.96 7.12
CA ILE C 270 17.24 -22.03 8.22
C ILE C 270 17.82 -20.64 7.93
N HIS C 271 18.88 -20.57 7.14
CA HIS C 271 19.47 -19.27 6.80
C HIS C 271 18.59 -18.49 5.83
N GLU C 272 17.99 -19.17 4.85
CA GLU C 272 17.07 -18.50 3.94
C GLU C 272 15.75 -18.19 4.61
N THR C 273 15.36 -19.00 5.61
CA THR C 273 14.19 -18.69 6.44
C THR C 273 14.42 -17.45 7.27
N THR C 274 15.63 -17.30 7.83
CA THR C 274 15.98 -16.09 8.60
C THR C 274 16.07 -14.86 7.70
N TYR C 275 16.61 -15.03 6.48
CA TYR C 275 16.71 -13.93 5.53
C TYR C 275 15.36 -13.49 5.00
N ASN C 276 14.45 -14.45 4.74
CA ASN C 276 13.10 -14.09 4.32
C ASN C 276 12.26 -13.56 5.48
N SER C 277 12.59 -13.93 6.72
CA SER C 277 11.86 -13.38 7.86
C SER C 277 12.27 -11.94 8.13
N ILE C 278 13.56 -11.64 7.97
CA ILE C 278 14.00 -10.24 8.10
C ILE C 278 13.53 -9.41 6.90
N MET C 279 13.57 -9.98 5.70
CA MET C 279 13.17 -9.26 4.49
C MET C 279 11.66 -9.05 4.38
N LYS C 280 10.86 -9.77 5.15
CA LYS C 280 9.42 -9.50 5.18
C LYS C 280 9.07 -8.35 6.12
N CYS C 281 10.02 -7.89 6.94
CA CYS C 281 9.77 -6.77 7.84
C CYS C 281 9.93 -5.45 7.12
N ASP C 282 9.75 -4.36 7.85
CA ASP C 282 9.93 -3.03 7.29
C ASP C 282 11.41 -2.70 7.16
N ILE C 283 11.70 -1.70 6.32
CA ILE C 283 13.07 -1.44 5.90
C ILE C 283 13.88 -0.70 6.97
N ASP C 284 13.22 -0.01 7.89
CA ASP C 284 13.94 0.83 8.84
C ASP C 284 14.45 0.08 10.07
N ILE C 285 14.06 -1.17 10.27
CA ILE C 285 14.42 -1.91 11.47
C ILE C 285 15.38 -3.06 11.17
N ARG C 286 15.68 -3.30 9.89
CA ARG C 286 16.48 -4.45 9.46
C ARG C 286 17.94 -4.37 9.92
N LYS C 287 18.45 -3.14 10.10
CA LYS C 287 19.77 -2.94 10.70
C LYS C 287 19.82 -3.44 12.14
N ASP C 288 18.72 -3.31 12.86
CA ASP C 288 18.65 -3.91 14.19
C ASP C 288 18.37 -5.40 14.15
N LEU C 289 17.94 -5.94 13.00
CA LEU C 289 17.66 -7.37 12.94
C LEU C 289 18.85 -8.17 12.42
N TYR C 290 19.74 -7.53 11.65
CA TYR C 290 20.96 -8.19 11.20
C TYR C 290 21.95 -8.41 12.33
N ALA C 291 22.01 -7.49 13.28
CA ALA C 291 23.03 -7.50 14.32
C ALA C 291 22.57 -8.13 15.62
N ASN C 292 21.36 -8.70 15.67
CA ASN C 292 20.83 -9.27 16.90
C ASN C 292 20.15 -10.62 16.64
N ASN C 293 20.84 -11.50 15.92
CA ASN C 293 20.38 -12.87 15.70
C ASN C 293 20.53 -13.65 17.00
N VAL C 294 19.44 -13.80 17.75
CA VAL C 294 19.45 -14.53 19.00
C VAL C 294 19.02 -15.97 18.74
N MET C 295 19.88 -16.92 19.09
CA MET C 295 19.62 -18.34 18.89
C MET C 295 19.39 -19.00 20.25
N SER C 296 18.50 -19.99 20.26
CA SER C 296 18.21 -20.74 21.48
C SER C 296 17.83 -22.16 21.08
N GLY C 297 17.29 -22.91 22.04
CA GLY C 297 16.91 -24.28 21.80
C GLY C 297 18.08 -25.23 21.97
N GLY C 298 17.79 -26.50 21.76
CA GLY C 298 18.81 -27.53 21.88
C GLY C 298 19.41 -27.96 20.56
N THR C 299 18.70 -27.67 19.46
CA THR C 299 19.18 -28.05 18.13
C THR C 299 20.34 -27.15 17.70
N THR C 300 20.37 -25.91 18.19
CA THR C 300 21.45 -24.97 17.89
C THR C 300 22.61 -25.06 18.89
N MET C 301 22.79 -26.21 19.53
CA MET C 301 23.90 -26.44 20.43
C MET C 301 25.05 -27.22 19.78
N TYR C 302 25.00 -27.40 18.46
CA TYR C 302 26.14 -27.95 17.75
C TYR C 302 27.27 -26.91 17.73
N PRO C 303 28.53 -27.32 17.98
CA PRO C 303 29.61 -26.33 18.03
C PRO C 303 30.25 -26.01 16.68
N GLY C 304 29.45 -25.87 15.63
CA GLY C 304 29.95 -25.39 14.36
C GLY C 304 28.92 -24.57 13.61
N ILE C 305 27.80 -24.27 14.25
CA ILE C 305 26.65 -23.72 13.54
C ILE C 305 26.61 -22.20 13.53
N ALA C 306 27.30 -21.53 14.46
CA ALA C 306 27.26 -20.07 14.55
C ALA C 306 28.07 -19.43 13.44
N ASP C 307 29.24 -19.99 13.13
CA ASP C 307 30.06 -19.48 12.04
C ASP C 307 29.46 -19.78 10.68
N ARG C 308 28.79 -20.94 10.55
CA ARG C 308 28.09 -21.28 9.31
C ARG C 308 26.88 -20.37 9.08
N MET C 309 26.14 -20.07 10.15
CA MET C 309 25.00 -19.15 10.07
C MET C 309 25.44 -17.72 9.77
N GLN C 310 26.55 -17.28 10.39
CA GLN C 310 27.11 -15.95 10.13
C GLN C 310 27.62 -15.83 8.70
N LYS C 311 28.26 -16.89 8.19
CA LYS C 311 28.75 -16.91 6.80
C LYS C 311 27.60 -16.90 5.80
N GLU C 312 26.52 -17.63 6.08
CA GLU C 312 25.40 -17.68 5.13
C GLU C 312 24.58 -16.39 5.13
N ILE C 313 24.40 -15.77 6.30
CA ILE C 313 23.68 -14.50 6.35
C ILE C 313 24.53 -13.37 5.78
N THR C 314 25.86 -13.39 5.99
CA THR C 314 26.75 -12.41 5.39
C THR C 314 26.86 -12.59 3.88
N ALA C 315 26.71 -13.83 3.39
CA ALA C 315 26.66 -14.06 1.95
C ALA C 315 25.32 -13.59 1.37
N LEU C 316 24.24 -13.73 2.13
CA LEU C 316 22.93 -13.35 1.59
C LEU C 316 22.69 -11.84 1.63
N ALA C 317 23.06 -11.19 2.73
CA ALA C 317 22.83 -9.76 2.90
C ALA C 317 23.81 -8.94 2.06
N PRO C 318 23.48 -7.66 1.79
CA PRO C 318 24.50 -6.76 1.26
C PRO C 318 25.62 -6.51 2.26
N SER C 319 26.81 -6.21 1.73
CA SER C 319 28.05 -6.29 2.48
C SER C 319 28.26 -5.17 3.49
N THR C 320 27.46 -4.11 3.44
CA THR C 320 27.65 -2.99 4.35
C THR C 320 27.03 -3.22 5.73
N MET C 321 26.29 -4.32 5.90
CA MET C 321 25.59 -4.61 7.14
C MET C 321 26.42 -5.50 8.05
N LYS C 322 26.41 -5.18 9.34
CA LYS C 322 27.14 -5.95 10.34
C LYS C 322 26.31 -7.16 10.74
N ILE C 323 26.81 -8.36 10.43
CA ILE C 323 26.12 -9.61 10.77
C ILE C 323 26.67 -10.12 12.09
N LYS C 324 25.80 -10.30 13.07
CA LYS C 324 26.19 -10.79 14.38
C LYS C 324 25.23 -11.88 14.82
N ILE C 325 25.78 -12.98 15.32
CA ILE C 325 24.99 -14.10 15.84
C ILE C 325 25.19 -14.14 17.35
N ILE C 326 24.11 -13.94 18.10
CA ILE C 326 24.16 -13.97 19.55
C ILE C 326 23.88 -15.41 19.98
N ALA C 327 24.94 -16.13 20.36
CA ALA C 327 24.82 -17.52 20.81
C ALA C 327 25.30 -17.58 22.26
N PRO C 328 24.39 -17.50 23.24
CA PRO C 328 24.80 -17.62 24.63
C PRO C 328 25.14 -19.05 24.98
N PRO C 329 25.99 -19.28 25.98
CA PRO C 329 26.33 -20.66 26.35
C PRO C 329 25.22 -21.41 27.08
N GLU C 330 24.22 -20.71 27.60
CA GLU C 330 23.09 -21.32 28.29
C GLU C 330 21.84 -21.32 27.43
N ARG C 331 21.99 -21.54 26.12
CA ARG C 331 20.87 -21.46 25.18
C ARG C 331 20.02 -22.73 25.17
N LYS C 332 20.41 -23.77 25.91
CA LYS C 332 19.53 -24.94 26.05
C LYS C 332 18.33 -24.64 26.94
N TYR C 333 18.52 -23.82 27.98
CA TYR C 333 17.47 -23.54 28.94
C TYR C 333 17.13 -22.05 29.01
N SER C 334 17.23 -21.35 27.89
CA SER C 334 16.97 -19.91 27.89
C SER C 334 15.49 -19.58 27.98
N VAL C 335 14.63 -20.50 27.52
CA VAL C 335 13.18 -20.28 27.56
C VAL C 335 12.67 -20.30 29.00
N TRP C 336 13.20 -21.23 29.81
CA TRP C 336 12.86 -21.27 31.23
C TRP C 336 13.43 -20.08 31.99
N ILE C 337 14.63 -19.61 31.59
CA ILE C 337 15.25 -18.46 32.24
C ILE C 337 14.45 -17.19 31.96
N GLY C 338 13.98 -17.03 30.72
CA GLY C 338 13.09 -15.92 30.42
C GLY C 338 11.70 -16.05 31.02
N GLY C 339 11.24 -17.29 31.24
CA GLY C 339 10.01 -17.49 31.99
C GLY C 339 10.15 -17.12 33.46
N SER C 340 11.32 -17.39 34.05
CA SER C 340 11.57 -16.96 35.42
C SER C 340 11.79 -15.46 35.50
N ILE C 341 12.26 -14.84 34.41
CA ILE C 341 12.35 -13.39 34.32
C ILE C 341 10.95 -12.78 34.28
N LEU C 342 10.07 -13.34 33.45
CA LEU C 342 8.73 -12.79 33.25
C LEU C 342 7.82 -13.03 34.45
N ALA C 343 7.97 -14.18 35.12
CA ALA C 343 7.12 -14.51 36.26
C ALA C 343 7.49 -13.71 37.50
N SER C 344 8.71 -13.21 37.60
CA SER C 344 9.13 -12.40 38.73
C SER C 344 8.84 -10.92 38.54
N LEU C 345 8.33 -10.53 37.38
CA LEU C 345 8.04 -9.12 37.12
C LEU C 345 6.78 -8.69 37.85
N SER C 346 6.81 -7.47 38.40
CA SER C 346 5.66 -6.94 39.11
C SER C 346 4.58 -6.40 38.18
N THR C 347 4.91 -6.18 36.90
CA THR C 347 3.94 -5.73 35.92
C THR C 347 3.21 -6.88 35.24
N PHE C 348 3.57 -8.12 35.55
CA PHE C 348 2.90 -9.29 35.00
C PHE C 348 1.76 -9.78 35.90
N GLN C 349 1.53 -9.12 37.04
CA GLN C 349 0.51 -9.57 37.98
C GLN C 349 -0.90 -9.24 37.51
N GLN C 350 -1.06 -8.29 36.58
CA GLN C 350 -2.37 -7.99 36.01
C GLN C 350 -2.66 -8.77 34.74
N MET C 351 -1.70 -9.54 34.23
CA MET C 351 -1.86 -10.23 32.96
C MET C 351 -2.16 -11.72 33.12
N TRP C 352 -2.47 -12.17 34.33
CA TRP C 352 -2.84 -13.56 34.54
C TRP C 352 -4.24 -13.83 34.03
N ILE C 353 -4.52 -15.10 33.74
CA ILE C 353 -5.87 -15.57 33.46
C ILE C 353 -6.35 -16.27 34.72
N THR C 354 -7.27 -15.62 35.44
CA THR C 354 -7.66 -16.10 36.76
C THR C 354 -8.69 -17.22 36.64
N LYS C 355 -9.07 -17.78 37.79
CA LYS C 355 -10.11 -18.81 37.85
C LYS C 355 -11.48 -18.22 37.56
N GLN C 356 -11.71 -16.97 38.00
CA GLN C 356 -13.00 -16.33 37.83
C GLN C 356 -13.27 -15.93 36.38
N GLU C 357 -12.23 -15.51 35.64
CA GLU C 357 -12.40 -15.23 34.22
C GLU C 357 -12.61 -16.49 33.41
N TYR C 358 -12.00 -17.60 33.84
CA TYR C 358 -12.26 -18.91 33.24
C TYR C 358 -13.69 -19.36 33.47
N ASP C 359 -14.20 -19.18 34.69
CA ASP C 359 -15.59 -19.53 34.98
C ASP C 359 -16.58 -18.59 34.33
N GLU C 360 -16.16 -17.35 34.06
CA GLU C 360 -17.01 -16.41 33.34
C GLU C 360 -17.10 -16.72 31.86
N ALA C 361 -15.98 -17.07 31.21
CA ALA C 361 -15.95 -17.11 29.76
C ALA C 361 -15.56 -18.47 29.17
N GLY C 362 -15.55 -19.55 29.96
CA GLY C 362 -15.15 -20.84 29.44
C GLY C 362 -13.65 -20.92 29.27
N PRO C 363 -13.17 -21.99 28.60
CA PRO C 363 -11.76 -22.01 28.18
C PRO C 363 -11.52 -21.39 26.81
N SER C 364 -12.11 -20.21 26.55
CA SER C 364 -11.94 -19.52 25.28
C SER C 364 -11.49 -18.08 25.46
N ILE C 365 -11.20 -17.67 26.71
CA ILE C 365 -10.61 -16.36 26.97
C ILE C 365 -9.11 -16.35 26.73
N VAL C 366 -8.50 -17.53 26.54
CA VAL C 366 -7.07 -17.65 26.35
C VAL C 366 -6.62 -17.14 24.97
N HIS C 367 -7.52 -17.10 23.98
CA HIS C 367 -7.18 -16.44 22.72
C HIS C 367 -7.25 -14.93 22.85
N ARG C 368 -8.15 -14.42 23.68
CA ARG C 368 -8.39 -12.99 23.82
C ARG C 368 -7.51 -12.34 24.89
N LYS C 369 -6.66 -13.10 25.56
CA LYS C 369 -5.75 -12.55 26.54
C LYS C 369 -4.29 -12.76 26.18
N CYS C 370 -3.91 -13.97 25.75
CA CYS C 370 -2.56 -14.25 25.30
C CYS C 370 -2.44 -14.00 23.80
N PHE C 371 -1.20 -13.91 23.34
CA PHE C 371 -0.93 -13.72 21.92
C PHE C 371 -0.92 -15.08 21.22
N THR D 1 -4.80 -11.17 -42.23
CA THR D 1 -4.36 -12.01 -41.12
C THR D 1 -4.95 -11.52 -39.81
N THR D 2 -5.51 -12.45 -39.04
CA THR D 2 -6.09 -12.11 -37.74
C THR D 2 -5.00 -11.87 -36.71
N ALA D 3 -5.24 -10.93 -35.82
CA ALA D 3 -4.31 -10.60 -34.75
C ALA D 3 -4.44 -11.61 -33.62
N LEU D 4 -3.51 -11.51 -32.66
CA LEU D 4 -3.50 -12.37 -31.49
C LEU D 4 -3.61 -11.52 -30.24
N VAL D 5 -4.46 -11.93 -29.31
CA VAL D 5 -4.58 -11.28 -28.02
C VAL D 5 -4.04 -12.24 -26.97
N CYS D 6 -3.04 -11.79 -26.23
CA CYS D 6 -2.33 -12.62 -25.26
C CYS D 6 -2.16 -11.83 -23.96
N ASP D 7 -3.13 -11.97 -23.06
CA ASP D 7 -3.03 -11.39 -21.72
C ASP D 7 -2.11 -12.29 -20.90
N ASN D 8 -0.90 -11.81 -20.64
CA ASN D 8 0.06 -12.49 -19.76
C ASN D 8 -0.12 -11.93 -18.36
N GLY D 9 -1.13 -12.46 -17.67
CA GLY D 9 -1.38 -12.06 -16.32
C GLY D 9 -0.42 -12.69 -15.34
N SER D 10 -0.50 -12.24 -14.08
CA SER D 10 0.38 -12.74 -13.02
C SER D 10 0.04 -14.19 -12.65
N GLY D 11 -1.25 -14.52 -12.61
CA GLY D 11 -1.68 -15.87 -12.37
C GLY D 11 -1.97 -16.69 -13.61
N LEU D 12 -2.82 -16.20 -14.51
CA LEU D 12 -3.31 -17.02 -15.62
C LEU D 12 -3.04 -16.36 -16.96
N VAL D 13 -2.42 -17.12 -17.87
CA VAL D 13 -2.22 -16.67 -19.24
C VAL D 13 -3.47 -16.97 -20.05
N LYS D 14 -4.01 -15.96 -20.72
CA LYS D 14 -5.20 -16.08 -21.55
C LYS D 14 -4.87 -15.60 -22.96
N ALA D 15 -4.83 -16.51 -23.92
CA ALA D 15 -4.42 -16.18 -25.27
C ALA D 15 -5.41 -16.73 -26.28
N GLY D 16 -5.46 -16.07 -27.44
CA GLY D 16 -6.30 -16.55 -28.51
C GLY D 16 -6.32 -15.57 -29.66
N PHE D 17 -7.19 -15.85 -30.63
CA PHE D 17 -7.32 -15.01 -31.80
C PHE D 17 -8.10 -13.75 -31.47
N ALA D 18 -7.88 -12.71 -32.28
CA ALA D 18 -8.60 -11.46 -32.12
C ALA D 18 -10.01 -11.56 -32.70
N GLY D 19 -10.97 -10.94 -32.01
CA GLY D 19 -12.35 -10.95 -32.45
C GLY D 19 -13.19 -12.07 -31.89
N ASP D 20 -12.59 -13.05 -31.22
CA ASP D 20 -13.36 -14.13 -30.62
C ASP D 20 -14.03 -13.66 -29.33
N ASP D 21 -15.16 -14.29 -29.01
CA ASP D 21 -15.90 -13.93 -27.81
C ASP D 21 -15.23 -14.47 -26.55
N ALA D 22 -14.61 -15.65 -26.65
CA ALA D 22 -13.99 -16.32 -25.53
C ALA D 22 -12.51 -16.54 -25.80
N PRO D 23 -11.66 -16.49 -24.76
CA PRO D 23 -10.23 -16.80 -24.97
C PRO D 23 -10.03 -18.28 -25.25
N ARG D 24 -9.20 -18.57 -26.25
CA ARG D 24 -9.07 -19.92 -26.75
C ARG D 24 -8.25 -20.80 -25.82
N ALA D 25 -7.19 -20.26 -25.23
CA ALA D 25 -6.30 -21.03 -24.36
C ALA D 25 -6.13 -20.27 -23.05
N VAL D 26 -6.70 -20.81 -21.98
CA VAL D 26 -6.54 -20.28 -20.63
C VAL D 26 -5.79 -21.32 -19.82
N PHE D 27 -4.62 -20.94 -19.31
CA PHE D 27 -3.84 -21.89 -18.52
C PHE D 27 -3.02 -21.11 -17.50
N PRO D 28 -2.78 -21.68 -16.31
CA PRO D 28 -1.97 -20.98 -15.30
C PRO D 28 -0.50 -20.89 -15.70
N SER D 29 0.15 -19.84 -15.20
CA SER D 29 1.53 -19.53 -15.56
C SER D 29 2.45 -20.08 -14.46
N ILE D 30 2.75 -21.38 -14.57
CA ILE D 30 3.69 -22.04 -13.68
C ILE D 30 4.66 -22.85 -14.53
N VAL D 31 5.90 -22.94 -14.05
CA VAL D 31 6.91 -23.79 -14.65
C VAL D 31 7.33 -24.81 -13.60
N GLY D 32 7.17 -26.09 -13.92
CA GLY D 32 7.46 -27.16 -12.98
C GLY D 32 8.78 -27.82 -13.29
N ARG D 33 9.55 -28.12 -12.24
CA ARG D 33 10.80 -28.82 -12.39
C ARG D 33 10.85 -30.00 -11.42
N PRO D 34 11.40 -31.15 -11.83
CA PRO D 34 11.37 -32.33 -10.96
C PRO D 34 12.40 -32.24 -9.85
N ARG D 35 11.92 -32.35 -8.61
CA ARG D 35 12.77 -32.29 -7.44
C ARG D 35 13.18 -33.67 -6.93
N HIS D 36 12.75 -34.73 -7.60
CA HIS D 36 13.04 -36.09 -7.17
C HIS D 36 13.94 -36.78 -8.18
N GLN D 37 14.60 -37.85 -7.73
CA GLN D 37 15.58 -38.55 -8.54
C GLN D 37 14.88 -39.47 -9.52
N GLY D 38 15.17 -39.29 -10.81
CA GLY D 38 14.61 -40.15 -11.83
C GLY D 38 15.29 -41.50 -11.86
N VAL D 39 14.51 -42.57 -11.74
CA VAL D 39 15.06 -43.92 -11.67
C VAL D 39 14.71 -44.77 -12.88
N MET D 40 13.74 -44.37 -13.69
CA MET D 40 13.29 -45.16 -14.83
C MET D 40 13.85 -44.57 -16.12
N VAL D 41 14.55 -45.40 -16.89
CA VAL D 41 15.20 -44.94 -18.11
C VAL D 41 14.16 -44.86 -19.23
N GLY D 42 14.38 -43.96 -20.18
CA GLY D 42 13.45 -43.77 -21.28
C GLY D 42 12.26 -42.92 -20.90
N MET D 43 11.07 -43.32 -21.36
CA MET D 43 9.71 -42.88 -21.01
C MET D 43 9.44 -41.38 -21.25
N GLY D 44 10.32 -40.66 -21.94
CA GLY D 44 10.12 -39.25 -22.21
C GLY D 44 10.17 -38.34 -20.98
N GLN D 45 11.14 -38.56 -20.10
CA GLN D 45 11.27 -37.78 -18.87
C GLN D 45 11.80 -36.39 -19.21
N LYS D 46 10.88 -35.43 -19.38
CA LYS D 46 11.27 -34.06 -19.61
C LYS D 46 11.71 -33.41 -18.30
N ASP D 47 12.56 -32.39 -18.43
CA ASP D 47 13.07 -31.66 -17.28
C ASP D 47 12.24 -30.42 -16.95
N SER D 48 11.21 -30.13 -17.74
CA SER D 48 10.36 -28.96 -17.48
C SER D 48 8.97 -29.22 -18.05
N TYR D 49 7.95 -28.94 -17.26
CA TYR D 49 6.56 -29.04 -17.68
C TYR D 49 5.89 -27.69 -17.48
N VAL D 50 5.03 -27.32 -18.44
CA VAL D 50 4.49 -25.97 -18.54
C VAL D 50 2.97 -26.05 -18.46
N GLY D 51 2.40 -25.34 -17.48
CA GLY D 51 0.97 -25.08 -17.46
C GLY D 51 0.09 -26.24 -17.02
N ASP D 52 -0.66 -26.81 -17.97
CA ASP D 52 -1.61 -27.88 -17.63
C ASP D 52 -0.89 -29.18 -17.33
N GLU D 53 0.22 -29.44 -18.04
CA GLU D 53 1.03 -30.62 -17.76
C GLU D 53 1.77 -30.48 -16.43
N ALA D 54 2.12 -29.25 -16.05
CA ALA D 54 2.67 -29.03 -14.72
C ALA D 54 1.60 -29.10 -13.64
N GLN D 55 0.35 -28.79 -14.00
CA GLN D 55 -0.74 -28.89 -13.03
C GLN D 55 -1.15 -30.32 -12.78
N SER D 56 -1.12 -31.17 -13.82
CA SER D 56 -1.53 -32.56 -13.67
C SER D 56 -0.47 -33.38 -12.95
N LYS D 57 0.81 -33.10 -13.21
CA LYS D 57 1.92 -33.83 -12.61
C LYS D 57 2.52 -33.09 -11.42
N ARG D 58 1.70 -32.34 -10.67
CA ARG D 58 2.22 -31.40 -9.69
C ARG D 58 2.68 -32.05 -8.38
N GLY D 59 2.47 -33.35 -8.21
CA GLY D 59 2.91 -34.01 -6.99
C GLY D 59 4.40 -34.24 -6.90
N ILE D 60 5.11 -34.23 -8.03
CA ILE D 60 6.54 -34.47 -8.05
C ILE D 60 7.30 -33.28 -8.66
N LEU D 61 6.72 -32.10 -8.62
CA LEU D 61 7.35 -30.93 -9.21
C LEU D 61 7.44 -29.79 -8.20
N THR D 62 8.43 -28.94 -8.38
CA THR D 62 8.47 -27.61 -7.78
C THR D 62 7.97 -26.63 -8.83
N LEU D 63 6.92 -25.89 -8.49
CA LEU D 63 6.28 -24.96 -9.41
C LEU D 63 6.76 -23.54 -9.12
N LYS D 64 7.19 -22.84 -10.17
CA LYS D 64 7.68 -21.48 -10.05
C LYS D 64 6.80 -20.57 -10.91
N TYR D 65 6.36 -19.47 -10.30
CA TYR D 65 5.66 -18.42 -11.03
C TYR D 65 6.67 -17.45 -11.62
N PRO D 66 6.68 -17.24 -12.95
CA PRO D 66 7.63 -16.29 -13.52
C PRO D 66 7.30 -14.84 -13.25
N ILE D 67 6.06 -14.52 -12.87
CA ILE D 67 5.61 -13.16 -12.68
C ILE D 67 5.21 -12.99 -11.22
N GLU D 68 5.81 -12.01 -10.54
CA GLU D 68 5.39 -11.64 -9.20
C GLU D 68 5.06 -10.17 -9.12
N HIC D 69 3.81 -9.87 -8.73
CA HIC D 69 3.23 -8.54 -8.61
C HIC D 69 3.26 -7.73 -9.91
O HIC D 69 3.44 -6.52 -9.95
CB HIC D 69 3.86 -7.63 -7.54
CG HIC D 69 4.05 -8.28 -6.23
ND1 HIC D 69 5.23 -8.88 -5.80
CD2 HIC D 69 3.06 -8.40 -5.24
CE1 HIC D 69 4.97 -9.35 -4.57
NE2 HIC D 69 3.66 -9.09 -4.17
CZ HIC D 69 3.04 -9.44 -2.94
N GLY D 70 3.09 -8.44 -11.01
CA GLY D 70 3.10 -7.83 -12.32
C GLY D 70 4.48 -7.64 -12.94
N ILE D 71 5.52 -8.04 -12.20
CA ILE D 71 6.90 -7.90 -12.63
C ILE D 71 7.44 -9.28 -12.99
N ILE D 72 7.98 -9.41 -14.18
CA ILE D 72 8.54 -10.68 -14.63
C ILE D 72 9.94 -10.82 -14.04
N THR D 73 10.14 -11.84 -13.20
CA THR D 73 11.43 -12.05 -12.56
C THR D 73 12.34 -12.94 -13.41
N ASN D 74 11.88 -14.14 -13.72
CA ASN D 74 12.62 -15.06 -14.57
C ASN D 74 12.17 -14.87 -16.01
N TRP D 75 13.13 -14.59 -16.89
CA TRP D 75 12.79 -14.33 -18.29
C TRP D 75 12.82 -15.59 -19.14
N ASP D 76 13.63 -16.58 -18.77
CA ASP D 76 13.68 -17.84 -19.51
C ASP D 76 12.38 -18.64 -19.32
N ASP D 77 11.81 -18.57 -18.11
CA ASP D 77 10.51 -19.18 -17.84
C ASP D 77 9.41 -18.46 -18.62
N MET D 78 9.54 -17.14 -18.79
CA MET D 78 8.56 -16.39 -19.57
C MET D 78 8.69 -16.69 -21.07
N GLU D 79 9.91 -16.96 -21.56
CA GLU D 79 10.06 -17.42 -22.93
C GLU D 79 9.50 -18.83 -23.13
N LYS D 80 9.63 -19.69 -22.11
CA LYS D 80 9.02 -21.02 -22.19
C LYS D 80 7.49 -20.95 -22.18
N ILE D 81 6.93 -20.01 -21.39
CA ILE D 81 5.50 -19.74 -21.36
C ILE D 81 5.01 -19.24 -22.72
N TRP D 82 5.78 -18.33 -23.33
CA TRP D 82 5.40 -17.76 -24.63
C TRP D 82 5.53 -18.78 -25.76
N HIS D 83 6.55 -19.64 -25.70
CA HIS D 83 6.70 -20.69 -26.71
C HIS D 83 5.63 -21.76 -26.58
N HIS D 84 5.23 -22.07 -25.34
CA HIS D 84 4.13 -23.02 -25.13
C HIS D 84 2.79 -22.46 -25.57
N THR D 85 2.55 -21.17 -25.32
CA THR D 85 1.28 -20.60 -25.74
C THR D 85 1.26 -20.20 -27.21
N PHE D 86 2.40 -20.18 -27.89
CA PHE D 86 2.38 -19.96 -29.32
C PHE D 86 2.35 -21.25 -30.12
N TYR D 87 3.13 -22.27 -29.71
CA TYR D 87 3.26 -23.46 -30.53
C TYR D 87 2.40 -24.63 -30.06
N ASN D 88 2.18 -24.79 -28.75
CA ASN D 88 1.43 -25.93 -28.26
C ASN D 88 -0.04 -25.62 -28.05
N GLU D 89 -0.35 -24.46 -27.47
CA GLU D 89 -1.74 -24.12 -27.16
C GLU D 89 -2.50 -23.68 -28.41
N LEU D 90 -2.04 -22.62 -29.05
CA LEU D 90 -2.74 -22.06 -30.21
C LEU D 90 -2.35 -22.73 -31.52
N ARG D 91 -1.16 -23.34 -31.58
CA ARG D 91 -0.55 -23.96 -32.77
C ARG D 91 -0.47 -22.97 -33.94
N VAL D 92 0.04 -21.78 -33.65
CA VAL D 92 0.09 -20.70 -34.63
C VAL D 92 1.54 -20.37 -34.94
N ALA D 93 1.74 -19.76 -36.10
CA ALA D 93 3.06 -19.28 -36.49
C ALA D 93 3.18 -17.82 -36.11
N PRO D 94 4.17 -17.42 -35.30
CA PRO D 94 4.27 -16.01 -34.89
C PRO D 94 4.82 -15.07 -35.96
N GLU D 95 5.28 -15.60 -37.09
CA GLU D 95 5.86 -14.78 -38.15
C GLU D 95 4.82 -14.20 -39.09
N GLU D 96 3.53 -14.50 -38.88
CA GLU D 96 2.47 -14.02 -39.76
C GLU D 96 1.30 -13.43 -38.97
N HIS D 97 1.50 -13.12 -37.68
CA HIS D 97 0.42 -12.65 -36.83
C HIS D 97 0.90 -11.54 -35.91
N PRO D 98 0.20 -10.40 -35.87
CA PRO D 98 0.49 -9.41 -34.84
C PRO D 98 0.02 -9.87 -33.46
N THR D 99 0.65 -9.32 -32.43
CA THR D 99 0.44 -9.77 -31.07
C THR D 99 0.21 -8.58 -30.14
N LEU D 100 -0.89 -8.60 -29.41
CA LEU D 100 -1.19 -7.55 -28.44
C LEU D 100 -0.94 -8.11 -27.04
N LEU D 101 -0.17 -7.38 -26.24
CA LEU D 101 0.11 -7.76 -24.86
C LEU D 101 -0.39 -6.68 -23.93
N THR D 102 -0.68 -7.08 -22.69
CA THR D 102 -1.17 -6.18 -21.67
C THR D 102 -0.11 -5.96 -20.60
N GLU D 103 -0.20 -4.82 -19.92
CA GLU D 103 0.70 -4.49 -18.83
C GLU D 103 -0.07 -3.77 -17.74
N ALA D 104 0.37 -3.95 -16.51
CA ALA D 104 -0.21 -3.23 -15.39
C ALA D 104 0.23 -1.77 -15.43
N PRO D 105 -0.60 -0.84 -14.94
CA PRO D 105 -0.14 0.54 -14.77
C PRO D 105 0.90 0.65 -13.67
N LEU D 106 1.78 1.65 -13.84
CA LEU D 106 2.96 1.93 -12.99
C LEU D 106 3.90 0.72 -12.89
N ASN D 107 4.03 -0.01 -13.98
CA ASN D 107 5.00 -1.07 -14.13
C ASN D 107 6.38 -0.45 -14.35
N PRO D 108 7.45 -1.12 -13.90
CA PRO D 108 8.81 -0.72 -14.31
C PRO D 108 9.02 -0.81 -15.81
N LYS D 109 9.84 0.11 -16.33
CA LYS D 109 9.99 0.30 -17.77
C LYS D 109 10.77 -0.83 -18.42
N ALA D 110 11.70 -1.44 -17.68
CA ALA D 110 12.56 -2.49 -18.22
C ALA D 110 11.80 -3.78 -18.51
N ASN D 111 10.65 -4.00 -17.84
CA ASN D 111 9.75 -5.09 -18.19
C ASN D 111 9.19 -4.93 -19.60
N ARG D 112 8.77 -3.70 -19.95
CA ARG D 112 8.29 -3.42 -21.30
C ARG D 112 9.41 -3.43 -22.32
N GLU D 113 10.63 -3.00 -21.91
CA GLU D 113 11.83 -3.07 -22.74
C GLU D 113 12.17 -4.50 -23.13
N LYS D 114 12.24 -5.39 -22.14
CA LYS D 114 12.61 -6.77 -22.41
C LYS D 114 11.47 -7.56 -23.05
N MET D 115 10.21 -7.15 -22.81
CA MET D 115 9.08 -7.74 -23.51
C MET D 115 9.11 -7.41 -25.00
N THR D 116 9.42 -6.15 -25.33
CA THR D 116 9.57 -5.72 -26.72
C THR D 116 10.74 -6.41 -27.40
N GLN D 117 11.86 -6.56 -26.65
CA GLN D 117 13.06 -7.23 -27.16
C GLN D 117 12.83 -8.71 -27.44
N ILE D 118 12.14 -9.42 -26.54
CA ILE D 118 11.86 -10.83 -26.71
C ILE D 118 10.83 -11.04 -27.83
N MET D 119 9.81 -10.17 -27.90
CA MET D 119 8.76 -10.33 -28.91
C MET D 119 9.24 -9.97 -30.31
N PHE D 120 10.25 -9.10 -30.43
CA PHE D 120 10.84 -8.85 -31.74
C PHE D 120 12.00 -9.77 -32.11
N GLU D 121 12.67 -10.37 -31.14
CA GLU D 121 13.89 -11.11 -31.47
C GLU D 121 13.75 -12.62 -31.36
N THR D 122 13.04 -13.13 -30.37
CA THR D 122 12.90 -14.57 -30.21
C THR D 122 11.66 -15.12 -30.92
N PHE D 123 10.54 -14.41 -30.80
CA PHE D 123 9.27 -14.79 -31.40
C PHE D 123 8.83 -13.70 -32.36
N ASN D 124 9.71 -13.36 -33.32
CA ASN D 124 9.64 -12.20 -34.20
C ASN D 124 8.33 -12.06 -34.97
N VAL D 125 7.70 -10.92 -34.80
CA VAL D 125 6.36 -10.65 -35.32
C VAL D 125 6.48 -9.52 -36.33
N PRO D 126 5.54 -9.40 -37.29
CA PRO D 126 5.49 -8.17 -38.09
C PRO D 126 5.15 -6.93 -37.29
N ALA D 127 4.31 -7.05 -36.26
CA ALA D 127 3.91 -5.89 -35.46
C ALA D 127 3.53 -6.37 -34.07
N MET D 128 3.63 -5.47 -33.10
CA MET D 128 3.18 -5.74 -31.74
C MET D 128 2.75 -4.44 -31.07
N TYR D 129 2.08 -4.57 -29.94
CA TYR D 129 1.59 -3.44 -29.17
C TYR D 129 1.47 -3.83 -27.71
N VAL D 130 1.64 -2.86 -26.83
CA VAL D 130 1.46 -3.04 -25.40
C VAL D 130 0.37 -2.08 -24.94
N ALA D 131 -0.69 -2.61 -24.36
CA ALA D 131 -1.83 -1.82 -23.93
C ALA D 131 -1.97 -1.89 -22.41
N ILE D 132 -3.00 -1.23 -21.90
CA ILE D 132 -3.30 -1.17 -20.47
C ILE D 132 -4.57 -1.97 -20.23
N GLN D 133 -4.57 -2.77 -19.15
CA GLN D 133 -5.64 -3.72 -18.88
C GLN D 133 -6.96 -3.03 -18.51
N ALA D 134 -6.90 -1.88 -17.83
CA ALA D 134 -8.12 -1.20 -17.40
C ALA D 134 -8.83 -0.53 -18.58
N VAL D 135 -8.07 -0.10 -19.59
CA VAL D 135 -8.67 0.45 -20.80
C VAL D 135 -9.37 -0.64 -21.60
N LEU D 136 -8.82 -1.86 -21.58
CA LEU D 136 -9.50 -3.00 -22.19
C LEU D 136 -10.74 -3.42 -21.41
N SER D 137 -10.72 -3.25 -20.08
CA SER D 137 -11.93 -3.52 -19.30
C SER D 137 -13.02 -2.48 -19.57
N LEU D 138 -12.62 -1.23 -19.79
CA LEU D 138 -13.60 -0.22 -20.15
C LEU D 138 -14.07 -0.37 -21.59
N TYR D 139 -13.26 -0.97 -22.47
CA TYR D 139 -13.76 -1.39 -23.77
C TYR D 139 -14.78 -2.52 -23.64
N ALA D 140 -14.51 -3.49 -22.78
CA ALA D 140 -15.40 -4.64 -22.64
C ALA D 140 -16.70 -4.28 -21.94
N SER D 141 -16.69 -3.24 -21.10
CA SER D 141 -17.94 -2.78 -20.50
C SER D 141 -18.82 -2.03 -21.49
N GLY D 142 -18.26 -1.55 -22.61
CA GLY D 142 -19.02 -0.93 -23.67
C GLY D 142 -19.28 0.54 -23.48
N ARG D 143 -18.90 1.11 -22.34
CA ARG D 143 -19.12 2.51 -22.05
C ARG D 143 -17.87 3.32 -22.39
N THR D 144 -18.00 4.64 -22.23
CA THR D 144 -16.91 5.56 -22.54
C THR D 144 -16.17 6.02 -21.29
N THR D 145 -16.90 6.38 -20.24
CA THR D 145 -16.32 6.86 -19.00
C THR D 145 -16.47 5.83 -17.90
N GLY D 146 -15.79 6.06 -16.80
CA GLY D 146 -15.85 5.22 -15.62
C GLY D 146 -14.48 5.02 -15.00
N ILE D 147 -14.49 4.56 -13.76
CA ILE D 147 -13.27 4.14 -13.06
C ILE D 147 -13.25 2.62 -13.04
N VAL D 148 -12.09 2.05 -13.34
CA VAL D 148 -11.92 0.61 -13.45
C VAL D 148 -11.08 0.14 -12.26
N LEU D 149 -11.62 -0.81 -11.51
CA LEU D 149 -10.85 -1.58 -10.53
C LEU D 149 -10.54 -2.92 -11.17
N ASP D 150 -9.28 -3.13 -11.52
CA ASP D 150 -8.83 -4.40 -12.09
C ASP D 150 -7.91 -5.08 -11.10
N SER D 151 -8.24 -6.32 -10.74
CA SER D 151 -7.52 -7.05 -9.70
C SER D 151 -7.30 -8.47 -10.18
N GLY D 152 -6.05 -8.79 -10.54
CA GLY D 152 -5.70 -10.13 -10.96
C GLY D 152 -5.14 -10.96 -9.83
N ASP D 153 -3.97 -11.56 -10.04
CA ASP D 153 -3.34 -12.34 -8.99
C ASP D 153 -2.26 -11.57 -8.23
N GLY D 154 -1.70 -10.51 -8.82
CA GLY D 154 -0.73 -9.71 -8.10
C GLY D 154 -1.01 -8.22 -8.02
N VAL D 155 -1.75 -7.68 -8.98
CA VAL D 155 -1.88 -6.23 -9.16
C VAL D 155 -3.33 -5.85 -8.99
N THR D 156 -3.61 -4.91 -8.08
CA THR D 156 -4.94 -4.33 -7.91
C THR D 156 -4.85 -2.85 -8.18
N HIS D 157 -5.40 -2.40 -9.32
CA HIS D 157 -5.24 -1.00 -9.71
C HIS D 157 -6.57 -0.37 -10.09
N ASN D 158 -6.68 0.93 -9.76
CA ASN D 158 -7.81 1.77 -10.10
C ASN D 158 -7.36 2.80 -11.12
N VAL D 159 -8.01 2.83 -12.27
CA VAL D 159 -7.73 3.79 -13.33
C VAL D 159 -9.03 4.52 -13.67
N PRO D 160 -9.12 5.84 -13.48
CA PRO D 160 -10.31 6.57 -13.95
C PRO D 160 -10.15 7.12 -15.36
N ILE D 161 -11.12 6.90 -16.23
CA ILE D 161 -11.10 7.40 -17.60
C ILE D 161 -12.41 8.15 -17.83
N TYR D 162 -12.32 9.42 -18.21
CA TYR D 162 -13.49 10.22 -18.56
C TYR D 162 -13.42 10.59 -20.02
N GLU D 163 -14.42 10.13 -20.80
CA GLU D 163 -14.65 10.46 -22.22
C GLU D 163 -13.45 10.12 -23.11
N GLY D 164 -12.78 9.01 -22.79
CA GLY D 164 -11.58 8.64 -23.51
C GLY D 164 -10.34 9.38 -23.10
N TYR D 165 -10.36 10.12 -21.99
CA TYR D 165 -9.21 10.86 -21.51
C TYR D 165 -8.87 10.36 -20.10
N ALA D 166 -7.86 9.51 -20.02
CA ALA D 166 -7.43 8.98 -18.73
C ALA D 166 -6.65 10.04 -17.96
N LEU D 167 -6.81 10.02 -16.64
CA LEU D 167 -6.09 10.94 -15.78
C LEU D 167 -4.93 10.19 -15.14
N PRO D 168 -3.68 10.43 -15.53
CA PRO D 168 -2.57 9.59 -15.06
C PRO D 168 -2.13 9.88 -13.63
N HIS D 169 -2.48 11.03 -13.07
CA HIS D 169 -2.10 11.30 -11.69
C HIS D 169 -3.06 10.69 -10.68
N ALA D 170 -4.20 10.17 -11.13
CA ALA D 170 -5.17 9.53 -10.26
C ALA D 170 -5.14 8.01 -10.36
N ILE D 171 -4.17 7.45 -11.07
CA ILE D 171 -4.04 6.00 -11.19
C ILE D 171 -3.43 5.47 -9.90
N MET D 172 -4.13 4.55 -9.24
CA MET D 172 -3.68 4.00 -7.97
C MET D 172 -3.36 2.53 -8.13
N ARG D 173 -2.21 2.10 -7.61
CA ARG D 173 -1.76 0.71 -7.68
C ARG D 173 -1.49 0.19 -6.29
N LEU D 174 -2.09 -0.95 -5.96
CA LEU D 174 -1.83 -1.65 -4.71
C LEU D 174 -1.45 -3.08 -5.02
N ASP D 175 -0.35 -3.56 -4.42
CA ASP D 175 0.11 -4.92 -4.63
C ASP D 175 -0.51 -5.85 -3.58
N LEU D 176 -1.81 -6.10 -3.79
CA LEU D 176 -2.57 -6.95 -2.87
C LEU D 176 -3.69 -7.58 -3.68
N ALA D 177 -3.58 -8.89 -3.91
CA ALA D 177 -4.52 -9.62 -4.74
C ALA D 177 -4.48 -11.08 -4.31
N GLY D 178 -4.98 -11.97 -5.19
CA GLY D 178 -5.35 -13.32 -4.83
C GLY D 178 -4.22 -14.24 -4.42
N ARG D 179 -2.98 -13.94 -4.81
CA ARG D 179 -1.85 -14.72 -4.35
C ARG D 179 -1.56 -14.45 -2.87
N ASP D 180 -1.70 -13.19 -2.45
CA ASP D 180 -1.61 -12.86 -1.02
C ASP D 180 -2.80 -13.39 -0.25
N LEU D 181 -3.96 -13.50 -0.90
CA LEU D 181 -5.12 -14.14 -0.25
C LEU D 181 -4.90 -15.63 -0.08
N THR D 182 -4.24 -16.28 -1.04
CA THR D 182 -3.90 -17.70 -0.92
C THR D 182 -2.87 -17.93 0.17
N ASP D 183 -1.87 -17.04 0.27
CA ASP D 183 -0.89 -17.12 1.34
C ASP D 183 -1.48 -16.82 2.72
N TYR D 184 -2.46 -15.91 2.79
CA TYR D 184 -3.12 -15.64 4.06
C TYR D 184 -4.06 -16.78 4.45
N LEU D 185 -4.66 -17.45 3.47
CA LEU D 185 -5.48 -18.63 3.77
C LEU D 185 -4.61 -19.80 4.24
N MET D 186 -3.41 -19.94 3.67
CA MET D 186 -2.43 -20.90 4.16
C MET D 186 -1.93 -20.55 5.56
N LYS D 187 -1.86 -19.25 5.88
CA LYS D 187 -1.47 -18.84 7.22
C LYS D 187 -2.56 -19.14 8.24
N ILE D 188 -3.83 -18.88 7.89
CA ILE D 188 -4.91 -19.05 8.86
C ILE D 188 -5.49 -20.46 8.89
N LEU D 189 -5.11 -21.33 7.95
CA LEU D 189 -5.59 -22.70 8.01
C LEU D 189 -4.85 -23.57 9.02
N THR D 190 -3.78 -23.06 9.64
CA THR D 190 -3.05 -23.81 10.65
C THR D 190 -3.68 -23.71 12.04
N GLU D 191 -4.71 -22.87 12.21
CA GLU D 191 -5.39 -22.81 13.50
C GLU D 191 -6.26 -24.03 13.73
N ARG D 192 -6.79 -24.61 12.66
CA ARG D 192 -7.59 -25.83 12.72
C ARG D 192 -6.77 -27.10 12.56
N GLY D 193 -5.46 -26.98 12.36
CA GLY D 193 -4.59 -28.14 12.30
C GLY D 193 -4.16 -28.59 10.93
N TYR D 194 -4.59 -27.92 9.87
CA TYR D 194 -4.31 -28.37 8.51
C TYR D 194 -3.11 -27.60 7.98
N SER D 195 -2.01 -28.32 7.69
CA SER D 195 -0.75 -27.70 7.31
C SER D 195 -0.57 -27.76 5.81
N PHE D 196 -0.19 -26.62 5.22
CA PHE D 196 0.05 -26.52 3.78
C PHE D 196 1.32 -25.71 3.58
N VAL D 197 2.43 -26.39 3.32
CA VAL D 197 3.73 -25.73 3.22
C VAL D 197 4.38 -25.87 1.85
N THR D 198 3.97 -26.82 1.02
CA THR D 198 4.63 -27.03 -0.26
C THR D 198 3.98 -26.17 -1.34
N THR D 199 4.66 -26.12 -2.50
CA THR D 199 4.12 -25.41 -3.65
C THR D 199 2.98 -26.17 -4.31
N ALA D 200 2.91 -27.49 -4.14
CA ALA D 200 1.78 -28.25 -4.65
C ALA D 200 0.53 -28.04 -3.80
N GLU D 201 0.71 -27.68 -2.53
CA GLU D 201 -0.43 -27.41 -1.64
C GLU D 201 -1.04 -26.04 -1.89
N ARG D 202 -0.31 -25.14 -2.56
CA ARG D 202 -0.83 -23.82 -2.87
C ARG D 202 -1.95 -23.88 -3.91
N GLU D 203 -1.90 -24.86 -4.81
CA GLU D 203 -3.00 -25.07 -5.75
C GLU D 203 -4.25 -25.58 -5.05
N ILE D 204 -4.09 -26.40 -4.01
CA ILE D 204 -5.22 -26.91 -3.24
C ILE D 204 -5.86 -25.80 -2.41
N VAL D 205 -5.03 -24.96 -1.79
CA VAL D 205 -5.53 -23.81 -1.02
C VAL D 205 -6.15 -22.76 -1.94
N ARG D 206 -5.60 -22.58 -3.15
CA ARG D 206 -6.19 -21.68 -4.14
C ARG D 206 -7.53 -22.20 -4.66
N ASP D 207 -7.66 -23.53 -4.81
CA ASP D 207 -8.94 -24.10 -5.21
C ASP D 207 -9.98 -24.02 -4.11
N ILE D 208 -9.55 -24.12 -2.84
CA ILE D 208 -10.43 -23.91 -1.69
C ILE D 208 -10.93 -22.48 -1.65
N LYS D 209 -10.02 -21.52 -1.90
CA LYS D 209 -10.38 -20.10 -1.97
C LYS D 209 -11.28 -19.79 -3.16
N GLU D 210 -11.11 -20.50 -4.27
CA GLU D 210 -11.96 -20.29 -5.44
C GLU D 210 -13.35 -20.85 -5.22
N LYS D 211 -13.46 -22.02 -4.60
CA LYS D 211 -14.75 -22.69 -4.52
C LYS D 211 -15.58 -22.31 -3.29
N LEU D 212 -14.94 -21.95 -2.18
CA LEU D 212 -15.66 -21.85 -0.91
C LEU D 212 -15.66 -20.46 -0.29
N CYS D 213 -14.79 -19.55 -0.71
CA CYS D 213 -14.70 -18.26 -0.04
C CYS D 213 -15.75 -17.29 -0.61
N TYR D 214 -16.11 -16.31 0.22
CA TYR D 214 -17.11 -15.32 -0.12
C TYR D 214 -16.86 -14.08 0.71
N VAL D 215 -17.29 -12.93 0.20
CA VAL D 215 -17.12 -11.65 0.88
C VAL D 215 -18.34 -11.37 1.72
N ALA D 216 -18.14 -11.12 3.01
CA ALA D 216 -19.24 -10.81 3.91
C ALA D 216 -19.80 -9.42 3.63
N LEU D 217 -21.12 -9.28 3.76
CA LEU D 217 -21.75 -7.97 3.61
C LEU D 217 -21.46 -7.09 4.83
N ASP D 218 -21.47 -7.68 6.01
CA ASP D 218 -20.99 -7.02 7.22
C ASP D 218 -20.05 -7.98 7.92
N PHE D 219 -19.00 -7.45 8.54
CA PHE D 219 -17.98 -8.33 9.10
C PHE D 219 -18.29 -8.77 10.52
N GLU D 220 -18.78 -7.86 11.36
CA GLU D 220 -19.02 -8.19 12.77
C GLU D 220 -20.24 -9.09 12.94
N ASN D 221 -21.27 -8.87 12.10
CA ASN D 221 -22.47 -9.70 12.15
C ASN D 221 -22.20 -11.11 11.65
N GLU D 222 -21.39 -11.24 10.60
CA GLU D 222 -21.01 -12.57 10.11
C GLU D 222 -20.03 -13.25 11.05
N MET D 223 -19.20 -12.48 11.75
CA MET D 223 -18.30 -13.05 12.76
C MET D 223 -19.07 -13.57 13.97
N ALA D 224 -20.09 -12.83 14.41
CA ALA D 224 -20.94 -13.32 15.51
C ALA D 224 -21.81 -14.49 15.07
N THR D 225 -22.23 -14.52 13.80
CA THR D 225 -23.00 -15.64 13.28
C THR D 225 -22.15 -16.90 13.17
N ALA D 226 -20.88 -16.76 12.75
CA ALA D 226 -19.99 -17.90 12.67
C ALA D 226 -19.54 -18.36 14.06
N ALA D 227 -19.42 -17.43 15.01
CA ALA D 227 -19.04 -17.81 16.36
C ALA D 227 -20.18 -18.45 17.13
N SER D 228 -21.42 -18.05 16.85
CA SER D 228 -22.56 -18.59 17.60
C SER D 228 -22.95 -19.97 17.11
N SER D 229 -23.35 -20.08 15.84
CA SER D 229 -23.84 -21.33 15.28
C SER D 229 -22.94 -21.78 14.14
N SER D 230 -22.93 -23.09 13.91
CA SER D 230 -22.12 -23.69 12.84
C SER D 230 -22.95 -23.87 11.57
N SER D 231 -23.49 -22.76 11.09
CA SER D 231 -24.28 -22.77 9.86
C SER D 231 -23.48 -22.39 8.63
N LEU D 232 -22.41 -21.62 8.79
CA LEU D 232 -21.55 -21.21 7.68
C LEU D 232 -20.42 -22.19 7.43
N GLU D 233 -20.33 -23.27 8.21
CA GLU D 233 -19.22 -24.22 8.09
C GLU D 233 -19.40 -25.09 6.87
N LYS D 234 -18.31 -25.30 6.14
CA LYS D 234 -18.33 -26.08 4.91
C LYS D 234 -17.16 -27.05 4.88
N SER D 235 -17.39 -28.20 4.26
CA SER D 235 -16.43 -29.29 4.23
C SER D 235 -15.92 -29.51 2.82
N TYR D 236 -14.61 -29.74 2.71
CA TYR D 236 -13.95 -29.91 1.42
C TYR D 236 -13.17 -31.23 1.41
N GLU D 237 -13.14 -31.86 0.23
CA GLU D 237 -12.46 -33.14 0.03
C GLU D 237 -11.11 -32.91 -0.62
N LEU D 238 -10.05 -33.28 0.09
CA LEU D 238 -8.70 -33.26 -0.45
C LEU D 238 -8.50 -34.50 -1.32
N PRO D 239 -7.58 -34.46 -2.30
CA PRO D 239 -7.41 -35.64 -3.19
C PRO D 239 -6.80 -36.88 -2.53
N ASP D 240 -6.20 -36.79 -1.34
CA ASP D 240 -5.75 -38.01 -0.69
C ASP D 240 -6.87 -38.72 0.05
N GLY D 241 -7.99 -38.05 0.30
CA GLY D 241 -9.14 -38.69 0.92
C GLY D 241 -9.66 -37.98 2.16
N GLN D 242 -8.86 -37.08 2.73
CA GLN D 242 -9.26 -36.39 3.94
C GLN D 242 -10.28 -35.29 3.63
N VAL D 243 -11.12 -35.01 4.62
CA VAL D 243 -12.17 -34.00 4.53
C VAL D 243 -11.93 -32.98 5.63
N ILE D 244 -11.80 -31.72 5.26
CA ILE D 244 -11.64 -30.65 6.22
C ILE D 244 -12.94 -29.88 6.35
N THR D 245 -13.08 -29.16 7.47
CA THR D 245 -14.23 -28.32 7.74
C THR D 245 -13.71 -26.94 8.13
N ILE D 246 -14.22 -25.91 7.46
CA ILE D 246 -13.84 -24.54 7.76
C ILE D 246 -15.06 -23.73 8.16
N GLY D 247 -14.84 -22.76 9.03
CA GLY D 247 -15.89 -21.92 9.58
C GLY D 247 -15.82 -20.48 9.13
N ASN D 248 -15.26 -19.61 9.98
CA ASN D 248 -15.23 -18.17 9.68
C ASN D 248 -14.21 -17.80 8.63
N GLU D 249 -13.25 -18.71 8.34
CA GLU D 249 -12.19 -18.48 7.37
C GLU D 249 -12.67 -18.43 5.92
N ARG D 250 -13.93 -18.77 5.65
CA ARG D 250 -14.53 -18.49 4.36
C ARG D 250 -14.62 -16.99 4.09
N PHE D 251 -14.90 -16.18 5.12
CA PHE D 251 -14.99 -14.75 4.89
C PHE D 251 -13.83 -13.95 5.49
N ARG D 252 -12.99 -14.56 6.34
CA ARG D 252 -11.85 -13.83 6.85
C ARG D 252 -10.73 -13.71 5.83
N CYS D 253 -10.65 -14.66 4.89
CA CYS D 253 -9.68 -14.60 3.79
C CYS D 253 -9.88 -13.43 2.80
N PRO D 254 -11.07 -13.08 2.29
CA PRO D 254 -11.14 -11.84 1.51
C PRO D 254 -11.40 -10.57 2.30
N GLU D 255 -11.22 -10.59 3.62
CA GLU D 255 -11.23 -9.38 4.42
C GLU D 255 -9.90 -8.63 4.38
N THR D 256 -8.87 -9.27 3.81
CA THR D 256 -7.59 -8.60 3.57
C THR D 256 -7.72 -7.51 2.51
N LEU D 257 -8.64 -7.71 1.54
CA LEU D 257 -8.88 -6.72 0.49
C LEU D 257 -9.53 -5.46 1.02
N PHE D 258 -10.32 -5.57 2.08
CA PHE D 258 -10.95 -4.39 2.68
C PHE D 258 -10.25 -3.95 3.96
N GLN D 259 -9.42 -4.79 4.55
CA GLN D 259 -8.58 -4.40 5.69
C GLN D 259 -7.19 -4.99 5.48
N PRO D 260 -6.27 -4.24 4.89
CA PRO D 260 -4.92 -4.77 4.64
C PRO D 260 -3.99 -4.76 5.84
N SER D 261 -4.46 -4.43 7.05
CA SER D 261 -3.63 -4.48 8.24
C SER D 261 -3.52 -5.89 8.81
N PHE D 262 -4.24 -6.87 8.24
CA PHE D 262 -4.09 -8.26 8.66
C PHE D 262 -2.73 -8.83 8.24
N ILE D 263 -2.26 -8.47 7.06
CA ILE D 263 -0.98 -8.94 6.58
C ILE D 263 0.12 -7.90 6.77
N GLY D 264 -0.12 -6.88 7.59
CA GLY D 264 0.89 -5.91 7.94
C GLY D 264 1.08 -4.77 6.98
N MET D 265 0.30 -4.71 5.88
CA MET D 265 0.40 -3.60 4.96
C MET D 265 -0.30 -2.37 5.55
N GLU D 266 0.39 -1.24 5.53
CA GLU D 266 -0.09 -0.01 6.16
C GLU D 266 -1.19 0.66 5.32
N SER D 267 -1.27 0.35 4.03
CA SER D 267 -2.20 0.99 3.11
C SER D 267 -3.64 0.55 3.37
N ALA D 268 -4.59 1.36 2.90
CA ALA D 268 -6.00 1.16 3.18
C ALA D 268 -6.61 0.17 2.18
N GLY D 269 -7.90 -0.11 2.35
CA GLY D 269 -8.60 -1.08 1.54
C GLY D 269 -8.93 -0.58 0.15
N ILE D 270 -9.62 -1.44 -0.60
CA ILE D 270 -9.89 -1.14 -2.01
C ILE D 270 -11.00 -0.11 -2.15
N HIS D 271 -11.90 -0.02 -1.16
CA HIS D 271 -12.94 0.99 -1.20
C HIS D 271 -12.39 2.39 -0.94
N GLU D 272 -11.44 2.50 -0.02
CA GLU D 272 -10.79 3.79 0.22
C GLU D 272 -9.83 4.14 -0.91
N THR D 273 -9.26 3.13 -1.57
CA THR D 273 -8.43 3.36 -2.75
C THR D 273 -9.25 3.89 -3.92
N THR D 274 -10.45 3.33 -4.12
CA THR D 274 -11.34 3.81 -5.18
C THR D 274 -11.90 5.20 -4.85
N TYR D 275 -12.19 5.46 -3.56
CA TYR D 275 -12.68 6.76 -3.13
C TYR D 275 -11.60 7.84 -3.25
N ASN D 276 -10.34 7.51 -2.92
CA ASN D 276 -9.26 8.47 -3.08
C ASN D 276 -8.85 8.64 -4.53
N SER D 277 -9.05 7.61 -5.37
CA SER D 277 -8.79 7.77 -6.79
C SER D 277 -9.85 8.62 -7.47
N ILE D 278 -11.11 8.53 -7.02
CA ILE D 278 -12.14 9.43 -7.52
C ILE D 278 -11.92 10.85 -7.01
N MET D 279 -11.58 10.99 -5.72
CA MET D 279 -11.45 12.31 -5.11
C MET D 279 -10.21 13.08 -5.55
N LYS D 280 -9.25 12.43 -6.20
CA LYS D 280 -8.13 13.14 -6.79
C LYS D 280 -8.43 13.70 -8.17
N CYS D 281 -9.57 13.35 -8.75
CA CYS D 281 -9.93 13.82 -10.09
C CYS D 281 -10.59 15.19 -10.00
N ASP D 282 -11.02 15.71 -11.15
CA ASP D 282 -11.67 17.00 -11.20
C ASP D 282 -13.13 16.88 -10.74
N ILE D 283 -13.68 18.03 -10.34
CA ILE D 283 -14.92 18.02 -9.57
C ILE D 283 -16.15 17.91 -10.47
N ASP D 284 -16.02 18.17 -11.78
CA ASP D 284 -17.18 18.05 -12.66
C ASP D 284 -17.46 16.63 -13.12
N ILE D 285 -16.51 15.71 -12.94
CA ILE D 285 -16.62 14.36 -13.48
C ILE D 285 -16.79 13.30 -12.40
N ARG D 286 -16.92 13.69 -11.13
CA ARG D 286 -17.01 12.71 -10.05
C ARG D 286 -18.37 12.01 -10.03
N LYS D 287 -19.42 12.70 -10.51
CA LYS D 287 -20.75 12.11 -10.61
C LYS D 287 -20.78 11.01 -11.67
N ASP D 288 -20.03 11.19 -12.75
CA ASP D 288 -19.93 10.16 -13.77
C ASP D 288 -19.02 9.00 -13.36
N LEU D 289 -18.19 9.16 -12.33
CA LEU D 289 -17.40 8.06 -11.80
C LEU D 289 -18.11 7.33 -10.66
N TYR D 290 -19.03 7.98 -9.96
CA TYR D 290 -19.89 7.31 -9.00
C TYR D 290 -20.87 6.32 -9.62
N ALA D 291 -21.20 6.48 -10.90
CA ALA D 291 -22.21 5.64 -11.52
C ALA D 291 -21.64 4.51 -12.35
N ASN D 292 -20.32 4.44 -12.52
CA ASN D 292 -19.72 3.47 -13.44
C ASN D 292 -18.49 2.80 -12.82
N ASN D 293 -18.65 2.28 -11.61
CA ASN D 293 -17.59 1.47 -11.00
C ASN D 293 -17.49 0.12 -11.68
N VAL D 294 -16.62 0.01 -12.68
CA VAL D 294 -16.46 -1.20 -13.46
C VAL D 294 -15.43 -2.09 -12.79
N MET D 295 -15.81 -3.33 -12.50
CA MET D 295 -14.92 -4.32 -11.90
C MET D 295 -14.49 -5.32 -12.95
N SER D 296 -13.32 -5.92 -12.75
CA SER D 296 -12.79 -6.93 -13.65
C SER D 296 -11.83 -7.82 -12.89
N GLY D 297 -11.28 -8.82 -13.58
CA GLY D 297 -10.31 -9.70 -13.00
C GLY D 297 -10.95 -10.84 -12.21
N GLY D 298 -10.10 -11.81 -11.83
CA GLY D 298 -10.59 -12.96 -11.11
C GLY D 298 -10.74 -12.76 -9.61
N THR D 299 -10.13 -11.72 -9.06
CA THR D 299 -10.26 -11.45 -7.63
C THR D 299 -11.63 -10.89 -7.31
N THR D 300 -12.25 -10.19 -8.26
CA THR D 300 -13.59 -9.65 -8.10
C THR D 300 -14.69 -10.62 -8.54
N MET D 301 -14.41 -11.93 -8.54
CA MET D 301 -15.40 -12.95 -8.82
C MET D 301 -15.98 -13.55 -7.54
N TYR D 302 -15.70 -12.96 -6.39
CA TYR D 302 -16.32 -13.41 -5.15
C TYR D 302 -17.80 -13.03 -5.15
N PRO D 303 -18.68 -13.92 -4.68
CA PRO D 303 -20.12 -13.59 -4.66
C PRO D 303 -20.58 -12.85 -3.42
N GLY D 304 -19.83 -11.84 -2.96
CA GLY D 304 -20.34 -10.92 -1.97
C GLY D 304 -19.73 -9.54 -2.09
N ILE D 305 -18.92 -9.32 -3.12
CA ILE D 305 -18.02 -8.18 -3.12
C ILE D 305 -18.67 -6.92 -3.72
N ALA D 306 -19.68 -7.08 -4.58
CA ALA D 306 -20.30 -5.93 -5.23
C ALA D 306 -21.21 -5.17 -4.27
N ASP D 307 -21.94 -5.90 -3.42
CA ASP D 307 -22.81 -5.27 -2.44
C ASP D 307 -22.00 -4.62 -1.33
N ARG D 308 -20.88 -5.24 -0.94
CA ARG D 308 -19.98 -4.65 0.06
C ARG D 308 -19.29 -3.40 -0.48
N MET D 309 -18.91 -3.42 -1.76
CA MET D 309 -18.31 -2.25 -2.40
C MET D 309 -19.32 -1.11 -2.54
N GLN D 310 -20.57 -1.44 -2.91
CA GLN D 310 -21.63 -0.43 -3.00
C GLN D 310 -21.96 0.17 -1.65
N LYS D 311 -21.98 -0.67 -0.59
CA LYS D 311 -22.24 -0.20 0.77
C LYS D 311 -21.12 0.70 1.28
N GLU D 312 -19.85 0.35 0.98
CA GLU D 312 -18.74 1.15 1.49
C GLU D 312 -18.59 2.47 0.74
N ILE D 313 -18.78 2.47 -0.58
CA ILE D 313 -18.71 3.72 -1.34
C ILE D 313 -19.91 4.62 -1.03
N THR D 314 -21.10 4.03 -0.82
CA THR D 314 -22.28 4.78 -0.41
C THR D 314 -22.13 5.35 1.01
N ALA D 315 -21.41 4.64 1.88
CA ALA D 315 -21.10 5.20 3.19
C ALA D 315 -20.03 6.28 3.11
N LEU D 316 -19.18 6.26 2.08
CA LEU D 316 -18.14 7.28 1.96
C LEU D 316 -18.61 8.53 1.20
N ALA D 317 -19.37 8.36 0.13
CA ALA D 317 -19.79 9.46 -0.74
C ALA D 317 -20.90 10.28 -0.09
N PRO D 318 -21.14 11.51 -0.57
CA PRO D 318 -22.40 12.20 -0.22
C PRO D 318 -23.62 11.46 -0.76
N SER D 319 -24.73 11.60 -0.02
CA SER D 319 -25.90 10.75 -0.17
C SER D 319 -26.76 11.10 -1.38
N THR D 320 -26.53 12.24 -2.02
CA THR D 320 -27.37 12.68 -3.13
C THR D 320 -26.96 12.10 -4.47
N MET D 321 -25.95 11.25 -4.49
CA MET D 321 -25.40 10.68 -5.72
C MET D 321 -25.62 9.17 -5.77
N LYS D 322 -25.91 8.67 -6.97
CA LYS D 322 -26.15 7.25 -7.18
C LYS D 322 -24.82 6.50 -7.20
N ILE D 323 -24.76 5.39 -6.48
CA ILE D 323 -23.59 4.51 -6.50
C ILE D 323 -23.98 3.22 -7.19
N LYS D 324 -23.35 2.95 -8.32
CA LYS D 324 -23.64 1.75 -9.10
C LYS D 324 -22.34 1.02 -9.39
N ILE D 325 -22.29 -0.27 -9.05
CA ILE D 325 -21.13 -1.10 -9.30
C ILE D 325 -21.44 -1.95 -10.53
N ILE D 326 -20.80 -1.65 -11.64
CA ILE D 326 -21.02 -2.40 -12.87
C ILE D 326 -20.23 -3.70 -12.78
N ALA D 327 -20.94 -4.82 -12.67
CA ALA D 327 -20.31 -6.14 -12.56
C ALA D 327 -20.82 -7.04 -13.68
N PRO D 328 -20.10 -7.14 -14.80
CA PRO D 328 -20.51 -8.09 -15.84
C PRO D 328 -20.24 -9.51 -15.40
N PRO D 329 -21.01 -10.49 -15.90
CA PRO D 329 -20.80 -11.89 -15.47
C PRO D 329 -19.56 -12.54 -16.05
N GLU D 330 -19.02 -12.02 -17.16
CA GLU D 330 -17.79 -12.54 -17.74
C GLU D 330 -16.60 -11.64 -17.46
N ARG D 331 -16.54 -11.10 -16.23
CA ARG D 331 -15.50 -10.15 -15.85
C ARG D 331 -14.14 -10.79 -15.59
N LYS D 332 -14.05 -12.12 -15.56
CA LYS D 332 -12.76 -12.78 -15.35
C LYS D 332 -11.87 -12.66 -16.58
N TYR D 333 -12.44 -12.83 -17.77
CA TYR D 333 -11.66 -12.83 -19.00
C TYR D 333 -11.83 -11.55 -19.79
N SER D 334 -12.47 -10.54 -19.18
CA SER D 334 -13.01 -9.37 -19.87
C SER D 334 -11.94 -8.48 -20.48
N VAL D 335 -10.74 -8.44 -19.85
CA VAL D 335 -9.58 -7.72 -20.38
C VAL D 335 -9.18 -8.27 -21.73
N TRP D 336 -9.18 -9.61 -21.86
CA TRP D 336 -8.95 -10.28 -23.14
C TRP D 336 -10.05 -9.95 -24.14
N ILE D 337 -11.29 -9.80 -23.66
CA ILE D 337 -12.42 -9.41 -24.50
C ILE D 337 -12.21 -8.00 -25.04
N GLY D 338 -11.62 -7.12 -24.21
CA GLY D 338 -11.26 -5.79 -24.66
C GLY D 338 -10.15 -5.80 -25.69
N GLY D 339 -9.24 -6.78 -25.60
CA GLY D 339 -8.24 -6.97 -26.64
C GLY D 339 -8.87 -7.42 -27.94
N SER D 340 -9.91 -8.25 -27.85
CA SER D 340 -10.66 -8.64 -29.05
C SER D 340 -11.53 -7.49 -29.54
N ILE D 341 -11.81 -6.51 -28.69
CA ILE D 341 -12.41 -5.28 -29.16
C ILE D 341 -11.36 -4.43 -29.87
N LEU D 342 -10.15 -4.38 -29.31
CA LEU D 342 -9.19 -3.36 -29.76
C LEU D 342 -8.46 -3.79 -31.01
N ALA D 343 -8.09 -5.06 -31.11
CA ALA D 343 -7.32 -5.52 -32.27
C ALA D 343 -8.19 -5.70 -33.51
N SER D 344 -9.51 -5.75 -33.36
CA SER D 344 -10.41 -5.87 -34.50
C SER D 344 -10.82 -4.52 -35.08
N LEU D 345 -10.40 -3.42 -34.46
CA LEU D 345 -10.79 -2.10 -34.92
C LEU D 345 -9.96 -1.68 -36.13
N SER D 346 -10.60 -1.01 -37.09
CA SER D 346 -9.93 -0.58 -38.30
C SER D 346 -9.04 0.63 -38.05
N THR D 347 -9.35 1.45 -37.05
CA THR D 347 -8.54 2.61 -36.72
C THR D 347 -7.30 2.26 -35.92
N PHE D 348 -7.19 1.04 -35.41
CA PHE D 348 -6.03 0.62 -34.65
C PHE D 348 -4.85 0.24 -35.54
N GLN D 349 -5.08 0.06 -36.85
CA GLN D 349 -4.06 -0.47 -37.75
C GLN D 349 -2.97 0.54 -38.08
N GLN D 350 -3.19 1.83 -37.79
CA GLN D 350 -2.14 2.83 -37.91
C GLN D 350 -1.29 2.95 -36.64
N MET D 351 -1.67 2.27 -35.55
CA MET D 351 -0.98 2.39 -34.29
C MET D 351 -0.12 1.18 -33.95
N TRP D 352 0.12 0.29 -34.91
CA TRP D 352 0.98 -0.85 -34.68
C TRP D 352 2.44 -0.42 -34.67
N ILE D 353 3.23 -1.05 -33.79
CA ILE D 353 4.67 -0.84 -33.76
C ILE D 353 5.27 -1.87 -34.72
N THR D 354 5.66 -1.41 -35.91
CA THR D 354 6.20 -2.29 -36.93
C THR D 354 7.63 -2.67 -36.61
N LYS D 355 8.16 -3.62 -37.40
CA LYS D 355 9.54 -4.07 -37.19
C LYS D 355 10.54 -3.05 -37.72
N GLN D 356 10.14 -2.25 -38.71
CA GLN D 356 11.02 -1.23 -39.27
C GLN D 356 11.25 -0.09 -38.28
N GLU D 357 10.22 0.32 -37.55
CA GLU D 357 10.37 1.36 -36.54
C GLU D 357 11.15 0.85 -35.33
N TYR D 358 11.00 -0.45 -35.00
CA TYR D 358 11.80 -1.07 -33.96
C TYR D 358 13.28 -1.09 -34.33
N ASP D 359 13.58 -1.48 -35.58
CA ASP D 359 14.97 -1.52 -36.02
C ASP D 359 15.55 -0.13 -36.24
N GLU D 360 14.70 0.86 -36.47
CA GLU D 360 15.18 2.24 -36.54
C GLU D 360 15.51 2.79 -35.16
N ALA D 361 14.64 2.55 -34.18
CA ALA D 361 14.72 3.26 -32.91
C ALA D 361 15.13 2.40 -31.72
N GLY D 362 15.53 1.15 -31.93
CA GLY D 362 15.85 0.26 -30.84
C GLY D 362 14.60 -0.24 -30.17
N PRO D 363 14.73 -0.88 -29.00
CA PRO D 363 13.53 -1.20 -28.21
C PRO D 363 13.15 -0.09 -27.24
N SER D 364 13.18 1.17 -27.68
CA SER D 364 12.84 2.31 -26.85
C SER D 364 11.68 3.10 -27.40
N ILE D 365 11.10 2.66 -28.52
CA ILE D 365 9.96 3.35 -29.12
C ILE D 365 8.65 3.00 -28.42
N VAL D 366 8.66 1.99 -27.55
CA VAL D 366 7.42 1.52 -26.92
C VAL D 366 6.95 2.46 -25.82
N HIS D 367 7.84 3.30 -25.27
CA HIS D 367 7.40 4.30 -24.31
C HIS D 367 6.71 5.48 -24.99
N ARG D 368 7.19 5.85 -26.18
CA ARG D 368 6.63 7.01 -26.88
C ARG D 368 5.45 6.66 -27.78
N LYS D 369 5.17 5.37 -27.99
CA LYS D 369 4.06 4.96 -28.84
C LYS D 369 2.85 4.49 -28.04
N CYS D 370 3.07 3.84 -26.90
CA CYS D 370 1.99 3.34 -26.06
C CYS D 370 1.63 4.38 -25.01
N PHE D 371 0.86 3.96 -24.01
CA PHE D 371 0.46 4.81 -22.89
C PHE D 371 1.63 5.14 -21.97
N THR E 1 9.74 38.54 29.99
CA THR E 1 11.02 37.87 29.82
C THR E 1 11.39 37.77 28.35
N THR E 2 12.21 36.77 28.02
CA THR E 2 12.60 36.56 26.63
C THR E 2 11.46 35.90 25.86
N ALA E 3 11.07 36.51 24.75
CA ALA E 3 9.95 36.03 23.96
C ALA E 3 10.35 34.78 23.18
N LEU E 4 9.32 34.05 22.74
CA LEU E 4 9.50 32.79 22.03
C LEU E 4 9.01 32.93 20.60
N VAL E 5 9.84 32.53 19.65
CA VAL E 5 9.45 32.46 18.25
C VAL E 5 9.32 30.99 17.88
N CYS E 6 8.11 30.58 17.52
CA CYS E 6 7.79 29.18 17.24
C CYS E 6 7.10 29.13 15.89
N ASP E 7 7.88 29.00 14.82
CA ASP E 7 7.34 28.79 13.49
C ASP E 7 6.77 27.37 13.41
N ASN E 8 5.43 27.28 13.41
CA ASN E 8 4.72 26.01 13.24
C ASN E 8 4.46 25.81 11.76
N GLY E 9 5.49 25.40 11.06
CA GLY E 9 5.36 25.12 9.65
C GLY E 9 4.68 23.79 9.38
N SER E 10 4.42 23.53 8.10
CA SER E 10 3.71 22.32 7.70
C SER E 10 4.59 21.08 7.87
N GLY E 11 5.87 21.20 7.55
CA GLY E 11 6.80 20.10 7.68
C GLY E 11 7.67 20.16 8.92
N LEU E 12 8.28 21.32 9.20
CA LEU E 12 9.24 21.41 10.29
C LEU E 12 8.85 22.54 11.25
N VAL E 13 8.79 22.22 12.54
CA VAL E 13 8.61 23.21 13.59
C VAL E 13 9.97 23.74 13.98
N LYS E 14 10.14 25.06 13.91
CA LYS E 14 11.37 25.74 14.30
C LYS E 14 11.05 26.66 15.46
N ALA E 15 11.55 26.33 16.66
CA ALA E 15 11.26 27.10 17.85
C ALA E 15 12.55 27.59 18.49
N GLY E 16 12.44 28.73 19.17
CA GLY E 16 13.61 29.27 19.85
C GLY E 16 13.27 30.56 20.55
N PHE E 17 14.30 31.19 21.11
CA PHE E 17 14.15 32.41 21.89
C PHE E 17 14.24 33.64 20.99
N ALA E 18 13.88 34.79 21.56
CA ALA E 18 13.92 36.05 20.83
C ALA E 18 15.35 36.58 20.78
N GLY E 19 15.69 37.18 19.64
CA GLY E 19 16.99 37.81 19.48
C GLY E 19 18.15 36.87 19.24
N ASP E 20 17.88 35.60 18.95
CA ASP E 20 18.93 34.63 18.71
C ASP E 20 19.22 34.52 17.21
N ASP E 21 20.45 34.14 16.89
CA ASP E 21 20.85 34.03 15.49
C ASP E 21 20.30 32.77 14.83
N ALA E 22 20.18 31.69 15.59
CA ALA E 22 19.73 30.41 15.07
C ALA E 22 18.60 29.88 15.93
N PRO E 23 17.64 29.15 15.35
CA PRO E 23 16.59 28.53 16.17
C PRO E 23 17.13 27.37 16.98
N ARG E 24 16.67 27.29 18.23
CA ARG E 24 17.22 26.32 19.18
C ARG E 24 16.73 24.90 18.90
N ALA E 25 15.44 24.75 18.59
CA ALA E 25 14.82 23.43 18.43
C ALA E 25 14.18 23.34 17.05
N VAL E 26 14.83 22.63 16.14
CA VAL E 26 14.30 22.37 14.81
C VAL E 26 13.96 20.89 14.73
N PHE E 27 12.68 20.58 14.56
CA PHE E 27 12.29 19.18 14.51
C PHE E 27 11.08 19.05 13.61
N PRO E 28 10.94 17.93 12.88
CA PRO E 28 9.73 17.74 12.06
C PRO E 28 8.50 17.48 12.90
N SER E 29 7.36 17.99 12.42
CA SER E 29 6.09 17.90 13.13
C SER E 29 5.35 16.67 12.64
N ILE E 30 5.61 15.54 13.29
CA ILE E 30 4.89 14.30 13.03
C ILE E 30 4.38 13.74 14.35
N VAL E 31 3.29 12.99 14.28
CA VAL E 31 2.78 12.24 15.42
C VAL E 31 2.78 10.77 15.02
N GLY E 32 3.53 9.96 15.76
CA GLY E 32 3.67 8.55 15.45
C GLY E 32 2.89 7.70 16.44
N ARG E 33 2.13 6.75 15.89
CA ARG E 33 1.39 5.83 16.74
C ARG E 33 1.62 4.40 16.25
N PRO E 34 1.80 3.43 17.15
CA PRO E 34 2.15 2.08 16.72
C PRO E 34 0.99 1.32 16.12
N ARG E 35 1.32 0.44 15.19
CA ARG E 35 0.33 -0.35 14.47
C ARG E 35 0.46 -1.84 14.66
N HIS E 36 1.57 -2.32 15.23
CA HIS E 36 1.78 -3.74 15.47
C HIS E 36 1.42 -4.07 16.92
N GLN E 37 1.64 -5.32 17.29
CA GLN E 37 1.23 -5.83 18.59
C GLN E 37 2.40 -5.75 19.57
N GLY E 38 2.20 -5.04 20.68
CA GLY E 38 3.21 -4.92 21.71
C GLY E 38 3.21 -6.11 22.65
N VAL E 39 4.26 -6.93 22.59
CA VAL E 39 4.29 -8.17 23.34
C VAL E 39 5.08 -8.08 24.63
N MET E 40 5.96 -7.09 24.78
CA MET E 40 6.80 -6.98 25.96
C MET E 40 6.15 -6.07 26.99
N VAL E 41 5.96 -6.59 28.20
CA VAL E 41 5.34 -5.84 29.27
C VAL E 41 6.35 -4.85 29.84
N GLY E 42 5.84 -3.73 30.36
CA GLY E 42 6.72 -2.73 30.97
C GLY E 42 7.37 -1.87 29.91
N MET E 43 8.69 -1.70 30.04
CA MET E 43 9.68 -1.14 29.10
C MET E 43 9.39 0.29 28.62
N GLY E 44 8.47 1.01 29.27
CA GLY E 44 8.16 2.39 28.91
C GLY E 44 7.50 2.58 27.56
N GLN E 45 6.52 1.74 27.22
CA GLN E 45 5.87 1.80 25.92
C GLN E 45 4.81 2.89 25.94
N LYS E 46 5.15 4.06 25.43
CA LYS E 46 4.17 5.12 25.27
C LYS E 46 3.29 4.85 24.06
N ASP E 47 2.07 5.38 24.12
CA ASP E 47 1.11 5.21 23.04
C ASP E 47 1.36 6.16 21.87
N SER E 48 2.19 7.19 22.05
CA SER E 48 2.46 8.16 21.00
C SER E 48 3.89 8.64 21.13
N TYR E 49 4.52 8.88 19.99
CA TYR E 49 5.87 9.43 19.93
C TYR E 49 5.83 10.67 19.06
N VAL E 50 6.39 11.76 19.56
CA VAL E 50 6.28 13.08 18.93
C VAL E 50 7.67 13.58 18.60
N GLY E 51 7.91 13.92 17.34
CA GLY E 51 9.11 14.63 16.95
C GLY E 51 10.22 13.69 16.51
N ASP E 52 11.40 13.85 17.13
CA ASP E 52 12.56 13.07 16.71
C ASP E 52 12.49 11.63 17.21
N GLU E 53 11.72 11.39 18.29
CA GLU E 53 11.53 10.04 18.79
C GLU E 53 10.69 9.20 17.83
N ALA E 54 9.75 9.83 17.14
CA ALA E 54 9.01 9.13 16.09
C ALA E 54 9.84 8.96 14.83
N GLN E 55 10.81 9.84 14.60
CA GLN E 55 11.70 9.67 13.46
C GLN E 55 12.70 8.54 13.70
N SER E 56 13.14 8.36 14.94
CA SER E 56 14.11 7.31 15.26
C SER E 56 13.48 5.92 15.26
N LYS E 57 12.19 5.82 15.55
CA LYS E 57 11.50 4.54 15.67
C LYS E 57 10.43 4.38 14.59
N ARG E 58 10.69 4.88 13.39
CA ARG E 58 9.66 5.00 12.37
C ARG E 58 9.34 3.70 11.65
N GLY E 59 10.07 2.61 11.91
CA GLY E 59 9.74 1.35 11.28
C GLY E 59 8.54 0.64 11.83
N ILE E 60 8.06 1.03 13.01
CA ILE E 60 6.90 0.39 13.65
C ILE E 60 5.82 1.41 13.98
N LEU E 61 5.87 2.57 13.33
CA LEU E 61 4.93 3.64 13.63
C LEU E 61 4.23 4.09 12.36
N THR E 62 2.99 4.53 12.52
CA THR E 62 2.26 5.27 11.50
C THR E 62 2.40 6.74 11.84
N LEU E 63 2.92 7.52 10.90
CA LEU E 63 3.23 8.93 11.11
C LEU E 63 2.16 9.79 10.46
N LYS E 64 1.57 10.69 11.23
CA LYS E 64 0.55 11.60 10.74
C LYS E 64 1.05 13.03 10.89
N TYR E 65 0.94 13.81 9.82
CA TYR E 65 1.27 15.22 9.86
C TYR E 65 0.03 15.98 10.33
N PRO E 66 0.12 16.77 11.40
CA PRO E 66 -1.06 17.52 11.86
C PRO E 66 -1.42 18.70 10.98
N ILE E 67 -0.50 19.19 10.14
CA ILE E 67 -0.75 20.33 9.26
C ILE E 67 -0.68 19.84 7.82
N GLU E 68 -1.73 20.10 7.05
CA GLU E 68 -1.72 19.80 5.63
C GLU E 68 -2.17 21.03 4.83
N HIC E 69 -1.25 21.50 3.99
CA HIC E 69 -1.38 22.69 3.13
C HIC E 69 -1.67 23.96 3.90
O HIC E 69 -2.45 24.84 3.52
CB HIC E 69 -2.47 22.59 2.03
CG HIC E 69 -2.52 21.27 1.40
ND1 HIC E 69 -3.63 20.43 1.37
CD2 HIC E 69 -1.44 20.65 0.71
CE1 HIC E 69 -3.25 19.33 0.69
NE2 HIC E 69 -1.91 19.42 0.27
CZ HIC E 69 -1.18 18.45 -0.46
N GLY E 70 -1.04 24.06 5.07
CA GLY E 70 -1.17 25.23 5.92
C GLY E 70 -2.41 25.26 6.79
N ILE E 71 -3.22 24.22 6.72
CA ILE E 71 -4.47 24.13 7.45
C ILE E 71 -4.32 23.00 8.46
N ILE E 72 -4.50 23.31 9.74
CA ILE E 72 -4.37 22.31 10.80
C ILE E 72 -5.64 21.47 10.81
N THR E 73 -5.51 20.21 10.39
CA THR E 73 -6.65 19.30 10.39
C THR E 73 -6.86 18.71 11.78
N ASN E 74 -5.89 17.96 12.28
CA ASN E 74 -5.99 17.33 13.59
C ASN E 74 -5.51 18.32 14.64
N TRP E 75 -6.37 18.62 15.61
CA TRP E 75 -6.07 19.65 16.60
C TRP E 75 -5.48 19.10 17.88
N ASP E 76 -5.83 17.86 18.26
CA ASP E 76 -5.19 17.23 19.40
C ASP E 76 -3.75 16.86 19.10
N ASP E 77 -3.46 16.51 17.84
CA ASP E 77 -2.09 16.30 17.41
C ASP E 77 -1.31 17.61 17.41
N MET E 78 -1.96 18.72 17.04
CA MET E 78 -1.33 20.04 17.12
C MET E 78 -1.07 20.48 18.55
N GLU E 79 -1.96 20.08 19.48
CA GLU E 79 -1.70 20.32 20.89
C GLU E 79 -0.54 19.47 21.40
N LYS E 80 -0.37 18.26 20.85
CA LYS E 80 0.78 17.44 21.21
C LYS E 80 2.09 18.01 20.67
N ILE E 81 2.05 18.59 19.46
CA ILE E 81 3.21 19.32 18.91
C ILE E 81 3.55 20.53 19.77
N TRP E 82 2.53 21.27 20.22
CA TRP E 82 2.78 22.46 21.04
C TRP E 82 3.27 22.11 22.44
N HIS E 83 2.76 21.02 23.03
CA HIS E 83 3.25 20.56 24.33
C HIS E 83 4.67 20.01 24.24
N HIS E 84 5.00 19.35 23.13
CA HIS E 84 6.34 18.83 22.94
C HIS E 84 7.35 19.95 22.70
N THR E 85 6.96 20.99 21.97
CA THR E 85 7.87 22.10 21.73
C THR E 85 7.88 23.11 22.87
N PHE E 86 6.95 23.01 23.83
CA PHE E 86 7.04 23.87 25.00
C PHE E 86 7.79 23.19 26.14
N TYR E 87 7.52 21.91 26.39
CA TYR E 87 8.02 21.26 27.60
C TYR E 87 9.24 20.37 27.35
N ASN E 88 9.28 19.64 26.25
CA ASN E 88 10.37 18.70 26.03
C ASN E 88 11.59 19.38 25.40
N GLU E 89 11.38 20.10 24.30
CA GLU E 89 12.50 20.71 23.58
C GLU E 89 12.96 21.99 24.27
N LEU E 90 12.06 22.96 24.40
CA LEU E 90 12.45 24.28 24.87
C LEU E 90 12.65 24.34 26.37
N ARG E 91 11.87 23.54 27.11
CA ARG E 91 11.94 23.34 28.58
C ARG E 91 11.74 24.64 29.35
N VAL E 92 10.62 25.31 29.07
CA VAL E 92 10.26 26.57 29.69
C VAL E 92 8.88 26.41 30.32
N ALA E 93 8.41 27.51 30.92
CA ALA E 93 7.02 27.62 31.37
C ALA E 93 6.32 28.63 30.49
N PRO E 94 5.35 28.24 29.65
CA PRO E 94 4.74 29.19 28.71
C PRO E 94 3.73 30.15 29.33
N GLU E 95 3.40 30.00 30.61
CA GLU E 95 2.49 30.92 31.29
C GLU E 95 3.14 32.24 31.67
N GLU E 96 4.47 32.36 31.56
CA GLU E 96 5.20 33.57 31.87
C GLU E 96 6.07 34.02 30.71
N HIS E 97 5.68 33.67 29.48
CA HIS E 97 6.50 33.96 28.31
C HIS E 97 5.61 34.34 27.14
N PRO E 98 5.88 35.46 26.46
CA PRO E 98 5.20 35.74 25.20
C PRO E 98 5.66 34.83 24.09
N THR E 99 4.74 34.53 23.17
CA THR E 99 5.01 33.55 22.11
C THR E 99 4.42 34.07 20.80
N LEU E 100 5.29 34.43 19.86
CA LEU E 100 4.84 34.81 18.53
C LEU E 100 4.64 33.55 17.68
N LEU E 101 3.68 33.63 16.75
CA LEU E 101 3.38 32.54 15.84
C LEU E 101 3.30 33.06 14.41
N THR E 102 3.52 32.16 13.46
CA THR E 102 3.45 32.48 12.05
C THR E 102 2.23 31.84 11.43
N GLU E 103 1.81 32.38 10.28
CA GLU E 103 0.64 31.88 9.58
C GLU E 103 0.78 32.16 8.10
N ALA E 104 0.35 31.20 7.28
CA ALA E 104 0.30 31.39 5.85
C ALA E 104 -0.81 32.38 5.48
N PRO E 105 -0.61 33.19 4.44
CA PRO E 105 -1.70 34.06 3.98
C PRO E 105 -2.76 33.28 3.24
N LEU E 106 -3.93 33.92 3.09
CA LEU E 106 -5.18 33.38 2.53
C LEU E 106 -5.62 32.11 3.24
N ASN E 107 -5.53 32.12 4.56
CA ASN E 107 -5.92 31.04 5.44
C ASN E 107 -7.40 31.16 5.80
N PRO E 108 -8.07 30.04 6.08
CA PRO E 108 -9.36 30.12 6.79
C PRO E 108 -9.19 30.74 8.18
N LYS E 109 -10.20 31.51 8.57
CA LYS E 109 -10.11 32.31 9.80
C LYS E 109 -10.26 31.47 11.05
N ALA E 110 -11.00 30.35 10.97
CA ALA E 110 -11.27 29.50 12.13
C ALA E 110 -10.04 28.75 12.61
N ASN E 111 -9.05 28.55 11.73
CA ASN E 111 -7.74 28.07 12.14
C ASN E 111 -7.06 29.04 13.09
N ARG E 112 -7.14 30.34 12.79
CA ARG E 112 -6.60 31.36 13.68
C ARG E 112 -7.44 31.50 14.95
N GLU E 113 -8.75 31.28 14.85
CA GLU E 113 -9.63 31.28 16.02
C GLU E 113 -9.29 30.17 17.00
N LYS E 114 -9.08 28.95 16.47
CA LYS E 114 -8.73 27.83 17.34
C LYS E 114 -7.30 27.91 17.83
N MET E 115 -6.40 28.51 17.04
CA MET E 115 -5.03 28.77 17.50
C MET E 115 -5.00 29.77 18.65
N THR E 116 -5.82 30.82 18.56
CA THR E 116 -5.96 31.80 19.62
C THR E 116 -6.58 31.19 20.88
N GLN E 117 -7.58 30.31 20.69
CA GLN E 117 -8.25 29.65 21.81
C GLN E 117 -7.34 28.66 22.54
N ILE E 118 -6.54 27.89 21.79
CA ILE E 118 -5.60 26.95 22.40
C ILE E 118 -4.45 27.68 23.07
N MET E 119 -3.93 28.74 22.42
CA MET E 119 -2.82 29.49 23.01
C MET E 119 -3.24 30.38 24.16
N PHE E 120 -4.54 30.65 24.33
CA PHE E 120 -5.00 31.43 25.45
C PHE E 120 -5.70 30.62 26.53
N GLU E 121 -6.01 29.35 26.29
CA GLU E 121 -6.67 28.54 27.31
C GLU E 121 -5.80 27.38 27.77
N THR E 122 -5.37 26.50 26.87
CA THR E 122 -4.57 25.34 27.28
C THR E 122 -3.12 25.74 27.52
N PHE E 123 -2.58 26.63 26.70
CA PHE E 123 -1.19 27.02 26.75
C PHE E 123 -1.09 28.51 27.05
N ASN E 124 -1.79 28.95 28.11
CA ASN E 124 -2.13 30.34 28.35
C ASN E 124 -0.98 31.33 28.61
N VAL E 125 -0.51 31.90 27.51
CA VAL E 125 0.59 32.87 27.48
C VAL E 125 0.09 34.20 28.01
N PRO E 126 0.95 35.06 28.55
CA PRO E 126 0.52 36.44 28.82
C PRO E 126 0.23 37.23 27.55
N ALA E 127 0.94 36.96 26.46
CA ALA E 127 0.74 37.68 25.22
C ALA E 127 1.13 36.79 24.05
N MET E 128 0.53 37.05 22.90
CA MET E 128 0.85 36.31 21.69
C MET E 128 0.59 37.20 20.48
N TYR E 129 1.06 36.75 19.32
CA TYR E 129 0.85 37.47 18.07
C TYR E 129 0.87 36.47 16.93
N VAL E 130 0.09 36.77 15.89
CA VAL E 130 0.05 35.98 14.66
C VAL E 130 0.57 36.86 13.54
N ALA E 131 1.65 36.43 12.90
CA ALA E 131 2.33 37.25 11.90
C ALA E 131 2.37 36.53 10.55
N ILE E 132 2.46 37.32 9.51
CA ILE E 132 2.58 36.80 8.15
C ILE E 132 4.04 36.39 7.92
N GLN E 133 4.23 35.24 7.27
CA GLN E 133 5.56 34.65 7.10
C GLN E 133 6.43 35.45 6.14
N ALA E 134 5.83 36.03 5.09
CA ALA E 134 6.59 36.78 4.11
C ALA E 134 7.10 38.11 4.65
N VAL E 135 6.36 38.69 5.60
CA VAL E 135 6.80 39.90 6.29
C VAL E 135 8.02 39.60 7.16
N LEU E 136 8.03 38.43 7.79
CA LEU E 136 9.18 38.01 8.60
C LEU E 136 10.38 37.66 7.74
N SER E 137 10.16 37.08 6.54
CA SER E 137 11.26 36.81 5.63
C SER E 137 11.85 38.09 5.06
N LEU E 138 11.02 39.09 4.78
CA LEU E 138 11.53 40.39 4.33
C LEU E 138 12.21 41.16 5.46
N TYR E 139 11.78 40.96 6.70
CA TYR E 139 12.50 41.53 7.84
C TYR E 139 13.85 40.87 8.04
N ALA E 140 13.93 39.55 7.83
CA ALA E 140 15.21 38.86 7.94
C ALA E 140 16.14 39.19 6.78
N SER E 141 15.59 39.53 5.62
CA SER E 141 16.44 39.98 4.52
C SER E 141 16.96 41.40 4.71
N GLY E 142 16.33 42.19 5.59
CA GLY E 142 16.82 43.50 5.94
C GLY E 142 16.14 44.66 5.23
N ARG E 143 15.54 44.39 4.07
CA ARG E 143 14.91 45.44 3.28
C ARG E 143 13.45 45.62 3.69
N THR E 144 12.91 46.79 3.36
CA THR E 144 11.54 47.14 3.72
C THR E 144 10.54 46.75 2.63
N THR E 145 10.88 46.94 1.36
CA THR E 145 10.03 46.57 0.25
C THR E 145 10.55 45.31 -0.43
N GLY E 146 9.77 44.81 -1.38
CA GLY E 146 10.11 43.62 -2.13
C GLY E 146 9.00 42.59 -2.09
N ILE E 147 9.13 41.60 -2.96
CA ILE E 147 8.15 40.53 -3.09
C ILE E 147 8.81 39.22 -2.64
N VAL E 148 8.15 38.51 -1.73
CA VAL E 148 8.67 37.29 -1.15
C VAL E 148 7.92 36.11 -1.76
N LEU E 149 8.66 35.17 -2.34
CA LEU E 149 8.15 33.85 -2.69
C LEU E 149 8.50 32.93 -1.53
N ASP E 150 7.53 32.63 -0.68
CA ASP E 150 7.75 31.76 0.45
C ASP E 150 7.09 30.41 0.18
N SER E 151 7.89 29.35 0.23
CA SER E 151 7.42 28.00 -0.07
C SER E 151 7.92 27.06 1.04
N GLY E 152 7.02 26.70 1.94
CA GLY E 152 7.37 25.78 3.00
C GLY E 152 7.18 24.34 2.58
N ASP E 153 6.37 23.60 3.31
CA ASP E 153 6.06 22.22 2.95
C ASP E 153 4.69 22.05 2.33
N GLY E 154 3.76 22.97 2.57
CA GLY E 154 2.46 22.87 1.93
C GLY E 154 2.02 24.06 1.09
N VAL E 155 2.46 25.27 1.44
CA VAL E 155 1.94 26.49 0.85
C VAL E 155 3.07 27.19 0.09
N THR E 156 2.83 27.51 -1.18
CA THR E 156 3.76 28.31 -1.97
C THR E 156 3.07 29.63 -2.30
N HIS E 157 3.44 30.71 -1.63
CA HIS E 157 2.74 31.97 -1.82
C HIS E 157 3.70 33.10 -2.18
N ASN E 158 3.27 33.91 -3.15
CA ASN E 158 3.94 35.14 -3.53
C ASN E 158 3.22 36.30 -2.88
N VAL E 159 3.92 37.05 -2.02
CA VAL E 159 3.38 38.20 -1.33
C VAL E 159 4.26 39.41 -1.61
N PRO E 160 3.76 40.47 -2.26
CA PRO E 160 4.54 41.70 -2.37
C PRO E 160 4.24 42.70 -1.26
N ILE E 161 5.29 43.31 -0.74
CA ILE E 161 5.20 44.30 0.32
C ILE E 161 5.90 45.56 -0.17
N TYR E 162 5.20 46.70 -0.13
CA TYR E 162 5.77 47.99 -0.51
C TYR E 162 5.70 48.93 0.68
N GLU E 163 6.87 49.46 1.07
CA GLU E 163 7.07 50.43 2.17
C GLU E 163 6.57 49.92 3.52
N GLY E 164 6.68 48.62 3.76
CA GLY E 164 6.20 48.02 4.98
C GLY E 164 4.74 47.63 4.95
N TYR E 165 4.00 47.98 3.90
CA TYR E 165 2.59 47.63 3.78
C TYR E 165 2.48 46.36 2.96
N ALA E 166 1.92 45.31 3.55
CA ALA E 166 1.68 44.08 2.81
C ALA E 166 0.40 44.24 1.99
N LEU E 167 0.54 44.22 0.67
CA LEU E 167 -0.60 44.44 -0.22
C LEU E 167 -1.46 43.18 -0.27
N PRO E 168 -2.76 43.27 0.05
CA PRO E 168 -3.57 42.05 0.18
C PRO E 168 -4.02 41.47 -1.15
N HIS E 169 -4.30 42.32 -2.13
CA HIS E 169 -4.98 41.88 -3.34
C HIS E 169 -4.06 41.15 -4.32
N ALA E 170 -2.75 41.31 -4.19
CA ALA E 170 -1.80 40.67 -5.09
C ALA E 170 -1.16 39.42 -4.48
N ILE E 171 -1.67 38.94 -3.35
CA ILE E 171 -1.14 37.72 -2.74
C ILE E 171 -1.63 36.53 -3.54
N MET E 172 -0.69 35.75 -4.07
CA MET E 172 -1.02 34.62 -4.93
C MET E 172 -0.57 33.33 -4.25
N ARG E 173 -1.51 32.44 -4.00
CA ARG E 173 -1.26 31.20 -3.27
C ARG E 173 -1.42 30.01 -4.20
N LEU E 174 -0.40 29.16 -4.26
CA LEU E 174 -0.45 27.90 -4.98
C LEU E 174 -0.13 26.76 -4.02
N ASP E 175 -0.96 25.73 -4.03
CA ASP E 175 -0.79 24.58 -3.15
C ASP E 175 0.07 23.53 -3.84
N LEU E 176 1.36 23.85 -3.95
CA LEU E 176 2.34 22.95 -4.56
C LEU E 176 3.67 23.21 -3.88
N ALA E 177 4.11 22.27 -3.06
CA ALA E 177 5.34 22.43 -2.30
C ALA E 177 5.94 21.03 -2.11
N GLY E 178 6.82 20.90 -1.11
CA GLY E 178 7.72 19.78 -0.98
C GLY E 178 7.07 18.43 -0.69
N ARG E 179 5.87 18.43 -0.11
CA ARG E 179 5.16 17.16 0.08
C ARG E 179 4.62 16.62 -1.24
N ASP E 180 4.19 17.51 -2.13
CA ASP E 180 3.79 17.10 -3.47
C ASP E 180 4.98 16.62 -4.30
N LEU E 181 6.14 17.23 -4.09
CA LEU E 181 7.36 16.76 -4.75
C LEU E 181 7.81 15.41 -4.19
N THR E 182 7.61 15.18 -2.89
CA THR E 182 7.93 13.89 -2.27
C THR E 182 7.00 12.79 -2.79
N ASP E 183 5.71 13.08 -2.91
CA ASP E 183 4.77 12.11 -3.46
C ASP E 183 4.99 11.88 -4.96
N TYR E 184 5.41 12.91 -5.69
CA TYR E 184 5.74 12.74 -7.10
C TYR E 184 7.01 11.93 -7.29
N LEU E 185 8.00 12.10 -6.40
CA LEU E 185 9.20 11.28 -6.45
C LEU E 185 8.91 9.83 -6.07
N MET E 186 7.99 9.62 -5.12
CA MET E 186 7.50 8.27 -4.80
C MET E 186 6.74 7.65 -5.97
N LYS E 187 6.07 8.47 -6.78
CA LYS E 187 5.43 7.96 -7.99
C LYS E 187 6.46 7.58 -9.05
N ILE E 188 7.43 8.47 -9.31
CA ILE E 188 8.34 8.25 -10.43
C ILE E 188 9.54 7.39 -10.08
N LEU E 189 9.67 6.96 -8.82
CA LEU E 189 10.73 6.00 -8.50
C LEU E 189 10.37 4.57 -8.88
N THR E 190 9.12 4.30 -9.27
CA THR E 190 8.70 2.99 -9.72
C THR E 190 9.01 2.72 -11.18
N GLU E 191 9.57 3.69 -11.91
CA GLU E 191 9.97 3.47 -13.29
C GLU E 191 11.19 2.55 -13.38
N ARG E 192 12.12 2.68 -12.43
CA ARG E 192 13.32 1.86 -12.42
C ARG E 192 13.17 0.60 -11.58
N GLY E 193 12.03 0.40 -10.92
CA GLY E 193 11.79 -0.79 -10.14
C GLY E 193 11.81 -0.62 -8.64
N TYR E 194 11.85 0.61 -8.13
CA TYR E 194 11.90 0.86 -6.70
C TYR E 194 10.51 1.22 -6.19
N SER E 195 10.02 0.45 -5.22
CA SER E 195 8.69 0.62 -4.68
C SER E 195 8.77 1.29 -3.32
N PHE E 196 8.02 2.37 -3.15
CA PHE E 196 7.92 3.07 -1.88
C PHE E 196 6.46 3.42 -1.65
N VAL E 197 5.80 2.69 -0.75
CA VAL E 197 4.37 2.89 -0.51
C VAL E 197 4.06 3.30 0.93
N THR E 198 4.92 3.04 1.89
CA THR E 198 4.59 3.30 3.29
C THR E 198 4.97 4.72 3.68
N THR E 199 4.49 5.12 4.87
CA THR E 199 4.84 6.42 5.42
C THR E 199 6.27 6.46 5.96
N ALA E 200 6.82 5.30 6.32
CA ALA E 200 8.23 5.25 6.70
C ALA E 200 9.15 5.39 5.50
N GLU E 201 8.67 5.01 4.32
CA GLU E 201 9.42 5.21 3.08
C GLU E 201 9.35 6.65 2.59
N ARG E 202 8.37 7.42 3.07
CA ARG E 202 8.23 8.82 2.69
C ARG E 202 9.38 9.66 3.21
N GLU E 203 9.90 9.34 4.40
CA GLU E 203 11.05 10.04 4.94
C GLU E 203 12.33 9.69 4.17
N ILE E 204 12.43 8.46 3.66
CA ILE E 204 13.58 8.04 2.85
C ILE E 204 13.56 8.75 1.49
N VAL E 205 12.38 8.84 0.87
CA VAL E 205 12.25 9.56 -0.40
C VAL E 205 12.43 11.07 -0.21
N ARG E 206 12.01 11.61 0.95
CA ARG E 206 12.25 13.00 1.30
C ARG E 206 13.73 13.30 1.51
N ASP E 207 14.47 12.36 2.11
CA ASP E 207 15.91 12.53 2.26
C ASP E 207 16.65 12.40 0.93
N ILE E 208 16.15 11.54 0.04
CA ILE E 208 16.69 11.41 -1.33
C ILE E 208 16.50 12.72 -2.11
N LYS E 209 15.32 13.33 -1.99
CA LYS E 209 15.04 14.62 -2.61
C LYS E 209 15.85 15.74 -1.98
N GLU E 210 16.08 15.67 -0.67
CA GLU E 210 16.84 16.71 0.03
C GLU E 210 18.33 16.64 -0.31
N LYS E 211 18.86 15.44 -0.56
CA LYS E 211 20.29 15.32 -0.79
C LYS E 211 20.72 15.28 -2.25
N LEU E 212 19.87 14.80 -3.16
CA LEU E 212 20.34 14.48 -4.50
C LEU E 212 19.68 15.27 -5.62
N CYS E 213 18.69 16.10 -5.33
CA CYS E 213 17.93 16.77 -6.37
C CYS E 213 18.42 18.18 -6.62
N TYR E 214 18.18 18.67 -7.83
CA TYR E 214 18.60 20.00 -8.27
C TYR E 214 17.70 20.45 -9.40
N VAL E 215 17.64 21.76 -9.61
CA VAL E 215 16.84 22.35 -10.68
C VAL E 215 17.76 22.55 -11.89
N ALA E 216 17.37 21.99 -13.03
CA ALA E 216 18.10 22.19 -14.27
C ALA E 216 17.90 23.61 -14.79
N LEU E 217 18.96 24.15 -15.41
CA LEU E 217 18.85 25.46 -16.04
C LEU E 217 18.02 25.39 -17.31
N ASP E 218 18.24 24.37 -18.13
CA ASP E 218 17.38 24.05 -19.26
C ASP E 218 16.91 22.62 -19.09
N PHE E 219 15.59 22.42 -19.15
CA PHE E 219 15.04 21.09 -18.88
C PHE E 219 15.25 20.14 -20.04
N GLU E 220 15.09 20.62 -21.28
CA GLU E 220 15.15 19.75 -22.45
C GLU E 220 16.57 19.30 -22.75
N ASN E 221 17.54 20.20 -22.59
CA ASN E 221 18.94 19.84 -22.83
C ASN E 221 19.48 18.91 -21.76
N GLU E 222 19.05 19.09 -20.51
CA GLU E 222 19.45 18.17 -19.45
C GLU E 222 18.76 16.83 -19.57
N MET E 223 17.53 16.80 -20.10
CA MET E 223 16.87 15.54 -20.39
C MET E 223 17.53 14.81 -21.54
N ALA E 224 17.99 15.54 -22.56
CA ALA E 224 18.74 14.93 -23.65
C ALA E 224 20.12 14.46 -23.20
N THR E 225 20.73 15.17 -22.24
CA THR E 225 22.00 14.74 -21.67
C THR E 225 21.86 13.47 -20.85
N ALA E 226 20.78 13.38 -20.06
CA ALA E 226 20.54 12.18 -19.26
C ALA E 226 20.10 11.00 -20.12
N ALA E 227 19.41 11.26 -21.24
CA ALA E 227 19.02 10.19 -22.13
C ALA E 227 20.18 9.72 -23.00
N SER E 228 21.10 10.61 -23.35
CA SER E 228 22.20 10.24 -24.25
C SER E 228 23.25 9.39 -23.56
N SER E 229 23.60 9.72 -22.31
CA SER E 229 24.63 9.00 -21.59
C SER E 229 24.34 9.05 -20.11
N SER E 230 25.00 8.16 -19.37
CA SER E 230 24.82 8.08 -17.92
C SER E 230 25.87 8.88 -17.16
N SER E 231 26.04 10.15 -17.56
CA SER E 231 26.98 11.04 -16.89
C SER E 231 26.36 11.80 -15.74
N LEU E 232 25.04 11.67 -15.53
CA LEU E 232 24.34 12.38 -14.48
C LEU E 232 23.78 11.44 -13.40
N GLU E 233 24.09 10.15 -13.48
CA GLU E 233 23.53 9.19 -12.54
C GLU E 233 24.21 9.26 -11.19
N LYS E 234 23.42 9.19 -10.13
CA LYS E 234 23.93 9.25 -8.77
C LYS E 234 23.33 8.10 -7.97
N SER E 235 24.12 7.55 -7.06
CA SER E 235 23.71 6.41 -6.25
C SER E 235 23.38 6.85 -4.83
N TYR E 236 22.63 6.00 -4.14
CA TYR E 236 22.21 6.28 -2.77
C TYR E 236 22.12 4.97 -2.02
N GLU E 237 22.52 4.98 -0.75
CA GLU E 237 22.48 3.80 0.10
C GLU E 237 21.22 3.84 0.95
N LEU E 238 20.37 2.83 0.78
CA LEU E 238 19.18 2.67 1.59
C LEU E 238 19.57 2.21 2.99
N PRO E 239 18.72 2.45 4.00
CA PRO E 239 19.07 2.05 5.39
C PRO E 239 19.15 0.55 5.65
N ASP E 240 18.68 -0.32 4.76
CA ASP E 240 18.96 -1.75 4.91
C ASP E 240 20.25 -2.16 4.20
N GLY E 241 20.94 -1.23 3.55
CA GLY E 241 22.18 -1.52 2.86
C GLY E 241 22.07 -1.64 1.36
N GLN E 242 20.87 -1.56 0.80
CA GLN E 242 20.72 -1.62 -0.65
C GLN E 242 21.10 -0.28 -1.27
N VAL E 243 21.49 -0.32 -2.55
CA VAL E 243 21.96 0.85 -3.27
C VAL E 243 21.06 1.06 -4.48
N ILE E 244 20.45 2.23 -4.57
CA ILE E 244 19.66 2.62 -5.73
C ILE E 244 20.44 3.62 -6.55
N THR E 245 20.05 3.76 -7.81
CA THR E 245 20.71 4.68 -8.75
C THR E 245 19.65 5.45 -9.51
N ILE E 246 19.76 6.77 -9.54
CA ILE E 246 18.79 7.60 -10.24
C ILE E 246 19.51 8.50 -11.23
N GLY E 247 18.82 8.80 -12.33
CA GLY E 247 19.34 9.60 -13.40
C GLY E 247 18.65 10.95 -13.54
N ASN E 248 17.69 11.03 -14.47
CA ASN E 248 17.02 12.29 -14.77
C ASN E 248 16.03 12.72 -13.69
N GLU E 249 15.65 11.80 -12.79
CA GLU E 249 14.66 12.06 -11.74
C GLU E 249 15.18 12.99 -10.64
N ARG E 250 16.47 13.32 -10.62
CA ARG E 250 16.96 14.39 -9.78
C ARG E 250 16.46 15.76 -10.23
N PHE E 251 16.18 15.95 -11.52
CA PHE E 251 15.63 17.23 -11.96
C PHE E 251 14.22 17.15 -12.50
N ARG E 252 13.66 15.95 -12.68
CA ARG E 252 12.26 15.86 -13.04
C ARG E 252 11.36 16.15 -11.84
N CYS E 253 11.85 15.90 -10.63
CA CYS E 253 11.06 16.13 -9.43
C CYS E 253 10.92 17.61 -9.02
N PRO E 254 11.93 18.50 -9.04
CA PRO E 254 11.60 19.91 -8.84
C PRO E 254 11.22 20.69 -10.09
N GLU E 255 10.96 20.01 -11.22
CA GLU E 255 10.38 20.65 -12.39
C GLU E 255 8.89 20.88 -12.24
N THR E 256 8.25 20.26 -11.23
CA THR E 256 6.84 20.48 -10.93
C THR E 256 6.59 21.90 -10.43
N LEU E 257 7.59 22.51 -9.77
CA LEU E 257 7.51 23.91 -9.35
C LEU E 257 7.52 24.87 -10.54
N PHE E 258 8.13 24.48 -11.65
CA PHE E 258 8.11 25.29 -12.86
C PHE E 258 7.18 24.76 -13.93
N GLN E 259 6.65 23.54 -13.76
CA GLN E 259 5.62 23.00 -14.64
C GLN E 259 4.66 22.16 -13.82
N PRO E 260 3.57 22.76 -13.33
CA PRO E 260 2.60 21.99 -12.53
C PRO E 260 1.63 21.15 -13.34
N SER E 261 1.79 21.05 -14.66
CA SER E 261 0.96 20.19 -15.48
C SER E 261 1.37 18.71 -15.42
N PHE E 262 2.49 18.40 -14.76
CA PHE E 262 2.91 17.01 -14.60
C PHE E 262 2.01 16.27 -13.62
N ILE E 263 1.62 16.91 -12.52
CA ILE E 263 0.78 16.28 -11.51
C ILE E 263 -0.69 16.66 -11.68
N GLY E 264 -1.05 17.31 -12.78
CA GLY E 264 -2.43 17.58 -13.10
C GLY E 264 -2.97 18.91 -12.65
N MET E 265 -2.16 19.75 -12.02
CA MET E 265 -2.60 21.08 -11.63
C MET E 265 -2.64 21.99 -12.85
N GLU E 266 -3.76 22.72 -13.02
CA GLU E 266 -3.95 23.54 -14.20
C GLU E 266 -3.13 24.82 -14.17
N SER E 267 -2.93 25.39 -12.97
CA SER E 267 -2.26 26.66 -12.80
C SER E 267 -0.77 26.55 -13.10
N ALA E 268 -0.18 27.69 -13.45
CA ALA E 268 1.18 27.72 -13.98
C ALA E 268 2.21 27.66 -12.85
N GLY E 269 3.48 27.77 -13.24
CA GLY E 269 4.58 27.66 -12.30
C GLY E 269 4.77 28.91 -11.46
N ILE E 270 5.83 28.88 -10.66
CA ILE E 270 6.06 29.95 -9.69
C ILE E 270 6.58 31.23 -10.34
N HIS E 271 7.17 31.13 -11.54
CA HIS E 271 7.61 32.34 -12.22
C HIS E 271 6.43 33.12 -12.80
N GLU E 272 5.44 32.41 -13.36
CA GLU E 272 4.24 33.08 -13.85
C GLU E 272 3.36 33.55 -12.71
N THR E 273 3.39 32.84 -11.58
CA THR E 273 2.71 33.28 -10.37
C THR E 273 3.32 34.56 -9.81
N THR E 274 4.66 34.65 -9.83
CA THR E 274 5.36 35.85 -9.37
C THR E 274 5.12 37.02 -10.32
N TYR E 275 5.09 36.74 -11.64
CA TYR E 275 4.83 37.77 -12.64
C TYR E 275 3.40 38.29 -12.57
N ASN E 276 2.43 37.40 -12.33
CA ASN E 276 1.05 37.85 -12.18
C ASN E 276 0.80 38.53 -10.84
N SER E 277 1.59 38.19 -9.81
CA SER E 277 1.49 38.90 -8.55
C SER E 277 2.08 40.30 -8.65
N ILE E 278 3.15 40.46 -9.43
CA ILE E 278 3.75 41.78 -9.63
C ILE E 278 2.85 42.63 -10.53
N MET E 279 2.32 42.05 -11.61
CA MET E 279 1.49 42.78 -12.57
C MET E 279 0.11 43.15 -12.04
N LYS E 280 -0.32 42.58 -10.91
CA LYS E 280 -1.54 43.04 -10.25
C LYS E 280 -1.33 44.32 -9.45
N CYS E 281 -0.08 44.70 -9.19
CA CYS E 281 0.20 45.90 -8.40
C CYS E 281 0.19 47.13 -9.29
N ASP E 282 0.55 48.28 -8.73
CA ASP E 282 0.63 49.52 -9.47
C ASP E 282 1.86 49.51 -10.38
N ILE E 283 1.83 50.39 -11.40
CA ILE E 283 2.94 50.49 -12.33
C ILE E 283 4.09 51.32 -11.77
N ASP E 284 3.88 52.05 -10.68
CA ASP E 284 4.91 52.89 -10.10
C ASP E 284 5.83 52.14 -9.14
N ILE E 285 5.46 50.94 -8.71
CA ILE E 285 6.20 50.20 -7.69
C ILE E 285 6.84 48.93 -8.23
N ARG E 286 6.71 48.66 -9.52
CA ARG E 286 7.18 47.38 -10.07
C ARG E 286 8.71 47.33 -10.19
N LYS E 287 9.36 48.48 -10.34
CA LYS E 287 10.82 48.53 -10.40
C LYS E 287 11.44 48.20 -9.04
N ASP E 288 10.74 48.53 -7.96
CA ASP E 288 11.12 48.06 -6.63
C ASP E 288 10.73 46.61 -6.37
N LEU E 289 9.93 45.99 -7.25
CA LEU E 289 9.62 44.57 -7.11
C LEU E 289 10.34 43.69 -8.12
N TYR E 290 10.79 44.25 -9.25
CA TYR E 290 11.58 43.51 -10.21
C TYR E 290 12.97 43.18 -9.69
N ALA E 291 13.57 44.06 -8.89
CA ALA E 291 14.94 43.88 -8.43
C ALA E 291 15.04 43.54 -6.95
N ASN E 292 13.97 43.06 -6.33
CA ASN E 292 13.98 42.74 -4.91
C ASN E 292 13.25 41.42 -4.65
N ASN E 293 13.53 40.42 -5.47
CA ASN E 293 12.91 39.10 -5.31
C ASN E 293 13.65 38.33 -4.24
N VAL E 294 13.04 38.20 -3.07
CA VAL E 294 13.63 37.49 -1.94
C VAL E 294 12.98 36.12 -1.83
N MET E 295 13.81 35.08 -1.83
CA MET E 295 13.35 33.70 -1.74
C MET E 295 13.52 33.19 -0.33
N SER E 296 12.56 32.39 0.14
CA SER E 296 12.58 31.88 1.51
C SER E 296 11.88 30.54 1.54
N GLY E 297 12.05 29.83 2.65
CA GLY E 297 11.46 28.52 2.82
C GLY E 297 12.38 27.41 2.37
N GLY E 298 12.09 26.20 2.87
CA GLY E 298 12.93 25.05 2.61
C GLY E 298 12.81 24.45 1.23
N THR E 299 11.77 24.82 0.48
CA THR E 299 11.62 24.31 -0.88
C THR E 299 12.59 24.99 -1.83
N THR E 300 13.03 26.20 -1.50
CA THR E 300 13.86 27.01 -2.39
C THR E 300 15.36 26.76 -2.21
N MET E 301 15.76 25.57 -1.78
CA MET E 301 17.16 25.27 -1.51
C MET E 301 17.77 24.33 -2.56
N TYR E 302 17.14 24.18 -3.72
CA TYR E 302 17.78 23.52 -4.84
C TYR E 302 18.90 24.40 -5.40
N PRO E 303 19.98 23.80 -5.91
CA PRO E 303 21.04 24.63 -6.51
C PRO E 303 20.83 24.95 -7.98
N GLY E 304 19.60 25.26 -8.39
CA GLY E 304 19.34 25.79 -9.71
C GLY E 304 18.16 26.73 -9.74
N ILE E 305 17.62 27.07 -8.57
CA ILE E 305 16.33 27.75 -8.52
C ILE E 305 16.47 29.24 -8.82
N ALA E 306 17.60 29.86 -8.45
CA ALA E 306 17.79 31.29 -8.64
C ALA E 306 18.07 31.62 -10.10
N ASP E 307 18.87 30.80 -10.78
CA ASP E 307 19.21 31.03 -12.17
C ASP E 307 18.01 30.79 -13.09
N ARG E 308 17.25 29.72 -12.83
CA ARG E 308 16.07 29.42 -13.63
C ARG E 308 14.95 30.43 -13.36
N MET E 309 14.82 30.87 -12.10
CA MET E 309 13.85 31.90 -11.74
C MET E 309 14.17 33.24 -12.39
N GLN E 310 15.46 33.62 -12.39
CA GLN E 310 15.89 34.87 -13.01
C GLN E 310 15.75 34.83 -14.53
N LYS E 311 16.03 33.66 -15.13
CA LYS E 311 15.88 33.49 -16.58
C LYS E 311 14.42 33.54 -17.01
N GLU E 312 13.52 32.90 -16.25
CA GLU E 312 12.12 32.90 -16.62
C GLU E 312 11.44 34.24 -16.36
N ILE E 313 11.84 34.94 -15.29
CA ILE E 313 11.27 36.26 -15.01
C ILE E 313 11.77 37.29 -16.01
N THR E 314 13.06 37.23 -16.37
CA THR E 314 13.61 38.13 -17.38
C THR E 314 13.09 37.80 -18.78
N ALA E 315 12.73 36.54 -19.02
CA ALA E 315 12.02 36.21 -20.25
C ALA E 315 10.59 36.74 -20.26
N LEU E 316 9.94 36.80 -19.08
CA LEU E 316 8.57 37.29 -19.03
C LEU E 316 8.50 38.82 -19.04
N ALA E 317 9.35 39.48 -18.25
CA ALA E 317 9.32 40.93 -18.09
C ALA E 317 9.90 41.63 -19.32
N PRO E 318 9.60 42.93 -19.49
CA PRO E 318 10.37 43.74 -20.44
C PRO E 318 11.84 43.84 -20.04
N SER E 319 12.72 43.88 -21.04
CA SER E 319 14.15 43.71 -20.85
C SER E 319 14.83 44.95 -20.29
N THR E 320 14.14 46.09 -20.21
CA THR E 320 14.73 47.33 -19.71
C THR E 320 14.55 47.50 -18.21
N MET E 321 14.31 46.42 -17.48
CA MET E 321 14.16 46.45 -16.03
C MET E 321 15.19 45.53 -15.38
N LYS E 322 15.62 45.89 -14.18
CA LYS E 322 16.61 45.11 -13.46
C LYS E 322 15.95 43.94 -12.75
N ILE E 323 16.47 42.74 -12.99
CA ILE E 323 15.98 41.52 -12.35
C ILE E 323 17.04 41.05 -11.37
N LYS E 324 16.67 40.95 -10.09
CA LYS E 324 17.60 40.54 -9.06
C LYS E 324 16.91 39.56 -8.13
N ILE E 325 17.60 38.45 -7.82
CA ILE E 325 17.07 37.42 -6.95
C ILE E 325 17.89 37.42 -5.67
N ILE E 326 17.29 37.91 -4.58
CA ILE E 326 17.94 37.92 -3.27
C ILE E 326 17.80 36.51 -2.70
N ALA E 327 18.89 35.74 -2.71
CA ALA E 327 18.89 34.36 -2.25
C ALA E 327 19.93 34.22 -1.13
N PRO E 328 19.53 34.44 0.13
CA PRO E 328 20.48 34.28 1.22
C PRO E 328 20.72 32.81 1.51
N PRO E 329 21.89 32.45 2.06
CA PRO E 329 22.13 31.03 2.41
C PRO E 329 21.36 30.57 3.62
N GLU E 330 20.95 31.47 4.51
CA GLU E 330 20.17 31.12 5.69
C GLU E 330 18.68 31.35 5.49
N ARG E 331 18.18 31.10 4.28
CA ARG E 331 16.78 31.36 3.97
C ARG E 331 15.85 30.34 4.62
N LYS E 332 16.36 29.11 4.84
CA LYS E 332 15.54 27.97 5.29
C LYS E 332 15.03 28.16 6.72
N TYR E 333 15.72 28.95 7.52
CA TYR E 333 15.25 29.31 8.84
C TYR E 333 14.92 30.79 8.97
N SER E 334 14.90 31.52 7.83
CA SER E 334 14.80 32.98 7.86
C SER E 334 13.43 33.47 8.30
N VAL E 335 12.40 32.64 8.09
CA VAL E 335 11.05 32.89 8.60
C VAL E 335 11.04 32.91 10.12
N TRP E 336 11.89 32.10 10.76
CA TRP E 336 12.11 32.23 12.19
C TRP E 336 12.89 33.50 12.51
N ILE E 337 13.90 33.82 11.69
CA ILE E 337 14.99 34.73 12.07
C ILE E 337 14.49 36.17 12.15
N GLY E 338 13.68 36.59 11.17
CA GLY E 338 13.01 37.88 11.20
C GLY E 338 12.00 38.03 12.32
N GLY E 339 11.43 36.91 12.79
CA GLY E 339 10.62 36.94 14.00
C GLY E 339 11.44 37.31 15.23
N SER E 340 12.70 36.85 15.27
CA SER E 340 13.65 37.31 16.27
C SER E 340 14.03 38.77 16.07
N ILE E 341 13.91 39.30 14.86
CA ILE E 341 13.98 40.74 14.67
C ILE E 341 12.73 41.40 15.24
N LEU E 342 11.56 40.79 15.03
CA LEU E 342 10.29 41.44 15.39
C LEU E 342 10.02 41.40 16.89
N ALA E 343 10.43 40.34 17.56
CA ALA E 343 10.22 40.23 19.00
C ALA E 343 11.21 41.06 19.81
N SER E 344 12.29 41.54 19.19
CA SER E 344 13.28 42.36 19.87
C SER E 344 13.05 43.85 19.66
N LEU E 345 11.93 44.25 19.06
CA LEU E 345 11.67 45.64 18.75
C LEU E 345 11.03 46.36 19.93
N SER E 346 11.35 47.65 20.07
CA SER E 346 10.74 48.47 21.11
C SER E 346 9.29 48.82 20.77
N THR E 347 8.97 48.95 19.49
CA THR E 347 7.64 49.34 19.06
C THR E 347 6.63 48.19 19.10
N PHE E 348 7.10 46.95 19.26
CA PHE E 348 6.20 45.80 19.23
C PHE E 348 5.56 45.50 20.57
N GLN E 349 5.91 46.25 21.63
CA GLN E 349 5.36 45.99 22.95
C GLN E 349 3.90 46.42 23.05
N GLN E 350 3.48 47.41 22.26
CA GLN E 350 2.09 47.81 22.22
C GLN E 350 1.25 46.95 21.29
N MET E 351 1.88 46.16 20.42
CA MET E 351 1.15 45.35 19.45
C MET E 351 0.87 43.94 19.94
N TRP E 352 1.20 43.62 21.19
CA TRP E 352 0.93 42.29 21.73
C TRP E 352 -0.54 42.14 22.08
N ILE E 353 -1.08 40.95 21.84
CA ILE E 353 -2.46 40.63 22.18
C ILE E 353 -2.46 40.03 23.57
N THR E 354 -2.91 40.81 24.55
CA THR E 354 -2.83 40.41 25.95
C THR E 354 -4.01 39.52 26.33
N LYS E 355 -3.99 39.05 27.58
CA LYS E 355 -5.06 38.18 28.07
C LYS E 355 -6.34 38.97 28.37
N GLN E 356 -6.20 40.24 28.75
CA GLN E 356 -7.37 41.07 29.07
C GLN E 356 -8.16 41.42 27.82
N GLU E 357 -7.48 41.62 26.69
CA GLU E 357 -8.15 41.86 25.42
C GLU E 357 -8.88 40.61 24.93
N TYR E 358 -8.30 39.44 25.18
CA TYR E 358 -8.96 38.17 24.85
C TYR E 358 -10.20 37.94 25.72
N ASP E 359 -10.09 38.21 27.02
CA ASP E 359 -11.24 38.07 27.92
C ASP E 359 -12.28 39.15 27.71
N GLU E 360 -11.91 40.28 27.11
CA GLU E 360 -12.90 41.29 26.74
C GLU E 360 -13.62 40.95 25.45
N ALA E 361 -12.90 40.49 24.42
CA ALA E 361 -13.46 40.43 23.08
C ALA E 361 -13.59 39.03 22.49
N GLY E 362 -13.37 37.97 23.27
CA GLY E 362 -13.41 36.63 22.74
C GLY E 362 -12.18 36.36 21.89
N PRO E 363 -12.23 35.32 21.04
CA PRO E 363 -11.16 35.14 20.05
C PRO E 363 -11.40 35.87 18.75
N SER E 364 -11.85 37.13 18.80
CA SER E 364 -12.16 37.90 17.61
C SER E 364 -11.24 39.11 17.42
N ILE E 365 -10.41 39.43 18.42
CA ILE E 365 -9.51 40.57 18.31
C ILE E 365 -8.30 40.23 17.44
N VAL E 366 -8.03 38.96 17.19
CA VAL E 366 -6.87 38.56 16.38
C VAL E 366 -7.11 38.81 14.88
N HIS E 367 -8.37 38.86 14.43
CA HIS E 367 -8.64 39.20 13.05
C HIS E 367 -8.53 40.71 12.81
N ARG E 368 -8.94 41.51 13.78
CA ARG E 368 -8.90 42.97 13.62
C ARG E 368 -7.49 43.51 13.87
N LYS E 369 -6.76 42.93 14.81
CA LYS E 369 -5.44 43.44 15.17
C LYS E 369 -4.39 43.01 14.15
N CYS E 370 -4.26 41.70 13.92
CA CYS E 370 -3.30 41.20 12.96
C CYS E 370 -3.83 41.37 11.54
N PHE E 371 -2.90 41.47 10.59
CA PHE E 371 -3.25 41.65 9.20
C PHE E 371 -3.73 40.34 8.57
N THR F 1 -35.25 38.32 -46.92
CA THR F 1 -33.87 38.36 -46.46
C THR F 1 -33.78 38.87 -45.02
N THR F 2 -33.88 37.94 -44.08
CA THR F 2 -33.87 38.31 -42.66
C THR F 2 -32.43 38.53 -42.19
N ALA F 3 -32.19 39.65 -41.52
CA ALA F 3 -30.87 39.96 -41.03
C ALA F 3 -30.58 39.20 -39.74
N LEU F 4 -29.31 39.20 -39.36
CA LEU F 4 -28.85 38.55 -38.14
C LEU F 4 -28.28 39.60 -37.19
N VAL F 5 -28.67 39.50 -35.93
CA VAL F 5 -28.09 40.31 -34.86
C VAL F 5 -27.28 39.37 -33.97
N CYS F 6 -26.01 39.70 -33.78
CA CYS F 6 -25.09 38.82 -33.05
C CYS F 6 -24.24 39.69 -32.11
N ASP F 7 -24.69 39.80 -30.86
CA ASP F 7 -23.87 40.44 -29.83
C ASP F 7 -22.77 39.47 -29.43
N ASN F 8 -21.53 39.81 -29.80
CA ASN F 8 -20.34 39.07 -29.40
C ASN F 8 -19.70 39.76 -28.20
N GLY F 9 -20.38 39.66 -27.07
CA GLY F 9 -19.91 40.28 -25.86
C GLY F 9 -18.85 39.44 -25.16
N SER F 10 -18.35 40.00 -24.05
CA SER F 10 -17.42 39.25 -23.20
C SER F 10 -18.12 38.12 -22.46
N GLY F 11 -19.39 38.31 -22.09
CA GLY F 11 -20.08 37.29 -21.32
C GLY F 11 -20.60 36.12 -22.13
N LEU F 12 -21.57 36.37 -23.00
CA LEU F 12 -22.21 35.32 -23.79
C LEU F 12 -22.51 35.85 -25.18
N VAL F 13 -22.32 35.00 -26.18
CA VAL F 13 -22.77 35.31 -27.53
C VAL F 13 -24.27 35.19 -27.61
N LYS F 14 -24.92 36.25 -28.08
CA LYS F 14 -26.37 36.32 -28.21
C LYS F 14 -26.68 36.61 -29.68
N ALA F 15 -27.09 35.59 -30.43
CA ALA F 15 -27.25 35.71 -31.87
C ALA F 15 -28.62 35.20 -32.30
N GLY F 16 -29.15 35.79 -33.36
CA GLY F 16 -30.45 35.37 -33.87
C GLY F 16 -30.89 36.21 -35.04
N PHE F 17 -32.14 36.02 -35.44
CA PHE F 17 -32.73 36.67 -36.60
C PHE F 17 -33.34 38.01 -36.24
N ALA F 18 -33.28 38.94 -37.18
CA ALA F 18 -33.81 40.28 -36.96
C ALA F 18 -35.33 40.29 -37.03
N GLY F 19 -35.94 41.25 -36.32
CA GLY F 19 -37.37 41.34 -36.22
C GLY F 19 -37.99 40.49 -35.13
N ASP F 20 -37.19 39.73 -34.39
CA ASP F 20 -37.70 38.91 -33.31
C ASP F 20 -37.62 39.64 -31.97
N ASP F 21 -38.15 39.00 -30.94
CA ASP F 21 -38.20 39.58 -29.60
C ASP F 21 -37.20 38.99 -28.64
N ALA F 22 -36.81 37.74 -28.82
CA ALA F 22 -35.81 37.08 -27.99
C ALA F 22 -34.75 36.47 -28.90
N PRO F 23 -33.47 36.47 -28.49
CA PRO F 23 -32.44 35.87 -29.34
C PRO F 23 -32.52 34.35 -29.35
N ARG F 24 -32.22 33.77 -30.52
CA ARG F 24 -32.39 32.33 -30.72
C ARG F 24 -31.27 31.53 -30.06
N ALA F 25 -30.05 32.07 -30.05
CA ALA F 25 -28.88 31.35 -29.58
C ALA F 25 -28.14 32.19 -28.55
N VAL F 26 -28.25 31.80 -27.28
CA VAL F 26 -27.52 32.43 -26.18
C VAL F 26 -26.59 31.38 -25.62
N PHE F 27 -25.28 31.55 -25.82
CA PHE F 27 -24.34 30.55 -25.34
C PHE F 27 -23.04 31.24 -24.95
N PRO F 28 -22.33 30.75 -23.93
CA PRO F 28 -21.11 31.43 -23.49
C PRO F 28 -19.95 31.27 -24.48
N SER F 29 -19.09 32.28 -24.50
CA SER F 29 -18.00 32.37 -25.47
C SER F 29 -16.72 31.85 -24.82
N ILE F 30 -16.55 30.53 -24.87
CA ILE F 30 -15.35 29.89 -24.38
C ILE F 30 -14.89 28.89 -25.43
N VAL F 31 -13.58 28.63 -25.46
CA VAL F 31 -13.01 27.57 -26.28
C VAL F 31 -12.30 26.61 -25.34
N GLY F 32 -12.75 25.36 -25.34
CA GLY F 32 -12.17 24.34 -24.46
C GLY F 32 -11.20 23.47 -25.23
N ARG F 33 -10.04 23.24 -24.63
CA ARG F 33 -9.07 22.35 -25.24
C ARG F 33 -8.68 21.24 -24.28
N PRO F 34 -8.49 20.01 -24.77
CA PRO F 34 -8.14 18.91 -23.88
C PRO F 34 -6.71 19.00 -23.38
N ARG F 35 -6.52 18.66 -22.10
CA ARG F 35 -5.22 18.75 -21.47
C ARG F 35 -4.66 17.41 -21.04
N HIS F 36 -5.47 16.35 -21.02
CA HIS F 36 -5.01 15.05 -20.58
C HIS F 36 -4.66 14.17 -21.78
N GLN F 37 -4.29 12.93 -21.52
CA GLN F 37 -3.83 12.01 -22.55
C GLN F 37 -5.00 11.18 -23.06
N GLY F 38 -5.28 11.27 -24.35
CA GLY F 38 -6.34 10.50 -24.97
C GLY F 38 -5.96 9.05 -25.14
N VAL F 39 -6.79 8.15 -24.59
CA VAL F 39 -6.45 6.74 -24.57
C VAL F 39 -7.40 5.89 -25.41
N MET F 40 -8.59 6.38 -25.73
CA MET F 40 -9.57 5.60 -26.50
C MET F 40 -9.47 5.97 -27.97
N VAL F 41 -9.33 4.97 -28.82
CA VAL F 41 -9.16 5.18 -30.24
C VAL F 41 -10.54 5.31 -30.89
N GLY F 42 -10.62 6.08 -31.97
CA GLY F 42 -11.87 6.25 -32.68
C GLY F 42 -12.76 7.31 -32.05
N MET F 43 -14.07 7.16 -32.31
CA MET F 43 -15.25 7.82 -31.73
C MET F 43 -15.31 9.34 -31.95
N GLY F 44 -14.40 9.93 -32.74
CA GLY F 44 -14.45 11.34 -33.05
C GLY F 44 -14.06 12.25 -31.90
N GLN F 45 -12.83 12.14 -31.42
CA GLN F 45 -12.35 13.00 -30.35
C GLN F 45 -11.79 14.28 -30.95
N LYS F 46 -12.54 15.38 -30.83
CA LYS F 46 -12.13 16.64 -31.40
C LYS F 46 -11.04 17.31 -30.55
N ASP F 47 -10.21 18.10 -31.21
CA ASP F 47 -9.12 18.81 -30.56
C ASP F 47 -9.57 20.15 -29.97
N SER F 48 -10.79 20.59 -30.26
CA SER F 48 -11.29 21.87 -29.76
C SER F 48 -12.81 21.80 -29.72
N TYR F 49 -13.39 22.05 -28.56
CA TYR F 49 -14.84 22.08 -28.37
C TYR F 49 -15.26 23.53 -28.15
N VAL F 50 -16.23 23.99 -28.92
CA VAL F 50 -16.62 25.39 -28.97
C VAL F 50 -18.04 25.53 -28.47
N GLY F 51 -18.25 26.37 -27.47
CA GLY F 51 -19.59 26.77 -27.07
C GLY F 51 -20.10 25.96 -25.89
N ASP F 52 -21.32 25.42 -26.04
CA ASP F 52 -21.96 24.70 -24.95
C ASP F 52 -21.36 23.32 -24.74
N GLU F 53 -20.71 22.77 -25.78
CA GLU F 53 -20.03 21.48 -25.64
C GLU F 53 -18.79 21.60 -24.76
N ALA F 54 -18.15 22.76 -24.77
CA ALA F 54 -17.06 23.01 -23.83
C ALA F 54 -17.57 23.20 -22.41
N GLN F 55 -18.78 23.74 -22.27
CA GLN F 55 -19.37 23.89 -20.94
C GLN F 55 -19.83 22.55 -20.38
N SER F 56 -20.30 21.65 -21.25
CA SER F 56 -20.80 20.36 -20.79
C SER F 56 -19.64 19.43 -20.40
N LYS F 57 -18.55 19.46 -21.16
CA LYS F 57 -17.40 18.60 -20.91
C LYS F 57 -16.26 19.35 -20.23
N ARG F 58 -16.57 20.27 -19.32
CA ARG F 58 -15.59 21.20 -18.78
C ARG F 58 -14.64 20.58 -17.75
N GLY F 59 -14.86 19.33 -17.35
CA GLY F 59 -14.00 18.68 -16.39
C GLY F 59 -12.70 18.13 -16.93
N ILE F 60 -12.46 18.21 -18.24
CA ILE F 60 -11.21 17.72 -18.83
C ILE F 60 -10.62 18.77 -19.75
N LEU F 61 -11.23 19.95 -19.81
CA LEU F 61 -10.81 20.98 -20.74
C LEU F 61 -10.26 22.19 -20.00
N THR F 62 -9.31 22.86 -20.66
CA THR F 62 -8.88 24.20 -20.28
C THR F 62 -9.64 25.19 -21.14
N LEU F 63 -10.31 26.14 -20.48
CA LEU F 63 -11.19 27.10 -21.14
C LEU F 63 -10.44 28.39 -21.40
N LYS F 64 -10.54 28.90 -22.63
CA LYS F 64 -9.93 30.15 -23.02
C LYS F 64 -11.01 31.08 -23.57
N TYR F 65 -11.11 32.27 -22.99
CA TYR F 65 -12.00 33.30 -23.50
C TYR F 65 -11.32 34.05 -24.64
N PRO F 66 -11.93 34.11 -25.83
CA PRO F 66 -11.31 34.87 -26.93
C PRO F 66 -11.43 36.37 -26.78
N ILE F 67 -12.31 36.87 -25.91
CA ILE F 67 -12.46 38.29 -25.67
C ILE F 67 -12.05 38.58 -24.24
N GLU F 68 -11.04 39.43 -24.07
CA GLU F 68 -10.61 39.82 -22.74
C GLU F 68 -10.61 41.34 -22.63
N HIC F 69 -11.37 41.83 -21.65
CA HIC F 69 -11.62 43.24 -21.35
C HIC F 69 -12.22 43.99 -22.53
O HIC F 69 -11.93 45.15 -22.84
CB HIC F 69 -10.38 44.06 -20.90
CG HIC F 69 -9.85 43.64 -19.60
ND1 HIC F 69 -8.87 42.65 -19.42
CD2 HIC F 69 -10.22 44.16 -18.34
CE1 HIC F 69 -8.66 42.57 -18.10
NE2 HIC F 69 -9.47 43.48 -17.39
CZ HIC F 69 -9.52 43.68 -15.98
N GLY F 70 -13.11 43.29 -23.24
CA GLY F 70 -13.83 43.85 -24.37
C GLY F 70 -13.08 43.91 -25.70
N ILE F 71 -11.82 43.49 -25.67
CA ILE F 71 -10.94 43.54 -26.84
C ILE F 71 -10.64 42.11 -27.26
N ILE F 72 -10.81 41.83 -28.54
CA ILE F 72 -10.60 40.48 -29.07
C ILE F 72 -9.09 40.23 -29.17
N THR F 73 -8.57 39.40 -28.27
CA THR F 73 -7.14 39.08 -28.28
C THR F 73 -6.84 37.96 -29.27
N ASN F 74 -7.42 36.78 -29.06
CA ASN F 74 -7.20 35.65 -29.95
C ASN F 74 -8.18 35.74 -31.11
N TRP F 75 -7.67 35.53 -32.33
CA TRP F 75 -8.48 35.75 -33.52
C TRP F 75 -8.96 34.46 -34.17
N ASP F 76 -8.17 33.39 -34.10
CA ASP F 76 -8.65 32.10 -34.60
C ASP F 76 -9.69 31.50 -33.67
N ASP F 77 -9.58 31.79 -32.36
CA ASP F 77 -10.62 31.40 -31.41
C ASP F 77 -11.92 32.16 -31.67
N MET F 78 -11.82 33.45 -31.99
CA MET F 78 -13.01 34.24 -32.32
C MET F 78 -13.60 33.83 -33.67
N GLU F 79 -12.76 33.36 -34.60
CA GLU F 79 -13.28 32.78 -35.83
C GLU F 79 -14.00 31.46 -35.58
N LYS F 80 -13.53 30.69 -34.58
CA LYS F 80 -14.25 29.46 -34.21
C LYS F 80 -15.58 29.77 -33.51
N ILE F 81 -15.63 30.84 -32.70
CA ILE F 81 -16.89 31.34 -32.13
C ILE F 81 -17.86 31.76 -33.23
N TRP F 82 -17.37 32.49 -34.24
CA TRP F 82 -18.25 32.95 -35.33
C TRP F 82 -18.71 31.80 -36.21
N HIS F 83 -17.85 30.81 -36.45
CA HIS F 83 -18.21 29.63 -37.22
C HIS F 83 -19.21 28.75 -36.48
N HIS F 84 -19.09 28.66 -35.15
CA HIS F 84 -20.06 27.88 -34.37
C HIS F 84 -21.40 28.59 -34.27
N THR F 85 -21.39 29.92 -34.13
CA THR F 85 -22.67 30.62 -34.04
C THR F 85 -23.30 30.87 -35.40
N PHE F 86 -22.59 30.64 -36.50
CA PHE F 86 -23.23 30.71 -37.80
C PHE F 86 -23.68 29.35 -38.31
N TYR F 87 -22.80 28.34 -38.25
CA TYR F 87 -23.08 27.06 -38.88
C TYR F 87 -23.78 26.07 -37.96
N ASN F 88 -23.58 26.16 -36.65
CA ASN F 88 -24.11 25.16 -35.72
C ASN F 88 -25.30 25.66 -34.91
N GLU F 89 -25.25 26.90 -34.42
CA GLU F 89 -26.32 27.41 -33.57
C GLU F 89 -27.53 27.84 -34.40
N LEU F 90 -27.34 28.82 -35.28
CA LEU F 90 -28.44 29.31 -36.11
C LEU F 90 -28.69 28.42 -37.33
N ARG F 91 -27.68 27.62 -37.74
CA ARG F 91 -27.72 26.66 -38.85
C ARG F 91 -28.10 27.32 -40.18
N VAL F 92 -27.57 28.51 -40.43
CA VAL F 92 -27.79 29.24 -41.67
C VAL F 92 -26.44 29.58 -42.29
N ALA F 93 -26.44 29.67 -43.62
CA ALA F 93 -25.24 30.15 -44.32
C ALA F 93 -25.09 31.65 -44.10
N PRO F 94 -23.90 32.13 -43.73
CA PRO F 94 -23.75 33.55 -43.38
C PRO F 94 -23.70 34.49 -44.56
N GLU F 95 -23.48 33.99 -45.78
CA GLU F 95 -23.29 34.85 -46.93
C GLU F 95 -24.59 35.20 -47.64
N GLU F 96 -25.74 34.81 -47.08
CA GLU F 96 -27.02 35.20 -47.63
C GLU F 96 -27.80 36.17 -46.74
N HIS F 97 -27.35 36.36 -45.49
CA HIS F 97 -28.00 37.28 -44.58
C HIS F 97 -27.07 38.42 -44.18
N PRO F 98 -27.57 39.65 -44.11
CA PRO F 98 -26.77 40.74 -43.52
C PRO F 98 -26.65 40.56 -42.02
N THR F 99 -25.58 41.12 -41.46
CA THR F 99 -25.20 40.87 -40.08
C THR F 99 -24.90 42.19 -39.37
N LEU F 100 -25.53 42.40 -38.21
CA LEU F 100 -25.21 43.52 -37.35
C LEU F 100 -24.30 43.03 -36.24
N LEU F 101 -23.29 43.82 -35.90
CA LEU F 101 -22.33 43.47 -34.86
C LEU F 101 -22.24 44.60 -33.85
N THR F 102 -21.91 44.23 -32.62
CA THR F 102 -21.80 45.18 -31.52
C THR F 102 -20.34 45.39 -31.15
N GLU F 103 -20.06 46.56 -30.60
CA GLU F 103 -18.69 46.93 -30.26
C GLU F 103 -18.68 47.89 -29.08
N ALA F 104 -17.69 47.72 -28.20
CA ALA F 104 -17.55 48.57 -27.04
C ALA F 104 -17.04 49.96 -27.45
N PRO F 105 -17.42 51.01 -26.72
CA PRO F 105 -16.82 52.33 -26.97
C PRO F 105 -15.38 52.39 -26.48
N LEU F 106 -14.67 53.40 -27.00
CA LEU F 106 -13.23 53.66 -26.78
C LEU F 106 -12.37 52.46 -27.18
N ASN F 107 -12.76 51.80 -28.26
CA ASN F 107 -12.04 50.63 -28.75
C ASN F 107 -10.79 51.06 -29.51
N PRO F 108 -9.71 50.27 -29.45
CA PRO F 108 -8.68 50.37 -30.49
C PRO F 108 -9.25 50.03 -31.86
N LYS F 109 -8.78 50.76 -32.87
CA LYS F 109 -9.40 50.70 -34.19
C LYS F 109 -9.04 49.45 -34.97
N ALA F 110 -7.93 48.79 -34.63
CA ALA F 110 -7.52 47.57 -35.33
C ALA F 110 -8.41 46.38 -35.01
N ASN F 111 -9.10 46.41 -33.87
CA ASN F 111 -10.18 45.47 -33.58
C ASN F 111 -11.30 45.59 -34.59
N ARG F 112 -11.69 46.84 -34.92
CA ARG F 112 -12.72 47.09 -35.92
C ARG F 112 -12.23 46.74 -37.32
N GLU F 113 -10.95 46.99 -37.60
CA GLU F 113 -10.34 46.65 -38.89
C GLU F 113 -10.31 45.15 -39.12
N LYS F 114 -9.89 44.39 -38.11
CA LYS F 114 -9.83 42.94 -38.24
C LYS F 114 -11.20 42.29 -38.21
N MET F 115 -12.17 42.89 -37.49
CA MET F 115 -13.55 42.41 -37.53
C MET F 115 -14.18 42.61 -38.90
N THR F 116 -13.93 43.78 -39.53
CA THR F 116 -14.41 44.04 -40.88
C THR F 116 -13.72 43.14 -41.90
N GLN F 117 -12.42 42.88 -41.72
CA GLN F 117 -11.67 42.02 -42.62
C GLN F 117 -12.10 40.55 -42.52
N ILE F 118 -12.36 40.07 -41.31
CA ILE F 118 -12.83 38.70 -41.10
C ILE F 118 -14.26 38.53 -41.62
N MET F 119 -15.12 39.51 -41.36
CA MET F 119 -16.50 39.41 -41.84
C MET F 119 -16.64 39.68 -43.34
N PHE F 120 -15.62 40.27 -43.99
CA PHE F 120 -15.66 40.47 -45.42
C PHE F 120 -14.75 39.54 -46.20
N GLU F 121 -14.00 38.67 -45.53
CA GLU F 121 -13.17 37.71 -46.25
C GLU F 121 -13.47 36.26 -45.89
N THR F 122 -13.70 35.96 -44.62
CA THR F 122 -13.99 34.59 -44.20
C THR F 122 -15.47 34.28 -44.31
N PHE F 123 -16.30 35.18 -43.80
CA PHE F 123 -17.75 35.02 -43.79
C PHE F 123 -18.40 36.13 -44.60
N ASN F 124 -17.95 36.30 -45.85
CA ASN F 124 -18.18 37.49 -46.67
C ASN F 124 -19.65 37.76 -47.02
N VAL F 125 -20.26 38.61 -46.20
CA VAL F 125 -21.66 38.99 -46.29
C VAL F 125 -21.85 39.98 -47.44
N PRO F 126 -23.06 40.10 -48.00
CA PRO F 126 -23.31 41.24 -48.89
C PRO F 126 -23.29 42.59 -48.18
N ALA F 127 -23.70 42.64 -46.92
CA ALA F 127 -23.74 43.89 -46.18
C ALA F 127 -23.55 43.60 -44.69
N MET F 128 -22.96 44.57 -43.98
CA MET F 128 -22.77 44.43 -42.55
C MET F 128 -22.77 45.80 -41.90
N TYR F 129 -22.86 45.81 -40.58
CA TYR F 129 -22.81 47.04 -39.79
C TYR F 129 -22.18 46.73 -38.44
N VAL F 130 -21.45 47.71 -37.90
CA VAL F 130 -20.87 47.65 -36.57
C VAL F 130 -21.48 48.78 -35.75
N ALA F 131 -22.11 48.44 -34.63
CA ALA F 131 -22.83 49.41 -33.83
C ALA F 131 -22.27 49.45 -32.41
N ILE F 132 -22.50 50.57 -31.75
CA ILE F 132 -22.12 50.72 -30.35
C ILE F 132 -23.18 50.05 -29.49
N GLN F 133 -22.75 49.36 -28.43
CA GLN F 133 -23.66 48.61 -27.57
C GLN F 133 -24.56 49.52 -26.75
N ALA F 134 -24.08 50.70 -26.35
CA ALA F 134 -24.89 51.60 -25.54
C ALA F 134 -25.99 52.26 -26.34
N VAL F 135 -25.75 52.51 -27.63
CA VAL F 135 -26.77 53.06 -28.52
C VAL F 135 -27.87 52.03 -28.76
N LEU F 136 -27.50 50.76 -28.89
CA LEU F 136 -28.49 49.69 -29.01
C LEU F 136 -29.22 49.43 -27.70
N SER F 137 -28.56 49.65 -26.57
CA SER F 137 -29.25 49.52 -25.28
C SER F 137 -30.22 50.66 -25.05
N LEU F 138 -29.90 51.86 -25.54
CA LEU F 138 -30.83 52.97 -25.45
C LEU F 138 -31.94 52.89 -26.50
N TYR F 139 -31.70 52.18 -27.61
CA TYR F 139 -32.73 52.03 -28.63
C TYR F 139 -33.81 51.04 -28.19
N ALA F 140 -33.45 50.06 -27.36
CA ALA F 140 -34.41 49.08 -26.87
C ALA F 140 -35.14 49.54 -25.61
N SER F 141 -34.82 50.73 -25.10
CA SER F 141 -35.51 51.29 -23.94
C SER F 141 -36.77 52.06 -24.32
N GLY F 142 -37.15 52.07 -25.59
CA GLY F 142 -38.31 52.81 -26.02
C GLY F 142 -38.09 54.29 -26.17
N ARG F 143 -36.84 54.74 -26.25
CA ARG F 143 -36.54 56.15 -26.26
C ARG F 143 -35.35 56.41 -27.17
N THR F 144 -34.89 57.65 -27.18
CA THR F 144 -33.75 58.09 -27.97
C THR F 144 -32.64 58.69 -27.13
N THR F 145 -32.98 59.52 -26.15
CA THR F 145 -31.99 60.14 -25.26
C THR F 145 -31.91 59.38 -23.95
N GLY F 146 -30.85 59.67 -23.20
CA GLY F 146 -30.58 59.01 -21.94
C GLY F 146 -29.12 58.61 -21.76
N ILE F 147 -28.76 58.12 -20.59
CA ILE F 147 -27.42 57.62 -20.33
C ILE F 147 -27.48 56.12 -20.07
N VAL F 148 -26.59 55.37 -20.70
CA VAL F 148 -26.53 53.92 -20.57
C VAL F 148 -25.30 53.57 -19.76
N LEU F 149 -25.50 52.89 -18.63
CA LEU F 149 -24.44 52.19 -17.93
C LEU F 149 -24.47 50.75 -18.44
N ASP F 150 -23.59 50.44 -19.39
CA ASP F 150 -23.52 49.08 -19.93
C ASP F 150 -22.37 48.36 -19.24
N SER F 151 -22.70 47.27 -18.54
CA SER F 151 -21.72 46.50 -17.79
C SER F 151 -21.83 45.05 -18.23
N GLY F 152 -20.90 44.61 -19.07
CA GLY F 152 -20.89 43.24 -19.53
C GLY F 152 -20.14 42.33 -18.57
N ASP F 153 -19.19 41.55 -19.09
CA ASP F 153 -18.35 40.73 -18.25
C ASP F 153 -16.96 41.33 -18.02
N GLY F 154 -16.50 42.21 -18.90
CA GLY F 154 -15.23 42.86 -18.68
C GLY F 154 -15.26 44.37 -18.58
N VAL F 155 -16.18 45.02 -19.30
CA VAL F 155 -16.19 46.47 -19.47
C VAL F 155 -17.46 47.04 -18.83
N THR F 156 -17.30 48.03 -17.97
CA THR F 156 -18.41 48.80 -17.44
C THR F 156 -18.25 50.25 -17.89
N HIS F 157 -19.08 50.69 -18.83
CA HIS F 157 -18.91 52.03 -19.38
C HIS F 157 -20.22 52.81 -19.31
N ASN F 158 -20.10 54.10 -18.99
CA ASN F 158 -21.19 55.06 -18.99
C ASN F 158 -21.11 55.89 -20.26
N VAL F 159 -22.16 55.83 -21.08
CA VAL F 159 -22.26 56.64 -22.30
C VAL F 159 -23.54 57.46 -22.24
N PRO F 160 -23.46 58.79 -22.19
CA PRO F 160 -24.67 59.60 -22.35
C PRO F 160 -24.91 60.03 -23.79
N ILE F 161 -26.17 59.89 -24.22
CA ILE F 161 -26.61 60.26 -25.57
C ILE F 161 -27.77 61.23 -25.41
N TYR F 162 -27.66 62.41 -26.02
CA TYR F 162 -28.73 63.41 -25.95
C TYR F 162 -29.27 63.62 -27.35
N GLU F 163 -30.57 63.34 -27.52
CA GLU F 163 -31.35 63.50 -28.77
C GLU F 163 -30.75 62.71 -29.94
N GLY F 164 -30.25 61.51 -29.66
CA GLY F 164 -29.62 60.70 -30.68
C GLY F 164 -28.18 61.03 -30.96
N TYR F 165 -27.60 62.03 -30.28
CA TYR F 165 -26.21 62.41 -30.46
C TYR F 165 -25.40 61.87 -29.30
N ALA F 166 -24.49 60.95 -29.59
CA ALA F 166 -23.64 60.35 -28.56
C ALA F 166 -22.46 61.28 -28.28
N LEU F 167 -22.37 61.78 -27.06
CA LEU F 167 -21.31 62.70 -26.69
C LEU F 167 -20.03 61.91 -26.43
N PRO F 168 -18.95 62.16 -27.18
CA PRO F 168 -17.76 61.31 -27.04
C PRO F 168 -16.87 61.66 -25.86
N HIS F 169 -16.86 62.94 -25.46
CA HIS F 169 -15.96 63.36 -24.39
C HIS F 169 -16.45 62.97 -23.01
N ALA F 170 -17.74 62.64 -22.86
CA ALA F 170 -18.31 62.26 -21.59
C ALA F 170 -18.42 60.75 -21.40
N ILE F 171 -17.89 59.97 -22.34
CA ILE F 171 -17.90 58.52 -22.23
C ILE F 171 -16.85 58.11 -21.21
N MET F 172 -17.27 57.40 -20.16
CA MET F 172 -16.35 56.96 -19.13
C MET F 172 -16.31 55.44 -19.08
N ARG F 173 -15.12 54.90 -18.82
CA ARG F 173 -14.89 53.46 -18.90
C ARG F 173 -14.17 52.99 -17.65
N LEU F 174 -14.72 51.94 -17.01
CA LEU F 174 -14.13 51.31 -15.85
C LEU F 174 -14.02 49.82 -16.13
N ASP F 175 -12.85 49.26 -15.84
CA ASP F 175 -12.58 47.84 -16.10
C ASP F 175 -12.87 47.01 -14.85
N LEU F 176 -14.14 47.01 -14.46
CA LEU F 176 -14.58 46.26 -13.28
C LEU F 176 -15.97 45.74 -13.58
N ALA F 177 -16.07 44.44 -13.84
CA ALA F 177 -17.33 43.83 -14.20
C ALA F 177 -17.32 42.39 -13.69
N GLY F 178 -18.21 41.56 -14.25
CA GLY F 178 -18.60 40.29 -13.65
C GLY F 178 -17.52 39.23 -13.59
N ARG F 179 -16.52 39.29 -14.48
CA ARG F 179 -15.38 38.38 -14.38
C ARG F 179 -14.51 38.73 -13.18
N ASP F 180 -14.35 40.03 -12.91
CA ASP F 180 -13.59 40.45 -11.73
C ASP F 180 -14.36 40.19 -10.44
N LEU F 181 -15.71 40.27 -10.51
CA LEU F 181 -16.53 39.88 -9.36
C LEU F 181 -16.45 38.38 -9.11
N THR F 182 -16.37 37.59 -10.20
CA THR F 182 -16.21 36.14 -10.08
C THR F 182 -14.86 35.77 -9.49
N ASP F 183 -13.80 36.47 -9.90
CA ASP F 183 -12.47 36.26 -9.34
C ASP F 183 -12.37 36.73 -7.89
N TYR F 184 -13.09 37.80 -7.54
CA TYR F 184 -13.15 38.24 -6.14
C TYR F 184 -13.94 37.25 -5.28
N LEU F 185 -14.97 36.62 -5.85
CA LEU F 185 -15.69 35.58 -5.13
C LEU F 185 -14.85 34.31 -4.95
N MET F 186 -14.02 33.98 -5.95
CA MET F 186 -13.01 32.93 -5.80
C MET F 186 -11.96 33.29 -4.74
N LYS F 187 -11.65 34.57 -4.60
CA LYS F 187 -10.71 35.00 -3.57
C LYS F 187 -11.31 34.90 -2.17
N ILE F 188 -12.58 35.29 -2.02
CA ILE F 188 -13.19 35.31 -0.68
C ILE F 188 -13.88 34.01 -0.30
N LEU F 189 -14.03 33.07 -1.23
CA LEU F 189 -14.56 31.76 -0.87
C LEU F 189 -13.53 30.88 -0.20
N THR F 190 -12.25 31.22 -0.31
CA THR F 190 -11.19 30.50 0.40
C THR F 190 -11.09 30.91 1.87
N GLU F 191 -11.79 31.97 2.28
CA GLU F 191 -11.82 32.37 3.68
C GLU F 191 -12.62 31.38 4.53
N ARG F 192 -13.59 30.70 3.93
CA ARG F 192 -14.34 29.65 4.60
C ARG F 192 -13.76 28.26 4.37
N GLY F 193 -12.68 28.15 3.60
CA GLY F 193 -12.06 26.87 3.34
C GLY F 193 -12.49 26.18 2.06
N TYR F 194 -13.22 26.85 1.19
CA TYR F 194 -13.66 26.27 -0.07
C TYR F 194 -12.75 26.80 -1.17
N SER F 195 -11.70 26.05 -1.48
CA SER F 195 -10.71 26.47 -2.46
C SER F 195 -11.23 26.25 -3.87
N PHE F 196 -11.06 27.25 -4.72
CA PHE F 196 -11.41 27.17 -6.14
C PHE F 196 -10.25 27.82 -6.89
N VAL F 197 -9.50 27.03 -7.65
CA VAL F 197 -8.36 27.54 -8.39
C VAL F 197 -8.43 27.25 -9.88
N THR F 198 -9.14 26.22 -10.33
CA THR F 198 -9.12 25.84 -11.73
C THR F 198 -10.07 26.71 -12.53
N THR F 199 -9.95 26.62 -13.86
CA THR F 199 -10.88 27.32 -14.74
C THR F 199 -12.25 26.66 -14.78
N ALA F 200 -12.32 25.37 -14.49
CA ALA F 200 -13.61 24.69 -14.41
C ALA F 200 -14.37 25.05 -13.14
N GLU F 201 -13.66 25.42 -12.08
CA GLU F 201 -14.31 25.85 -10.85
C GLU F 201 -14.85 27.27 -10.95
N ARG F 202 -14.35 28.06 -11.90
CA ARG F 202 -14.82 29.42 -12.11
C ARG F 202 -16.25 29.45 -12.63
N GLU F 203 -16.66 28.43 -13.40
CA GLU F 203 -18.05 28.32 -13.82
C GLU F 203 -18.98 28.00 -12.66
N ILE F 204 -18.51 27.22 -11.68
CA ILE F 204 -19.30 26.90 -10.49
C ILE F 204 -19.44 28.13 -9.60
N VAL F 205 -18.35 28.89 -9.44
CA VAL F 205 -18.39 30.14 -8.68
C VAL F 205 -19.24 31.21 -9.41
N ARG F 206 -19.22 31.22 -10.74
CA ARG F 206 -20.08 32.11 -11.52
C ARG F 206 -21.56 31.72 -11.42
N ASP F 207 -21.85 30.42 -11.32
CA ASP F 207 -23.21 29.97 -11.06
C ASP F 207 -23.69 30.36 -9.66
N ILE F 208 -22.78 30.31 -8.68
CA ILE F 208 -23.08 30.77 -7.32
C ILE F 208 -23.34 32.27 -7.29
N LYS F 209 -22.55 33.04 -8.04
CA LYS F 209 -22.72 34.48 -8.15
C LYS F 209 -24.01 34.86 -8.88
N GLU F 210 -24.41 34.04 -9.86
CA GLU F 210 -25.66 34.30 -10.57
C GLU F 210 -26.86 33.95 -9.71
N LYS F 211 -26.81 32.86 -8.96
CA LYS F 211 -28.00 32.37 -8.28
C LYS F 211 -28.20 32.92 -6.88
N LEU F 212 -27.11 33.21 -6.14
CA LEU F 212 -27.23 33.51 -4.72
C LEU F 212 -26.85 34.92 -4.33
N CYS F 213 -26.10 35.65 -5.16
CA CYS F 213 -25.60 36.96 -4.77
C CYS F 213 -26.61 38.06 -5.07
N TYR F 214 -26.53 39.13 -4.27
CA TYR F 214 -27.47 40.25 -4.37
C TYR F 214 -26.80 41.51 -3.85
N VAL F 215 -27.27 42.66 -4.34
CA VAL F 215 -26.73 43.95 -3.96
C VAL F 215 -27.44 44.44 -2.70
N ALA F 216 -26.67 44.73 -1.67
CA ALA F 216 -27.23 45.25 -0.42
C ALA F 216 -27.62 46.71 -0.57
N LEU F 217 -28.52 47.15 0.30
CA LEU F 217 -28.91 48.56 0.32
C LEU F 217 -27.93 49.39 1.14
N ASP F 218 -27.67 48.99 2.38
CA ASP F 218 -26.63 49.57 3.21
C ASP F 218 -25.59 48.50 3.47
N PHE F 219 -24.32 48.85 3.30
CA PHE F 219 -23.25 47.89 3.48
C PHE F 219 -23.00 47.59 4.96
N GLU F 220 -23.01 48.64 5.79
CA GLU F 220 -22.66 48.48 7.20
C GLU F 220 -23.79 47.82 7.98
N ASN F 221 -25.05 48.12 7.63
CA ASN F 221 -26.19 47.50 8.29
C ASN F 221 -26.32 46.03 7.92
N GLU F 222 -26.04 45.68 6.67
CA GLU F 222 -26.07 44.27 6.27
C GLU F 222 -24.88 43.50 6.83
N MET F 223 -23.73 44.15 6.98
CA MET F 223 -22.58 43.51 7.61
C MET F 223 -22.82 43.29 9.10
N ALA F 224 -23.48 44.25 9.77
CA ALA F 224 -23.85 44.06 11.17
C ALA F 224 -24.96 43.02 11.34
N THR F 225 -25.85 42.90 10.35
CA THR F 225 -26.88 41.88 10.38
C THR F 225 -26.29 40.48 10.20
N ALA F 226 -25.33 40.34 9.29
CA ALA F 226 -24.69 39.04 9.09
C ALA F 226 -23.75 38.69 10.24
N ALA F 227 -23.13 39.69 10.87
CA ALA F 227 -22.30 39.42 12.03
C ALA F 227 -23.13 39.14 13.28
N SER F 228 -24.35 39.66 13.34
CA SER F 228 -25.19 39.46 14.51
C SER F 228 -25.81 38.06 14.52
N SER F 229 -26.56 37.72 13.48
CA SER F 229 -27.26 36.44 13.42
C SER F 229 -26.97 35.77 12.09
N SER F 230 -27.14 34.44 12.07
CA SER F 230 -26.93 33.63 10.87
C SER F 230 -28.23 33.42 10.11
N SER F 231 -28.93 34.49 9.79
CA SER F 231 -30.19 34.41 9.06
C SER F 231 -30.02 34.61 7.56
N LEU F 232 -28.89 35.16 7.13
CA LEU F 232 -28.65 35.45 5.71
C LEU F 232 -27.89 34.34 5.00
N GLU F 233 -27.61 33.23 5.68
CA GLU F 233 -26.82 32.15 5.09
C GLU F 233 -27.64 31.35 4.09
N LYS F 234 -26.99 30.99 2.99
CA LYS F 234 -27.64 30.21 1.93
C LYS F 234 -26.75 29.03 1.55
N SER F 235 -27.40 27.95 1.13
CA SER F 235 -26.73 26.70 0.81
C SER F 235 -26.70 26.48 -0.69
N TYR F 236 -25.65 25.79 -1.14
CA TYR F 236 -25.48 25.44 -2.55
C TYR F 236 -24.93 24.03 -2.64
N GLU F 237 -25.47 23.27 -3.59
CA GLU F 237 -25.04 21.90 -3.82
C GLU F 237 -24.11 21.85 -5.02
N LEU F 238 -22.91 21.35 -4.80
CA LEU F 238 -21.90 21.23 -5.85
C LEU F 238 -22.22 20.02 -6.73
N PRO F 239 -21.71 19.99 -7.98
CA PRO F 239 -21.96 18.83 -8.86
C PRO F 239 -21.35 17.50 -8.41
N ASP F 240 -20.36 17.50 -7.52
CA ASP F 240 -19.88 16.23 -6.99
C ASP F 240 -20.68 15.77 -5.77
N GLY F 241 -21.55 16.62 -5.22
CA GLY F 241 -22.40 16.24 -4.11
C GLY F 241 -22.15 17.01 -2.82
N GLN F 242 -21.11 17.85 -2.77
CA GLN F 242 -20.83 18.60 -1.56
C GLN F 242 -21.75 19.80 -1.45
N VAL F 243 -21.98 20.23 -0.20
CA VAL F 243 -22.88 21.33 0.11
C VAL F 243 -22.07 22.41 0.83
N ILE F 244 -22.09 23.63 0.29
CA ILE F 244 -21.45 24.77 0.93
C ILE F 244 -22.52 25.73 1.43
N THR F 245 -22.14 26.54 2.40
CA THR F 245 -23.03 27.54 3.00
C THR F 245 -22.27 28.85 3.11
N ILE F 246 -22.90 29.94 2.66
CA ILE F 246 -22.26 31.25 2.68
C ILE F 246 -23.12 32.24 3.44
N GLY F 247 -22.46 33.24 4.02
CA GLY F 247 -23.12 34.27 4.81
C GLY F 247 -23.07 35.66 4.17
N ASN F 248 -22.14 36.49 4.63
CA ASN F 248 -22.02 37.87 4.15
C ASN F 248 -21.49 37.99 2.72
N GLU F 249 -20.85 36.93 2.21
CA GLU F 249 -20.23 36.91 0.88
C GLU F 249 -21.24 36.91 -0.27
N ARG F 250 -22.54 36.75 0.02
CA ARG F 250 -23.57 37.02 -0.97
C ARG F 250 -23.58 38.49 -1.38
N PHE F 251 -23.37 39.41 -0.43
CA PHE F 251 -23.43 40.82 -0.79
C PHE F 251 -22.07 41.52 -0.84
N ARG F 252 -21.01 40.90 -0.33
CA ARG F 252 -19.68 41.48 -0.50
C ARG F 252 -19.16 41.28 -1.92
N CYS F 253 -19.65 40.27 -2.63
CA CYS F 253 -19.26 40.06 -4.03
C CYS F 253 -19.73 41.15 -5.01
N PRO F 254 -20.96 41.67 -5.00
CA PRO F 254 -21.23 42.84 -5.85
C PRO F 254 -21.01 44.19 -5.19
N GLU F 255 -20.37 44.22 -4.02
CA GLU F 255 -20.00 45.48 -3.37
C GLU F 255 -18.76 46.12 -3.98
N THR F 256 -18.04 45.38 -4.83
CA THR F 256 -16.88 45.91 -5.54
C THR F 256 -17.31 46.93 -6.60
N LEU F 257 -18.53 46.80 -7.12
CA LEU F 257 -19.07 47.74 -8.10
C LEU F 257 -19.32 49.13 -7.50
N PHE F 258 -19.65 49.19 -6.21
CA PHE F 258 -19.86 50.47 -5.54
C PHE F 258 -18.68 50.89 -4.67
N GLN F 259 -17.78 49.96 -4.32
CA GLN F 259 -16.53 50.29 -3.65
C GLN F 259 -15.41 49.56 -4.39
N PRO F 260 -14.77 50.21 -5.37
CA PRO F 260 -13.71 49.55 -6.14
C PRO F 260 -12.35 49.48 -5.46
N SER F 261 -12.24 49.87 -4.18
CA SER F 261 -11.01 49.71 -3.43
C SER F 261 -10.83 48.31 -2.86
N PHE F 262 -11.81 47.42 -3.05
CA PHE F 262 -11.72 46.07 -2.51
C PHE F 262 -10.75 45.22 -3.32
N ILE F 263 -10.72 45.38 -4.64
CA ILE F 263 -9.78 44.66 -5.49
C ILE F 263 -8.62 45.54 -5.92
N GLY F 264 -8.50 46.74 -5.36
CA GLY F 264 -7.36 47.59 -5.64
C GLY F 264 -7.45 48.37 -6.94
N MET F 265 -8.59 49.02 -7.16
CA MET F 265 -8.76 49.93 -8.29
C MET F 265 -8.85 51.36 -7.76
N GLU F 266 -8.11 52.27 -8.38
CA GLU F 266 -8.01 53.64 -7.87
C GLU F 266 -9.26 54.46 -8.17
N SER F 267 -9.98 54.12 -9.22
CA SER F 267 -11.14 54.90 -9.63
C SER F 267 -12.33 54.63 -8.70
N ALA F 268 -13.30 55.54 -8.75
CA ALA F 268 -14.45 55.51 -7.85
C ALA F 268 -15.52 54.55 -8.39
N GLY F 269 -16.66 54.53 -7.71
CA GLY F 269 -17.73 53.61 -8.04
C GLY F 269 -18.49 54.01 -9.28
N ILE F 270 -19.43 53.13 -9.68
CA ILE F 270 -20.15 53.32 -10.93
C ILE F 270 -21.18 54.44 -10.81
N HIS F 271 -21.66 54.72 -9.60
CA HIS F 271 -22.52 55.88 -9.40
C HIS F 271 -21.74 57.18 -9.52
N GLU F 272 -20.51 57.20 -9.02
CA GLU F 272 -19.65 58.37 -9.19
C GLU F 272 -19.15 58.50 -10.62
N THR F 273 -18.99 57.35 -11.31
CA THR F 273 -18.66 57.35 -12.74
C THR F 273 -19.81 57.92 -13.56
N THR F 274 -21.05 57.57 -13.20
CA THR F 274 -22.24 58.11 -13.85
C THR F 274 -22.41 59.60 -13.57
N TYR F 275 -22.12 60.01 -12.33
CA TYR F 275 -22.19 61.42 -11.93
C TYR F 275 -21.14 62.27 -12.64
N ASN F 276 -19.92 61.74 -12.79
CA ASN F 276 -18.89 62.47 -13.53
C ASN F 276 -19.12 62.44 -15.03
N SER F 277 -19.81 61.42 -15.54
CA SER F 277 -20.13 61.41 -16.96
C SER F 277 -21.26 62.38 -17.30
N ILE F 278 -22.24 62.52 -16.41
CA ILE F 278 -23.30 63.51 -16.59
C ILE F 278 -22.74 64.92 -16.40
N MET F 279 -21.86 65.10 -15.41
CA MET F 279 -21.26 66.41 -15.13
C MET F 279 -20.23 66.84 -16.18
N LYS F 280 -19.78 65.93 -17.05
CA LYS F 280 -18.97 66.31 -18.21
C LYS F 280 -19.79 66.87 -19.36
N CYS F 281 -21.12 66.77 -19.31
CA CYS F 281 -21.98 67.27 -20.36
C CYS F 281 -22.33 68.74 -20.08
N ASP F 282 -23.28 69.27 -20.85
CA ASP F 282 -23.72 70.64 -20.67
C ASP F 282 -24.64 70.75 -19.46
N ILE F 283 -24.78 71.99 -18.95
CA ILE F 283 -25.60 72.22 -17.77
C ILE F 283 -27.09 72.23 -18.11
N ASP F 284 -27.45 72.42 -19.38
CA ASP F 284 -28.85 72.49 -19.76
C ASP F 284 -29.47 71.12 -20.01
N ILE F 285 -28.65 70.10 -20.30
CA ILE F 285 -29.14 68.79 -20.68
C ILE F 285 -29.07 67.78 -19.53
N ARG F 286 -28.73 68.24 -18.33
CA ARG F 286 -28.52 67.33 -17.20
C ARG F 286 -29.81 66.82 -16.60
N LYS F 287 -30.91 67.59 -16.73
CA LYS F 287 -32.19 67.19 -16.14
C LYS F 287 -32.82 66.04 -16.91
N ASP F 288 -32.56 65.94 -18.21
CA ASP F 288 -33.03 64.79 -18.98
C ASP F 288 -32.24 63.53 -18.63
N LEU F 289 -30.94 63.68 -18.38
CA LEU F 289 -30.11 62.54 -18.04
C LEU F 289 -30.26 62.10 -16.59
N TYR F 290 -30.79 62.96 -15.72
CA TYR F 290 -31.06 62.55 -14.34
C TYR F 290 -32.25 61.60 -14.24
N ALA F 291 -33.19 61.68 -15.16
CA ALA F 291 -34.39 60.85 -15.11
C ALA F 291 -34.37 59.71 -16.12
N ASN F 292 -33.23 59.45 -16.76
CA ASN F 292 -33.13 58.46 -17.82
C ASN F 292 -31.92 57.56 -17.62
N ASN F 293 -31.75 57.03 -16.41
CA ASN F 293 -30.66 56.10 -16.11
C ASN F 293 -31.07 54.71 -16.53
N VAL F 294 -30.70 54.33 -17.76
CA VAL F 294 -31.02 53.03 -18.32
C VAL F 294 -29.84 52.10 -18.10
N MET F 295 -30.12 50.90 -17.57
CA MET F 295 -29.11 49.91 -17.27
C MET F 295 -29.23 48.73 -18.23
N SER F 296 -28.09 48.10 -18.52
CA SER F 296 -28.07 46.98 -19.44
C SER F 296 -26.96 46.02 -19.02
N GLY F 297 -26.88 44.91 -19.73
CA GLY F 297 -25.88 43.89 -19.46
C GLY F 297 -26.29 42.95 -18.35
N GLY F 298 -25.59 41.81 -18.29
CA GLY F 298 -25.89 40.81 -17.29
C GLY F 298 -25.43 41.14 -15.89
N THR F 299 -24.50 42.09 -15.75
CA THR F 299 -24.00 42.49 -14.44
C THR F 299 -25.04 43.32 -13.69
N THR F 300 -25.94 44.00 -14.41
CA THR F 300 -27.01 44.77 -13.79
C THR F 300 -28.27 43.96 -13.56
N MET F 301 -28.17 42.63 -13.49
CA MET F 301 -29.30 41.74 -13.24
C MET F 301 -29.42 41.35 -11.77
N TYR F 302 -28.69 42.02 -10.87
CA TYR F 302 -28.84 41.78 -9.45
C TYR F 302 -30.18 42.31 -8.96
N PRO F 303 -30.81 41.62 -7.98
CA PRO F 303 -32.05 42.17 -7.40
C PRO F 303 -31.84 43.11 -6.22
N GLY F 304 -30.87 44.02 -6.32
CA GLY F 304 -30.74 45.08 -5.34
C GLY F 304 -30.13 46.35 -5.92
N ILE F 305 -29.95 46.37 -7.24
CA ILE F 305 -29.06 47.37 -7.83
C ILE F 305 -29.75 48.72 -8.01
N ALA F 306 -31.07 48.73 -8.24
CA ALA F 306 -31.77 49.96 -8.62
C ALA F 306 -31.98 50.87 -7.42
N ASP F 307 -32.26 50.31 -6.26
CA ASP F 307 -32.48 51.10 -5.05
C ASP F 307 -31.18 51.72 -4.55
N ARG F 308 -30.09 50.95 -4.59
CA ARG F 308 -28.77 51.44 -4.24
C ARG F 308 -28.28 52.50 -5.21
N MET F 309 -28.56 52.31 -6.52
CA MET F 309 -28.19 53.27 -7.54
C MET F 309 -28.97 54.58 -7.39
N GLN F 310 -30.27 54.49 -7.10
CA GLN F 310 -31.10 55.67 -6.90
C GLN F 310 -30.71 56.43 -5.63
N LYS F 311 -30.38 55.69 -4.56
CA LYS F 311 -29.93 56.31 -3.32
C LYS F 311 -28.57 57.00 -3.46
N GLU F 312 -27.66 56.39 -4.22
CA GLU F 312 -26.33 56.98 -4.39
C GLU F 312 -26.37 58.18 -5.33
N ILE F 313 -27.20 58.14 -6.38
CA ILE F 313 -27.30 59.29 -7.28
C ILE F 313 -28.06 60.44 -6.61
N THR F 314 -29.09 60.12 -5.80
CA THR F 314 -29.81 61.16 -5.04
C THR F 314 -28.95 61.76 -3.93
N ALA F 315 -28.05 60.98 -3.34
CA ALA F 315 -27.07 61.57 -2.44
C ALA F 315 -26.01 62.37 -3.18
N LEU F 316 -25.73 62.02 -4.44
CA LEU F 316 -24.72 62.75 -5.21
C LEU F 316 -25.29 64.02 -5.83
N ALA F 317 -26.39 63.89 -6.58
CA ALA F 317 -26.98 65.03 -7.27
C ALA F 317 -27.74 65.92 -6.28
N PRO F 318 -27.94 67.19 -6.62
CA PRO F 318 -28.87 68.03 -5.85
C PRO F 318 -30.31 67.54 -5.96
N SER F 319 -31.09 67.84 -4.93
CA SER F 319 -32.43 67.28 -4.77
C SER F 319 -33.50 68.01 -5.54
N THR F 320 -33.15 69.07 -6.28
CA THR F 320 -34.15 69.83 -7.04
C THR F 320 -34.62 69.09 -8.28
N MET F 321 -33.81 68.22 -8.85
CA MET F 321 -34.14 67.51 -10.08
C MET F 321 -34.47 66.05 -9.77
N LYS F 322 -35.38 65.49 -10.56
CA LYS F 322 -35.92 64.16 -10.30
C LYS F 322 -34.93 63.09 -10.72
N ILE F 323 -34.72 62.10 -9.86
CA ILE F 323 -33.84 60.97 -10.12
C ILE F 323 -34.70 59.74 -10.37
N LYS F 324 -34.54 59.13 -11.54
CA LYS F 324 -35.27 57.92 -11.89
C LYS F 324 -34.32 56.93 -12.54
N ILE F 325 -34.46 55.66 -12.17
CA ILE F 325 -33.64 54.57 -12.70
C ILE F 325 -34.54 53.69 -13.56
N ILE F 326 -34.12 53.44 -14.80
CA ILE F 326 -34.86 52.59 -15.72
C ILE F 326 -34.19 51.22 -15.73
N ALA F 327 -34.90 50.21 -15.22
CA ALA F 327 -34.39 48.85 -15.15
C ALA F 327 -35.43 47.90 -15.72
N PRO F 328 -35.41 47.65 -17.03
CA PRO F 328 -36.32 46.66 -17.60
C PRO F 328 -35.86 45.25 -17.23
N PRO F 329 -36.79 44.29 -17.12
CA PRO F 329 -36.38 42.91 -16.82
C PRO F 329 -35.73 42.18 -17.98
N GLU F 330 -35.89 42.68 -19.21
CA GLU F 330 -35.29 42.11 -20.40
C GLU F 330 -33.94 42.75 -20.74
N ARG F 331 -33.22 43.25 -19.74
CA ARG F 331 -31.97 43.96 -19.97
C ARG F 331 -30.79 43.06 -20.26
N LYS F 332 -30.93 41.75 -20.08
CA LYS F 332 -29.86 40.82 -20.44
C LYS F 332 -29.69 40.73 -21.95
N TYR F 333 -30.79 40.79 -22.69
CA TYR F 333 -30.76 40.72 -24.15
C TYR F 333 -31.11 42.05 -24.80
N SER F 334 -30.93 43.17 -24.09
CA SER F 334 -31.38 44.47 -24.57
C SER F 334 -30.51 45.00 -25.71
N VAL F 335 -29.25 44.57 -25.77
CA VAL F 335 -28.39 44.93 -26.90
C VAL F 335 -28.85 44.22 -28.17
N TRP F 336 -29.24 42.94 -28.03
CA TRP F 336 -29.78 42.19 -29.16
C TRP F 336 -31.16 42.71 -29.59
N ILE F 337 -31.97 43.13 -28.61
CA ILE F 337 -33.31 43.64 -28.91
C ILE F 337 -33.22 44.99 -29.61
N GLY F 338 -32.28 45.84 -29.18
CA GLY F 338 -32.01 47.08 -29.89
C GLY F 338 -31.41 46.89 -31.27
N GLY F 339 -30.57 45.87 -31.43
CA GLY F 339 -30.08 45.53 -32.76
C GLY F 339 -31.16 45.00 -33.69
N SER F 340 -32.12 44.23 -33.13
CA SER F 340 -33.25 43.76 -33.93
C SER F 340 -34.23 44.89 -34.25
N ILE F 341 -34.30 45.90 -33.39
CA ILE F 341 -35.11 47.08 -33.68
C ILE F 341 -34.45 47.91 -34.79
N LEU F 342 -33.13 48.10 -34.70
CA LEU F 342 -32.43 48.95 -35.67
C LEU F 342 -32.26 48.27 -37.02
N ALA F 343 -32.15 46.94 -37.04
CA ALA F 343 -31.87 46.24 -38.29
C ALA F 343 -33.08 46.15 -39.20
N SER F 344 -34.29 46.14 -38.65
CA SER F 344 -35.50 45.97 -39.45
C SER F 344 -36.03 47.28 -40.02
N LEU F 345 -35.39 48.41 -39.73
CA LEU F 345 -35.91 49.71 -40.15
C LEU F 345 -35.60 49.97 -41.61
N SER F 346 -36.53 50.70 -42.26
CA SER F 346 -36.34 51.09 -43.65
C SER F 346 -35.36 52.24 -43.81
N THR F 347 -35.08 52.99 -42.74
CA THR F 347 -34.05 54.02 -42.80
C THR F 347 -32.65 53.43 -42.72
N PHE F 348 -32.53 52.18 -42.27
CA PHE F 348 -31.24 51.52 -42.10
C PHE F 348 -30.73 50.88 -43.40
N GLN F 349 -31.51 50.94 -44.48
CA GLN F 349 -31.10 50.29 -45.74
C GLN F 349 -29.99 51.08 -46.44
N GLN F 350 -29.93 52.39 -46.21
CA GLN F 350 -28.88 53.22 -46.78
C GLN F 350 -27.61 53.24 -45.94
N MET F 351 -27.65 52.70 -44.72
CA MET F 351 -26.51 52.74 -43.82
C MET F 351 -25.71 51.45 -43.81
N TRP F 352 -26.01 50.52 -44.73
CA TRP F 352 -25.28 49.27 -44.80
C TRP F 352 -23.90 49.48 -45.42
N ILE F 353 -22.91 48.76 -44.90
CA ILE F 353 -21.58 48.74 -45.48
C ILE F 353 -21.56 47.55 -46.44
N THR F 354 -21.62 47.85 -47.74
CA THR F 354 -21.79 46.82 -48.76
C THR F 354 -20.44 46.21 -49.13
N LYS F 355 -20.49 45.23 -50.04
CA LYS F 355 -19.28 44.56 -50.53
C LYS F 355 -18.47 45.49 -51.43
N GLN F 356 -19.14 46.32 -52.21
CA GLN F 356 -18.47 47.24 -53.12
C GLN F 356 -17.79 48.38 -52.37
N GLU F 357 -18.36 48.80 -51.24
CA GLU F 357 -17.72 49.81 -50.40
C GLU F 357 -16.46 49.26 -49.73
N TYR F 358 -16.48 47.97 -49.37
CA TYR F 358 -15.28 47.31 -48.86
C TYR F 358 -14.24 47.15 -49.96
N ASP F 359 -14.69 46.87 -51.19
CA ASP F 359 -13.75 46.73 -52.29
C ASP F 359 -13.16 48.07 -52.71
N GLU F 360 -13.88 49.17 -52.48
CA GLU F 360 -13.36 50.49 -52.79
C GLU F 360 -12.44 51.02 -51.70
N ALA F 361 -12.85 50.94 -50.43
CA ALA F 361 -12.16 51.65 -49.37
C ALA F 361 -11.35 50.74 -48.45
N GLY F 362 -11.28 49.45 -48.72
CA GLY F 362 -10.61 48.53 -47.83
C GLY F 362 -11.46 48.25 -46.61
N PRO F 363 -10.85 47.67 -45.55
CA PRO F 363 -11.57 47.51 -44.29
C PRO F 363 -11.45 48.71 -43.36
N SER F 364 -11.58 49.93 -43.89
CA SER F 364 -11.38 51.14 -43.12
C SER F 364 -12.52 52.13 -43.27
N ILE F 365 -13.59 51.77 -43.97
CA ILE F 365 -14.75 52.66 -44.10
C ILE F 365 -15.66 52.59 -42.89
N VAL F 366 -15.45 51.62 -42.00
CA VAL F 366 -16.24 51.51 -40.78
C VAL F 366 -15.83 52.57 -39.75
N HIS F 367 -14.63 53.16 -39.88
CA HIS F 367 -14.26 54.26 -39.00
C HIS F 367 -14.94 55.55 -39.40
N ARG F 368 -15.08 55.80 -40.70
CA ARG F 368 -15.65 57.06 -41.19
C ARG F 368 -17.16 56.97 -41.42
N LYS F 369 -17.73 55.77 -41.44
CA LYS F 369 -19.18 55.64 -41.62
C LYS F 369 -19.92 55.67 -40.30
N CYS F 370 -19.47 54.88 -39.33
CA CYS F 370 -20.14 54.79 -38.04
C CYS F 370 -19.61 55.84 -37.08
N PHE F 371 -20.23 55.91 -35.91
CA PHE F 371 -19.78 56.83 -34.87
C PHE F 371 -18.51 56.29 -34.21
N LEU G 6 -46.47 87.55 33.48
CA LEU G 6 -45.20 86.87 33.30
C LEU G 6 -44.14 87.41 34.24
N THR G 7 -43.05 86.66 34.38
CA THR G 7 -41.91 87.05 35.20
C THR G 7 -40.64 86.94 34.37
N PRO G 8 -39.65 87.80 34.63
CA PRO G 8 -38.34 87.62 33.98
C PRO G 8 -37.60 86.43 34.55
N LYS G 9 -36.62 85.96 33.77
CA LYS G 9 -35.81 84.82 34.18
C LYS G 9 -34.83 85.20 35.28
N LYS G 10 -34.30 84.19 35.95
CA LYS G 10 -33.45 84.39 37.12
C LYS G 10 -32.06 84.84 36.68
N VAL G 11 -31.66 86.03 37.09
CA VAL G 11 -30.36 86.60 36.73
C VAL G 11 -29.34 86.01 37.69
N TYR G 12 -28.69 84.92 37.28
CA TYR G 12 -27.67 84.30 38.10
C TYR G 12 -26.37 85.10 38.03
N LYS G 13 -25.65 85.11 39.16
CA LYS G 13 -24.36 85.78 39.26
C LYS G 13 -23.35 84.79 39.84
N PRO G 14 -22.72 83.97 39.00
CA PRO G 14 -21.71 83.03 39.51
C PRO G 14 -20.41 83.75 39.86
N GLU G 15 -19.64 83.10 40.74
CA GLU G 15 -18.34 83.64 41.14
C GLU G 15 -17.31 83.50 40.03
N VAL G 16 -17.39 82.42 39.25
CA VAL G 16 -16.45 82.11 38.18
C VAL G 16 -17.17 82.25 36.85
N GLN G 17 -16.54 82.94 35.90
CA GLN G 17 -17.05 83.00 34.53
C GLN G 17 -16.93 81.62 33.89
N LEU G 18 -18.02 81.14 33.31
CA LEU G 18 -18.10 79.79 32.79
C LEU G 18 -18.11 79.80 31.27
N ARG G 19 -17.72 78.65 30.70
CA ARG G 19 -17.87 78.43 29.27
C ARG G 19 -19.34 78.29 28.93
N ARG G 20 -19.74 78.89 27.81
CA ARG G 20 -21.16 78.95 27.49
C ARG G 20 -21.41 78.52 26.06
N PRO G 21 -22.58 77.94 25.79
CA PRO G 21 -23.02 77.79 24.39
C PRO G 21 -23.68 79.07 23.89
N ASN G 22 -23.28 79.52 22.70
CA ASN G 22 -23.69 80.82 22.18
C ASN G 22 -24.87 80.63 21.22
N TRP G 23 -26.05 80.45 21.80
CA TRP G 23 -27.23 80.30 20.95
C TRP G 23 -27.80 81.67 20.58
N SER G 24 -28.79 81.65 19.69
CA SER G 24 -29.55 82.84 19.33
C SER G 24 -30.72 82.93 20.31
N LYS G 25 -30.64 83.86 21.26
CA LYS G 25 -31.59 83.88 22.36
C LYS G 25 -32.91 84.51 21.95
N PHE G 26 -33.96 84.12 22.67
CA PHE G 26 -35.32 84.56 22.40
C PHE G 26 -35.78 85.45 23.54
N VAL G 27 -36.07 86.71 23.21
CA VAL G 27 -36.47 87.70 24.21
C VAL G 27 -37.94 87.54 24.53
N ALA G 28 -38.41 88.24 25.56
CA ALA G 28 -39.80 88.13 25.98
C ALA G 28 -40.77 88.86 25.06
N GLU G 29 -40.28 89.74 24.18
CA GLU G 29 -41.16 90.45 23.26
C GLU G 29 -41.67 89.55 22.15
N ASP G 30 -40.92 88.49 21.81
CA ASP G 30 -41.33 87.57 20.76
C ASP G 30 -42.31 86.51 21.22
N LEU G 31 -42.51 86.36 22.54
CA LEU G 31 -43.21 85.21 23.11
C LEU G 31 -44.72 85.30 22.87
N SER G 32 -45.31 84.16 22.50
CA SER G 32 -46.75 84.05 22.35
C SER G 32 -47.38 83.63 23.68
N GLN G 33 -48.71 83.62 23.71
CA GLN G 33 -49.44 83.32 24.94
C GLN G 33 -49.42 81.83 25.26
N ASP G 34 -49.56 80.97 24.25
CA ASP G 34 -49.68 79.53 24.44
C ASP G 34 -48.40 78.79 24.06
N CYS G 35 -47.24 79.37 24.37
CA CYS G 35 -45.98 78.78 23.95
C CYS G 35 -45.47 77.81 25.01
N PHE G 36 -44.33 77.19 24.72
CA PHE G 36 -43.67 76.31 25.69
C PHE G 36 -42.99 77.12 26.79
N TRP G 37 -42.38 78.25 26.43
CA TRP G 37 -41.48 78.94 27.34
C TRP G 37 -42.19 79.81 28.37
N THR G 38 -43.50 80.04 28.20
CA THR G 38 -44.29 80.57 29.30
C THR G 38 -44.57 79.49 30.35
N LYS G 39 -44.64 78.23 29.93
CA LYS G 39 -44.96 77.12 30.82
C LYS G 39 -43.72 76.43 31.37
N VAL G 40 -42.53 76.99 31.15
CA VAL G 40 -41.31 76.41 31.69
C VAL G 40 -41.23 76.69 33.19
N LYS G 41 -41.06 75.63 33.97
CA LYS G 41 -40.99 75.71 35.43
C LYS G 41 -39.68 75.10 35.90
N GLU G 42 -38.57 75.56 35.31
CA GLU G 42 -37.23 74.99 35.47
C GLU G 42 -36.63 75.18 36.87
N ASP G 43 -37.24 76.01 37.72
CA ASP G 43 -36.79 76.19 39.11
C ASP G 43 -37.04 74.98 40.00
N ARG G 44 -37.86 74.01 39.55
CA ARG G 44 -37.93 72.70 40.21
C ARG G 44 -36.71 71.84 39.90
N PHE G 45 -35.92 72.19 38.87
CA PHE G 45 -34.67 71.51 38.58
C PHE G 45 -33.47 72.19 39.22
N GLU G 46 -33.70 73.24 40.00
CA GLU G 46 -32.62 74.06 40.54
C GLU G 46 -31.93 73.35 41.69
N ASN G 47 -30.60 73.38 41.68
CA ASN G 47 -29.80 72.73 42.70
C ASN G 47 -28.47 73.46 42.83
N ASN G 48 -28.05 73.71 44.08
CA ASN G 48 -26.75 74.32 44.31
C ASN G 48 -25.62 73.33 44.06
N GLU G 49 -25.89 72.04 44.22
CA GLU G 49 -24.92 71.01 43.87
C GLU G 49 -24.69 70.94 42.37
N LEU G 50 -25.76 71.16 41.59
CA LEU G 50 -25.65 71.22 40.13
C LEU G 50 -24.86 72.45 39.68
N PHE G 51 -25.06 73.58 40.35
CA PHE G 51 -24.28 74.78 40.03
C PHE G 51 -22.83 74.66 40.47
N ALA G 52 -22.58 73.92 41.56
CA ALA G 52 -21.21 73.66 42.00
C ALA G 52 -20.49 72.73 41.04
N LYS G 53 -21.18 71.70 40.54
CA LYS G 53 -20.60 70.82 39.53
C LYS G 53 -20.41 71.52 38.19
N LEU G 54 -21.30 72.45 37.84
CA LEU G 54 -21.17 73.22 36.60
C LEU G 54 -20.04 74.23 36.70
N THR G 55 -19.80 74.78 37.89
CA THR G 55 -18.65 75.65 38.11
C THR G 55 -17.34 74.86 38.11
N LEU G 56 -17.35 73.67 38.71
CA LEU G 56 -16.15 72.84 38.80
C LEU G 56 -15.77 72.23 37.46
N ALA G 57 -16.75 71.91 36.61
CA ALA G 57 -16.46 71.25 35.35
C ALA G 57 -16.27 72.22 34.19
N PHE G 58 -17.11 73.24 34.09
CA PHE G 58 -17.17 74.10 32.91
C PHE G 58 -16.66 75.51 33.19
N SER G 59 -15.57 75.61 33.94
CA SER G 59 -14.96 76.90 34.25
C SER G 59 -14.21 77.46 33.03
N VAL G 80 11.09 45.55 36.58
CA VAL G 80 10.47 44.85 35.47
C VAL G 80 11.47 43.80 34.93
N GLN G 81 10.95 42.64 34.50
CA GLN G 81 11.82 41.58 34.04
C GLN G 81 12.36 41.85 32.63
N LYS G 82 11.67 42.71 31.88
CA LYS G 82 12.09 43.08 30.53
C LYS G 82 12.01 44.59 30.36
N LYS G 83 13.12 45.20 29.96
CA LYS G 83 13.20 46.64 29.75
C LYS G 83 13.24 46.88 28.24
N LYS G 84 12.14 47.41 27.70
CA LYS G 84 12.02 47.57 26.26
C LYS G 84 11.54 48.93 25.79
N VAL G 85 11.25 49.86 26.69
CA VAL G 85 10.91 51.22 26.27
C VAL G 85 12.19 51.98 25.96
N LYS G 86 12.12 52.87 24.97
CA LYS G 86 13.29 53.62 24.52
C LYS G 86 12.89 55.07 24.29
N GLU G 87 13.65 56.00 24.87
CA GLU G 87 13.36 57.41 24.72
C GLU G 87 13.85 57.91 23.36
N LEU G 88 12.96 58.55 22.61
CA LEU G 88 13.26 59.12 21.30
C LEU G 88 13.17 60.63 21.40
N LYS G 89 14.31 61.27 21.68
CA LYS G 89 14.35 62.71 21.83
C LYS G 89 14.26 63.44 20.49
N VAL G 90 14.83 62.88 19.44
CA VAL G 90 14.88 63.51 18.13
C VAL G 90 14.03 62.74 17.11
N LEU G 91 14.22 61.43 17.02
CA LEU G 91 13.57 60.62 16.01
C LEU G 91 12.10 60.37 16.33
N ASP G 92 11.31 60.14 15.29
CA ASP G 92 9.91 59.79 15.45
C ASP G 92 9.77 58.28 15.63
N SER G 93 8.51 57.81 15.67
CA SER G 93 8.24 56.41 15.92
C SER G 93 8.54 55.53 14.72
N LYS G 94 8.19 56.00 13.52
CA LYS G 94 8.31 55.15 12.33
C LYS G 94 9.75 55.07 11.85
N THR G 95 10.50 56.16 11.98
CA THR G 95 11.90 56.19 11.54
C THR G 95 12.78 55.36 12.48
N ALA G 96 12.50 55.41 13.78
CA ALA G 96 13.26 54.61 14.73
C ALA G 96 12.90 53.13 14.65
N GLN G 97 11.70 52.81 14.19
CA GLN G 97 11.31 51.40 14.03
C GLN G 97 12.02 50.76 12.85
N ASN G 98 12.07 51.46 11.71
CA ASN G 98 12.71 50.92 10.53
C ASN G 98 14.23 50.93 10.64
N LEU G 99 14.78 51.82 11.47
CA LEU G 99 16.22 51.78 11.74
C LEU G 99 16.57 50.59 12.63
N SER G 100 15.74 50.30 13.63
CA SER G 100 16.00 49.17 14.53
C SER G 100 15.73 47.83 13.84
N ILE G 101 14.85 47.83 12.84
CA ILE G 101 14.70 46.67 11.96
C ILE G 101 15.98 46.48 11.15
N PHE G 102 16.52 47.58 10.62
CA PHE G 102 17.73 47.51 9.79
C PHE G 102 18.97 47.21 10.62
N LEU G 103 19.07 47.80 11.82
CA LEU G 103 20.21 47.52 12.69
C LEU G 103 20.14 46.13 13.31
N GLY G 104 18.94 45.59 13.51
CA GLY G 104 18.82 44.22 13.96
C GLY G 104 19.15 43.21 12.88
N SER G 105 19.00 43.59 11.61
CA SER G 105 19.35 42.71 10.52
C SER G 105 20.83 42.79 10.16
N PHE G 106 21.46 43.94 10.40
CA PHE G 106 22.83 44.15 9.98
C PHE G 106 23.84 43.80 11.07
N ARG G 107 23.56 44.20 12.32
CA ARG G 107 24.28 43.87 13.56
C ARG G 107 25.75 44.34 13.54
N MET G 108 26.05 45.40 12.82
CA MET G 108 27.39 45.97 12.85
C MET G 108 27.46 47.08 13.90
N PRO G 109 28.61 47.26 14.55
CA PRO G 109 28.83 48.47 15.35
C PRO G 109 28.84 49.72 14.49
N TYR G 110 28.42 50.83 15.09
CA TYR G 110 28.08 52.04 14.33
C TYR G 110 29.32 52.76 13.82
N GLN G 111 30.41 52.74 14.59
CA GLN G 111 31.65 53.37 14.14
C GLN G 111 32.34 52.52 13.08
N GLU G 112 32.07 51.22 13.06
CA GLU G 112 32.53 50.37 11.97
C GLU G 112 31.82 50.71 10.66
N ILE G 113 30.53 51.05 10.75
CA ILE G 113 29.77 51.50 9.59
C ILE G 113 30.27 52.86 9.11
N LYS G 114 30.67 53.72 10.06
CA LYS G 114 31.25 55.02 9.75
C LYS G 114 32.62 54.88 9.08
N ASN G 115 33.42 53.91 9.53
CA ASN G 115 34.74 53.70 8.94
C ASN G 115 34.68 53.04 7.57
N VAL G 116 33.69 52.17 7.32
CA VAL G 116 33.48 51.60 5.99
C VAL G 116 33.01 52.68 5.01
N ILE G 117 32.17 53.60 5.48
CA ILE G 117 31.68 54.71 4.66
C ILE G 117 32.81 55.69 4.33
N LEU G 118 33.65 56.01 5.32
CA LEU G 118 34.73 56.99 5.13
C LEU G 118 35.88 56.44 4.30
N GLU G 119 36.20 55.14 4.43
CA GLU G 119 37.26 54.55 3.62
C GLU G 119 36.82 54.26 2.19
N VAL G 120 35.50 54.19 1.95
CA VAL G 120 34.82 53.55 0.82
C VAL G 120 35.42 52.14 0.76
N ASN G 121 35.04 51.31 1.73
CA ASN G 121 35.55 49.95 1.88
C ASN G 121 34.72 49.04 0.99
N GLU G 122 35.17 48.87 -0.26
CA GLU G 122 34.37 48.27 -1.31
C GLU G 122 34.25 46.74 -1.17
N ALA G 123 35.12 46.10 -0.39
CA ALA G 123 34.92 44.69 -0.08
C ALA G 123 33.76 44.49 0.88
N VAL G 124 33.55 45.43 1.81
CA VAL G 124 32.44 45.34 2.75
C VAL G 124 31.16 45.87 2.10
N LEU G 125 31.27 46.93 1.31
CA LEU G 125 30.11 47.60 0.73
C LEU G 125 29.46 46.79 -0.38
N THR G 126 28.12 46.72 -0.34
CA THR G 126 27.31 46.13 -1.39
C THR G 126 26.27 47.14 -1.83
N GLU G 127 25.51 46.77 -2.85
CA GLU G 127 24.48 47.69 -3.38
C GLU G 127 23.28 47.77 -2.45
N SER G 128 22.88 46.63 -1.87
CA SER G 128 21.70 46.60 -1.01
C SER G 128 21.96 47.22 0.35
N MET G 129 23.22 47.25 0.78
CA MET G 129 23.56 47.86 2.06
C MET G 129 23.43 49.38 2.01
N ILE G 130 23.97 49.99 0.95
CA ILE G 130 23.94 51.44 0.77
C ILE G 130 22.53 51.94 0.49
N GLN G 131 21.76 51.15 -0.28
CA GLN G 131 20.37 51.49 -0.58
C GLN G 131 19.48 51.40 0.66
N ASN G 132 19.78 50.47 1.57
CA ASN G 132 19.08 50.44 2.84
C ASN G 132 19.56 51.54 3.78
N LEU G 133 20.80 52.00 3.62
CA LEU G 133 21.26 53.15 4.39
C LEU G 133 20.59 54.44 3.94
N ILE G 134 20.43 54.62 2.62
CA ILE G 134 19.88 55.85 2.07
C ILE G 134 18.38 55.95 2.35
N LYS G 135 17.67 54.83 2.24
CA LYS G 135 16.22 54.79 2.45
C LYS G 135 15.85 55.01 3.91
N GLN G 136 16.60 54.41 4.84
CA GLN G 136 16.28 54.53 6.25
C GLN G 136 17.16 55.55 6.97
N MET G 137 17.78 56.46 6.23
CA MET G 137 18.47 57.58 6.86
C MET G 137 17.45 58.58 7.37
N PRO G 138 17.67 59.19 8.55
CA PRO G 138 16.84 60.32 8.96
C PRO G 138 17.19 61.61 8.21
N GLU G 139 16.43 62.67 8.48
CA GLU G 139 16.67 63.95 7.85
C GLU G 139 17.95 64.59 8.41
N PRO G 140 18.63 65.43 7.61
CA PRO G 140 19.82 66.15 8.13
C PRO G 140 19.50 67.17 9.22
N GLU G 141 18.26 67.65 9.31
CA GLU G 141 17.83 68.39 10.49
C GLU G 141 17.78 67.48 11.71
N GLN G 142 17.31 66.24 11.52
CA GLN G 142 17.30 65.28 12.62
C GLN G 142 18.70 64.75 12.92
N LEU G 143 19.57 64.71 11.91
CA LEU G 143 20.96 64.32 12.15
C LEU G 143 21.72 65.41 12.89
N LYS G 144 21.39 66.68 12.63
CA LYS G 144 22.04 67.78 13.34
C LYS G 144 21.53 67.91 14.76
N MET G 145 20.25 67.60 14.98
CA MET G 145 19.70 67.62 16.33
C MET G 145 20.21 66.46 17.18
N LEU G 146 20.50 65.33 16.54
CA LEU G 146 21.16 64.23 17.24
C LEU G 146 22.63 64.56 17.53
N SER G 147 23.27 65.30 16.61
CA SER G 147 24.67 65.67 16.79
C SER G 147 24.86 66.76 17.84
N GLU G 148 23.79 67.47 18.21
CA GLU G 148 23.88 68.43 19.31
C GLU G 148 23.80 67.75 20.67
N LEU G 149 23.39 66.49 20.72
CA LEU G 149 23.21 65.77 21.98
C LEU G 149 24.16 64.58 22.07
N LYS G 150 25.43 64.78 21.70
CA LYS G 150 26.41 63.70 21.71
C LYS G 150 26.88 63.33 23.12
N GLU G 151 26.65 64.20 24.11
CA GLU G 151 27.18 63.96 25.45
C GLU G 151 26.40 62.89 26.20
N GLU G 152 25.15 62.62 25.81
CA GLU G 152 24.29 61.64 26.44
C GLU G 152 24.15 60.38 25.61
N TYR G 153 25.26 59.92 25.02
CA TYR G 153 25.24 58.89 23.97
C TYR G 153 24.85 57.52 24.51
N ASP G 154 25.23 57.20 25.75
CA ASP G 154 24.91 55.90 26.31
C ASP G 154 23.45 55.77 26.74
N ASP G 155 22.75 56.88 26.92
CA ASP G 155 21.35 56.86 27.34
C ASP G 155 20.38 56.95 26.16
N LEU G 156 20.87 57.11 24.94
CA LEU G 156 19.99 57.21 23.78
C LEU G 156 19.56 55.83 23.29
N ALA G 157 18.59 55.83 22.38
CA ALA G 157 18.16 54.61 21.74
C ALA G 157 19.18 54.16 20.70
N GLU G 158 19.08 52.88 20.30
CA GLU G 158 20.02 52.30 19.35
C GLU G 158 19.85 52.88 17.95
N SER G 159 18.61 53.23 17.58
CA SER G 159 18.38 54.00 16.37
C SER G 159 18.92 55.42 16.53
N GLU G 160 18.77 56.00 17.72
CA GLU G 160 19.30 57.33 17.97
C GLU G 160 20.81 57.32 18.12
N GLN G 161 21.39 56.20 18.57
CA GLN G 161 22.85 56.10 18.65
C GLN G 161 23.48 56.01 17.26
N PHE G 162 22.77 55.40 16.31
CA PHE G 162 23.27 55.31 14.94
C PHE G 162 23.19 56.66 14.23
N GLY G 163 22.17 57.45 14.54
CA GLY G 163 22.06 58.78 13.95
C GLY G 163 23.06 59.77 14.51
N VAL G 164 23.55 59.53 15.73
CA VAL G 164 24.62 60.36 16.29
C VAL G 164 25.93 60.10 15.56
N VAL G 165 26.24 58.82 15.32
CA VAL G 165 27.47 58.43 14.62
C VAL G 165 27.40 58.83 13.15
N MET G 166 26.20 58.71 12.54
CA MET G 166 26.00 59.28 11.21
C MET G 166 25.97 60.80 11.24
N GLY G 167 25.61 61.41 12.37
CA GLY G 167 25.70 62.85 12.52
C GLY G 167 27.09 63.38 12.74
N THR G 168 28.05 62.53 13.11
CA THR G 168 29.45 62.96 13.21
C THR G 168 30.06 63.21 11.83
N VAL G 169 29.60 62.44 10.83
CA VAL G 169 30.05 62.66 9.43
C VAL G 169 29.04 63.62 8.78
N PRO G 170 29.37 64.91 8.62
CA PRO G 170 28.36 65.93 8.34
C PRO G 170 27.81 65.86 6.91
N ARG G 171 26.58 66.35 6.70
CA ARG G 171 25.94 66.35 5.35
C ARG G 171 26.77 65.49 4.38
N LEU G 172 26.62 64.18 4.47
CA LEU G 172 27.36 63.28 3.55
C LEU G 172 26.35 62.60 2.61
N ARG G 173 25.08 62.98 2.68
CA ARG G 173 24.15 62.42 1.71
C ARG G 173 24.56 62.55 0.23
N PRO G 174 25.22 63.64 -0.25
CA PRO G 174 25.85 63.52 -1.58
C PRO G 174 27.05 62.59 -1.62
N ARG G 175 27.73 62.37 -0.48
CA ARG G 175 28.80 61.38 -0.43
C ARG G 175 28.26 59.97 -0.53
N LEU G 176 27.08 59.72 0.06
CA LEU G 176 26.46 58.41 -0.02
C LEU G 176 25.91 58.14 -1.42
N ASN G 177 25.46 59.18 -2.11
CA ASN G 177 25.00 59.03 -3.49
C ASN G 177 26.17 58.77 -4.44
N ALA G 178 27.34 59.34 -4.15
CA ALA G 178 28.53 59.07 -4.95
C ALA G 178 29.05 57.67 -4.69
N ILE G 179 28.92 57.18 -3.45
CA ILE G 179 29.28 55.80 -3.13
C ILE G 179 28.30 54.83 -3.79
N LEU G 180 27.00 55.21 -3.83
CA LEU G 180 25.98 54.43 -4.52
C LEU G 180 26.21 54.41 -6.03
N PHE G 181 26.62 55.55 -6.60
CA PHE G 181 26.87 55.61 -8.04
C PHE G 181 28.14 54.86 -8.42
N LYS G 182 29.13 54.81 -7.52
CA LYS G 182 30.36 54.06 -7.80
C LYS G 182 30.11 52.55 -7.79
N LEU G 183 29.28 52.07 -6.85
CA LEU G 183 28.99 50.65 -6.78
C LEU G 183 28.01 50.20 -7.86
N GLN G 184 27.29 51.13 -8.49
CA GLN G 184 26.30 50.78 -9.50
C GLN G 184 26.76 51.05 -10.92
N PHE G 185 27.90 51.73 -11.12
CA PHE G 185 28.29 52.15 -12.46
C PHE G 185 28.80 50.98 -13.29
N SER G 186 29.51 50.04 -12.67
CA SER G 186 29.97 48.86 -13.38
C SER G 186 28.82 47.92 -13.70
N GLU G 187 27.78 47.93 -12.86
CA GLU G 187 26.57 47.18 -13.17
C GLU G 187 25.75 47.87 -14.25
N GLN G 188 25.80 49.21 -14.31
CA GLN G 188 25.01 49.94 -15.29
C GLN G 188 25.62 49.85 -16.69
N VAL G 189 26.95 49.85 -16.80
CA VAL G 189 27.61 49.70 -18.11
C VAL G 189 27.42 48.29 -18.64
N GLU G 190 27.49 47.28 -17.77
CA GLU G 190 27.31 45.89 -18.17
C GLU G 190 25.87 45.55 -18.55
N ASN G 191 24.90 46.40 -18.20
CA ASN G 191 23.55 46.27 -18.71
C ASN G 191 23.33 47.09 -19.98
N ILE G 192 23.98 48.24 -20.11
CA ILE G 192 23.72 49.13 -21.23
C ILE G 192 24.47 48.69 -22.48
N LYS G 193 25.75 48.32 -22.33
CA LYS G 193 26.62 48.01 -23.47
C LYS G 193 26.25 46.80 -24.34
N PRO G 194 25.89 45.60 -23.83
CA PRO G 194 25.52 44.52 -24.78
C PRO G 194 24.15 44.70 -25.42
N GLU G 195 23.30 45.59 -24.90
CA GLU G 195 22.08 45.93 -25.62
C GLU G 195 22.38 46.76 -26.88
N ILE G 196 23.34 47.70 -26.78
CA ILE G 196 23.73 48.51 -27.93
C ILE G 196 24.49 47.66 -28.94
N VAL G 197 25.28 46.69 -28.45
CA VAL G 197 26.07 45.80 -29.30
C VAL G 197 25.15 44.88 -30.12
N SER G 198 24.10 44.35 -29.50
CA SER G 198 23.20 43.42 -30.18
C SER G 198 22.31 44.14 -31.20
N VAL G 199 21.95 45.40 -30.94
CA VAL G 199 21.18 46.18 -31.90
C VAL G 199 22.05 46.56 -33.11
N THR G 200 23.30 46.95 -32.84
CA THR G 200 24.25 47.31 -33.91
C THR G 200 24.63 46.10 -34.76
N ALA G 201 24.75 44.93 -34.12
CA ALA G 201 24.98 43.69 -34.86
C ALA G 201 23.76 43.28 -35.68
N ALA G 202 22.55 43.55 -35.18
CA ALA G 202 21.34 43.25 -35.95
C ALA G 202 21.16 44.25 -37.08
N CYS G 203 21.61 45.49 -36.89
CA CYS G 203 21.55 46.48 -37.95
C CYS G 203 22.55 46.15 -39.06
N GLU G 204 23.71 45.62 -38.69
CA GLU G 204 24.69 45.22 -39.70
C GLU G 204 24.31 43.92 -40.39
N GLU G 205 23.60 43.03 -39.68
CA GLU G 205 23.15 41.79 -40.30
C GLU G 205 22.03 42.04 -41.29
N LEU G 206 21.13 42.98 -40.98
CA LEU G 206 20.04 43.32 -41.89
C LEU G 206 20.51 44.12 -43.08
N ARG G 207 21.52 44.98 -42.89
CA ARG G 207 22.10 45.73 -44.00
C ARG G 207 22.87 44.81 -44.94
N LYS G 208 23.55 43.81 -44.39
CA LYS G 208 24.22 42.79 -45.20
C LYS G 208 23.29 41.59 -45.36
N SER G 209 22.26 41.80 -46.16
CA SER G 209 21.28 40.76 -46.44
C SER G 209 20.71 40.96 -47.82
N GLU G 210 20.67 39.89 -48.62
CA GLU G 210 20.14 39.93 -49.97
C GLU G 210 19.03 38.91 -50.22
N ASN G 211 18.95 37.82 -49.45
CA ASN G 211 17.87 36.86 -49.60
C ASN G 211 16.55 37.43 -49.10
N PHE G 212 16.61 38.26 -48.05
CA PHE G 212 15.43 38.99 -47.59
C PHE G 212 15.02 40.07 -48.59
N SER G 213 15.99 40.67 -49.28
CA SER G 213 15.68 41.62 -50.34
C SER G 213 15.07 40.93 -51.56
N SER G 214 15.48 39.70 -51.84
CA SER G 214 14.85 38.91 -52.89
C SER G 214 13.45 38.46 -52.49
N LEU G 215 13.22 38.26 -51.19
CA LEU G 215 11.88 37.97 -50.70
C LEU G 215 10.97 39.19 -50.79
N LEU G 216 11.54 40.38 -50.58
CA LEU G 216 10.76 41.61 -50.67
C LEU G 216 10.42 41.94 -52.11
N GLU G 217 11.29 41.58 -53.06
CA GLU G 217 10.97 41.75 -54.47
C GLU G 217 9.91 40.75 -54.91
N LEU G 218 9.93 39.54 -54.34
CA LEU G 218 8.96 38.51 -54.71
C LEU G 218 7.59 38.82 -54.13
N THR G 219 7.54 39.39 -52.93
CA THR G 219 6.27 39.76 -52.30
C THR G 219 5.65 40.97 -53.02
N LEU G 220 6.49 41.87 -53.52
CA LEU G 220 6.02 43.05 -54.24
C LEU G 220 5.43 42.69 -55.60
N LEU G 221 5.99 41.68 -56.26
CA LEU G 221 5.47 41.26 -57.56
C LEU G 221 4.15 40.51 -57.44
N VAL G 222 4.06 39.61 -56.46
CA VAL G 222 2.85 38.82 -56.23
C VAL G 222 1.72 39.70 -55.71
N GLY G 223 2.04 40.62 -54.80
CA GLY G 223 1.04 41.52 -54.25
C GLY G 223 0.56 42.60 -55.20
N ASN G 224 1.38 42.98 -56.19
CA ASN G 224 0.91 43.90 -57.21
C ASN G 224 -0.03 43.23 -58.19
N TYR G 225 0.18 41.93 -58.45
CA TYR G 225 -0.75 41.16 -59.26
C TYR G 225 -2.07 40.93 -58.53
N MET G 226 -2.02 40.80 -57.20
CA MET G 226 -3.22 40.63 -56.41
C MET G 226 -3.99 41.95 -56.27
N ASN G 227 -3.28 43.07 -56.14
CA ASN G 227 -3.90 44.39 -56.03
C ASN G 227 -4.09 45.07 -57.38
N ALA G 228 -4.12 44.31 -58.47
CA ALA G 228 -4.26 44.89 -59.79
C ALA G 228 -5.70 45.32 -60.02
N GLY G 229 -5.87 46.58 -60.44
CA GLY G 229 -7.18 47.18 -60.55
C GLY G 229 -7.70 47.81 -59.27
N SER G 230 -6.97 47.68 -58.17
CA SER G 230 -7.37 48.21 -56.88
C SER G 230 -6.71 49.57 -56.66
N ARG G 231 -6.80 50.07 -55.42
CA ARG G 231 -6.14 51.32 -55.05
C ARG G 231 -4.63 51.15 -55.00
N ASN G 232 -4.15 49.98 -54.61
CA ASN G 232 -2.73 49.72 -54.46
C ASN G 232 -2.10 49.12 -55.72
N ALA G 233 -2.69 49.37 -56.89
CA ALA G 233 -2.11 48.89 -58.14
C ALA G 233 -0.90 49.71 -58.52
N GLY G 234 0.14 49.02 -59.00
CA GLY G 234 1.40 49.67 -59.34
C GLY G 234 2.16 50.20 -58.14
N ALA G 235 2.16 49.46 -57.03
CA ALA G 235 2.83 49.89 -55.82
C ALA G 235 4.33 49.69 -55.95
N PHE G 236 5.09 50.76 -55.79
CA PHE G 236 6.54 50.68 -55.85
C PHE G 236 7.14 50.11 -54.57
N GLY G 237 6.40 50.16 -53.47
CA GLY G 237 6.90 49.62 -52.22
C GLY G 237 5.80 49.54 -51.18
N PHE G 238 6.06 48.73 -50.16
CA PHE G 238 5.13 48.53 -49.06
C PHE G 238 5.90 48.61 -47.74
N ASN G 239 5.17 48.90 -46.66
CA ASN G 239 5.78 49.02 -45.36
C ASN G 239 6.17 47.65 -44.81
N ILE G 240 7.26 47.63 -44.03
CA ILE G 240 7.79 46.38 -43.50
C ILE G 240 6.95 45.87 -42.33
N SER G 241 6.12 46.73 -41.72
CA SER G 241 5.20 46.31 -40.67
C SER G 241 4.00 45.54 -41.22
N PHE G 242 3.77 45.57 -42.53
CA PHE G 242 2.71 44.82 -43.19
C PHE G 242 3.07 43.35 -43.39
N LEU G 243 4.32 42.96 -43.13
CA LEU G 243 4.79 41.59 -43.38
C LEU G 243 4.16 40.59 -42.41
N CYS G 244 3.82 41.03 -41.21
CA CYS G 244 3.08 40.18 -40.28
C CYS G 244 1.61 40.01 -40.69
N LYS G 245 1.08 40.92 -41.51
CA LYS G 245 -0.29 40.83 -41.99
C LYS G 245 -0.41 40.04 -43.29
N LEU G 246 0.66 39.38 -43.74
CA LEU G 246 0.57 38.48 -44.87
C LEU G 246 -0.13 37.17 -44.52
N ARG G 247 -0.17 36.82 -43.23
CA ARG G 247 -0.86 35.62 -42.77
C ARG G 247 -2.37 35.77 -42.88
N ASP G 248 -2.88 36.99 -42.76
CA ASP G 248 -4.33 37.22 -42.75
C ASP G 248 -4.95 37.09 -44.13
N THR G 249 -4.17 37.19 -45.20
CA THR G 249 -4.68 37.02 -46.55
C THR G 249 -4.86 35.53 -46.81
N LYS G 250 -6.07 35.03 -46.60
CA LYS G 250 -6.35 33.62 -46.75
C LYS G 250 -6.77 33.30 -48.18
N SER G 251 -6.87 32.01 -48.48
CA SER G 251 -7.21 31.54 -49.81
C SER G 251 -8.73 31.46 -49.96
N ALA G 252 -9.18 30.90 -51.09
CA ALA G 252 -10.62 30.74 -51.32
C ALA G 252 -11.19 29.62 -50.46
N ASP G 253 -10.46 28.52 -50.33
CA ASP G 253 -10.90 27.39 -49.51
C ASP G 253 -10.38 27.48 -48.08
N GLN G 254 -9.65 28.55 -47.75
CA GLN G 254 -9.13 28.88 -46.40
C GLN G 254 -8.23 27.79 -45.83
N LYS G 255 -7.43 27.15 -46.69
CA LYS G 255 -6.48 26.14 -46.24
C LYS G 255 -5.04 26.64 -46.23
N MET G 256 -4.74 27.67 -47.01
CA MET G 256 -3.40 28.24 -47.06
C MET G 256 -3.50 29.77 -47.02
N THR G 257 -2.43 30.39 -46.53
CA THR G 257 -2.34 31.84 -46.48
C THR G 257 -1.43 32.34 -47.60
N LEU G 258 -1.31 33.67 -47.68
CA LEU G 258 -0.34 34.27 -48.59
C LEU G 258 1.09 34.01 -48.12
N LEU G 259 1.28 33.94 -46.80
CA LEU G 259 2.56 33.50 -46.23
C LEU G 259 2.86 32.05 -46.58
N HIS G 260 1.84 31.19 -46.56
CA HIS G 260 2.03 29.78 -46.91
C HIS G 260 2.24 29.60 -48.41
N PHE G 261 1.67 30.48 -49.23
CA PHE G 261 1.91 30.41 -50.67
C PHE G 261 3.32 30.90 -51.01
N LEU G 262 3.81 31.90 -50.29
CA LEU G 262 5.16 32.39 -50.52
C LEU G 262 6.21 31.42 -49.97
N ALA G 263 5.88 30.69 -48.90
CA ALA G 263 6.79 29.67 -48.39
C ALA G 263 6.84 28.46 -49.31
N GLU G 264 5.72 28.15 -49.97
CA GLU G 264 5.71 27.06 -50.95
C GLU G 264 6.45 27.45 -52.22
N LEU G 265 6.37 28.73 -52.59
CA LEU G 265 7.06 29.23 -53.78
C LEU G 265 8.57 29.26 -53.58
N CYS G 266 9.02 29.64 -52.38
CA CYS G 266 10.45 29.63 -52.08
C CYS G 266 10.98 28.23 -51.86
N GLU G 267 10.13 27.29 -51.46
CA GLU G 267 10.58 25.90 -51.34
C GLU G 267 10.69 25.22 -52.71
N ASN G 268 9.92 25.69 -53.69
CA ASN G 268 9.93 25.06 -55.01
C ASN G 268 10.98 25.69 -55.92
N ASP G 269 10.88 26.99 -56.16
CA ASP G 269 11.65 27.63 -57.22
C ASP G 269 12.97 28.22 -56.75
N HIS G 270 12.98 28.94 -55.63
CA HIS G 270 14.15 29.69 -55.20
C HIS G 270 14.53 29.30 -53.78
N PRO G 271 15.23 28.17 -53.60
CA PRO G 271 15.55 27.70 -52.24
C PRO G 271 16.70 28.42 -51.57
N GLU G 272 17.38 29.34 -52.27
CA GLU G 272 18.45 30.14 -51.68
C GLU G 272 17.93 31.26 -50.79
N VAL G 273 16.62 31.57 -50.87
CA VAL G 273 16.03 32.61 -50.04
C VAL G 273 15.96 32.17 -48.58
N LEU G 274 15.75 30.87 -48.35
CA LEU G 274 15.34 30.30 -47.06
C LEU G 274 16.39 30.35 -45.96
N LYS G 275 17.63 30.74 -46.26
CA LYS G 275 18.66 30.88 -45.23
C LYS G 275 18.61 32.20 -44.50
N PHE G 276 17.68 33.10 -44.84
CA PHE G 276 17.53 34.38 -44.14
C PHE G 276 17.16 34.37 -42.64
N PRO G 277 16.57 33.33 -42.02
CA PRO G 277 16.59 33.31 -40.54
C PRO G 277 17.97 33.10 -39.94
N ASP G 278 18.90 32.46 -40.66
CA ASP G 278 20.23 32.25 -40.11
C ASP G 278 21.06 33.51 -40.12
N GLU G 279 20.81 34.42 -41.07
CA GLU G 279 21.51 35.70 -41.07
C GLU G 279 20.99 36.64 -39.99
N LEU G 280 19.69 36.57 -39.69
CA LEU G 280 19.06 37.50 -38.76
C LEU G 280 19.03 36.87 -37.36
N ALA G 281 20.22 36.79 -36.75
CA ALA G 281 20.34 36.15 -35.45
C ALA G 281 20.09 37.11 -34.30
N HIS G 282 20.55 38.35 -34.44
CA HIS G 282 20.48 39.33 -33.35
C HIS G 282 19.22 40.17 -33.39
N VAL G 283 18.29 39.88 -34.31
CA VAL G 283 17.02 40.60 -34.41
C VAL G 283 16.14 40.27 -33.20
N GLU G 284 16.23 39.05 -32.68
CA GLU G 284 15.53 38.64 -31.47
C GLU G 284 16.03 39.41 -30.25
N LYS G 285 17.34 39.66 -30.17
CA LYS G 285 17.87 40.51 -29.11
C LYS G 285 17.50 41.97 -29.32
N ALA G 286 17.44 42.41 -30.59
CA ALA G 286 17.14 43.81 -30.88
C ALA G 286 15.66 44.13 -30.78
N SER G 287 14.79 43.13 -30.71
CA SER G 287 13.35 43.37 -30.63
C SER G 287 12.92 43.85 -29.26
N ARG G 288 13.69 43.56 -28.22
CA ARG G 288 13.32 43.88 -26.84
C ARG G 288 14.04 45.08 -26.27
N VAL G 289 14.92 45.71 -27.04
CA VAL G 289 15.78 46.79 -26.54
C VAL G 289 15.16 48.12 -26.93
N SER G 290 14.88 48.96 -25.94
CA SER G 290 14.24 50.25 -26.16
C SER G 290 15.30 51.34 -26.29
N ALA G 291 15.20 52.14 -27.35
CA ALA G 291 16.12 53.23 -27.57
C ALA G 291 15.83 54.43 -26.67
N GLU G 292 14.58 54.60 -26.25
CA GLU G 292 14.23 55.68 -25.34
C GLU G 292 14.75 55.42 -23.94
N ASN G 293 14.70 54.17 -23.48
CA ASN G 293 15.23 53.83 -22.17
C ASN G 293 16.75 53.82 -22.17
N LEU G 294 17.38 53.56 -23.33
CA LEU G 294 18.83 53.70 -23.42
C LEU G 294 19.25 55.16 -23.39
N GLN G 295 18.43 56.04 -23.99
CA GLN G 295 18.72 57.47 -23.96
C GLN G 295 18.51 58.05 -22.57
N LYS G 296 17.49 57.56 -21.84
CA LYS G 296 17.23 58.04 -20.50
C LYS G 296 18.28 57.52 -19.51
N SER G 297 18.82 56.33 -19.77
CA SER G 297 19.88 55.79 -18.91
C SER G 297 21.20 56.53 -19.13
N LEU G 298 21.51 56.87 -20.39
CA LEU G 298 22.74 57.57 -20.69
C LEU G 298 22.69 59.03 -20.26
N ASP G 299 21.50 59.64 -20.27
CA ASP G 299 21.36 60.99 -19.74
C ASP G 299 21.47 61.00 -18.23
N GLN G 300 20.97 59.96 -17.57
CA GLN G 300 21.13 59.85 -16.12
C GLN G 300 22.55 59.46 -15.75
N MET G 301 23.25 58.75 -16.63
CA MET G 301 24.66 58.44 -16.41
C MET G 301 25.53 59.67 -16.54
N LYS G 302 25.23 60.51 -17.55
CA LYS G 302 26.00 61.75 -17.77
C LYS G 302 25.71 62.77 -16.67
N LYS G 303 24.49 62.77 -16.15
CA LYS G 303 24.15 63.65 -15.03
C LYS G 303 24.84 63.22 -13.74
N GLN G 304 24.92 61.90 -13.50
CA GLN G 304 25.51 61.42 -12.26
C GLN G 304 27.03 61.48 -12.27
N ILE G 305 27.66 61.36 -13.44
CA ILE G 305 29.10 61.59 -13.56
C ILE G 305 29.42 63.06 -13.30
N ALA G 306 28.60 63.96 -13.85
CA ALA G 306 28.79 65.39 -13.63
C ALA G 306 28.43 65.79 -12.20
N ASP G 307 27.55 65.04 -11.53
CA ASP G 307 27.25 65.32 -10.14
C ASP G 307 28.37 64.85 -9.21
N VAL G 308 28.98 63.70 -9.51
CA VAL G 308 30.07 63.17 -8.70
C VAL G 308 31.33 64.01 -8.87
N GLU G 309 31.60 64.45 -10.11
CA GLU G 309 32.75 65.30 -10.40
C GLU G 309 32.58 66.70 -9.79
N ARG G 310 31.33 67.18 -9.69
CA ARG G 310 31.08 68.40 -8.93
C ARG G 310 31.23 68.17 -7.43
N ASP G 311 30.91 66.96 -6.95
CA ASP G 311 31.13 66.64 -5.54
C ASP G 311 32.61 66.42 -5.24
N VAL G 312 33.39 66.01 -6.24
CA VAL G 312 34.84 65.95 -6.09
C VAL G 312 35.42 67.35 -6.00
N GLN G 313 34.93 68.27 -6.84
CA GLN G 313 35.44 69.64 -6.86
C GLN G 313 34.97 70.44 -5.65
N ASN G 314 33.83 70.07 -5.05
CA ASN G 314 33.35 70.71 -3.83
C ASN G 314 33.74 69.95 -2.58
N PHE G 315 34.57 68.92 -2.71
CA PHE G 315 35.01 68.18 -1.54
C PHE G 315 36.05 68.99 -0.76
N PRO G 316 36.01 68.97 0.57
CA PRO G 316 37.01 69.70 1.35
C PRO G 316 38.34 68.96 1.41
N ALA G 317 39.28 69.56 2.14
CA ALA G 317 40.60 68.98 2.29
C ALA G 317 40.57 67.76 3.21
N ALA G 318 41.40 66.78 2.88
CA ALA G 318 41.47 65.54 3.64
C ALA G 318 42.23 65.78 4.93
N THR G 319 41.54 65.70 6.06
CA THR G 319 42.15 65.90 7.37
C THR G 319 42.73 64.62 7.95
N ASP G 320 42.56 63.49 7.26
CA ASP G 320 43.09 62.22 7.72
C ASP G 320 43.63 61.44 6.53
N GLU G 321 44.64 60.60 6.79
CA GLU G 321 45.17 59.72 5.75
C GLU G 321 44.27 58.52 5.49
N LYS G 322 43.37 58.19 6.42
CA LYS G 322 42.39 57.14 6.18
C LYS G 322 41.29 57.58 5.21
N ASP G 323 41.08 58.88 5.06
CA ASP G 323 40.15 59.40 4.08
C ASP G 323 40.76 59.30 2.69
N LYS G 324 40.53 58.20 2.00
CA LYS G 324 41.06 57.96 0.66
C LYS G 324 40.00 58.27 -0.41
N PHE G 325 39.18 59.28 -0.14
CA PHE G 325 38.07 59.61 -1.04
C PHE G 325 38.56 60.34 -2.29
N VAL G 326 39.56 61.21 -2.15
CA VAL G 326 39.89 62.17 -3.20
C VAL G 326 40.62 61.48 -4.36
N GLU G 327 41.56 60.60 -4.05
CA GLU G 327 42.34 59.94 -5.10
C GLU G 327 41.53 58.85 -5.79
N LYS G 328 40.68 58.14 -5.03
CA LYS G 328 39.94 57.03 -5.60
C LYS G 328 38.77 57.49 -6.47
N MET G 329 38.13 58.60 -6.11
CA MET G 329 37.02 59.11 -6.92
C MET G 329 37.50 59.78 -8.19
N THR G 330 38.65 60.45 -8.15
CA THR G 330 39.17 61.17 -9.32
C THR G 330 39.66 60.20 -10.39
N SER G 331 40.25 59.08 -9.97
CA SER G 331 40.55 58.01 -10.91
C SER G 331 39.30 57.30 -11.40
N PHE G 332 38.23 57.30 -10.60
CA PHE G 332 36.98 56.70 -11.02
C PHE G 332 36.25 57.59 -12.03
N VAL G 333 36.29 58.91 -11.83
CA VAL G 333 35.65 59.87 -12.74
C VAL G 333 36.34 59.87 -14.11
N LYS G 334 37.67 59.78 -14.12
CA LYS G 334 38.44 59.67 -15.35
C LYS G 334 38.18 58.33 -16.05
N ASP G 335 37.96 57.28 -15.28
CA ASP G 335 37.56 56.01 -15.87
C ASP G 335 36.11 56.03 -16.34
N ALA G 336 35.23 56.75 -15.64
CA ALA G 336 33.83 56.81 -16.04
C ALA G 336 33.63 57.71 -17.25
N GLN G 337 34.42 58.78 -17.36
CA GLN G 337 34.30 59.68 -18.50
C GLN G 337 34.87 59.03 -19.76
N GLU G 338 35.86 58.15 -19.60
CA GLU G 338 36.36 57.36 -20.72
C GLU G 338 35.34 56.35 -21.19
N GLN G 339 34.66 55.68 -20.24
CA GLN G 339 33.71 54.63 -20.60
C GLN G 339 32.39 55.22 -21.11
N TYR G 340 32.00 56.40 -20.65
CA TYR G 340 30.80 57.06 -21.17
C TYR G 340 31.03 57.56 -22.60
N ASN G 341 32.24 58.05 -22.88
CA ASN G 341 32.56 58.49 -24.23
C ASN G 341 32.73 57.31 -25.19
N LYS G 342 33.10 56.14 -24.67
CA LYS G 342 33.00 54.91 -25.46
C LYS G 342 31.55 54.53 -25.72
N LEU G 343 30.70 54.71 -24.71
CA LEU G 343 29.29 54.33 -24.84
C LEU G 343 28.52 55.31 -25.71
N ARG G 344 28.86 56.61 -25.62
CA ARG G 344 28.17 57.60 -26.43
C ARG G 344 28.59 57.53 -27.90
N MET G 345 29.82 57.11 -28.16
CA MET G 345 30.26 56.90 -29.54
C MET G 345 29.57 55.69 -30.16
N MET G 346 29.39 54.62 -29.37
CA MET G 346 28.67 53.46 -29.86
C MET G 346 27.18 53.72 -30.01
N HIS G 347 26.62 54.58 -29.15
CA HIS G 347 25.21 54.95 -29.27
C HIS G 347 24.98 55.84 -30.47
N SER G 348 25.93 56.74 -30.77
CA SER G 348 25.83 57.57 -31.97
C SER G 348 26.07 56.76 -33.23
N ASN G 349 26.91 55.72 -33.15
CA ASN G 349 27.09 54.81 -34.28
C ASN G 349 25.85 53.96 -34.51
N MET G 350 25.16 53.61 -33.43
CA MET G 350 23.90 52.86 -33.53
C MET G 350 22.79 53.71 -34.13
N GLU G 351 22.73 55.00 -33.76
CA GLU G 351 21.72 55.90 -34.33
C GLU G 351 22.04 56.26 -35.78
N THR G 352 23.32 56.25 -36.15
CA THR G 352 23.68 56.49 -37.55
C THR G 352 23.32 55.30 -38.42
N LEU G 353 23.52 54.08 -37.91
CA LEU G 353 23.22 52.88 -38.68
C LEU G 353 21.72 52.63 -38.79
N TYR G 354 20.95 53.06 -37.79
CA TYR G 354 19.50 52.98 -37.89
C TYR G 354 18.96 54.01 -38.87
N LYS G 355 19.60 55.18 -38.96
CA LYS G 355 19.24 56.15 -40.00
C LYS G 355 19.69 55.67 -41.37
N GLU G 356 20.81 54.94 -41.43
CA GLU G 356 21.24 54.32 -42.68
C GLU G 356 20.30 53.21 -43.11
N LEU G 357 19.74 52.48 -42.14
CA LEU G 357 18.67 51.53 -42.45
C LEU G 357 17.38 52.26 -42.80
N GLY G 358 17.18 53.45 -42.23
CA GLY G 358 16.00 54.24 -42.53
C GLY G 358 16.04 54.92 -43.89
N ASP G 359 17.22 54.95 -44.53
CA ASP G 359 17.33 55.44 -45.88
C ASP G 359 17.18 54.32 -46.91
N TYR G 360 17.62 53.11 -46.55
CA TYR G 360 17.67 52.01 -47.51
C TYR G 360 16.27 51.42 -47.76
N PHE G 361 15.54 51.15 -46.68
CA PHE G 361 14.09 51.03 -46.72
C PHE G 361 13.55 52.24 -46.00
N VAL G 362 12.46 52.83 -46.50
CA VAL G 362 11.98 54.05 -45.85
C VAL G 362 11.20 53.72 -44.57
N PHE G 363 10.19 52.83 -44.63
CA PHE G 363 9.30 52.34 -43.54
C PHE G 363 8.78 53.41 -42.56
N ASP G 364 8.56 54.66 -43.07
CA ASP G 364 8.24 55.89 -42.32
C ASP G 364 9.26 56.11 -41.20
N PRO G 365 10.49 56.61 -41.49
CA PRO G 365 11.52 56.73 -40.46
C PRO G 365 11.11 57.86 -39.52
N LYS G 366 10.58 57.53 -38.35
CA LYS G 366 10.09 58.58 -37.42
C LYS G 366 10.42 58.21 -35.97
N LYS G 367 9.56 58.59 -35.03
CA LYS G 367 9.80 58.30 -33.60
C LYS G 367 9.58 56.81 -33.34
N LEU G 368 9.13 56.06 -34.34
CA LEU G 368 8.92 54.59 -34.19
C LEU G 368 9.93 54.07 -33.17
N SER G 369 9.43 53.58 -32.03
CA SER G 369 10.26 52.81 -31.10
C SER G 369 10.94 51.67 -31.88
N VAL G 370 12.06 51.94 -32.54
CA VAL G 370 12.83 50.92 -33.30
C VAL G 370 12.38 49.53 -32.88
N GLU G 371 12.49 49.21 -31.60
CA GLU G 371 12.12 47.90 -31.06
C GLU G 371 10.87 47.34 -31.72
N GLU G 372 9.95 48.22 -32.16
CA GLU G 372 8.74 47.75 -32.85
C GLU G 372 9.06 47.28 -34.26
N PHE G 373 10.08 47.89 -34.88
CA PHE G 373 10.51 47.50 -36.21
C PHE G 373 11.21 46.13 -36.19
N PHE G 374 12.02 45.89 -35.16
CA PHE G 374 12.71 44.61 -35.05
C PHE G 374 11.77 43.51 -34.57
N MET G 375 10.69 43.86 -33.85
CA MET G 375 9.72 42.87 -33.41
C MET G 375 8.90 42.35 -34.58
N ASP G 376 8.56 43.23 -35.52
CA ASP G 376 7.79 42.81 -36.70
C ASP G 376 8.64 42.01 -37.66
N LEU G 377 9.96 42.23 -37.67
CA LEU G 377 10.84 41.38 -38.45
C LEU G 377 11.02 40.01 -37.79
N HIS G 378 11.08 39.98 -36.45
CA HIS G 378 11.27 38.73 -35.73
C HIS G 378 10.00 37.89 -35.75
N ASN G 379 8.83 38.54 -35.71
CA ASN G 379 7.56 37.81 -35.79
C ASN G 379 7.31 37.27 -37.18
N PHE G 380 7.75 38.00 -38.22
CA PHE G 380 7.64 37.52 -39.59
C PHE G 380 8.60 36.37 -39.85
N ARG G 381 9.77 36.39 -39.20
CA ARG G 381 10.73 35.29 -39.31
C ARG G 381 10.19 34.02 -38.65
N ASN G 382 9.55 34.16 -37.50
CA ASN G 382 8.99 32.99 -36.81
C ASN G 382 7.75 32.47 -37.51
N MET G 383 6.98 33.37 -38.15
CA MET G 383 5.80 32.94 -38.89
C MET G 383 6.18 32.25 -40.19
N PHE G 384 7.27 32.70 -40.83
CA PHE G 384 7.73 32.06 -42.06
C PHE G 384 8.33 30.69 -41.79
N LEU G 385 9.02 30.54 -40.65
CA LEU G 385 9.55 29.23 -40.27
C LEU G 385 8.43 28.30 -39.84
N GLN G 386 7.36 28.84 -39.27
CA GLN G 386 6.18 28.04 -38.96
C GLN G 386 5.44 27.63 -40.23
N ALA G 387 5.43 28.51 -41.23
CA ALA G 387 4.78 28.20 -42.50
C ALA G 387 5.57 27.18 -43.31
N VAL G 388 6.90 27.16 -43.14
CA VAL G 388 7.73 26.15 -43.78
C VAL G 388 7.50 24.78 -43.15
N LYS G 389 7.42 24.74 -41.81
CA LYS G 389 7.20 23.48 -41.09
C LYS G 389 5.77 22.98 -41.27
N GLU G 390 4.81 23.87 -41.49
CA GLU G 390 3.46 23.44 -41.78
C GLU G 390 3.34 22.91 -43.20
N ASN G 391 4.11 23.47 -44.14
CA ASN G 391 4.10 22.96 -45.51
C ASN G 391 4.81 21.63 -45.62
N GLN G 392 5.82 21.41 -44.78
CA GLN G 392 6.48 20.10 -44.71
C GLN G 392 5.56 19.06 -44.07
N LYS G 393 4.77 19.47 -43.08
CA LYS G 393 3.83 18.56 -42.45
C LYS G 393 2.64 18.26 -43.36
N ARG G 394 2.24 19.24 -44.19
CA ARG G 394 1.15 19.02 -45.14
C ARG G 394 1.59 18.11 -46.28
N ARG G 395 2.83 18.24 -46.73
CA ARG G 395 3.35 17.34 -47.76
C ARG G 395 3.62 15.94 -47.20
N GLU G 396 3.92 15.83 -45.91
CA GLU G 396 4.04 14.53 -45.28
C GLU G 396 2.69 13.86 -45.13
N THR G 397 1.65 14.65 -44.83
CA THR G 397 0.30 14.12 -44.68
C THR G 397 -0.29 13.71 -46.03
N GLU G 398 0.00 14.48 -47.08
CA GLU G 398 -0.47 14.17 -48.43
C GLU G 398 0.23 12.95 -49.01
N GLU G 399 1.50 12.74 -48.66
CA GLU G 399 2.21 11.56 -49.14
C GLU G 399 1.76 10.30 -48.40
N LYS G 400 1.48 10.42 -47.10
CA LYS G 400 1.01 9.27 -46.33
C LYS G 400 -0.43 8.91 -46.67
N MET G 401 -1.24 9.89 -47.06
CA MET G 401 -2.58 9.59 -47.53
C MET G 401 -2.55 8.98 -48.93
N ARG G 402 -1.55 9.35 -49.74
CA ARG G 402 -1.37 8.73 -51.05
C ARG G 402 -0.87 7.30 -50.92
N ARG G 403 0.00 7.04 -49.94
CA ARG G 403 0.48 5.69 -49.71
C ARG G 403 -0.60 4.80 -49.10
N ALA G 404 -1.49 5.37 -48.29
CA ALA G 404 -2.60 4.60 -47.73
C ALA G 404 -3.66 4.32 -48.78
N LYS G 405 -3.81 5.23 -49.74
CA LYS G 405 -4.76 5.01 -50.85
C LYS G 405 -4.23 3.96 -51.81
N LEU G 406 -2.92 3.96 -52.07
CA LEU G 406 -2.32 2.99 -52.98
C LEU G 406 -2.26 1.60 -52.36
N ALA G 407 -2.10 1.52 -51.03
CA ALA G 407 -2.12 0.23 -50.35
C ALA G 407 -3.53 -0.34 -50.28
N LYS G 408 -4.54 0.54 -50.14
CA LYS G 408 -5.92 0.07 -50.11
C LYS G 408 -6.39 -0.33 -51.50
N GLU G 409 -5.88 0.34 -52.54
CA GLU G 409 -6.22 -0.05 -53.90
C GLU G 409 -5.54 -1.35 -54.30
N LYS G 410 -4.34 -1.61 -53.76
CA LYS G 410 -3.66 -2.87 -54.03
C LYS G 410 -4.31 -4.02 -53.26
N ALA G 411 -4.81 -3.74 -52.06
CA ALA G 411 -5.50 -4.76 -51.27
C ALA G 411 -6.87 -5.08 -51.85
N GLU G 412 -7.53 -4.08 -52.44
CA GLU G 412 -8.81 -4.33 -53.09
C GLU G 412 -8.63 -5.05 -54.43
N LYS G 413 -7.51 -4.81 -55.11
CA LYS G 413 -7.21 -5.53 -56.35
C LYS G 413 -6.86 -6.99 -56.05
N GLU G 414 -6.14 -7.23 -54.95
CA GLU G 414 -5.84 -8.60 -54.55
C GLU G 414 -7.06 -9.32 -54.01
N ARG G 415 -8.02 -8.59 -53.46
CA ARG G 415 -9.29 -9.19 -53.03
C ARG G 415 -10.14 -9.58 -54.23
N LEU G 416 -10.16 -8.74 -55.27
CA LEU G 416 -10.92 -9.05 -56.48
C LEU G 416 -10.24 -10.12 -57.31
N GLU G 417 -8.91 -10.22 -57.23
CA GLU G 417 -8.20 -11.32 -57.89
C GLU G 417 -8.43 -12.64 -57.19
N LYS G 418 -8.58 -12.62 -55.86
CA LYS G 418 -8.91 -13.83 -55.12
C LYS G 418 -10.37 -14.22 -55.31
N GLN G 419 -11.26 -13.24 -55.47
CA GLN G 419 -12.69 -13.53 -55.61
C GLN G 419 -13.02 -14.07 -56.99
N GLN G 420 -12.38 -13.53 -58.04
CA GLN G 420 -12.67 -13.96 -59.40
C GLN G 420 -12.08 -15.34 -59.71
N LYS G 421 -10.97 -15.69 -59.08
CA LYS G 421 -10.38 -17.01 -59.27
C LYS G 421 -11.16 -18.09 -58.54
N ARG G 422 -11.81 -17.74 -57.43
CA ARG G 422 -12.60 -18.68 -56.65
C ARG G 422 -13.93 -18.98 -57.34
N VAL H 1 7.13 61.95 -65.73
CA VAL H 1 8.47 61.44 -65.48
C VAL H 1 8.67 61.19 -63.99
N LEU H 2 8.88 59.92 -63.64
CA LEU H 2 9.10 59.52 -62.26
C LEU H 2 10.49 59.93 -61.79
N PRO H 3 10.65 60.22 -60.48
CA PRO H 3 11.98 60.52 -59.95
C PRO H 3 12.88 59.30 -59.93
N PHE H 4 14.19 59.59 -59.93
CA PHE H 4 15.32 58.63 -59.87
C PHE H 4 15.32 57.66 -61.06
N GLY H 5 14.84 58.11 -62.21
CA GLY H 5 14.90 57.33 -63.44
C GLY H 5 14.00 56.12 -63.50
N LEU H 6 12.94 56.09 -62.69
CA LEU H 6 12.09 54.91 -62.61
C LEU H 6 11.10 54.84 -63.76
N THR H 7 10.96 53.64 -64.31
CA THR H 7 9.92 53.35 -65.28
C THR H 7 8.59 53.14 -64.56
N PRO H 8 7.46 53.39 -65.25
CA PRO H 8 6.17 52.97 -64.71
C PRO H 8 6.05 51.45 -64.62
N LYS H 9 5.37 50.98 -63.59
CA LYS H 9 5.25 49.55 -63.34
C LYS H 9 4.25 48.92 -64.31
N LYS H 10 4.33 47.59 -64.41
CA LYS H 10 3.47 46.84 -65.31
C LYS H 10 2.08 46.74 -64.70
N VAL H 11 1.07 47.22 -65.44
CA VAL H 11 -0.31 47.20 -64.98
C VAL H 11 -0.92 45.87 -65.42
N TYR H 12 -1.28 45.05 -64.44
CA TYR H 12 -1.85 43.74 -64.71
C TYR H 12 -3.37 43.83 -64.80
N LYS H 13 -3.94 42.99 -65.66
CA LYS H 13 -5.38 42.94 -65.90
C LYS H 13 -5.86 41.51 -65.69
N PRO H 14 -6.19 41.15 -64.44
CA PRO H 14 -6.66 39.78 -64.18
C PRO H 14 -8.08 39.55 -64.67
N GLU H 15 -8.32 38.31 -65.12
CA GLU H 15 -9.66 37.92 -65.54
C GLU H 15 -10.59 37.75 -64.34
N VAL H 16 -10.06 37.26 -63.23
CA VAL H 16 -10.82 37.04 -62.00
C VAL H 16 -10.30 38.01 -60.95
N GLN H 17 -11.20 38.75 -60.32
CA GLN H 17 -10.84 39.60 -59.19
C GLN H 17 -10.43 38.73 -58.01
N LEU H 18 -9.26 39.03 -57.44
CA LEU H 18 -8.65 38.21 -56.41
C LEU H 18 -8.72 38.91 -55.06
N ARG H 19 -8.55 38.11 -54.02
CA ARG H 19 -8.30 38.66 -52.69
C ARG H 19 -6.93 39.32 -52.67
N ARG H 20 -6.87 40.51 -52.08
CA ARG H 20 -5.65 41.28 -52.17
C ARG H 20 -5.17 41.73 -50.80
N PRO H 21 -3.85 41.83 -50.61
CA PRO H 21 -3.33 42.46 -49.39
C PRO H 21 -3.41 43.98 -49.50
N ASN H 22 -3.99 44.61 -48.48
CA ASN H 22 -4.28 46.05 -48.51
C ASN H 22 -3.27 46.77 -47.63
N TRP H 23 -2.13 47.12 -48.23
CA TRP H 23 -1.08 47.84 -47.51
C TRP H 23 -1.23 49.35 -47.67
N SER H 24 -0.29 50.07 -47.07
CA SER H 24 -0.08 51.49 -47.34
C SER H 24 1.10 51.59 -48.31
N LYS H 25 0.82 51.89 -49.57
CA LYS H 25 1.79 51.75 -50.64
C LYS H 25 2.72 52.95 -50.71
N PHE H 26 3.94 52.70 -51.20
CA PHE H 26 4.91 53.75 -51.44
C PHE H 26 4.86 54.15 -52.91
N VAL H 27 4.56 55.41 -53.16
CA VAL H 27 4.66 55.99 -54.50
C VAL H 27 6.11 56.39 -54.75
N ALA H 28 6.43 56.78 -55.99
CA ALA H 28 7.78 57.18 -56.35
C ALA H 28 8.21 58.50 -55.72
N GLU H 29 7.26 59.34 -55.28
CA GLU H 29 7.61 60.56 -54.57
C GLU H 29 8.07 60.28 -53.15
N ASP H 30 7.60 59.16 -52.55
CA ASP H 30 7.98 58.82 -51.19
C ASP H 30 9.41 58.27 -51.10
N LEU H 31 9.95 57.74 -52.19
CA LEU H 31 11.22 57.04 -52.13
C LEU H 31 12.39 58.01 -52.12
N SER H 32 13.55 57.50 -51.73
CA SER H 32 14.80 58.25 -51.78
C SER H 32 15.64 57.75 -52.95
N GLN H 33 16.83 58.33 -53.09
CA GLN H 33 17.67 58.01 -54.24
C GLN H 33 18.43 56.71 -54.07
N ASP H 34 19.08 56.52 -52.92
CA ASP H 34 19.90 55.35 -52.66
C ASP H 34 19.15 54.27 -51.89
N CYS H 35 17.84 54.16 -52.08
CA CYS H 35 17.04 53.20 -51.34
C CYS H 35 17.00 51.85 -52.06
N PHE H 36 16.42 50.86 -51.38
CA PHE H 36 16.21 49.54 -51.97
C PHE H 36 15.12 49.58 -53.02
N TRP H 37 14.10 50.42 -52.82
CA TRP H 37 12.90 50.41 -53.67
C TRP H 37 13.12 51.02 -55.03
N THR H 38 14.20 51.78 -55.23
CA THR H 38 14.56 52.23 -56.57
C THR H 38 15.36 51.18 -57.34
N LYS H 39 15.85 50.14 -56.66
CA LYS H 39 16.66 49.09 -57.28
C LYS H 39 15.90 47.79 -57.43
N VAL H 40 14.57 47.83 -57.40
CA VAL H 40 13.76 46.62 -57.44
C VAL H 40 13.68 46.11 -58.88
N LYS H 41 14.03 44.84 -59.07
CA LYS H 41 14.04 44.19 -60.37
C LYS H 41 13.16 42.96 -60.32
N GLU H 42 11.90 43.14 -59.87
CA GLU H 42 10.98 42.05 -59.57
C GLU H 42 10.52 41.27 -60.81
N ASP H 43 10.71 41.81 -62.02
CA ASP H 43 10.32 41.17 -63.27
C ASP H 43 11.17 39.96 -63.63
N ARG H 44 12.29 39.72 -62.94
CA ARG H 44 13.01 38.46 -63.04
C ARG H 44 12.28 37.31 -62.34
N PHE H 45 11.31 37.59 -61.47
CA PHE H 45 10.51 36.54 -60.84
C PHE H 45 9.21 36.28 -61.58
N GLU H 46 8.99 36.92 -62.73
CA GLU H 46 7.71 36.87 -63.41
C GLU H 46 7.52 35.55 -64.15
N ASN H 47 6.34 34.95 -64.00
CA ASN H 47 6.00 33.72 -64.70
C ASN H 47 4.49 33.66 -64.88
N ASN H 48 4.07 33.08 -66.01
CA ASN H 48 2.65 32.94 -66.30
C ASN H 48 2.00 31.83 -65.48
N GLU H 49 2.75 30.74 -65.22
CA GLU H 49 2.24 29.65 -64.42
C GLU H 49 2.11 30.03 -62.95
N LEU H 50 2.96 30.94 -62.48
CA LEU H 50 2.81 31.50 -61.14
C LEU H 50 1.54 32.33 -61.01
N PHE H 51 1.21 33.10 -62.06
CA PHE H 51 -0.05 33.84 -62.08
C PHE H 51 -1.25 32.92 -62.20
N ALA H 52 -1.10 31.79 -62.90
CA ALA H 52 -2.18 30.80 -63.00
C ALA H 52 -2.42 30.10 -61.66
N LYS H 53 -1.35 29.77 -60.93
CA LYS H 53 -1.48 29.18 -59.61
C LYS H 53 -1.99 30.18 -58.58
N LEU H 54 -1.64 31.45 -58.73
CA LEU H 54 -2.15 32.49 -57.83
C LEU H 54 -3.62 32.77 -58.11
N THR H 55 -4.04 32.66 -59.37
CA THR H 55 -5.44 32.78 -59.73
C THR H 55 -6.25 31.59 -59.21
N LEU H 56 -5.65 30.38 -59.28
CA LEU H 56 -6.33 29.17 -58.81
C LEU H 56 -6.42 29.14 -57.29
N ALA H 57 -5.43 29.69 -56.59
CA ALA H 57 -5.39 29.59 -55.14
C ALA H 57 -6.17 30.71 -54.45
N PHE H 58 -6.02 31.95 -54.91
CA PHE H 58 -6.54 33.12 -54.19
C PHE H 58 -7.62 33.85 -54.97
N SER H 59 -8.53 33.12 -55.60
CA SER H 59 -9.66 33.74 -56.26
C SER H 59 -10.70 34.18 -55.24
N ALA H 60 -11.28 35.35 -55.48
CA ALA H 60 -12.31 35.88 -54.58
C ALA H 60 -13.70 35.51 -55.07
N ASP H 92 -38.69 66.33 -40.99
CA ASP H 92 -37.23 66.29 -41.09
C ASP H 92 -36.71 64.87 -40.89
N SER H 93 -35.41 64.69 -41.14
CA SER H 93 -34.81 63.36 -41.05
C SER H 93 -34.57 62.93 -39.61
N LYS H 94 -34.36 63.87 -38.69
CA LYS H 94 -34.05 63.52 -37.31
C LYS H 94 -35.29 63.02 -36.57
N THR H 95 -36.42 63.70 -36.75
CA THR H 95 -37.65 63.32 -36.06
C THR H 95 -38.24 62.03 -36.66
N ALA H 96 -38.07 61.83 -37.97
CA ALA H 96 -38.56 60.61 -38.61
C ALA H 96 -37.72 59.40 -38.24
N GLN H 97 -36.43 59.60 -37.97
CA GLN H 97 -35.58 58.49 -37.52
C GLN H 97 -35.92 58.10 -36.08
N ASN H 98 -36.12 59.09 -35.21
CA ASN H 98 -36.39 58.82 -33.80
C ASN H 98 -37.79 58.28 -33.59
N LEU H 99 -38.75 58.64 -34.46
CA LEU H 99 -40.06 58.02 -34.39
C LEU H 99 -40.05 56.59 -34.90
N SER H 100 -39.19 56.30 -35.88
CA SER H 100 -39.08 54.94 -36.40
C SER H 100 -38.41 54.01 -35.39
N ILE H 101 -37.48 54.54 -34.60
CA ILE H 101 -36.91 53.79 -33.48
C ILE H 101 -37.96 53.60 -32.40
N PHE H 102 -38.80 54.62 -32.18
CA PHE H 102 -39.88 54.52 -31.20
C PHE H 102 -40.98 53.56 -31.67
N LEU H 103 -41.29 53.56 -32.97
CA LEU H 103 -42.27 52.60 -33.49
C LEU H 103 -41.70 51.20 -33.58
N GLY H 104 -40.38 51.08 -33.77
CA GLY H 104 -39.76 49.76 -33.73
C GLY H 104 -39.70 49.18 -32.34
N SER H 105 -39.62 50.04 -31.32
CA SER H 105 -39.66 49.58 -29.93
C SER H 105 -41.07 49.20 -29.49
N PHE H 106 -42.09 49.81 -30.10
CA PHE H 106 -43.46 49.65 -29.64
C PHE H 106 -44.21 48.56 -30.39
N ARG H 107 -44.05 48.52 -31.73
CA ARG H 107 -44.58 47.52 -32.67
C ARG H 107 -46.10 47.42 -32.66
N MET H 108 -46.79 48.50 -32.35
CA MET H 108 -48.24 48.49 -32.43
C MET H 108 -48.70 49.04 -33.78
N PRO H 109 -49.81 48.53 -34.32
CA PRO H 109 -50.44 49.19 -35.47
C PRO H 109 -50.96 50.56 -35.11
N TYR H 110 -50.95 51.47 -36.09
CA TYR H 110 -51.19 52.89 -35.85
C TYR H 110 -52.66 53.18 -35.56
N GLN H 111 -53.57 52.41 -36.14
CA GLN H 111 -54.99 52.57 -35.82
C GLN H 111 -55.31 52.04 -34.43
N GLU H 112 -54.54 51.07 -33.94
CA GLU H 112 -54.69 50.60 -32.57
C GLU H 112 -54.21 51.67 -31.57
N ILE H 113 -53.17 52.42 -31.93
CA ILE H 113 -52.68 53.51 -31.08
C ILE H 113 -53.70 54.64 -31.02
N LYS H 114 -54.38 54.92 -32.15
CA LYS H 114 -55.45 55.92 -32.19
C LYS H 114 -56.66 55.47 -31.38
N ASN H 115 -56.97 54.18 -31.42
CA ASN H 115 -58.12 53.66 -30.68
C ASN H 115 -57.87 53.62 -29.18
N VAL H 116 -56.62 53.37 -28.77
CA VAL H 116 -56.26 53.44 -27.35
C VAL H 116 -56.28 54.88 -26.85
N ILE H 117 -55.85 55.83 -27.71
CA ILE H 117 -55.86 57.25 -27.36
C ILE H 117 -57.28 57.81 -27.29
N LEU H 118 -58.13 57.45 -28.26
CA LEU H 118 -59.49 57.99 -28.31
C LEU H 118 -60.41 57.38 -27.26
N GLU H 119 -60.20 56.10 -26.89
CA GLU H 119 -60.96 55.52 -25.79
C GLU H 119 -60.49 56.02 -24.42
N VAL H 120 -59.24 56.51 -24.34
CA VAL H 120 -58.39 56.61 -23.14
C VAL H 120 -58.45 55.20 -22.54
N ASN H 121 -57.79 54.27 -23.21
CA ASN H 121 -57.80 52.85 -22.83
C ASN H 121 -56.78 52.67 -21.71
N GLU H 122 -57.25 52.75 -20.47
CA GLU H 122 -56.37 52.73 -19.30
C GLU H 122 -55.78 51.36 -19.00
N ALA H 123 -56.33 50.29 -19.58
CA ALA H 123 -55.68 48.99 -19.48
C ALA H 123 -54.46 48.88 -20.38
N VAL H 124 -54.37 49.72 -21.41
CA VAL H 124 -53.24 49.72 -22.33
C VAL H 124 -52.29 50.88 -22.03
N LEU H 125 -52.83 52.02 -21.63
CA LEU H 125 -52.05 53.24 -21.43
C LEU H 125 -51.20 53.15 -20.17
N THR H 126 -49.91 53.46 -20.32
CA THR H 126 -48.98 53.57 -19.20
C THR H 126 -48.35 54.96 -19.23
N GLU H 127 -47.58 55.25 -18.18
CA GLU H 127 -46.99 56.58 -18.04
C GLU H 127 -45.84 56.78 -19.02
N SER H 128 -44.96 55.79 -19.16
CA SER H 128 -43.80 55.93 -20.02
C SER H 128 -44.15 55.84 -21.49
N MET H 129 -45.29 55.25 -21.83
CA MET H 129 -45.77 55.22 -23.22
C MET H 129 -46.17 56.62 -23.69
N ILE H 130 -46.95 57.32 -22.86
CA ILE H 130 -47.40 58.67 -23.17
C ILE H 130 -46.25 59.66 -23.06
N GLN H 131 -45.29 59.39 -22.17
CA GLN H 131 -44.06 60.18 -22.05
C GLN H 131 -43.21 60.06 -23.32
N ASN H 132 -43.10 58.86 -23.88
CA ASN H 132 -42.35 58.68 -25.11
C ASN H 132 -43.15 59.12 -26.33
N LEU H 133 -44.47 59.17 -26.23
CA LEU H 133 -45.29 59.65 -27.34
C LEU H 133 -45.20 61.16 -27.49
N ILE H 134 -45.18 61.89 -26.37
CA ILE H 134 -45.12 63.34 -26.39
C ILE H 134 -43.72 63.81 -26.79
N LYS H 135 -42.69 63.12 -26.31
CA LYS H 135 -41.29 63.50 -26.55
C LYS H 135 -40.85 63.32 -27.99
N GLN H 136 -41.53 62.47 -28.76
CA GLN H 136 -41.23 62.29 -30.18
C GLN H 136 -42.34 62.79 -31.09
N MET H 137 -43.34 63.50 -30.54
CA MET H 137 -44.41 64.03 -31.36
C MET H 137 -43.93 65.27 -32.11
N PRO H 138 -44.19 65.36 -33.43
CA PRO H 138 -43.86 66.59 -34.16
C PRO H 138 -44.84 67.73 -33.93
N GLU H 139 -44.67 68.81 -34.68
CA GLU H 139 -45.54 69.97 -34.57
C GLU H 139 -46.92 69.66 -35.15
N PRO H 140 -47.98 70.31 -34.65
CA PRO H 140 -49.31 70.17 -35.29
C PRO H 140 -49.39 70.79 -36.67
N GLU H 141 -48.51 71.73 -37.01
CA GLU H 141 -48.38 72.17 -38.40
C GLU H 141 -47.84 71.05 -39.28
N GLN H 142 -46.90 70.27 -38.75
CA GLN H 142 -46.43 69.08 -39.46
C GLN H 142 -47.46 67.99 -39.48
N LEU H 143 -48.32 67.93 -38.45
CA LEU H 143 -49.41 66.95 -38.42
C LEU H 143 -50.49 67.31 -39.44
N LYS H 144 -50.76 68.60 -39.63
CA LYS H 144 -51.74 69.02 -40.62
C LYS H 144 -51.21 68.88 -42.04
N MET H 145 -49.90 69.07 -42.23
CA MET H 145 -49.30 68.86 -43.54
C MET H 145 -49.26 67.38 -43.90
N LEU H 146 -49.11 66.50 -42.91
CA LEU H 146 -49.23 65.06 -43.16
C LEU H 146 -50.68 64.67 -43.40
N SER H 147 -51.62 65.40 -42.79
CA SER H 147 -53.04 65.12 -42.99
C SER H 147 -53.55 65.59 -44.34
N GLU H 148 -52.82 66.45 -45.04
CA GLU H 148 -53.19 66.84 -46.39
C GLU H 148 -52.85 65.78 -47.43
N LEU H 149 -52.01 64.81 -47.08
CA LEU H 149 -51.55 63.80 -48.03
C LEU H 149 -52.01 62.41 -47.65
N LYS H 150 -53.29 62.27 -47.30
CA LYS H 150 -53.85 60.99 -46.91
C LYS H 150 -54.06 60.03 -48.08
N GLU H 151 -54.04 60.53 -49.33
CA GLU H 151 -54.31 59.69 -50.48
C GLU H 151 -53.15 58.77 -50.81
N GLU H 152 -51.93 59.15 -50.44
CA GLU H 152 -50.72 58.38 -50.73
C GLU H 152 -50.20 57.66 -49.50
N TYR H 153 -51.13 57.07 -48.72
CA TYR H 153 -50.81 56.46 -47.42
C TYR H 153 -49.93 55.23 -47.54
N ASP H 154 -50.00 54.51 -48.66
CA ASP H 154 -49.15 53.35 -48.85
C ASP H 154 -47.73 53.72 -49.27
N ASP H 155 -47.49 54.97 -49.68
CA ASP H 155 -46.18 55.39 -50.14
C ASP H 155 -45.39 56.18 -49.10
N LEU H 156 -46.02 56.67 -48.05
CA LEU H 156 -45.32 57.43 -47.04
C LEU H 156 -44.57 56.50 -46.08
N ALA H 157 -43.68 57.10 -45.29
CA ALA H 157 -42.86 56.35 -44.35
C ALA H 157 -43.68 55.91 -43.13
N GLU H 158 -43.06 55.03 -42.33
CA GLU H 158 -43.72 54.49 -41.14
C GLU H 158 -43.93 55.55 -40.07
N SER H 159 -42.97 56.46 -39.92
CA SER H 159 -43.18 57.64 -39.09
C SER H 159 -44.19 58.59 -39.71
N GLU H 160 -44.21 58.66 -41.05
CA GLU H 160 -45.15 59.52 -41.74
C GLU H 160 -46.56 58.93 -41.75
N GLN H 161 -46.67 57.60 -41.77
CA GLN H 161 -47.98 56.95 -41.64
C GLN H 161 -48.52 57.09 -40.22
N PHE H 162 -47.62 57.18 -39.24
CA PHE H 162 -48.03 57.47 -37.87
C PHE H 162 -48.56 58.90 -37.74
N GLY H 163 -47.99 59.84 -38.50
CA GLY H 163 -48.43 61.21 -38.43
C GLY H 163 -49.75 61.47 -39.16
N VAL H 164 -50.06 60.64 -40.16
CA VAL H 164 -51.36 60.73 -40.84
C VAL H 164 -52.48 60.30 -39.91
N VAL H 165 -52.28 59.20 -39.18
CA VAL H 165 -53.29 58.68 -38.26
C VAL H 165 -53.44 59.59 -37.04
N MET H 166 -52.33 60.08 -36.50
CA MET H 166 -52.38 61.01 -35.37
C MET H 166 -52.88 62.39 -35.74
N GLY H 167 -52.78 62.78 -37.02
CA GLY H 167 -53.27 64.08 -37.45
C GLY H 167 -54.77 64.19 -37.52
N THR H 168 -55.47 63.05 -37.57
CA THR H 168 -56.93 63.07 -37.58
C THR H 168 -57.50 63.37 -36.20
N VAL H 169 -56.76 63.07 -35.15
CA VAL H 169 -57.20 63.34 -33.78
C VAL H 169 -57.01 64.81 -33.49
N PRO H 170 -58.07 65.57 -33.19
CA PRO H 170 -57.92 67.02 -33.01
C PRO H 170 -57.44 67.34 -31.60
N ARG H 171 -57.06 68.63 -31.43
CA ARG H 171 -56.50 69.11 -30.13
C ARG H 171 -55.61 68.00 -29.60
N LEU H 172 -54.47 67.79 -30.27
CA LEU H 172 -53.72 66.60 -29.84
C LEU H 172 -52.70 66.92 -28.74
N ARG H 173 -52.05 68.08 -28.82
CA ARG H 173 -51.03 68.42 -27.82
C ARG H 173 -51.58 68.81 -26.43
N PRO H 174 -52.68 69.58 -26.26
CA PRO H 174 -53.25 69.67 -24.90
C PRO H 174 -54.01 68.42 -24.46
N ARG H 175 -54.47 67.58 -25.39
CA ARG H 175 -55.13 66.33 -25.01
C ARG H 175 -54.11 65.33 -24.45
N LEU H 176 -52.95 65.22 -25.09
CA LEU H 176 -51.91 64.31 -24.63
C LEU H 176 -51.28 64.79 -23.33
N ASN H 177 -51.20 66.10 -23.11
CA ASN H 177 -50.70 66.62 -21.83
C ASN H 177 -51.71 66.39 -20.72
N ALA H 178 -53.00 66.40 -21.03
CA ALA H 178 -54.02 66.06 -20.05
C ALA H 178 -54.00 64.57 -19.74
N ILE H 179 -53.70 63.75 -20.74
CA ILE H 179 -53.53 62.30 -20.52
C ILE H 179 -52.25 62.05 -19.73
N LEU H 180 -51.20 62.82 -20.00
CA LEU H 180 -49.94 62.72 -19.26
C LEU H 180 -50.09 63.13 -17.81
N PHE H 181 -50.85 64.20 -17.55
CA PHE H 181 -51.11 64.61 -16.18
C PHE H 181 -52.02 63.62 -15.45
N LYS H 182 -52.90 62.93 -16.19
CA LYS H 182 -53.76 61.90 -15.59
C LYS H 182 -52.95 60.68 -15.15
N LEU H 183 -52.04 60.21 -16.00
CA LEU H 183 -51.23 59.05 -15.65
C LEU H 183 -50.10 59.38 -14.69
N GLN H 184 -49.73 60.65 -14.55
CA GLN H 184 -48.77 61.06 -13.55
C GLN H 184 -49.41 61.55 -12.26
N PHE H 185 -50.75 61.61 -12.20
CA PHE H 185 -51.41 62.11 -11.00
C PHE H 185 -51.31 61.13 -9.84
N SER H 186 -51.34 59.83 -10.13
CA SER H 186 -51.22 58.82 -9.08
C SER H 186 -49.80 58.79 -8.50
N GLU H 187 -48.79 59.06 -9.34
CA GLU H 187 -47.44 59.16 -8.82
C GLU H 187 -47.21 60.50 -8.12
N GLN H 188 -47.90 61.55 -8.54
CA GLN H 188 -47.71 62.86 -7.90
C GLN H 188 -48.38 62.92 -6.53
N VAL H 189 -49.50 62.22 -6.33
CA VAL H 189 -50.08 62.11 -4.99
C VAL H 189 -49.20 61.24 -4.10
N GLU H 190 -48.67 60.14 -4.64
CA GLU H 190 -47.82 59.23 -3.87
C GLU H 190 -46.42 59.77 -3.60
N ASN H 191 -46.04 60.90 -4.20
CA ASN H 191 -44.83 61.61 -3.81
C ASN H 191 -45.11 62.77 -2.85
N ILE H 192 -46.21 63.49 -3.03
CA ILE H 192 -46.48 64.67 -2.24
C ILE H 192 -47.03 64.30 -0.86
N LYS H 193 -48.01 63.39 -0.83
CA LYS H 193 -48.69 63.01 0.43
C LYS H 193 -47.82 62.34 1.51
N PRO H 194 -46.92 61.36 1.25
CA PRO H 194 -46.10 60.85 2.37
C PRO H 194 -45.02 61.83 2.86
N GLU H 195 -44.72 62.89 2.11
CA GLU H 195 -43.93 63.98 2.65
C GLU H 195 -44.73 64.76 3.71
N ILE H 196 -46.01 65.01 3.43
CA ILE H 196 -46.84 65.83 4.33
C ILE H 196 -47.19 65.05 5.60
N VAL H 197 -47.44 63.74 5.48
CA VAL H 197 -47.73 62.87 6.63
C VAL H 197 -46.51 62.75 7.54
N SER H 198 -45.31 62.75 6.94
CA SER H 198 -44.06 62.65 7.71
C SER H 198 -43.78 63.92 8.50
N VAL H 199 -44.13 65.09 7.95
CA VAL H 199 -43.97 66.34 8.69
C VAL H 199 -45.02 66.47 9.79
N THR H 200 -46.27 66.07 9.48
CA THR H 200 -47.39 66.18 10.43
C THR H 200 -47.23 65.23 11.62
N ALA H 201 -46.74 64.01 11.37
CA ALA H 201 -46.47 63.08 12.46
C ALA H 201 -45.26 63.49 13.28
N ALA H 202 -44.27 64.15 12.65
CA ALA H 202 -43.12 64.64 13.42
C ALA H 202 -43.48 65.88 14.21
N CYS H 203 -44.41 66.69 13.69
CA CYS H 203 -44.88 67.86 14.44
C CYS H 203 -45.76 67.44 15.61
N GLU H 204 -46.56 66.39 15.44
CA GLU H 204 -47.42 65.92 16.52
C GLU H 204 -46.63 65.17 17.59
N GLU H 205 -45.54 64.50 17.20
CA GLU H 205 -44.68 63.82 18.17
C GLU H 205 -43.86 64.83 18.97
N LEU H 206 -43.48 65.94 18.36
CA LEU H 206 -42.73 66.98 19.05
C LEU H 206 -43.65 67.90 19.87
N ARG H 207 -44.96 67.84 19.63
CA ARG H 207 -45.89 68.74 20.33
C ARG H 207 -46.12 68.29 21.77
N LYS H 208 -46.33 67.00 22.00
CA LYS H 208 -46.66 66.54 23.35
C LYS H 208 -45.39 66.41 24.18
N SER H 209 -44.55 65.42 23.83
CA SER H 209 -43.08 65.35 23.98
C SER H 209 -42.55 65.72 25.37
N GLU H 210 -43.13 65.07 26.40
CA GLU H 210 -42.99 65.55 27.77
C GLU H 210 -41.61 65.28 28.38
N ASN H 211 -40.95 64.19 28.00
CA ASN H 211 -39.61 63.92 28.52
C ASN H 211 -38.57 64.82 27.86
N PHE H 212 -38.77 65.12 26.57
CA PHE H 212 -37.90 66.07 25.89
C PHE H 212 -38.19 67.50 26.31
N SER H 213 -39.43 67.79 26.72
CA SER H 213 -39.76 69.10 27.28
C SER H 213 -39.11 69.31 28.63
N SER H 214 -38.99 68.25 29.44
CA SER H 214 -38.24 68.33 30.68
C SER H 214 -36.74 68.44 30.42
N LEU H 215 -36.27 67.90 29.31
CA LEU H 215 -34.88 68.11 28.90
C LEU H 215 -34.66 69.56 28.45
N LEU H 216 -35.68 70.16 27.82
CA LEU H 216 -35.58 71.55 27.37
C LEU H 216 -35.61 72.52 28.55
N GLU H 217 -36.34 72.17 29.61
CA GLU H 217 -36.31 72.97 30.83
C GLU H 217 -34.97 72.82 31.55
N LEU H 218 -34.38 71.62 31.49
CA LEU H 218 -33.13 71.36 32.19
C LEU H 218 -31.94 72.01 31.48
N THR H 219 -31.96 72.02 30.15
CA THR H 219 -30.85 72.60 29.37
C THR H 219 -30.88 74.13 29.45
N LEU H 220 -32.08 74.71 29.52
CA LEU H 220 -32.24 76.15 29.65
C LEU H 220 -31.79 76.66 31.01
N LEU H 221 -32.01 75.87 32.06
CA LEU H 221 -31.59 76.26 33.41
C LEU H 221 -30.08 76.17 33.56
N VAL H 222 -29.48 75.10 33.04
CA VAL H 222 -28.03 74.94 33.05
C VAL H 222 -27.37 75.95 32.13
N GLY H 223 -27.98 76.18 30.96
CA GLY H 223 -27.41 77.09 29.98
C GLY H 223 -27.48 78.56 30.36
N ASN H 224 -28.52 78.96 31.09
CA ASN H 224 -28.60 80.35 31.56
C ASN H 224 -27.61 80.62 32.69
N TYR H 225 -27.26 79.58 33.46
CA TYR H 225 -26.18 79.73 34.43
C TYR H 225 -24.82 79.82 33.75
N MET H 226 -24.68 79.16 32.59
CA MET H 226 -23.45 79.24 31.82
C MET H 226 -23.35 80.56 31.06
N ASN H 227 -24.48 81.07 30.55
CA ASN H 227 -24.52 82.32 29.80
C ASN H 227 -24.80 83.54 30.69
N ALA H 228 -24.59 83.41 31.99
CA ALA H 228 -24.81 84.53 32.90
C ALA H 228 -23.71 85.57 32.76
N GLY H 229 -24.09 86.84 32.64
CA GLY H 229 -23.16 87.90 32.36
C GLY H 229 -22.87 88.12 30.90
N SER H 230 -23.43 87.31 30.01
CA SER H 230 -23.22 87.39 28.58
C SER H 230 -24.44 88.05 27.92
N ARG H 231 -24.47 88.01 26.59
CA ARG H 231 -25.62 88.52 25.84
C ARG H 231 -26.85 87.64 26.03
N ASN H 232 -26.66 86.33 26.22
CA ASN H 232 -27.75 85.38 26.37
C ASN H 232 -28.19 85.20 27.81
N ALA H 233 -27.86 86.14 28.70
CA ALA H 233 -28.28 86.06 30.10
C ALA H 233 -29.76 86.38 30.23
N GLY H 234 -30.46 85.58 31.04
CA GLY H 234 -31.90 85.70 31.19
C GLY H 234 -32.68 85.32 29.95
N ALA H 235 -32.22 84.30 29.24
CA ALA H 235 -32.87 83.89 28.00
C ALA H 235 -34.13 83.08 28.30
N PHE H 236 -35.24 83.48 27.71
CA PHE H 236 -36.50 82.75 27.89
C PHE H 236 -36.55 81.45 27.11
N GLY H 237 -35.77 81.32 26.04
CA GLY H 237 -35.76 80.10 25.25
C GLY H 237 -34.54 80.04 24.36
N PHE H 238 -34.36 78.88 23.74
CA PHE H 238 -33.25 78.64 22.82
C PHE H 238 -33.73 77.70 21.72
N ASN H 239 -32.97 77.65 20.64
CA ASN H 239 -33.41 76.98 19.43
C ASN H 239 -33.18 75.47 19.55
N ILE H 240 -34.10 74.70 18.99
CA ILE H 240 -33.98 73.24 18.97
C ILE H 240 -32.89 72.77 18.01
N SER H 241 -32.59 73.55 16.96
CA SER H 241 -31.56 73.17 16.00
C SER H 241 -30.15 73.44 16.52
N PHE H 242 -30.03 74.18 17.63
CA PHE H 242 -28.75 74.43 18.28
C PHE H 242 -28.27 73.24 19.11
N LEU H 243 -29.13 72.23 19.33
CA LEU H 243 -28.88 71.12 20.26
C LEU H 243 -27.79 70.17 19.79
N CYS H 244 -27.39 70.22 18.51
CA CYS H 244 -26.20 69.51 18.06
C CYS H 244 -24.94 70.11 18.65
N LYS H 245 -24.94 71.41 18.91
CA LYS H 245 -23.78 72.11 19.47
C LYS H 245 -23.73 72.07 21.00
N LEU H 246 -24.56 71.25 21.65
CA LEU H 246 -24.31 70.91 23.04
C LEU H 246 -23.07 70.04 23.19
N ARG H 247 -22.79 69.21 22.18
CA ARG H 247 -21.56 68.43 22.14
C ARG H 247 -20.34 69.30 21.92
N ASP H 248 -20.51 70.44 21.25
CA ASP H 248 -19.38 71.35 21.03
C ASP H 248 -19.03 72.16 22.27
N THR H 249 -19.94 72.26 23.24
CA THR H 249 -19.65 72.95 24.50
C THR H 249 -18.90 71.97 25.41
N LYS H 250 -17.58 72.06 25.40
CA LYS H 250 -16.74 71.15 26.16
C LYS H 250 -16.42 71.73 27.54
N SER H 251 -15.85 70.89 28.39
CA SER H 251 -15.47 71.29 29.74
C SER H 251 -14.09 71.93 29.75
N ALA H 252 -13.59 72.23 30.96
CA ALA H 252 -12.28 72.86 31.10
C ALA H 252 -11.15 71.87 30.84
N ASP H 253 -11.33 70.61 31.24
CA ASP H 253 -10.34 69.57 31.00
C ASP H 253 -10.51 68.89 29.64
N GLN H 254 -11.58 69.25 28.90
CA GLN H 254 -11.94 68.72 27.58
C GLN H 254 -12.10 67.19 27.59
N LYS H 255 -12.68 66.67 28.67
CA LYS H 255 -12.96 65.24 28.79
C LYS H 255 -14.44 64.92 28.72
N MET H 256 -15.31 65.88 29.04
CA MET H 256 -16.75 65.71 28.92
C MET H 256 -17.34 66.96 28.28
N THR H 257 -18.50 66.79 27.66
CA THR H 257 -19.21 67.88 27.01
C THR H 257 -20.41 68.28 27.84
N LEU H 258 -21.11 69.32 27.38
CA LEU H 258 -22.39 69.69 27.98
C LEU H 258 -23.46 68.65 27.68
N LEU H 259 -23.37 68.01 26.51
CA LEU H 259 -24.17 66.84 26.19
C LEU H 259 -23.85 65.67 27.12
N HIS H 260 -22.56 65.49 27.43
CA HIS H 260 -22.16 64.42 28.36
C HIS H 260 -22.51 64.79 29.80
N PHE H 261 -22.53 66.08 30.13
CA PHE H 261 -22.90 66.50 31.47
C PHE H 261 -24.40 66.36 31.71
N LEU H 262 -25.22 66.67 30.70
CA LEU H 262 -26.66 66.56 30.85
C LEU H 262 -27.12 65.11 30.80
N ALA H 263 -26.39 64.25 30.07
CA ALA H 263 -26.71 62.83 30.08
C ALA H 263 -26.35 62.18 31.41
N GLU H 264 -25.24 62.63 32.02
CA GLU H 264 -24.85 62.12 33.33
C GLU H 264 -25.76 62.66 34.44
N LEU H 265 -26.28 63.87 34.27
CA LEU H 265 -27.22 64.43 35.24
C LEU H 265 -28.57 63.72 35.16
N CYS H 266 -29.01 63.37 33.95
CA CYS H 266 -30.23 62.59 33.79
C CYS H 266 -30.03 61.12 34.18
N GLU H 267 -28.80 60.63 34.16
CA GLU H 267 -28.53 59.30 34.70
C GLU H 267 -28.58 59.30 36.22
N ASN H 268 -28.27 60.43 36.85
CA ASN H 268 -28.21 60.53 38.31
C ASN H 268 -29.52 61.01 38.92
N ASP H 269 -29.99 62.19 38.51
CA ASP H 269 -31.09 62.85 39.20
C ASP H 269 -32.47 62.39 38.73
N HIS H 270 -32.75 62.49 37.42
CA HIS H 270 -34.07 62.24 36.86
C HIS H 270 -34.02 61.11 35.85
N PRO H 271 -34.25 59.83 36.26
CA PRO H 271 -34.21 58.70 35.32
C PRO H 271 -35.52 58.44 34.57
N GLU H 272 -36.11 59.50 34.03
CA GLU H 272 -37.24 59.40 33.11
C GLU H 272 -37.08 60.28 31.89
N VAL H 273 -36.06 61.15 31.87
CA VAL H 273 -35.81 62.03 30.73
C VAL H 273 -35.25 61.23 29.56
N LEU H 274 -34.52 60.14 29.84
CA LEU H 274 -33.72 59.39 28.87
C LEU H 274 -34.53 58.63 27.82
N LYS H 275 -35.85 58.51 27.98
CA LYS H 275 -36.69 57.87 26.98
C LYS H 275 -37.26 58.86 25.96
N PHE H 276 -36.72 60.08 25.91
CA PHE H 276 -37.06 61.00 24.82
C PHE H 276 -36.68 60.58 23.38
N PRO H 277 -35.49 60.01 23.03
CA PRO H 277 -35.18 59.88 21.60
C PRO H 277 -35.89 58.73 20.90
N ASP H 278 -36.49 57.79 21.64
CA ASP H 278 -37.35 56.79 21.02
C ASP H 278 -38.75 57.32 20.74
N GLU H 279 -39.13 58.45 21.35
CA GLU H 279 -40.39 59.10 21.00
C GLU H 279 -40.30 59.83 19.66
N LEU H 280 -39.10 60.18 19.22
CA LEU H 280 -38.88 60.85 17.93
C LEU H 280 -38.80 59.77 16.86
N ALA H 281 -39.93 59.50 16.20
CA ALA H 281 -40.04 58.42 15.23
C ALA H 281 -40.02 58.92 13.79
N HIS H 282 -40.81 59.94 13.48
CA HIS H 282 -40.93 60.47 12.11
C HIS H 282 -39.98 61.64 11.86
N VAL H 283 -38.92 61.76 12.66
CA VAL H 283 -37.99 62.89 12.53
C VAL H 283 -37.04 62.70 11.35
N GLU H 284 -36.48 61.49 11.18
CA GLU H 284 -35.57 61.23 10.08
C GLU H 284 -36.27 61.18 8.73
N LYS H 285 -37.57 60.85 8.73
CA LYS H 285 -38.35 60.95 7.49
C LYS H 285 -38.63 62.40 7.13
N ALA H 286 -38.75 63.27 8.12
CA ALA H 286 -39.00 64.70 7.91
C ALA H 286 -37.72 65.52 7.83
N SER H 287 -36.55 64.88 7.80
CA SER H 287 -35.29 65.58 7.71
C SER H 287 -34.87 65.88 6.28
N ARG H 288 -35.65 65.47 5.29
CA ARG H 288 -35.33 65.72 3.89
C ARG H 288 -36.53 66.26 3.11
N VAL H 289 -37.46 66.91 3.79
CA VAL H 289 -38.70 67.38 3.17
C VAL H 289 -38.62 68.91 3.08
N SER H 290 -38.77 69.43 1.86
CA SER H 290 -38.74 70.86 1.61
C SER H 290 -40.17 71.38 1.49
N ALA H 291 -40.48 72.43 2.26
CA ALA H 291 -41.83 72.99 2.25
C ALA H 291 -42.10 73.83 1.02
N GLU H 292 -41.07 74.47 0.45
CA GLU H 292 -41.25 75.28 -0.75
C GLU H 292 -41.47 74.39 -1.99
N ASN H 293 -40.83 73.22 -2.02
CA ASN H 293 -41.06 72.28 -3.12
C ASN H 293 -42.44 71.63 -3.02
N LEU H 294 -42.96 71.49 -1.80
CA LEU H 294 -44.34 71.00 -1.64
C LEU H 294 -45.35 72.06 -2.08
N GLN H 295 -45.05 73.34 -1.84
CA GLN H 295 -45.94 74.42 -2.26
C GLN H 295 -45.89 74.61 -3.78
N LYS H 296 -44.71 74.44 -4.38
CA LYS H 296 -44.57 74.58 -5.83
C LYS H 296 -45.22 73.42 -6.57
N SER H 297 -45.18 72.22 -5.99
CA SER H 297 -45.81 71.07 -6.63
C SER H 297 -47.32 71.11 -6.50
N LEU H 298 -47.83 71.62 -5.38
CA LEU H 298 -49.28 71.75 -5.20
C LEU H 298 -49.85 72.88 -6.03
N ASP H 299 -49.07 73.95 -6.24
CA ASP H 299 -49.51 75.01 -7.14
C ASP H 299 -49.45 74.57 -8.59
N GLN H 300 -48.49 73.70 -8.92
CA GLN H 300 -48.46 73.09 -10.26
C GLN H 300 -49.59 72.08 -10.42
N MET H 301 -49.97 71.41 -9.34
CA MET H 301 -51.12 70.50 -9.37
C MET H 301 -52.42 71.29 -9.51
N LYS H 302 -52.52 72.44 -8.83
CA LYS H 302 -53.72 73.27 -8.92
C LYS H 302 -53.84 73.93 -10.30
N LYS H 303 -52.71 74.28 -10.91
CA LYS H 303 -52.73 74.84 -12.25
C LYS H 303 -53.06 73.79 -13.30
N GLN H 304 -52.56 72.57 -13.14
CA GLN H 304 -52.80 71.53 -14.14
C GLN H 304 -54.20 70.94 -14.06
N ILE H 305 -54.81 70.87 -12.86
CA ILE H 305 -56.21 70.45 -12.73
C ILE H 305 -57.14 71.48 -13.37
N ALA H 306 -56.79 72.77 -13.26
CA ALA H 306 -57.55 73.83 -13.93
C ALA H 306 -57.35 73.79 -15.45
N ASP H 307 -56.19 73.29 -15.91
CA ASP H 307 -55.97 73.16 -17.34
C ASP H 307 -56.70 71.95 -17.92
N VAL H 308 -56.79 70.86 -17.17
CA VAL H 308 -57.56 69.69 -17.61
C VAL H 308 -59.06 69.99 -17.61
N GLU H 309 -59.54 70.69 -16.56
CA GLU H 309 -60.95 71.07 -16.47
C GLU H 309 -61.34 72.10 -17.52
N ARG H 310 -60.39 72.96 -17.92
CA ARG H 310 -60.60 73.79 -19.09
C ARG H 310 -60.58 72.97 -20.38
N ASP H 311 -59.75 71.92 -20.40
CA ASP H 311 -59.73 71.02 -21.59
C ASP H 311 -61.08 70.28 -21.62
N VAL H 312 -61.53 69.79 -20.47
CA VAL H 312 -62.77 69.01 -20.42
C VAL H 312 -63.94 69.87 -20.90
N GLN H 313 -64.01 71.12 -20.44
CA GLN H 313 -65.13 72.00 -20.77
C GLN H 313 -65.07 72.51 -22.20
N ASN H 314 -63.88 72.59 -22.79
CA ASN H 314 -63.74 73.01 -24.18
C ASN H 314 -63.72 71.84 -25.15
N PHE H 315 -63.83 70.61 -24.66
CA PHE H 315 -63.87 69.45 -25.55
C PHE H 315 -65.24 69.37 -26.23
N PRO H 316 -65.30 69.07 -27.52
CA PRO H 316 -66.58 68.99 -28.23
C PRO H 316 -67.31 67.67 -27.93
N ALA H 317 -68.45 67.50 -28.60
CA ALA H 317 -69.23 66.28 -28.47
C ALA H 317 -68.55 65.12 -29.19
N ALA H 318 -68.69 63.93 -28.62
CA ALA H 318 -68.07 62.74 -29.17
C ALA H 318 -68.84 62.26 -30.39
N THR H 319 -68.18 62.22 -31.54
CA THR H 319 -68.77 61.74 -32.78
C THR H 319 -68.66 60.24 -32.95
N ASP H 320 -68.02 59.54 -32.01
CA ASP H 320 -67.85 58.10 -32.07
C ASP H 320 -68.31 57.49 -30.75
N GLU H 321 -68.79 56.25 -30.84
CA GLU H 321 -69.09 55.49 -29.63
C GLU H 321 -67.83 55.01 -28.92
N LYS H 322 -66.72 54.89 -29.64
CA LYS H 322 -65.44 54.58 -29.01
C LYS H 322 -64.87 55.76 -28.24
N ASP H 323 -65.27 56.99 -28.57
CA ASP H 323 -64.71 58.18 -27.95
C ASP H 323 -65.24 58.35 -26.53
N LYS H 324 -64.57 57.75 -25.56
CA LYS H 324 -64.92 57.85 -24.15
C LYS H 324 -64.08 58.90 -23.44
N PHE H 325 -63.74 59.98 -24.15
CA PHE H 325 -62.92 61.03 -23.55
C PHE H 325 -63.72 61.88 -22.58
N VAL H 326 -65.01 62.06 -22.84
CA VAL H 326 -65.82 62.98 -22.04
C VAL H 326 -66.14 62.39 -20.67
N GLU H 327 -66.50 61.10 -20.64
CA GLU H 327 -66.92 60.46 -19.38
C GLU H 327 -65.72 60.19 -18.48
N LYS H 328 -64.62 59.69 -19.04
CA LYS H 328 -63.49 59.23 -18.23
C LYS H 328 -62.68 60.40 -17.68
N MET H 329 -62.55 61.49 -18.43
CA MET H 329 -61.75 62.62 -17.96
C MET H 329 -62.52 63.43 -16.92
N THR H 330 -63.85 63.53 -17.05
CA THR H 330 -64.63 64.28 -16.07
C THR H 330 -64.73 63.52 -14.76
N SER H 331 -64.72 62.18 -14.83
CA SER H 331 -64.58 61.35 -13.64
C SER H 331 -63.20 61.51 -13.02
N PHE H 332 -62.17 61.77 -13.83
CA PHE H 332 -60.85 62.07 -13.29
C PHE H 332 -60.81 63.44 -12.61
N VAL H 333 -61.46 64.46 -13.21
CA VAL H 333 -61.50 65.80 -12.63
C VAL H 333 -62.28 65.81 -11.31
N LYS H 334 -63.35 65.02 -11.23
CA LYS H 334 -64.09 64.86 -9.98
C LYS H 334 -63.27 64.10 -8.94
N ASP H 335 -62.44 63.15 -9.38
CA ASP H 335 -61.57 62.45 -8.44
C ASP H 335 -60.35 63.29 -8.07
N ALA H 336 -59.77 64.05 -9.01
CA ALA H 336 -58.55 64.80 -8.70
C ALA H 336 -58.83 66.05 -7.87
N GLN H 337 -60.00 66.67 -8.05
CA GLN H 337 -60.35 67.82 -7.22
C GLN H 337 -60.66 67.40 -5.79
N GLU H 338 -61.19 66.19 -5.63
CA GLU H 338 -61.39 65.61 -4.30
C GLU H 338 -60.05 65.29 -3.63
N GLN H 339 -59.11 64.74 -4.40
CA GLN H 339 -57.82 64.36 -3.82
C GLN H 339 -56.91 65.57 -3.61
N TYR H 340 -57.04 66.62 -4.43
CA TYR H 340 -56.29 67.85 -4.18
C TYR H 340 -56.83 68.59 -2.96
N ASN H 341 -58.15 68.59 -2.76
CA ASN H 341 -58.75 69.20 -1.59
C ASN H 341 -58.42 68.42 -0.32
N LYS H 342 -58.23 67.10 -0.44
CA LYS H 342 -57.64 66.35 0.67
C LYS H 342 -56.19 66.74 0.88
N LEU H 343 -55.44 66.98 -0.20
CA LEU H 343 -54.05 67.37 -0.08
C LEU H 343 -53.90 68.82 0.35
N ARG H 344 -54.83 69.70 -0.04
CA ARG H 344 -54.74 71.09 0.38
C ARG H 344 -55.15 71.27 1.84
N MET H 345 -56.09 70.46 2.33
CA MET H 345 -56.46 70.51 3.74
C MET H 345 -55.36 69.95 4.62
N MET H 346 -54.68 68.90 4.16
CA MET H 346 -53.57 68.34 4.92
C MET H 346 -52.35 69.24 4.91
N HIS H 347 -52.12 69.97 3.80
CA HIS H 347 -51.03 70.94 3.78
C HIS H 347 -51.37 72.18 4.58
N SER H 348 -52.66 72.53 4.66
CA SER H 348 -53.07 73.62 5.55
C SER H 348 -52.97 73.19 7.01
N ASN H 349 -53.24 71.90 7.29
CA ASN H 349 -52.99 71.36 8.62
C ASN H 349 -51.50 71.25 8.91
N MET H 350 -50.69 70.98 7.88
CA MET H 350 -49.25 70.99 8.03
C MET H 350 -48.73 72.42 8.27
N GLU H 351 -49.30 73.40 7.58
CA GLU H 351 -48.89 74.79 7.79
C GLU H 351 -49.41 75.35 9.10
N THR H 352 -50.54 74.84 9.60
CA THR H 352 -51.01 75.26 10.92
C THR H 352 -50.15 74.66 12.02
N LEU H 353 -49.76 73.39 11.89
CA LEU H 353 -48.93 72.73 12.89
C LEU H 353 -47.50 73.25 12.87
N TYR H 354 -47.02 73.69 11.70
CA TYR H 354 -45.71 74.35 11.65
C TYR H 354 -45.77 75.74 12.25
N LYS H 355 -46.89 76.45 12.08
CA LYS H 355 -47.05 77.76 12.71
C LYS H 355 -47.34 77.62 14.20
N GLU H 356 -47.95 76.51 14.61
CA GLU H 356 -48.15 76.25 16.03
C GLU H 356 -46.83 75.95 16.73
N LEU H 357 -45.98 75.12 16.11
CA LEU H 357 -44.64 74.90 16.64
C LEU H 357 -43.73 76.10 16.41
N GLY H 358 -44.04 76.96 15.44
CA GLY H 358 -43.40 78.25 15.35
C GLY H 358 -43.74 79.15 16.52
N ASP H 359 -44.97 79.05 17.03
CA ASP H 359 -45.32 79.75 18.26
C ASP H 359 -44.76 79.04 19.48
N TYR H 360 -44.74 77.70 19.47
CA TYR H 360 -44.41 76.91 20.65
C TYR H 360 -42.93 76.99 20.98
N PHE H 361 -42.06 76.83 19.98
CA PHE H 361 -40.62 76.92 20.19
C PHE H 361 -40.10 78.34 20.01
N VAL H 362 -41.00 79.30 19.74
CA VAL H 362 -40.82 80.74 19.49
C VAL H 362 -39.70 81.03 18.48
N PHE H 363 -39.60 80.18 17.47
CA PHE H 363 -38.67 80.36 16.36
C PHE H 363 -39.47 80.80 15.14
N ASP H 364 -38.82 81.58 14.28
CA ASP H 364 -39.51 82.13 13.12
C ASP H 364 -39.70 81.05 12.04
N PRO H 365 -40.83 81.08 11.33
CA PRO H 365 -41.03 80.09 10.25
C PRO H 365 -40.16 80.34 9.03
N LYS H 366 -39.62 81.54 8.86
CA LYS H 366 -38.78 81.85 7.70
C LYS H 366 -37.29 81.65 7.95
N LYS H 367 -36.85 81.54 9.20
CA LYS H 367 -35.42 81.42 9.47
C LYS H 367 -34.89 80.02 9.29
N LEU H 368 -35.76 79.01 9.23
CA LEU H 368 -35.34 77.63 9.04
C LEU H 368 -36.46 76.84 8.36
N SER H 369 -36.09 75.99 7.41
CA SER H 369 -37.03 75.14 6.71
C SER H 369 -37.21 73.84 7.48
N VAL H 370 -37.91 72.87 6.87
CA VAL H 370 -38.27 71.65 7.57
C VAL H 370 -37.10 70.65 7.57
N GLU H 371 -36.28 70.66 6.52
CA GLU H 371 -35.27 69.62 6.36
C GLU H 371 -34.05 69.87 7.25
N GLU H 372 -33.71 71.13 7.53
CA GLU H 372 -32.62 71.41 8.46
C GLU H 372 -33.11 71.40 9.90
N PHE H 373 -34.43 71.51 10.09
CA PHE H 373 -35.05 71.39 11.41
C PHE H 373 -34.87 69.98 11.97
N PHE H 374 -35.24 68.98 11.18
CA PHE H 374 -35.28 67.62 11.67
C PHE H 374 -34.01 66.83 11.37
N MET H 375 -33.09 67.36 10.57
CA MET H 375 -31.76 66.77 10.52
C MET H 375 -30.99 67.03 11.80
N ASP H 376 -31.16 68.24 12.36
CA ASP H 376 -30.56 68.56 13.65
C ASP H 376 -31.24 67.82 14.79
N LEU H 377 -32.53 67.51 14.66
CA LEU H 377 -33.21 66.75 15.70
C LEU H 377 -32.84 65.26 15.63
N HIS H 378 -32.61 64.74 14.42
CA HIS H 378 -32.17 63.36 14.28
C HIS H 378 -30.71 63.22 14.69
N ASN H 379 -29.89 64.24 14.43
CA ASN H 379 -28.50 64.20 14.89
C ASN H 379 -28.39 64.40 16.39
N PHE H 380 -29.36 65.11 17.01
CA PHE H 380 -29.40 65.21 18.46
C PHE H 380 -29.83 63.88 19.09
N ARG H 381 -30.63 63.10 18.36
CA ARG H 381 -31.00 61.76 18.79
C ARG H 381 -29.79 60.84 18.79
N ASN H 382 -28.97 60.91 17.74
CA ASN H 382 -27.79 60.06 17.64
C ASN H 382 -26.66 60.51 18.54
N MET H 383 -26.57 61.83 18.83
CA MET H 383 -25.52 62.31 19.71
C MET H 383 -25.82 61.99 21.17
N PHE H 384 -27.11 62.04 21.56
CA PHE H 384 -27.49 61.70 22.93
C PHE H 384 -27.38 60.20 23.18
N LEU H 385 -27.67 59.38 22.17
CA LEU H 385 -27.49 57.93 22.30
C LEU H 385 -26.01 57.56 22.38
N GLN H 386 -25.15 58.33 21.71
CA GLN H 386 -23.72 58.17 21.88
C GLN H 386 -23.26 58.63 23.26
N ALA H 387 -23.88 59.69 23.79
CA ALA H 387 -23.43 60.28 25.05
C ALA H 387 -23.79 59.42 26.26
N VAL H 388 -24.93 58.73 26.20
CA VAL H 388 -25.28 57.78 27.26
C VAL H 388 -24.38 56.55 27.21
N LYS H 389 -24.10 56.06 25.99
CA LYS H 389 -23.20 54.92 25.83
C LYS H 389 -21.75 55.26 26.16
N GLU H 390 -21.33 56.52 25.96
CA GLU H 390 -20.00 56.92 26.39
C GLU H 390 -19.92 57.14 27.90
N ASN H 391 -21.01 57.59 28.52
CA ASN H 391 -21.02 57.77 29.97
C ASN H 391 -21.11 56.42 30.68
N GLN H 392 -21.79 55.45 30.06
CA GLN H 392 -21.80 54.09 30.60
C GLN H 392 -20.45 53.41 30.40
N LYS H 393 -19.75 53.74 29.30
CA LYS H 393 -18.41 53.21 29.08
C LYS H 393 -17.40 53.84 30.03
N ARG H 394 -17.59 55.12 30.37
CA ARG H 394 -16.67 55.80 31.27
C ARG H 394 -16.87 55.35 32.71
N ARG H 395 -18.10 55.00 33.07
CA ARG H 395 -18.36 54.47 34.41
C ARG H 395 -17.86 53.03 34.53
N GLU H 396 -17.88 52.27 33.45
CA GLU H 396 -17.32 50.91 33.47
C GLU H 396 -15.80 50.92 33.43
N THR H 397 -15.20 51.95 32.82
CA THR H 397 -13.75 52.11 32.82
C THR H 397 -13.24 52.48 34.20
N GLU H 398 -13.97 53.33 34.93
CA GLU H 398 -13.59 53.76 36.27
C GLU H 398 -13.76 52.64 37.30
N GLU H 399 -14.58 51.63 37.02
CA GLU H 399 -14.71 50.48 37.89
C GLU H 399 -13.49 49.58 37.81
PB ADP I . 15.92 -84.62 37.53
O1B ADP I . 15.82 -86.03 38.10
O2B ADP I . 15.50 -83.50 38.46
O3B ADP I . 15.38 -84.50 36.13
PA ADP I . 18.39 -83.56 38.32
O1A ADP I . 18.23 -84.24 39.66
O2A ADP I . 18.16 -82.08 38.18
O3A ADP I . 17.48 -84.34 37.26
O5' ADP I . 19.83 -83.94 37.72
C5' ADP I . 20.46 -85.15 38.12
C4' ADP I . 21.72 -85.32 37.30
O4' ADP I . 22.76 -84.54 37.87
C3' ADP I . 22.19 -86.76 37.27
O3' ADP I . 21.98 -87.31 35.97
C2' ADP I . 23.68 -86.71 37.55
O2' ADP I . 24.39 -87.11 36.38
C1' ADP I . 24.01 -85.26 37.86
N9 ADP I . 24.65 -85.15 39.18
C8 ADP I . 24.03 -85.36 40.37
N7 ADP I . 24.89 -85.18 41.40
C5 ADP I . 26.09 -84.85 40.88
C6 ADP I . 27.43 -84.53 41.40
N6 ADP I . 27.68 -84.53 42.73
N1 ADP I . 28.41 -84.26 40.51
C2 ADP I . 28.18 -84.26 39.19
N3 ADP I . 26.98 -84.54 38.64
C4 ADP I . 25.92 -84.84 39.42
MG MG J . 16.69 -82.44 36.70
PB ADP K . 15.09 -65.57 -2.97
O1B ADP K . 15.87 -66.86 -2.86
O2B ADP K . 14.74 -65.10 -4.36
O3B ADP K . 15.62 -64.47 -2.08
PA ADP K . 12.35 -66.27 -3.13
O1A ADP K . 12.68 -67.21 -4.25
O2A ADP K . 11.61 -64.98 -3.41
O3A ADP K . 13.67 -65.90 -2.29
O5' ADP K . 11.53 -67.10 -2.01
C5' ADP K . 11.37 -66.54 -0.72
C4' ADP K . 10.71 -67.54 0.22
O4' ADP K . 9.34 -67.72 -0.13
C3' ADP K . 11.36 -68.91 0.18
O3' ADP K . 12.15 -69.10 1.36
C2' ADP K . 10.21 -69.90 0.19
O2' ADP K . 10.22 -70.63 1.42
C1' ADP K . 8.94 -69.07 0.12
N9 ADP K . 8.08 -69.55 -0.97
C8 ADP K . 8.47 -69.81 -2.24
N7 ADP K . 7.44 -70.24 -3.00
C5 ADP K . 6.35 -70.25 -2.21
C6 ADP K . 4.92 -70.60 -2.37
N6 ADP K . 4.44 -71.04 -3.56
N1 ADP K . 4.12 -70.48 -1.29
C2 ADP K . 4.58 -70.05 -0.11
N3 ADP K . 5.87 -69.72 0.11
C4 ADP K . 6.78 -69.80 -0.88
MG MG L . 13.95 -63.38 -3.12
PB ADP M . 11.92 -27.79 23.43
O1B ADP M . 11.33 -29.07 22.90
O2B ADP M . 11.79 -27.58 24.92
O3B ADP M . 11.57 -26.57 22.61
PA ADP M . 14.38 -28.95 24.14
O1A ADP M . 13.49 -30.04 24.67
O2A ADP M . 15.20 -28.11 25.09
O3A ADP M . 13.50 -27.96 23.21
O5' ADP M . 15.36 -29.60 23.04
C5' ADP M . 15.82 -30.94 23.20
C4' ADP M . 16.54 -31.38 21.93
O4' ADP M . 17.82 -30.74 21.86
C3' ADP M . 16.79 -32.87 21.90
O3' ADP M . 15.93 -33.49 20.94
C2' ADP M . 18.23 -33.04 21.46
O2' ADP M . 18.26 -33.67 20.19
C1' ADP M . 18.80 -31.64 21.35
N9 ADP M . 20.04 -31.52 22.16
C8 ADP M . 20.12 -31.49 23.50
N7 ADP M . 21.40 -31.37 23.92
C5 ADP M . 22.17 -31.31 22.82
C6 ADP M . 23.62 -31.18 22.54
N6 ADP M . 24.52 -31.08 23.55
N1 ADP M . 24.02 -31.16 21.25
C2 ADP M . 23.14 -31.26 20.23
N3 ADP M . 21.81 -31.38 20.41
C4 ADP M . 21.28 -31.41 21.65
MG MG N . 11.38 -25.55 24.44
PB ADP O . -4.09 -13.75 -14.19
O1B ADP O . -3.59 -15.17 -14.26
O2B ADP O . -4.80 -13.21 -15.41
O3B ADP O . -3.12 -12.76 -13.58
PA ADP O . -6.79 -13.66 -13.42
O1A ADP O . -7.11 -14.79 -14.36
O2A ADP O . -7.12 -12.23 -13.79
O3A ADP O . -5.23 -13.75 -13.05
O5' ADP O . -7.38 -14.00 -11.97
C5' ADP O . -7.16 -15.31 -11.45
C4' ADP O . -7.11 -15.23 -9.94
O4' ADP O . -8.41 -14.94 -9.45
C3' ADP O . -6.67 -16.56 -9.33
O3' ADP O . -5.41 -16.39 -8.68
C2' ADP O . -7.72 -16.91 -8.31
O2' ADP O . -7.14 -16.80 -7.01
C1' ADP O . -8.82 -15.87 -8.45
N9 ADP O . -10.05 -16.54 -8.94
C8 ADP O . -10.20 -17.08 -10.16
N7 ADP O . -11.44 -17.61 -10.32
C5 ADP O . -12.10 -17.41 -9.16
C6 ADP O . -13.45 -17.73 -8.65
N6 ADP O . -14.36 -18.38 -9.41
N1 ADP O . -13.74 -17.34 -7.38
C2 ADP O . -12.85 -16.69 -6.61
N3 ADP O . -11.61 -16.37 -7.02
C4 ADP O . -11.19 -16.71 -8.26
MG MG P . -4.93 -11.67 -13.09
PB ADP Q . 8.28 23.52 7.50
O1B ADP Q . 8.46 22.22 8.30
O2B ADP Q . 8.97 24.74 8.06
O3B ADP Q . 6.87 23.77 7.03
PA ADP Q . 10.40 23.94 5.73
O1A ADP Q . 11.38 23.53 6.80
O2A ADP Q . 10.19 25.40 5.37
O3A ADP Q . 8.99 23.29 6.08
O5' ADP Q . 10.72 23.13 4.39
C5' ADP Q . 11.17 21.79 4.51
C4' ADP Q . 10.95 21.10 3.18
O4' ADP Q . 11.91 21.58 2.25
C3' ADP Q . 11.13 19.60 3.29
O3' ADP Q . 9.87 18.95 3.11
C2' ADP Q . 12.07 19.21 2.17
O2' ADP Q . 11.35 18.40 1.24
C1' ADP Q . 12.49 20.52 1.50
N9 ADP Q . 13.96 20.63 1.55
C8 ADP Q . 14.70 20.78 2.66
N7 ADP Q . 16.02 20.86 2.36
C5 ADP Q . 16.13 20.77 1.03
C6 ADP Q . 17.25 20.80 0.04
N6 ADP Q . 18.52 20.93 0.44
N1 ADP Q . 16.93 20.67 -1.26
C2 ADP Q . 15.66 20.54 -1.68
N3 ADP Q . 14.60 20.52 -0.84
C4 ADP Q . 14.77 20.63 0.50
MG MG R . 8.15 25.40 5.91
PB ADP S . -21.25 40.33 -22.40
O1B ADP S . -20.44 39.07 -22.22
O2B ADP S . -22.32 40.26 -23.44
O3B ADP S . -20.41 41.59 -22.46
PA ADP S . -23.38 39.66 -20.70
O1A ADP S . -23.27 38.32 -21.40
O2A ADP S . -24.58 40.55 -20.92
O3A ADP S . -22.05 40.50 -21.01
O5' ADP S . -23.20 39.39 -19.13
C5' ADP S . -23.22 38.07 -18.62
C4' ADP S . -22.59 38.09 -17.24
O4' ADP S . -23.53 38.61 -16.31
C3' ADP S . -22.21 36.70 -16.77
O3' ADP S . -20.79 36.56 -16.80
C2' ADP S . -22.71 36.61 -15.35
O2' ADP S . -21.59 36.51 -14.45
C1' ADP S . -23.46 37.90 -15.07
N9 ADP S . -24.84 37.58 -14.61
C8 ADP S . -25.79 36.99 -15.35
N7 ADP S . -26.93 36.83 -14.64
C5 ADP S . -26.71 37.31 -13.41
C6 ADP S . -27.49 37.46 -12.16
N6 ADP S . -28.77 37.04 -12.08
N1 ADP S . -26.88 38.03 -11.10
C2 ADP S . -25.60 38.45 -11.16
N3 ADP S . -24.84 38.35 -12.25
C4 ADP S . -25.32 37.80 -13.39
MG MG T . -21.93 42.32 -23.73
#